data_1A5U
#
_entry.id   1A5U
#
_cell.length_a   95.300
_cell.length_b   216.500
_cell.length_c   258.600
_cell.angle_alpha   90.00
_cell.angle_beta   90.00
_cell.angle_gamma   90.00
#
_symmetry.space_group_name_H-M   'P 21 21 21'
#
loop_
_entity.id
_entity.type
_entity.pdbx_description
1 polymer 'PYRUVATE KINASE'
2 non-polymer 'SODIUM ION'
3 non-polymer 'OXALATE ION'
4 non-polymer 'MAGNESIUM ION'
5 non-polymer "ADENOSINE-5'-TRIPHOSPHATE"
6 water water
#
_entity_poly.entity_id   1
_entity_poly.type   'polypeptide(L)'
_entity_poly.pdbx_seq_one_letter_code
;SKSHSEAGSAFIQTQQLHAAMADTFLEHMCRLDIDSAPITARNTGIICTIGPASRSVETLKEMIKSGMNVARMNFSHGTH
EYHAETIKNVRTATESFASDPILYRPVAVALDTKGPEIRTGLIKGSGTAEVELKKGATLKITLDNAYMEKCDENILWLDY
KNICKVVDVGSKVYVDDGLISLQVKQKGPDFLVTEVENGGFLGSKKGVNLPGAAVDLPAVSEKDIQDLKFGVEQDVDMVF
ASFIRKAADVHEVRKILGEKGKNIKIISKIENHEGVRRFDEILEASDGIMVARGDLGIEIPAEKVFLAQKMIIGRCNRAG
KPVICATQMLESMIKKPRPTRAEGSDVANAVLDGADCIMLSGETAKGDYPLEAVRMQHLIAREAEAAMFHRKLFEELARS
SSHSTDLMEAMAMGSVEASYKCLAAALIVLTESGRSAHQVARYRPRAPIIAVTRNHQTARQAHLYRGIFPVVCKDPVQEA
WAEDVDLRVNLAMNVGKARGFFKKGDVVIVLTGWRPGSGFTNTMRVVPVP
;
_entity_poly.pdbx_strand_id   A,B,C,D,E,F,G,H
#
loop_
_chem_comp.id
_chem_comp.type
_chem_comp.name
_chem_comp.formula
ATP non-polymer ADENOSINE-5'-TRIPHOSPHATE 'C10 H16 N5 O13 P3'
MG non-polymer 'MAGNESIUM ION' 'Mg 2'
NA non-polymer 'SODIUM ION' 'Na 1'
OXL non-polymer 'OXALATE ION' 'C2 O4 -2'
#
# COMPACT_ATOMS: atom_id res chain seq x y z
N ILE A 12 62.31 -25.60 -15.29
CA ILE A 12 61.72 -26.93 -15.01
C ILE A 12 62.36 -27.62 -13.82
N GLN A 13 61.57 -27.92 -12.83
CA GLN A 13 62.10 -28.58 -11.66
C GLN A 13 62.61 -29.98 -11.85
N THR A 14 63.47 -30.29 -10.91
CA THR A 14 64.13 -31.53 -10.81
C THR A 14 63.43 -32.43 -9.81
N GLN A 15 63.74 -33.71 -9.91
CA GLN A 15 63.23 -34.70 -8.99
C GLN A 15 61.74 -34.61 -8.75
N GLN A 16 60.99 -34.43 -9.84
CA GLN A 16 59.54 -34.30 -9.79
C GLN A 16 59.08 -33.34 -8.68
N LEU A 17 59.90 -32.32 -8.38
CA LEU A 17 59.55 -31.38 -7.34
C LEU A 17 58.28 -30.60 -7.54
N HIS A 18 57.86 -30.37 -8.78
CA HIS A 18 56.56 -29.66 -8.94
C HIS A 18 55.43 -30.52 -8.44
N ALA A 19 55.44 -31.74 -8.95
CA ALA A 19 54.48 -32.75 -8.59
C ALA A 19 54.50 -32.89 -7.06
N ALA A 20 55.72 -32.87 -6.48
CA ALA A 20 55.90 -32.97 -5.02
C ALA A 20 55.09 -31.95 -4.28
N MET A 21 54.73 -30.90 -5.00
CA MET A 21 53.97 -29.82 -4.41
C MET A 21 52.48 -30.01 -4.33
N ALA A 22 51.96 -30.97 -5.10
CA ALA A 22 50.55 -31.28 -5.20
C ALA A 22 49.78 -31.41 -3.88
N ASP A 23 48.50 -31.06 -3.97
CA ASP A 23 47.58 -31.12 -2.86
C ASP A 23 46.86 -32.46 -2.84
N THR A 24 46.49 -32.92 -4.04
CA THR A 24 45.82 -34.19 -4.25
C THR A 24 46.64 -35.15 -5.07
N PHE A 25 46.36 -36.44 -4.84
CA PHE A 25 47.00 -37.54 -5.54
C PHE A 25 46.85 -37.31 -7.05
N LEU A 26 45.63 -36.92 -7.40
CA LEU A 26 45.27 -36.66 -8.76
C LEU A 26 46.14 -35.57 -9.36
N GLU A 27 46.36 -34.53 -8.56
CA GLU A 27 47.20 -33.42 -8.98
C GLU A 27 48.65 -33.84 -9.15
N HIS A 28 49.11 -34.68 -8.18
CA HIS A 28 50.44 -35.28 -8.14
C HIS A 28 50.67 -35.97 -9.45
N MET A 29 49.78 -36.88 -9.77
CA MET A 29 49.88 -37.61 -11.01
C MET A 29 50.03 -36.69 -12.19
N CYS A 30 49.10 -35.74 -12.29
CA CYS A 30 49.00 -34.79 -13.36
C CYS A 30 50.28 -34.00 -13.64
N ARG A 31 51.07 -33.76 -12.63
CA ARG A 31 52.29 -32.98 -12.79
C ARG A 31 53.55 -33.81 -12.99
N LEU A 32 53.43 -35.12 -13.12
CA LEU A 32 54.61 -35.92 -13.31
C LEU A 32 55.24 -35.50 -14.63
N ASP A 33 56.54 -35.15 -14.58
CA ASP A 33 57.26 -34.63 -15.75
C ASP A 33 58.38 -35.48 -16.27
N ILE A 34 58.22 -35.99 -17.53
CA ILE A 34 59.30 -36.74 -18.14
C ILE A 34 60.56 -35.90 -18.24
N ASP A 35 60.43 -34.58 -18.21
CA ASP A 35 61.60 -33.74 -18.27
C ASP A 35 62.19 -33.40 -16.91
N SER A 36 61.52 -33.83 -15.86
CA SER A 36 62.03 -33.60 -14.52
C SER A 36 62.99 -34.72 -14.18
N ALA A 37 64.22 -34.33 -14.05
CA ALA A 37 65.29 -35.24 -13.81
C ALA A 37 65.53 -35.75 -12.40
N PRO A 38 65.77 -37.06 -12.32
CA PRO A 38 66.09 -37.68 -11.07
C PRO A 38 67.49 -37.28 -10.61
N ILE A 39 67.69 -37.49 -9.30
CA ILE A 39 68.96 -37.33 -8.65
C ILE A 39 69.85 -38.51 -9.01
N THR A 40 71.08 -38.58 -8.51
CA THR A 40 71.90 -39.69 -8.89
C THR A 40 71.85 -40.92 -8.00
N ALA A 41 71.47 -40.71 -6.71
CA ALA A 41 71.35 -41.80 -5.74
C ALA A 41 70.04 -42.61 -5.85
N ARG A 42 70.17 -43.92 -6.18
CA ARG A 42 69.08 -44.91 -6.30
C ARG A 42 68.85 -45.44 -4.89
N ASN A 43 67.63 -45.27 -4.41
CA ASN A 43 67.30 -45.66 -3.06
C ASN A 43 66.86 -47.11 -2.88
N THR A 44 66.24 -47.69 -3.92
CA THR A 44 65.73 -49.05 -3.86
C THR A 44 66.80 -50.11 -4.09
N GLY A 45 67.12 -50.87 -3.05
CA GLY A 45 68.08 -51.93 -3.19
C GLY A 45 67.68 -52.88 -4.29
N ILE A 46 68.73 -53.40 -4.91
CA ILE A 46 68.58 -54.35 -5.98
C ILE A 46 69.17 -55.70 -5.59
N ILE A 47 68.29 -56.71 -5.67
CA ILE A 47 68.63 -58.08 -5.35
C ILE A 47 68.77 -58.90 -6.60
N CYS A 48 69.98 -59.48 -6.72
CA CYS A 48 70.27 -60.32 -7.87
C CYS A 48 70.52 -61.77 -7.49
N THR A 49 69.89 -62.64 -8.25
CA THR A 49 70.03 -64.05 -8.11
C THR A 49 71.23 -64.48 -8.97
N ILE A 50 72.28 -64.99 -8.33
CA ILE A 50 73.51 -65.44 -8.99
C ILE A 50 73.48 -66.92 -9.33
N GLY A 51 73.69 -67.19 -10.60
CA GLY A 51 73.73 -68.51 -11.13
C GLY A 51 74.73 -68.59 -12.25
N PRO A 52 74.45 -69.42 -13.24
CA PRO A 52 75.36 -69.62 -14.34
C PRO A 52 75.72 -68.33 -15.03
N ALA A 53 74.71 -67.56 -15.42
CA ALA A 53 74.92 -66.33 -16.20
C ALA A 53 75.66 -65.22 -15.44
N SER A 54 75.79 -65.36 -14.13
CA SER A 54 76.40 -64.29 -13.40
C SER A 54 77.37 -64.74 -12.35
N ARG A 55 77.75 -66.04 -12.32
CA ARG A 55 78.66 -66.61 -11.32
C ARG A 55 80.09 -66.12 -11.43
N SER A 56 80.56 -65.86 -12.65
CA SER A 56 81.93 -65.45 -12.85
C SER A 56 82.36 -64.28 -11.98
N VAL A 57 83.61 -64.23 -11.52
CA VAL A 57 84.04 -63.11 -10.70
C VAL A 57 84.16 -61.84 -11.53
N GLU A 58 84.34 -62.02 -12.82
CA GLU A 58 84.50 -60.90 -13.72
C GLU A 58 83.15 -60.24 -13.95
N THR A 59 82.14 -61.09 -14.07
CA THR A 59 80.79 -60.62 -14.31
C THR A 59 80.28 -59.95 -13.07
N LEU A 60 80.66 -60.53 -11.94
CA LEU A 60 80.26 -60.02 -10.65
C LEU A 60 80.63 -58.60 -10.53
N LYS A 61 81.94 -58.35 -10.64
CA LYS A 61 82.50 -57.02 -10.56
C LYS A 61 81.67 -56.06 -11.39
N GLU A 62 81.39 -56.45 -12.65
CA GLU A 62 80.55 -55.65 -13.53
C GLU A 62 79.15 -55.57 -12.98
N MET A 63 78.83 -56.52 -12.14
CA MET A 63 77.53 -56.53 -11.55
C MET A 63 77.36 -55.50 -10.45
N ILE A 64 78.34 -55.39 -9.59
CA ILE A 64 78.30 -54.47 -8.49
C ILE A 64 78.29 -53.06 -9.03
N LYS A 65 79.09 -52.91 -10.06
CA LYS A 65 79.28 -51.65 -10.69
C LYS A 65 77.94 -51.17 -11.14
N SER A 66 77.29 -52.03 -11.91
CA SER A 66 76.01 -51.75 -12.46
C SER A 66 74.87 -51.51 -11.47
N GLY A 67 75.02 -51.89 -10.20
CA GLY A 67 73.97 -51.67 -9.23
C GLY A 67 73.66 -52.76 -8.18
N MET A 68 74.18 -53.98 -8.33
CA MET A 68 73.88 -55.05 -7.35
C MET A 68 74.23 -54.75 -5.90
N ASN A 69 73.27 -54.99 -5.01
CA ASN A 69 73.48 -54.74 -3.57
C ASN A 69 73.50 -56.02 -2.72
N VAL A 70 72.76 -57.02 -3.22
CA VAL A 70 72.59 -58.33 -2.61
C VAL A 70 72.55 -59.47 -3.63
N ALA A 71 73.31 -60.51 -3.27
CA ALA A 71 73.43 -61.73 -4.04
C ALA A 71 72.55 -62.78 -3.42
N ARG A 72 71.63 -63.27 -4.22
CA ARG A 72 70.76 -64.32 -3.78
C ARG A 72 71.18 -65.71 -4.31
N MET A 73 71.47 -66.61 -3.35
CA MET A 73 71.84 -67.98 -3.63
C MET A 73 70.61 -68.86 -3.36
N ASN A 74 70.03 -69.35 -4.42
CA ASN A 74 68.82 -70.15 -4.32
C ASN A 74 69.13 -71.60 -4.03
N PHE A 75 68.82 -71.99 -2.82
CA PHE A 75 69.09 -73.34 -2.40
C PHE A 75 68.27 -74.42 -3.07
N SER A 76 67.32 -73.99 -3.88
CA SER A 76 66.49 -74.89 -4.63
C SER A 76 67.26 -75.49 -5.80
N HIS A 77 68.34 -74.76 -6.19
CA HIS A 77 69.23 -75.12 -7.30
C HIS A 77 70.66 -75.32 -6.83
N GLY A 78 71.53 -75.85 -7.72
CA GLY A 78 72.95 -76.10 -7.39
C GLY A 78 73.19 -77.03 -6.18
N THR A 79 74.42 -77.00 -5.68
CA THR A 79 74.81 -77.83 -4.55
C THR A 79 75.41 -76.92 -3.50
N HIS A 80 75.70 -77.48 -2.33
CA HIS A 80 76.33 -76.65 -1.31
C HIS A 80 77.68 -76.27 -1.90
N GLU A 81 78.14 -77.18 -2.77
CA GLU A 81 79.41 -77.02 -3.45
C GLU A 81 79.36 -75.84 -4.39
N TYR A 82 78.38 -75.88 -5.30
CA TYR A 82 78.14 -74.84 -6.30
C TYR A 82 77.95 -73.47 -5.67
N HIS A 83 77.20 -73.43 -4.55
CA HIS A 83 76.91 -72.20 -3.83
C HIS A 83 78.06 -71.57 -3.03
N ALA A 84 78.92 -72.37 -2.46
CA ALA A 84 80.01 -71.76 -1.73
C ALA A 84 81.03 -71.17 -2.69
N GLU A 85 81.07 -71.65 -3.93
CA GLU A 85 82.03 -71.11 -4.90
C GLU A 85 81.51 -69.78 -5.31
N THR A 86 80.23 -69.79 -5.62
CA THR A 86 79.53 -68.59 -6.03
C THR A 86 79.80 -67.49 -5.04
N ILE A 87 79.51 -67.80 -3.80
CA ILE A 87 79.70 -66.87 -2.73
C ILE A 87 81.13 -66.42 -2.71
N LYS A 88 81.99 -67.29 -3.24
CA LYS A 88 83.39 -66.99 -3.28
C LYS A 88 83.67 -65.84 -4.25
N ASN A 89 83.33 -66.06 -5.51
CA ASN A 89 83.51 -65.11 -6.58
C ASN A 89 82.85 -63.79 -6.24
N VAL A 90 81.84 -63.93 -5.41
CA VAL A 90 81.03 -62.83 -4.96
C VAL A 90 81.80 -61.94 -4.02
N ARG A 91 82.36 -62.54 -3.00
CA ARG A 91 83.12 -61.75 -2.03
C ARG A 91 84.46 -61.38 -2.63
N THR A 92 84.81 -62.09 -3.67
CA THR A 92 86.03 -61.82 -4.34
C THR A 92 85.88 -60.54 -5.19
N ALA A 93 84.80 -60.45 -5.96
CA ALA A 93 84.57 -59.26 -6.76
C ALA A 93 84.31 -58.04 -5.91
N THR A 94 83.50 -58.22 -4.88
CA THR A 94 83.18 -57.11 -4.00
C THR A 94 84.44 -56.54 -3.42
N GLU A 95 85.24 -57.45 -2.87
CA GLU A 95 86.48 -57.13 -2.25
C GLU A 95 87.48 -56.51 -3.22
N SER A 96 87.23 -56.73 -4.50
CA SER A 96 88.06 -56.18 -5.56
C SER A 96 88.09 -54.65 -5.51
N PHE A 97 87.05 -54.11 -4.88
CA PHE A 97 86.87 -52.68 -4.76
C PHE A 97 87.22 -52.07 -3.40
N ALA A 98 87.64 -52.89 -2.43
CA ALA A 98 87.99 -52.42 -1.06
C ALA A 98 89.22 -51.52 -0.90
N SER A 99 89.99 -51.35 -1.97
CA SER A 99 91.18 -50.53 -1.95
C SER A 99 90.81 -49.08 -1.69
N ASP A 100 90.02 -48.56 -2.61
CA ASP A 100 89.53 -47.21 -2.49
C ASP A 100 88.26 -47.26 -1.69
N PRO A 101 88.44 -47.10 -0.40
CA PRO A 101 87.35 -47.13 0.54
C PRO A 101 86.21 -46.21 0.12
N ILE A 102 86.52 -45.28 -0.76
CA ILE A 102 85.51 -44.31 -1.19
C ILE A 102 84.47 -44.92 -2.10
N LEU A 103 84.95 -45.56 -3.18
CA LEU A 103 84.08 -46.18 -4.13
C LEU A 103 83.89 -47.69 -3.89
N TYR A 104 84.08 -48.07 -2.63
CA TYR A 104 83.87 -49.47 -2.18
C TYR A 104 82.40 -49.63 -1.76
N ARG A 105 81.83 -50.75 -2.19
CA ARG A 105 80.42 -51.04 -1.91
C ARG A 105 80.19 -52.44 -1.36
N PRO A 106 79.53 -52.46 -0.20
CA PRO A 106 79.18 -53.69 0.48
C PRO A 106 78.15 -54.45 -0.29
N VAL A 107 78.24 -55.73 -0.25
CA VAL A 107 77.30 -56.47 -1.00
C VAL A 107 76.87 -57.60 -0.11
N ALA A 108 75.57 -57.63 0.11
CA ALA A 108 75.02 -58.63 0.98
C ALA A 108 74.81 -59.97 0.29
N VAL A 109 75.02 -61.02 1.09
CA VAL A 109 74.91 -62.41 0.69
C VAL A 109 73.61 -62.94 1.23
N ALA A 110 72.80 -63.50 0.35
CA ALA A 110 71.53 -64.01 0.77
C ALA A 110 71.24 -65.44 0.34
N LEU A 111 70.83 -66.24 1.34
CA LEU A 111 70.49 -67.63 1.16
C LEU A 111 69.00 -67.88 0.91
N ASP A 112 68.70 -68.34 -0.27
CA ASP A 112 67.29 -68.66 -0.51
C ASP A 112 67.02 -70.17 -0.32
N THR A 113 66.20 -70.35 0.69
CA THR A 113 65.69 -71.61 1.24
C THR A 113 64.97 -72.54 0.27
N LYS A 114 64.97 -73.80 0.66
CA LYS A 114 64.28 -74.78 -0.13
C LYS A 114 62.81 -74.77 0.27
N GLY A 115 62.59 -75.04 1.54
CA GLY A 115 61.25 -75.02 2.16
C GLY A 115 60.39 -76.20 1.68
N PRO A 116 59.14 -76.26 2.17
CA PRO A 116 58.17 -77.31 1.80
C PRO A 116 57.75 -77.22 0.33
N GLU A 117 58.63 -77.60 -0.59
CA GLU A 117 58.33 -77.51 -2.06
C GLU A 117 58.57 -78.79 -2.78
N ILE A 118 57.94 -78.80 -3.94
CA ILE A 118 57.99 -79.93 -4.81
C ILE A 118 58.86 -79.61 -5.98
N ARG A 119 59.94 -80.36 -6.09
CA ARG A 119 60.92 -80.20 -7.14
C ARG A 119 61.06 -81.37 -8.11
N THR A 120 61.47 -80.94 -9.29
CA THR A 120 61.72 -81.71 -10.49
C THR A 120 63.14 -82.20 -10.45
N GLY A 121 63.42 -83.20 -11.28
CA GLY A 121 64.76 -83.76 -11.37
C GLY A 121 65.67 -83.01 -12.36
N LEU A 122 66.65 -83.73 -12.88
CA LEU A 122 67.64 -83.18 -13.81
C LEU A 122 67.47 -83.51 -15.27
N ILE A 123 67.31 -82.46 -16.07
CA ILE A 123 67.20 -82.69 -17.49
C ILE A 123 68.56 -83.12 -17.95
N LYS A 124 68.62 -84.32 -18.51
CA LYS A 124 69.84 -84.88 -19.03
C LYS A 124 71.08 -84.71 -18.17
N GLY A 125 70.91 -84.75 -16.85
CA GLY A 125 72.02 -84.68 -15.89
C GLY A 125 72.77 -83.36 -15.81
N SER A 126 72.10 -82.34 -16.34
CA SER A 126 72.58 -80.97 -16.38
C SER A 126 71.68 -80.05 -15.59
N GLY A 127 72.28 -79.31 -14.65
CA GLY A 127 71.48 -78.39 -13.87
C GLY A 127 71.09 -77.18 -14.71
N THR A 128 71.58 -77.18 -15.95
CA THR A 128 71.37 -76.11 -16.92
C THR A 128 70.68 -76.63 -18.14
N ALA A 129 70.26 -77.89 -18.05
CA ALA A 129 69.67 -78.51 -19.22
C ALA A 129 68.18 -78.22 -19.30
N GLU A 130 67.71 -78.23 -20.54
CA GLU A 130 66.30 -77.98 -20.81
C GLU A 130 65.87 -78.65 -22.12
N VAL A 131 64.57 -78.82 -22.18
CA VAL A 131 63.92 -79.50 -23.28
C VAL A 131 62.61 -78.83 -23.63
N GLU A 132 62.19 -78.90 -24.87
CA GLU A 132 60.96 -78.28 -25.24
C GLU A 132 59.76 -79.21 -25.32
N LEU A 133 58.84 -79.06 -24.39
CA LEU A 133 57.64 -79.88 -24.40
C LEU A 133 56.65 -79.40 -25.48
N LYS A 134 55.74 -80.29 -25.88
CA LYS A 134 54.74 -79.94 -26.88
C LYS A 134 53.32 -80.02 -26.32
N LYS A 135 52.41 -79.32 -27.00
CA LYS A 135 51.02 -79.34 -26.62
C LYS A 135 50.42 -80.63 -27.11
N GLY A 136 49.72 -81.36 -26.22
CA GLY A 136 49.05 -82.62 -26.55
C GLY A 136 49.91 -83.87 -26.41
N ALA A 137 51.17 -83.68 -26.05
CA ALA A 137 52.06 -84.79 -25.90
C ALA A 137 51.85 -85.42 -24.54
N THR A 138 52.33 -86.64 -24.42
CA THR A 138 52.20 -87.33 -23.17
C THR A 138 53.48 -87.29 -22.34
N LEU A 139 53.29 -87.21 -21.04
CA LEU A 139 54.40 -87.16 -20.13
C LEU A 139 54.12 -87.95 -18.89
N LYS A 140 55.10 -88.75 -18.53
CA LYS A 140 54.91 -89.56 -17.38
C LYS A 140 55.76 -89.07 -16.23
N ILE A 141 55.12 -88.95 -15.09
CA ILE A 141 55.85 -88.54 -13.94
C ILE A 141 56.00 -89.76 -13.07
N THR A 142 57.25 -90.09 -12.81
CA THR A 142 57.65 -91.23 -12.04
C THR A 142 58.37 -90.75 -10.79
N LEU A 143 58.75 -91.72 -9.95
CA LEU A 143 59.49 -91.47 -8.71
C LEU A 143 60.73 -92.35 -8.67
N ASP A 144 60.90 -93.04 -9.80
CA ASP A 144 62.01 -93.91 -9.97
C ASP A 144 63.29 -93.13 -9.98
N ASN A 145 63.93 -93.08 -8.79
CA ASN A 145 65.22 -92.40 -8.62
C ASN A 145 66.14 -92.71 -9.78
N ALA A 146 65.95 -93.88 -10.39
CA ALA A 146 66.72 -94.26 -11.56
C ALA A 146 66.47 -93.30 -12.73
N TYR A 147 65.75 -92.20 -12.48
CA TYR A 147 65.39 -91.17 -13.44
C TYR A 147 65.50 -89.77 -12.84
N MET A 148 65.98 -89.80 -11.62
CA MET A 148 66.22 -88.65 -10.83
C MET A 148 66.97 -87.60 -11.62
N GLU A 149 68.09 -87.99 -12.23
CA GLU A 149 68.87 -87.06 -13.04
C GLU A 149 68.70 -87.38 -14.50
N LYS A 150 67.61 -88.08 -14.76
CA LYS A 150 67.31 -88.55 -16.07
C LYS A 150 66.05 -87.96 -16.66
N CYS A 151 65.73 -86.72 -16.32
CA CYS A 151 64.53 -86.13 -16.87
C CYS A 151 64.71 -85.69 -18.30
N ASP A 152 63.62 -85.76 -19.04
CA ASP A 152 63.62 -85.43 -20.43
C ASP A 152 62.19 -85.18 -20.92
N GLU A 153 62.06 -84.98 -22.20
CA GLU A 153 60.83 -84.77 -22.89
C GLU A 153 59.77 -85.86 -22.64
N ASN A 154 60.17 -87.00 -22.10
CA ASN A 154 59.26 -88.12 -21.88
C ASN A 154 59.10 -88.61 -20.44
N ILE A 155 60.08 -88.34 -19.57
CA ILE A 155 59.99 -88.77 -18.18
C ILE A 155 60.39 -87.68 -17.26
N LEU A 156 59.44 -87.38 -16.38
CA LEU A 156 59.63 -86.41 -15.35
C LEU A 156 59.57 -87.05 -13.98
N TRP A 157 60.71 -86.91 -13.33
CA TRP A 157 60.94 -87.43 -12.00
C TRP A 157 60.69 -86.37 -10.95
N LEU A 158 59.93 -86.74 -9.94
CA LEU A 158 59.61 -85.81 -8.90
C LEU A 158 60.17 -86.25 -7.63
N ASP A 159 60.17 -85.30 -6.71
CA ASP A 159 60.70 -85.53 -5.37
C ASP A 159 59.63 -85.68 -4.27
N TYR A 160 58.37 -85.72 -4.67
CA TYR A 160 57.34 -85.83 -3.65
C TYR A 160 56.71 -87.21 -3.70
N LYS A 161 57.11 -88.03 -2.76
CA LYS A 161 56.62 -89.37 -2.76
C LYS A 161 55.10 -89.51 -2.79
N ASN A 162 54.46 -88.78 -1.87
CA ASN A 162 52.65 -88.94 -1.85
C ASN A 162 51.87 -88.40 -2.95
N ILE A 163 52.52 -87.83 -3.82
CA ILE A 163 51.82 -87.17 -4.83
C ILE A 163 51.29 -88.18 -5.82
N CYS A 164 50.48 -89.02 -5.33
CA CYS A 164 49.85 -90.05 -6.13
C CYS A 164 48.47 -90.02 -5.70
N LYS A 165 48.65 -89.96 -4.42
CA LYS A 165 47.70 -89.98 -3.40
C LYS A 165 47.03 -88.59 -3.33
N VAL A 166 47.92 -87.62 -3.49
CA VAL A 166 47.67 -86.18 -3.47
C VAL A 166 46.97 -85.60 -4.70
N VAL A 167 46.99 -86.30 -5.78
CA VAL A 167 46.35 -85.85 -7.02
C VAL A 167 45.47 -86.99 -7.56
N ASP A 168 44.51 -86.66 -8.42
CA ASP A 168 43.75 -87.72 -9.12
C ASP A 168 43.71 -87.44 -10.61
N VAL A 169 43.23 -88.43 -11.33
CA VAL A 169 43.09 -88.31 -12.77
C VAL A 169 42.23 -87.11 -13.02
N GLY A 170 42.56 -86.37 -14.09
CA GLY A 170 41.82 -85.15 -14.43
C GLY A 170 42.46 -83.90 -13.81
N SER A 171 43.13 -84.08 -12.68
CA SER A 171 43.79 -82.96 -12.05
C SER A 171 44.77 -82.26 -13.05
N LYS A 172 45.44 -81.24 -12.57
CA LYS A 172 46.41 -80.51 -13.38
C LYS A 172 47.61 -80.31 -12.54
N VAL A 173 48.76 -80.61 -13.12
CA VAL A 173 50.00 -80.42 -12.41
C VAL A 173 50.76 -79.30 -13.05
N TYR A 174 51.29 -78.39 -12.20
CA TYR A 174 52.04 -77.23 -12.65
C TYR A 174 53.50 -77.29 -12.37
N VAL A 175 54.21 -77.08 -13.49
CA VAL A 175 55.66 -77.05 -13.53
C VAL A 175 56.24 -75.70 -13.90
N ASP A 176 57.14 -75.24 -13.05
CA ASP A 176 57.81 -73.95 -13.18
C ASP A 176 56.85 -72.79 -13.10
N ASP A 177 56.48 -72.38 -11.88
CA ASP A 177 55.56 -71.28 -11.63
C ASP A 177 54.40 -71.19 -12.61
N GLY A 178 53.91 -72.35 -13.03
CA GLY A 178 52.78 -72.35 -13.93
C GLY A 178 53.19 -72.27 -15.37
N LEU A 179 54.49 -72.42 -15.59
CA LEU A 179 55.02 -72.40 -16.93
C LEU A 179 54.37 -73.55 -17.66
N ILE A 180 54.49 -74.73 -17.04
CA ILE A 180 53.86 -75.89 -17.59
C ILE A 180 52.72 -76.41 -16.70
N SER A 181 51.66 -76.71 -17.45
CA SER A 181 50.41 -77.28 -16.98
C SER A 181 50.19 -78.67 -17.55
N LEU A 182 50.29 -79.65 -16.67
CA LEU A 182 50.05 -81.03 -17.02
C LEU A 182 48.76 -81.58 -16.43
N GLN A 183 48.03 -82.29 -17.26
CA GLN A 183 46.81 -82.88 -16.82
C GLN A 183 46.97 -84.37 -16.55
N VAL A 184 46.72 -84.77 -15.32
CA VAL A 184 46.81 -86.17 -14.92
C VAL A 184 45.91 -87.00 -15.79
N LYS A 185 46.48 -87.99 -16.47
CA LYS A 185 45.64 -88.79 -17.31
C LYS A 185 45.48 -90.26 -16.93
N GLN A 186 46.44 -90.79 -16.16
CA GLN A 186 46.47 -92.17 -15.71
C GLN A 186 47.26 -92.24 -14.40
N LYS A 187 46.75 -93.01 -13.45
CA LYS A 187 47.45 -93.12 -12.18
C LYS A 187 48.08 -94.47 -11.96
N GLY A 188 49.25 -94.41 -11.38
CA GLY A 188 50.00 -95.58 -11.06
C GLY A 188 50.30 -95.44 -9.59
N PRO A 189 50.70 -96.46 -8.91
CA PRO A 189 51.11 -96.32 -7.54
C PRO A 189 52.48 -95.63 -7.34
N ASP A 190 53.29 -95.69 -8.40
CA ASP A 190 54.70 -95.21 -8.47
C ASP A 190 54.90 -94.09 -9.51
N PHE A 191 53.85 -93.74 -10.23
CA PHE A 191 53.96 -92.77 -11.34
C PHE A 191 52.61 -92.26 -11.83
N LEU A 192 52.68 -91.25 -12.67
CA LEU A 192 51.50 -90.80 -13.43
C LEU A 192 51.90 -90.36 -14.80
N VAL A 193 50.93 -90.62 -15.65
CA VAL A 193 50.90 -90.35 -17.05
C VAL A 193 50.01 -89.18 -17.28
N THR A 194 50.67 -88.16 -17.75
CA THR A 194 50.07 -86.91 -18.01
C THR A 194 50.16 -86.52 -19.46
N GLU A 195 49.48 -85.44 -19.78
CA GLU A 195 49.45 -84.87 -21.08
C GLU A 195 49.86 -83.42 -20.97
N VAL A 196 50.66 -82.95 -21.92
CA VAL A 196 51.06 -81.56 -21.92
C VAL A 196 49.94 -80.70 -22.49
N GLU A 197 49.40 -79.85 -21.63
CA GLU A 197 48.31 -78.96 -21.97
C GLU A 197 48.81 -77.74 -22.77
N ASN A 198 50.02 -77.31 -22.46
CA ASN A 198 50.63 -76.20 -23.14
C ASN A 198 52.11 -76.47 -23.30
N GLY A 199 52.68 -76.12 -24.49
CA GLY A 199 54.10 -76.33 -24.76
C GLY A 199 55.08 -75.45 -23.97
N GLY A 200 56.38 -75.73 -24.16
CA GLY A 200 57.38 -74.95 -23.47
C GLY A 200 58.68 -75.69 -23.23
N PHE A 201 59.61 -74.98 -22.65
CA PHE A 201 60.85 -75.62 -22.39
C PHE A 201 60.71 -76.39 -21.11
N LEU A 202 61.83 -76.77 -20.54
CA LEU A 202 61.74 -77.52 -19.33
C LEU A 202 63.12 -77.76 -18.68
N GLY A 203 63.24 -77.19 -17.49
CA GLY A 203 64.44 -77.22 -16.71
C GLY A 203 64.53 -78.34 -15.69
N SER A 204 65.68 -78.30 -15.09
CA SER A 204 66.07 -79.24 -14.10
C SER A 204 65.72 -78.59 -12.82
N LYS A 205 65.18 -79.38 -11.92
CA LYS A 205 64.87 -78.81 -10.64
C LYS A 205 63.84 -77.67 -10.58
N LYS A 206 62.75 -77.80 -11.37
CA LYS A 206 61.66 -76.82 -11.39
C LYS A 206 60.63 -77.15 -10.27
N GLY A 207 59.91 -76.11 -9.87
CA GLY A 207 58.92 -76.21 -8.81
C GLY A 207 57.58 -76.76 -9.26
N VAL A 208 57.03 -77.62 -8.41
CA VAL A 208 55.75 -78.20 -8.70
C VAL A 208 54.71 -77.63 -7.78
N ASN A 209 53.62 -77.25 -8.39
CA ASN A 209 52.53 -76.65 -7.61
C ASN A 209 51.22 -77.35 -7.94
N LEU A 210 50.53 -77.73 -6.89
CA LEU A 210 49.27 -78.40 -7.02
C LEU A 210 48.35 -77.54 -6.26
N PRO A 211 47.95 -76.44 -6.88
CA PRO A 211 47.10 -75.49 -6.21
C PRO A 211 45.79 -76.10 -5.76
N GLY A 212 45.66 -76.21 -4.45
CA GLY A 212 44.49 -76.80 -3.81
C GLY A 212 44.77 -78.18 -3.22
N ALA A 213 45.81 -78.84 -3.74
CA ALA A 213 46.24 -80.15 -3.29
C ALA A 213 46.63 -80.11 -1.83
N ALA A 214 46.74 -81.27 -1.22
CA ALA A 214 47.06 -81.27 0.19
C ALA A 214 48.40 -81.87 0.55
N VAL A 215 49.45 -81.28 0.03
CA VAL A 215 50.73 -81.79 0.31
C VAL A 215 51.09 -81.48 1.76
N ASP A 216 51.68 -82.47 2.45
CA ASP A 216 52.09 -82.33 3.85
C ASP A 216 53.58 -82.30 3.96
N LEU A 217 54.09 -81.09 3.88
CA LEU A 217 55.49 -80.90 3.96
C LEU A 217 55.88 -80.16 5.18
N PRO A 218 56.90 -80.70 5.85
CA PRO A 218 57.42 -80.09 7.05
C PRO A 218 57.84 -78.66 6.80
N ALA A 219 57.72 -77.86 7.80
CA ALA A 219 58.13 -76.50 7.64
C ALA A 219 59.64 -76.44 7.48
N VAL A 220 60.35 -77.38 8.13
CA VAL A 220 61.81 -77.43 8.08
C VAL A 220 62.42 -78.78 7.70
N SER A 221 62.65 -78.95 6.39
CA SER A 221 63.27 -80.12 5.78
C SER A 221 64.50 -80.54 6.60
N GLU A 222 65.01 -81.75 6.33
CA GLU A 222 66.24 -82.15 6.98
C GLU A 222 67.23 -81.28 6.27
N LYS A 223 67.01 -81.22 4.96
CA LYS A 223 67.81 -80.42 4.08
C LYS A 223 67.83 -78.97 4.54
N ASP A 224 66.63 -78.41 4.81
CA ASP A 224 66.52 -77.03 5.27
C ASP A 224 67.49 -76.74 6.39
N ILE A 225 67.55 -77.65 7.35
CA ILE A 225 68.48 -77.43 8.42
C ILE A 225 69.89 -77.45 7.91
N GLN A 226 70.10 -78.37 6.94
CA GLN A 226 71.39 -78.56 6.30
C GLN A 226 71.78 -77.22 5.69
N ASP A 227 70.93 -76.79 4.77
CA ASP A 227 71.12 -75.53 4.09
C ASP A 227 71.28 -74.40 5.09
N LEU A 228 70.43 -74.43 6.12
CA LEU A 228 70.46 -73.42 7.17
C LEU A 228 71.81 -73.36 7.88
N LYS A 229 72.28 -74.49 8.33
CA LYS A 229 73.53 -74.50 9.04
C LYS A 229 74.70 -74.15 8.16
N PHE A 230 74.54 -74.38 6.86
CA PHE A 230 75.58 -74.06 5.87
C PHE A 230 75.69 -72.57 5.72
N GLY A 231 74.51 -71.97 5.67
CA GLY A 231 74.39 -70.55 5.57
C GLY A 231 75.10 -69.92 6.76
N VAL A 232 75.07 -70.60 7.87
CA VAL A 232 75.77 -70.04 8.98
C VAL A 232 77.25 -70.24 8.75
N GLU A 233 77.56 -71.41 8.19
CA GLU A 233 78.93 -71.75 7.90
C GLU A 233 79.52 -70.69 6.98
N GLN A 234 78.69 -70.25 6.04
CA GLN A 234 79.05 -69.26 5.03
C GLN A 234 79.02 -67.80 5.49
N ASP A 235 78.60 -67.53 6.73
CA ASP A 235 78.52 -66.15 7.20
C ASP A 235 77.54 -65.35 6.31
N VAL A 236 76.41 -65.94 6.00
CA VAL A 236 75.49 -65.22 5.16
C VAL A 236 74.94 -64.02 5.90
N ASP A 237 74.28 -63.13 5.19
CA ASP A 237 73.79 -61.99 5.92
C ASP A 237 72.35 -62.10 6.29
N MET A 238 71.61 -62.76 5.42
CA MET A 238 70.21 -62.90 5.61
C MET A 238 69.72 -64.15 4.95
N VAL A 239 68.51 -64.53 5.34
CA VAL A 239 67.83 -65.70 4.84
C VAL A 239 66.50 -65.38 4.22
N PHE A 240 66.25 -65.92 2.99
CA PHE A 240 64.97 -65.81 2.30
C PHE A 240 64.30 -67.16 2.46
N ALA A 241 63.40 -67.21 3.45
CA ALA A 241 62.62 -68.38 3.85
C ALA A 241 61.39 -68.63 2.99
N SER A 242 61.56 -69.40 2.16
CA SER A 242 60.53 -69.80 1.19
C SER A 242 59.30 -70.41 1.87
N PHE A 243 58.20 -70.20 1.21
CA PHE A 243 56.89 -70.73 1.61
C PHE A 243 56.64 -70.64 3.09
N ILE A 244 56.97 -69.51 3.70
CA ILE A 244 56.68 -69.37 5.10
C ILE A 244 55.16 -69.30 5.25
N ARG A 245 54.61 -70.05 6.21
CA ARG A 245 53.16 -70.12 6.38
C ARG A 245 52.58 -69.62 7.69
N LYS A 246 53.40 -69.57 8.69
CA LYS A 246 52.86 -69.13 9.93
C LYS A 246 54.01 -68.60 10.73
N ALA A 247 53.69 -67.87 11.76
CA ALA A 247 54.76 -67.36 12.58
C ALA A 247 55.60 -68.51 13.15
N ALA A 248 54.95 -69.65 13.34
CA ALA A 248 55.63 -70.80 13.87
C ALA A 248 56.82 -71.13 13.02
N ASP A 249 56.54 -71.18 11.72
CA ASP A 249 57.53 -71.52 10.73
C ASP A 249 58.76 -70.67 10.91
N VAL A 250 58.49 -69.41 11.15
CA VAL A 250 59.52 -68.43 11.38
C VAL A 250 60.42 -68.71 12.61
N HIS A 251 59.80 -69.04 13.75
CA HIS A 251 60.52 -69.30 14.98
C HIS A 251 61.44 -70.47 14.87
N GLU A 252 61.01 -71.41 14.04
CA GLU A 252 61.80 -72.62 13.82
C GLU A 252 63.14 -72.23 13.20
N VAL A 253 63.05 -71.64 11.99
CA VAL A 253 64.21 -71.21 11.25
C VAL A 253 65.17 -70.44 12.10
N ARG A 254 64.58 -69.66 12.95
CA ARG A 254 65.33 -68.85 13.86
C ARG A 254 66.03 -69.74 14.85
N LYS A 255 65.31 -70.81 15.21
CA LYS A 255 65.80 -71.77 16.16
C LYS A 255 67.03 -72.45 15.61
N ILE A 256 66.89 -72.97 14.37
CA ILE A 256 67.99 -73.61 13.61
C ILE A 256 69.21 -72.69 13.52
N LEU A 257 68.98 -71.45 13.05
CA LEU A 257 69.99 -70.41 12.92
C LEU A 257 70.71 -70.27 14.23
N GLY A 258 69.92 -70.45 15.29
CA GLY A 258 70.37 -70.41 16.66
C GLY A 258 71.24 -69.21 17.04
N GLU A 259 72.04 -69.43 18.07
CA GLU A 259 72.93 -68.40 18.57
C GLU A 259 73.83 -67.86 17.48
N LYS A 260 74.66 -68.74 16.97
CA LYS A 260 75.61 -68.46 15.93
C LYS A 260 75.09 -67.53 14.81
N GLY A 261 73.79 -67.53 14.58
CA GLY A 261 73.24 -66.70 13.52
C GLY A 261 72.17 -65.75 14.02
N LYS A 262 72.23 -65.42 15.31
CA LYS A 262 71.24 -64.54 15.88
C LYS A 262 71.08 -63.21 15.19
N ASN A 263 72.14 -62.83 14.48
CA ASN A 263 72.19 -61.56 13.78
C ASN A 263 71.79 -61.62 12.31
N ILE A 264 71.56 -62.84 11.84
CA ILE A 264 71.11 -63.05 10.49
C ILE A 264 69.69 -62.55 10.43
N LYS A 265 69.27 -62.11 9.25
CA LYS A 265 67.94 -61.61 9.13
C LYS A 265 67.06 -62.55 8.39
N ILE A 266 65.93 -62.89 9.02
CA ILE A 266 64.96 -63.77 8.42
C ILE A 266 63.89 -63.01 7.69
N ILE A 267 63.89 -63.19 6.37
CA ILE A 267 62.92 -62.56 5.51
C ILE A 267 61.95 -63.61 5.03
N SER A 268 60.79 -63.59 5.60
CA SER A 268 59.77 -64.54 5.24
C SER A 268 59.22 -64.35 3.84
N LYS A 269 59.23 -65.44 3.07
CA LYS A 269 58.72 -65.43 1.71
C LYS A 269 57.26 -65.84 1.65
N ILE A 270 56.44 -64.92 1.17
CA ILE A 270 55.03 -65.20 1.04
C ILE A 270 54.79 -65.71 -0.35
N GLU A 271 54.52 -67.03 -0.51
CA GLU A 271 54.25 -67.58 -1.83
C GLU A 271 52.98 -68.44 -1.91
N ASN A 272 52.19 -68.45 -0.85
CA ASN A 272 50.96 -69.22 -0.87
C ASN A 272 49.77 -68.55 -0.16
N HIS A 273 48.58 -69.09 -0.35
CA HIS A 273 47.38 -68.54 0.27
C HIS A 273 47.46 -68.45 1.79
N GLU A 274 47.95 -69.50 2.42
CA GLU A 274 48.11 -69.52 3.86
C GLU A 274 48.95 -68.34 4.36
N GLY A 275 50.05 -68.10 3.60
CA GLY A 275 51.04 -67.04 3.83
C GLY A 275 50.37 -65.69 3.79
N VAL A 276 49.49 -65.50 2.77
CA VAL A 276 48.70 -64.27 2.72
C VAL A 276 47.82 -64.24 3.98
N ARG A 277 46.99 -65.29 4.11
CA ARG A 277 46.08 -65.51 5.23
C ARG A 277 46.73 -65.27 6.59
N ARG A 278 47.86 -65.88 6.89
CA ARG A 278 48.42 -65.57 8.20
C ARG A 278 49.47 -64.45 8.15
N PHE A 279 49.34 -63.61 7.14
CA PHE A 279 50.28 -62.54 6.93
C PHE A 279 50.74 -61.73 8.14
N ASP A 280 49.81 -61.20 8.90
CA ASP A 280 50.20 -60.43 10.07
C ASP A 280 51.16 -61.14 11.08
N GLU A 281 50.83 -62.33 11.53
CA GLU A 281 51.67 -63.02 12.52
C GLU A 281 53.03 -63.39 11.96
N ILE A 282 53.06 -63.69 10.69
CA ILE A 282 54.34 -63.98 10.15
C ILE A 282 55.20 -62.72 10.23
N LEU A 283 54.61 -61.60 9.75
CA LEU A 283 55.22 -60.28 9.71
C LEU A 283 55.88 -59.94 11.04
N GLU A 284 55.09 -59.98 12.04
CA GLU A 284 55.60 -59.64 13.38
C GLU A 284 56.73 -60.55 13.82
N ALA A 285 56.85 -61.70 13.19
CA ALA A 285 57.91 -62.66 13.56
C ALA A 285 59.20 -62.48 12.75
N SER A 286 58.99 -62.10 11.50
CA SER A 286 60.08 -61.94 10.57
C SER A 286 60.87 -60.71 10.83
N ASP A 287 61.94 -60.52 10.04
CA ASP A 287 62.76 -59.31 10.09
C ASP A 287 62.45 -58.48 8.83
N GLY A 288 61.73 -59.13 7.92
CA GLY A 288 61.34 -58.54 6.67
C GLY A 288 60.53 -59.57 5.90
N ILE A 289 59.97 -59.16 4.77
CA ILE A 289 59.14 -60.07 4.03
C ILE A 289 59.52 -60.04 2.59
N MET A 290 59.03 -61.01 1.86
CA MET A 290 59.25 -61.04 0.46
C MET A 290 57.99 -61.45 -0.28
N VAL A 291 57.61 -60.69 -1.25
CA VAL A 291 56.46 -61.00 -2.03
C VAL A 291 56.93 -61.92 -3.15
N ALA A 292 56.93 -63.24 -2.95
CA ALA A 292 57.39 -64.19 -3.96
C ALA A 292 56.33 -64.55 -4.98
N ARG A 293 56.23 -63.69 -6.01
CA ARG A 293 55.21 -63.80 -7.02
C ARG A 293 55.23 -64.97 -8.00
N GLY A 294 56.37 -65.58 -8.23
CA GLY A 294 56.37 -66.69 -9.17
C GLY A 294 55.42 -67.76 -8.65
N ASP A 295 55.77 -68.30 -7.52
CA ASP A 295 54.98 -69.35 -6.89
C ASP A 295 53.57 -68.84 -6.61
N LEU A 296 53.51 -67.80 -5.81
CA LEU A 296 52.28 -67.11 -5.42
C LEU A 296 51.26 -66.93 -6.53
N GLY A 297 51.78 -66.66 -7.71
CA GLY A 297 50.95 -66.39 -8.85
C GLY A 297 50.40 -67.60 -9.53
N ILE A 298 50.76 -68.76 -8.99
CA ILE A 298 50.25 -70.01 -9.51
C ILE A 298 49.31 -70.57 -8.44
N GLU A 299 49.82 -70.52 -7.20
CA GLU A 299 49.16 -70.90 -5.97
C GLU A 299 47.82 -70.19 -5.81
N ILE A 300 47.76 -68.95 -6.35
CA ILE A 300 46.56 -68.12 -6.33
C ILE A 300 46.22 -67.52 -7.68
N PRO A 301 45.05 -66.91 -7.80
CA PRO A 301 44.69 -66.37 -9.06
C PRO A 301 45.64 -65.26 -9.41
N ALA A 302 46.09 -65.33 -10.66
CA ALA A 302 47.05 -64.39 -11.18
C ALA A 302 46.58 -62.97 -10.95
N GLU A 303 45.34 -62.77 -11.36
CA GLU A 303 44.61 -61.53 -11.27
C GLU A 303 44.48 -61.06 -9.84
N LYS A 304 45.04 -61.79 -8.88
CA LYS A 304 44.93 -61.36 -7.49
C LYS A 304 46.26 -60.98 -6.88
N VAL A 305 47.33 -61.32 -7.59
CA VAL A 305 48.67 -61.06 -7.07
C VAL A 305 48.92 -59.62 -6.60
N PHE A 306 48.37 -58.66 -7.35
CA PHE A 306 48.60 -57.26 -7.07
C PHE A 306 47.99 -56.77 -5.74
N LEU A 307 46.89 -57.37 -5.40
CA LEU A 307 46.23 -57.05 -4.17
C LEU A 307 47.18 -57.48 -3.08
N ALA A 308 47.63 -58.73 -3.25
CA ALA A 308 48.52 -59.34 -2.29
C ALA A 308 49.74 -58.46 -2.10
N GLN A 309 50.32 -58.17 -3.23
CA GLN A 309 51.48 -57.34 -3.26
C GLN A 309 51.29 -56.01 -2.56
N LYS A 310 50.28 -55.24 -3.00
CA LYS A 310 50.05 -53.93 -2.41
C LYS A 310 49.79 -54.03 -0.95
N MET A 311 48.85 -54.90 -0.62
CA MET A 311 48.49 -55.14 0.77
C MET A 311 49.74 -55.43 1.61
N ILE A 312 50.57 -56.34 1.08
CA ILE A 312 51.78 -56.72 1.76
C ILE A 312 52.76 -55.56 1.88
N ILE A 313 52.97 -54.83 0.77
CA ILE A 313 53.91 -53.70 0.83
C ILE A 313 53.49 -52.67 1.88
N GLY A 314 52.24 -52.27 1.77
CA GLY A 314 51.67 -51.30 2.70
C GLY A 314 51.89 -51.66 4.16
N ARG A 315 51.54 -52.91 4.56
CA ARG A 315 51.73 -53.29 5.96
C ARG A 315 53.18 -53.35 6.41
N CYS A 316 54.09 -53.58 5.47
CA CYS A 316 55.49 -53.65 5.86
C CYS A 316 55.99 -52.28 6.15
N ASN A 317 55.56 -51.37 5.29
CA ASN A 317 55.93 -49.98 5.45
C ASN A 317 55.32 -49.48 6.74
N ARG A 318 54.05 -49.80 6.84
CA ARG A 318 53.25 -49.45 8.01
C ARG A 318 53.95 -49.96 9.26
N ALA A 319 54.45 -51.16 9.12
CA ALA A 319 55.12 -51.85 10.22
C ALA A 319 56.53 -51.36 10.39
N GLY A 320 57.09 -50.86 9.29
CA GLY A 320 58.44 -50.39 9.32
C GLY A 320 59.43 -51.54 9.14
N LYS A 321 59.06 -52.53 8.40
CA LYS A 321 59.98 -53.63 8.11
C LYS A 321 60.19 -53.76 6.61
N PRO A 322 61.38 -54.11 6.21
CA PRO A 322 61.68 -54.26 4.81
C PRO A 322 60.83 -55.33 4.15
N VAL A 323 60.46 -55.04 2.89
CA VAL A 323 59.70 -55.89 2.01
C VAL A 323 60.37 -55.89 0.65
N ILE A 324 60.44 -57.07 0.03
CA ILE A 324 61.05 -57.20 -1.27
C ILE A 324 60.00 -57.54 -2.31
N CYS A 325 59.95 -56.83 -3.39
CA CYS A 325 59.01 -57.25 -4.37
C CYS A 325 59.87 -58.13 -5.31
N ALA A 326 59.43 -59.36 -5.65
CA ALA A 326 60.26 -60.27 -6.45
C ALA A 326 59.60 -60.96 -7.62
N THR A 327 60.41 -61.52 -8.54
CA THR A 327 59.95 -62.37 -9.65
C THR A 327 59.20 -61.77 -10.83
N GLN A 328 59.71 -62.09 -12.03
CA GLN A 328 59.16 -61.65 -13.34
C GLN A 328 59.13 -60.17 -13.67
N MET A 329 59.80 -59.41 -12.88
CA MET A 329 59.80 -57.98 -13.05
C MET A 329 60.31 -57.54 -14.41
N LEU A 330 61.41 -58.15 -14.81
CA LEU A 330 62.07 -57.87 -16.07
C LEU A 330 62.24 -59.15 -16.93
N GLU A 331 61.39 -60.14 -16.69
CA GLU A 331 61.35 -61.42 -17.38
C GLU A 331 61.89 -61.51 -18.82
N SER A 332 61.32 -60.68 -19.69
CA SER A 332 61.60 -60.63 -21.12
C SER A 332 63.05 -60.47 -21.44
N MET A 333 63.72 -59.85 -20.50
CA MET A 333 65.11 -59.54 -20.59
C MET A 333 66.00 -60.74 -20.39
N ILE A 334 65.38 -61.90 -20.16
CA ILE A 334 66.23 -63.05 -20.03
C ILE A 334 66.88 -63.24 -21.39
N LYS A 335 66.04 -63.06 -22.40
CA LYS A 335 66.38 -63.16 -23.80
C LYS A 335 66.54 -61.79 -24.48
N LYS A 336 65.98 -60.73 -23.90
CA LYS A 336 66.03 -59.42 -24.55
C LYS A 336 66.74 -58.25 -23.85
N PRO A 337 67.41 -57.46 -24.68
CA PRO A 337 68.20 -56.29 -24.28
C PRO A 337 67.38 -55.18 -23.63
N ARG A 338 66.15 -54.99 -24.10
CA ARG A 338 65.24 -53.99 -23.58
C ARG A 338 63.92 -54.69 -23.19
N PRO A 339 63.28 -54.26 -22.10
CA PRO A 339 62.08 -54.91 -21.61
C PRO A 339 60.82 -54.44 -22.26
N THR A 340 59.74 -55.01 -21.76
CA THR A 340 58.43 -54.66 -22.25
C THR A 340 57.90 -53.51 -21.45
N ARG A 341 56.86 -52.91 -21.96
CA ARG A 341 56.27 -51.79 -21.25
C ARG A 341 55.73 -52.22 -19.89
N ALA A 342 55.04 -53.36 -19.90
CA ALA A 342 54.54 -53.87 -18.66
C ALA A 342 55.65 -54.12 -17.66
N GLU A 343 56.81 -54.59 -18.12
CA GLU A 343 57.86 -54.78 -17.13
C GLU A 343 58.33 -53.45 -16.60
N GLY A 344 58.35 -52.44 -17.49
CA GLY A 344 58.77 -51.10 -17.10
C GLY A 344 57.81 -50.60 -16.04
N SER A 345 56.52 -50.74 -16.33
CA SER A 345 55.49 -50.36 -15.41
C SER A 345 55.61 -51.09 -14.07
N ASP A 346 55.78 -52.42 -14.15
CA ASP A 346 55.91 -53.25 -12.96
C ASP A 346 56.92 -52.70 -11.98
N VAL A 347 58.15 -52.64 -12.43
CA VAL A 347 59.21 -52.13 -11.59
C VAL A 347 58.87 -50.75 -11.00
N ALA A 348 58.34 -49.83 -11.82
CA ALA A 348 58.02 -48.48 -11.36
C ALA A 348 56.99 -48.48 -10.23
N ASN A 349 55.90 -49.14 -10.50
CA ASN A 349 54.82 -49.25 -9.54
C ASN A 349 55.21 -49.93 -8.26
N ALA A 350 56.10 -50.89 -8.39
CA ALA A 350 56.55 -51.60 -7.22
C ALA A 350 57.23 -50.62 -6.30
N VAL A 351 57.99 -49.69 -6.89
CA VAL A 351 58.73 -48.70 -6.10
C VAL A 351 57.81 -47.73 -5.49
N LEU A 352 56.82 -47.39 -6.32
CA LEU A 352 55.81 -46.49 -5.84
C LEU A 352 54.98 -47.18 -4.79
N ASP A 353 54.66 -48.48 -4.96
CA ASP A 353 53.92 -49.17 -3.89
C ASP A 353 54.71 -49.05 -2.60
N GLY A 354 56.04 -49.11 -2.64
CA GLY A 354 56.75 -48.95 -1.37
C GLY A 354 57.84 -49.98 -1.12
N ALA A 355 58.17 -50.75 -2.12
CA ALA A 355 59.18 -51.80 -1.93
C ALA A 355 60.50 -51.25 -1.43
N ASP A 356 61.13 -51.92 -0.43
CA ASP A 356 62.45 -51.51 0.03
C ASP A 356 63.47 -51.99 -0.98
N CYS A 357 63.18 -53.13 -1.61
CA CYS A 357 64.03 -53.66 -2.66
C CYS A 357 63.20 -54.34 -3.73
N ILE A 358 63.87 -54.55 -4.87
CA ILE A 358 63.29 -55.24 -6.01
C ILE A 358 64.25 -56.36 -6.45
N MET A 359 63.70 -57.42 -7.06
CA MET A 359 64.54 -58.53 -7.41
C MET A 359 64.63 -58.95 -8.84
N LEU A 360 65.74 -59.66 -9.06
CA LEU A 360 66.06 -60.26 -10.34
C LEU A 360 66.42 -61.69 -10.07
N SER A 361 65.75 -62.54 -10.83
CA SER A 361 65.89 -63.96 -10.69
C SER A 361 66.50 -64.51 -11.96
N GLY A 362 65.66 -65.10 -12.81
CA GLY A 362 66.08 -65.67 -14.07
C GLY A 362 66.73 -64.63 -14.94
N GLU A 363 66.51 -63.38 -14.58
CA GLU A 363 67.09 -62.27 -15.31
C GLU A 363 68.60 -62.15 -15.13
N THR A 364 69.11 -62.48 -13.94
CA THR A 364 70.54 -62.44 -13.66
C THR A 364 71.22 -63.81 -13.51
N ALA A 365 70.45 -64.82 -13.16
CA ALA A 365 71.08 -66.12 -12.96
C ALA A 365 71.28 -66.91 -14.23
N LYS A 366 70.50 -66.63 -15.24
CA LYS A 366 70.67 -67.41 -16.44
C LYS A 366 70.19 -66.78 -17.74
N GLY A 367 69.95 -65.48 -17.71
CA GLY A 367 69.53 -64.80 -18.93
C GLY A 367 70.76 -64.28 -19.70
N ASP A 368 70.57 -63.98 -20.96
CA ASP A 368 71.67 -63.47 -21.78
C ASP A 368 71.93 -61.99 -21.55
N TYR A 369 71.05 -61.31 -20.80
CA TYR A 369 71.24 -59.90 -20.59
C TYR A 369 71.24 -59.49 -19.14
N PRO A 370 72.07 -60.13 -18.36
CA PRO A 370 72.17 -59.85 -16.94
C PRO A 370 72.52 -58.41 -16.58
N LEU A 371 73.63 -57.92 -17.12
CA LEU A 371 74.08 -56.57 -16.83
C LEU A 371 73.01 -55.52 -17.13
N GLU A 372 72.47 -55.59 -18.30
CA GLU A 372 71.43 -54.69 -18.69
C GLU A 372 70.24 -54.77 -17.76
N ALA A 373 69.94 -55.97 -17.29
CA ALA A 373 68.80 -56.12 -16.43
C ALA A 373 68.91 -55.28 -15.18
N VAL A 374 70.05 -55.44 -14.55
CA VAL A 374 70.37 -54.72 -13.36
C VAL A 374 70.33 -53.23 -13.66
N ARG A 375 70.96 -52.88 -14.75
CA ARG A 375 71.03 -51.53 -15.21
C ARG A 375 69.66 -50.90 -15.26
N MET A 376 68.80 -51.61 -15.95
CA MET A 376 67.41 -51.23 -16.16
C MET A 376 66.65 -51.00 -14.85
N GLN A 377 66.79 -51.89 -13.90
CA GLN A 377 66.10 -51.70 -12.66
C GLN A 377 66.56 -50.43 -12.00
N HIS A 378 67.82 -50.13 -12.20
CA HIS A 378 68.42 -48.95 -11.61
C HIS A 378 67.76 -47.69 -12.12
N LEU A 379 67.58 -47.67 -13.43
CA LEU A 379 66.98 -46.54 -14.11
C LEU A 379 65.62 -46.32 -13.60
N ILE A 380 64.75 -47.33 -13.75
CA ILE A 380 63.38 -47.28 -13.26
C ILE A 380 63.31 -46.84 -11.80
N ALA A 381 64.10 -47.46 -10.96
CA ALA A 381 64.09 -47.13 -9.56
C ALA A 381 64.30 -45.64 -9.23
N ARG A 382 65.22 -45.00 -9.94
CA ARG A 382 65.51 -43.60 -9.68
C ARG A 382 64.36 -42.70 -10.09
N GLU A 383 63.85 -43.02 -11.26
CA GLU A 383 62.73 -42.29 -11.86
C GLU A 383 61.49 -42.42 -10.95
N ALA A 384 61.26 -43.63 -10.44
CA ALA A 384 60.07 -43.94 -9.62
C ALA A 384 60.15 -43.38 -8.22
N GLU A 385 61.38 -43.26 -7.72
CA GLU A 385 61.64 -42.78 -6.37
C GLU A 385 61.39 -41.31 -6.26
N ALA A 386 61.40 -40.65 -7.40
CA ALA A 386 61.19 -39.24 -7.40
C ALA A 386 59.69 -38.96 -7.50
N ALA A 387 59.04 -39.78 -8.29
CA ALA A 387 57.63 -39.64 -8.46
C ALA A 387 56.81 -40.05 -7.21
N MET A 388 57.46 -40.40 -6.11
CA MET A 388 56.69 -40.76 -4.93
C MET A 388 55.93 -39.53 -4.48
N PHE A 389 54.97 -39.68 -3.53
CA PHE A 389 54.20 -38.53 -3.01
C PHE A 389 54.62 -38.29 -1.55
N HIS A 390 55.93 -38.10 -1.40
CA HIS A 390 56.62 -37.97 -0.10
C HIS A 390 55.87 -37.09 0.93
N ARG A 391 55.01 -36.17 0.56
CA ARG A 391 54.32 -35.40 1.62
C ARG A 391 53.12 -36.17 2.15
N LYS A 392 52.29 -36.69 1.27
CA LYS A 392 51.21 -37.48 1.74
C LYS A 392 51.74 -38.71 2.46
N LEU A 393 52.68 -39.42 1.83
CA LEU A 393 53.23 -40.62 2.39
C LEU A 393 53.66 -40.50 3.85
N PHE A 394 54.38 -39.45 4.09
CA PHE A 394 54.95 -39.16 5.40
C PHE A 394 53.87 -38.93 6.43
N GLU A 395 52.84 -38.25 6.00
CA GLU A 395 51.73 -37.96 6.89
C GLU A 395 51.04 -39.26 7.24
N GLU A 396 50.72 -40.06 6.22
CA GLU A 396 50.07 -41.33 6.42
C GLU A 396 50.88 -42.29 7.32
N LEU A 397 52.18 -42.29 7.10
CA LEU A 397 53.12 -43.09 7.86
C LEU A 397 53.13 -42.66 9.31
N ALA A 398 53.11 -41.35 9.48
CA ALA A 398 53.16 -40.74 10.78
C ALA A 398 51.95 -41.10 11.61
N ARG A 399 50.84 -41.07 10.90
CA ARG A 399 49.50 -41.39 11.38
C ARG A 399 49.58 -42.80 11.94
N SER A 400 49.94 -43.71 11.05
CA SER A 400 50.09 -45.11 11.40
C SER A 400 50.94 -45.36 12.64
N SER A 401 52.08 -44.67 12.76
CA SER A 401 52.96 -44.88 13.91
C SER A 401 52.56 -44.12 15.16
N SER A 402 51.48 -43.38 15.10
CA SER A 402 51.03 -42.55 16.20
C SER A 402 50.93 -43.10 17.60
N HIS A 403 50.82 -44.41 17.72
CA HIS A 403 50.72 -44.93 19.07
C HIS A 403 52.07 -44.96 19.73
N SER A 404 53.10 -44.90 18.86
CA SER A 404 54.47 -44.90 19.31
C SER A 404 54.95 -43.53 19.73
N THR A 405 55.76 -43.56 20.76
CA THR A 405 56.29 -42.38 21.34
C THR A 405 57.77 -42.57 21.42
N ASP A 406 58.25 -43.54 20.62
CA ASP A 406 59.68 -43.85 20.59
C ASP A 406 60.61 -42.70 20.32
N LEU A 407 61.66 -42.62 21.15
CA LEU A 407 62.69 -41.60 21.02
C LEU A 407 63.43 -41.53 19.70
N MET A 408 63.92 -42.65 19.25
CA MET A 408 64.59 -42.64 17.97
C MET A 408 63.61 -42.30 16.81
N GLU A 409 62.32 -42.67 16.96
CA GLU A 409 61.25 -42.42 15.97
C GLU A 409 60.98 -40.92 15.87
N ALA A 410 61.11 -40.25 17.02
CA ALA A 410 60.94 -38.79 17.07
C ALA A 410 62.07 -38.14 16.22
N MET A 411 63.28 -38.50 16.58
CA MET A 411 64.48 -38.07 15.93
C MET A 411 64.35 -38.33 14.42
N ALA A 412 64.05 -39.56 14.04
CA ALA A 412 63.91 -39.89 12.63
C ALA A 412 62.89 -39.02 11.95
N MET A 413 61.79 -38.81 12.64
CA MET A 413 60.73 -38.03 12.03
C MET A 413 61.07 -36.55 11.88
N GLY A 414 61.72 -36.02 12.89
CA GLY A 414 62.11 -34.63 12.84
C GLY A 414 63.13 -34.44 11.73
N SER A 415 63.95 -35.49 11.52
CA SER A 415 64.99 -35.47 10.52
C SER A 415 64.43 -35.52 9.13
N VAL A 416 63.55 -36.47 8.87
CA VAL A 416 63.01 -36.52 7.55
C VAL A 416 62.24 -35.26 7.19
N GLU A 417 61.60 -34.76 8.20
CA GLU A 417 60.84 -33.55 8.09
C GLU A 417 61.77 -32.39 7.71
N ALA A 418 62.84 -32.16 8.50
CA ALA A 418 63.78 -31.08 8.16
C ALA A 418 64.32 -31.24 6.76
N SER A 419 64.67 -32.46 6.46
CA SER A 419 65.21 -32.77 5.17
C SER A 419 64.24 -32.37 4.12
N TYR A 420 62.95 -32.52 4.42
CA TYR A 420 62.01 -32.16 3.40
C TYR A 420 61.95 -30.67 3.24
N LYS A 421 62.04 -29.98 4.38
CA LYS A 421 61.92 -28.53 4.39
C LYS A 421 63.01 -27.79 3.64
N CYS A 422 64.27 -28.08 3.98
CA CYS A 422 65.39 -27.42 3.36
C CYS A 422 65.92 -28.14 2.16
N LEU A 423 65.24 -29.18 1.72
CA LEU A 423 65.70 -29.90 0.55
C LEU A 423 67.13 -30.43 0.67
N ALA A 424 67.41 -31.01 1.84
CA ALA A 424 68.68 -31.58 2.16
C ALA A 424 69.17 -32.54 1.08
N ALA A 425 70.52 -32.58 0.93
CA ALA A 425 71.18 -33.42 -0.06
C ALA A 425 71.21 -34.86 0.36
N ALA A 426 71.39 -35.03 1.64
CA ALA A 426 71.44 -36.34 2.12
C ALA A 426 71.22 -36.27 3.59
N LEU A 427 71.19 -37.45 4.19
CA LEU A 427 71.10 -37.58 5.63
C LEU A 427 72.26 -38.44 6.04
N ILE A 428 72.89 -38.00 7.08
CA ILE A 428 74.02 -38.71 7.53
C ILE A 428 73.77 -39.23 8.89
N VAL A 429 73.82 -40.57 8.99
CA VAL A 429 73.59 -41.32 10.22
C VAL A 429 74.77 -42.19 10.56
N LEU A 430 75.15 -42.07 11.82
CA LEU A 430 76.26 -42.81 12.35
C LEU A 430 75.70 -43.83 13.29
N THR A 431 75.67 -45.07 12.83
CA THR A 431 75.13 -46.16 13.62
C THR A 431 76.00 -47.39 13.56
N GLU A 432 75.82 -48.25 14.56
CA GLU A 432 76.55 -49.48 14.57
C GLU A 432 75.63 -50.66 14.30
N SER A 433 74.51 -50.72 15.06
CA SER A 433 73.50 -51.75 14.84
C SER A 433 72.78 -51.46 13.57
N GLY A 434 72.80 -50.16 13.26
CA GLY A 434 72.19 -49.64 12.06
C GLY A 434 70.71 -49.36 12.27
N ARG A 435 70.29 -49.42 13.51
CA ARG A 435 68.93 -49.21 13.88
C ARG A 435 68.45 -47.81 13.54
N SER A 436 69.30 -46.88 13.98
CA SER A 436 69.09 -45.47 13.79
C SER A 436 68.73 -45.21 12.36
N ALA A 437 69.59 -45.74 11.51
CA ALA A 437 69.39 -45.61 10.13
C ALA A 437 68.05 -46.13 9.72
N HIS A 438 67.78 -47.35 10.12
CA HIS A 438 66.57 -48.04 9.78
C HIS A 438 65.37 -47.15 10.07
N GLN A 439 65.49 -46.51 11.21
CA GLN A 439 64.43 -45.66 11.67
C GLN A 439 64.11 -44.50 10.76
N VAL A 440 65.15 -43.99 10.16
CA VAL A 440 65.07 -42.90 9.24
C VAL A 440 64.45 -43.33 7.91
N ALA A 441 64.92 -44.44 7.36
CA ALA A 441 64.41 -44.90 6.08
C ALA A 441 62.95 -45.25 6.15
N ARG A 442 62.50 -45.55 7.39
CA ARG A 442 61.11 -45.90 7.53
C ARG A 442 60.23 -44.73 7.25
N TYR A 443 60.72 -43.53 7.59
CA TYR A 443 59.99 -42.33 7.30
C TYR A 443 60.14 -41.83 5.90
N ARG A 444 60.76 -42.60 5.06
CA ARG A 444 60.85 -42.27 3.68
C ARG A 444 61.34 -40.89 3.29
N PRO A 445 62.59 -40.59 3.56
CA PRO A 445 63.12 -39.33 3.10
C PRO A 445 63.22 -39.40 1.58
N ARG A 446 63.33 -38.23 0.96
CA ARG A 446 63.48 -38.16 -0.49
C ARG A 446 64.98 -38.30 -0.86
N ALA A 447 65.84 -37.70 -0.02
CA ALA A 447 67.28 -37.68 -0.09
C ALA A 447 67.88 -38.99 0.38
N PRO A 448 69.12 -39.26 -0.03
CA PRO A 448 69.81 -40.46 0.38
C PRO A 448 70.26 -40.42 1.82
N ILE A 449 70.29 -41.61 2.38
CA ILE A 449 70.75 -41.76 3.71
C ILE A 449 72.12 -42.37 3.61
N ILE A 450 73.07 -41.69 4.18
CA ILE A 450 74.38 -42.23 4.18
C ILE A 450 74.61 -42.84 5.51
N ALA A 451 74.71 -44.17 5.48
CA ALA A 451 74.92 -44.91 6.72
C ALA A 451 76.39 -45.21 6.96
N VAL A 452 77.00 -44.59 8.01
CA VAL A 452 78.43 -44.77 8.36
C VAL A 452 78.62 -45.73 9.51
N THR A 453 79.25 -46.86 9.21
CA THR A 453 79.43 -47.89 10.20
C THR A 453 80.78 -48.59 10.14
N ARG A 454 81.18 -49.07 11.32
CA ARG A 454 82.41 -49.80 11.52
C ARG A 454 82.17 -51.29 11.56
N ASN A 455 80.90 -51.63 11.35
CA ASN A 455 80.35 -52.97 11.34
C ASN A 455 79.97 -53.41 9.92
N HIS A 456 80.69 -54.39 9.44
CA HIS A 456 80.50 -54.84 8.10
C HIS A 456 79.16 -55.46 7.84
N GLN A 457 78.67 -56.21 8.80
CA GLN A 457 77.37 -56.81 8.61
C GLN A 457 76.25 -55.80 8.53
N THR A 458 76.24 -54.92 9.53
CA THR A 458 75.29 -53.84 9.63
C THR A 458 75.29 -53.16 8.29
N ALA A 459 76.48 -52.92 7.87
CA ALA A 459 76.68 -52.33 6.57
C ALA A 459 75.99 -53.11 5.43
N ARG A 460 76.30 -54.44 5.27
CA ARG A 460 75.69 -55.21 4.19
C ARG A 460 74.17 -55.23 4.36
N GLN A 461 73.78 -55.41 5.62
CA GLN A 461 72.40 -55.53 6.04
C GLN A 461 71.54 -54.34 5.70
N ALA A 462 72.13 -53.16 5.77
CA ALA A 462 71.43 -51.91 5.46
C ALA A 462 70.79 -51.89 4.09
N HIS A 463 71.30 -52.70 3.17
CA HIS A 463 70.74 -52.74 1.83
C HIS A 463 69.27 -53.10 1.83
N LEU A 464 68.87 -53.77 2.89
CA LEU A 464 67.53 -54.22 3.03
C LEU A 464 66.51 -53.10 2.98
N TYR A 465 66.92 -52.00 3.60
CA TYR A 465 66.11 -50.78 3.76
C TYR A 465 66.31 -49.73 2.73
N ARG A 466 65.17 -49.24 2.29
CA ARG A 466 65.08 -48.23 1.26
C ARG A 466 65.90 -47.00 1.57
N GLY A 467 66.75 -46.63 0.63
CA GLY A 467 67.57 -45.46 0.76
C GLY A 467 68.76 -45.46 1.70
N ILE A 468 69.27 -46.61 2.14
CA ILE A 468 70.45 -46.50 2.96
C ILE A 468 71.70 -46.80 2.14
N PHE A 469 72.65 -45.86 2.15
CA PHE A 469 73.95 -46.02 1.47
C PHE A 469 74.93 -46.19 2.54
N PRO A 470 75.18 -47.46 2.81
CA PRO A 470 76.08 -47.97 3.82
C PRO A 470 77.49 -47.67 3.40
N VAL A 471 78.33 -47.46 4.39
CA VAL A 471 79.71 -47.11 4.12
C VAL A 471 80.55 -47.54 5.27
N VAL A 472 81.47 -48.47 5.02
CA VAL A 472 82.25 -48.99 6.10
C VAL A 472 83.32 -48.04 6.57
N CYS A 473 83.48 -48.03 7.87
CA CYS A 473 84.50 -47.25 8.46
C CYS A 473 85.59 -48.21 8.92
N LYS A 474 86.71 -48.22 8.19
CA LYS A 474 87.85 -49.09 8.48
C LYS A 474 88.89 -48.40 9.33
N ASP A 475 88.56 -47.19 9.77
CA ASP A 475 89.51 -46.43 10.56
C ASP A 475 89.47 -46.81 11.99
N PRO A 476 90.66 -46.71 12.59
CA PRO A 476 90.80 -46.99 14.00
C PRO A 476 89.98 -45.99 14.77
N VAL A 477 89.52 -46.43 15.93
CA VAL A 477 88.71 -45.63 16.80
C VAL A 477 89.49 -44.50 17.47
N GLN A 478 88.99 -43.27 17.29
CA GLN A 478 89.62 -42.09 17.88
C GLN A 478 89.38 -42.02 19.37
N GLU A 479 90.35 -41.47 20.08
CA GLU A 479 90.29 -41.29 21.52
C GLU A 479 89.23 -40.26 21.92
N ALA A 480 89.02 -39.29 21.03
CA ALA A 480 88.06 -38.19 21.23
C ALA A 480 86.74 -38.36 20.51
N TRP A 481 85.69 -38.59 21.30
CA TRP A 481 84.35 -38.79 20.79
C TRP A 481 83.97 -37.81 19.69
N ALA A 482 84.21 -36.52 19.92
CA ALA A 482 83.87 -35.57 18.88
C ALA A 482 84.69 -35.74 17.61
N GLU A 483 85.99 -35.97 17.80
CA GLU A 483 86.91 -36.17 16.69
C GLU A 483 86.47 -37.36 15.88
N ASP A 484 86.20 -38.46 16.62
CA ASP A 484 85.78 -39.70 15.99
C ASP A 484 84.57 -39.50 15.12
N VAL A 485 83.64 -38.82 15.75
CA VAL A 485 82.40 -38.48 15.11
C VAL A 485 82.68 -37.81 13.79
N ASP A 486 83.55 -36.79 13.88
CA ASP A 486 83.92 -35.96 12.73
C ASP A 486 84.48 -36.76 11.60
N LEU A 487 85.39 -37.62 12.05
CA LEU A 487 86.04 -38.62 11.28
C LEU A 487 84.97 -39.31 10.43
N ARG A 488 84.04 -39.99 11.10
CA ARG A 488 83.01 -40.67 10.38
C ARG A 488 82.20 -39.75 9.46
N VAL A 489 81.86 -38.60 10.00
CA VAL A 489 81.09 -37.65 9.20
C VAL A 489 81.74 -37.27 7.86
N ASN A 490 83.02 -36.97 7.95
CA ASN A 490 83.71 -36.59 6.75
C ASN A 490 83.75 -37.67 5.68
N LEU A 491 83.86 -38.88 6.16
CA LEU A 491 83.92 -40.01 5.28
C LEU A 491 82.62 -40.02 4.50
N ALA A 492 81.53 -39.71 5.24
CA ALA A 492 80.21 -39.63 4.61
C ALA A 492 80.22 -38.47 3.64
N MET A 493 80.79 -37.37 4.14
CA MET A 493 80.95 -36.19 3.31
C MET A 493 81.69 -36.50 2.01
N ASN A 494 82.75 -37.28 2.17
CA ASN A 494 83.56 -37.66 1.02
C ASN A 494 82.83 -38.49 0.02
N VAL A 495 82.12 -39.55 0.51
CA VAL A 495 81.39 -40.42 -0.39
C VAL A 495 80.33 -39.76 -1.25
N GLY A 496 79.48 -38.98 -0.58
CA GLY A 496 78.41 -38.27 -1.22
C GLY A 496 79.06 -37.51 -2.34
N LYS A 497 80.17 -36.87 -1.93
CA LYS A 497 80.98 -36.15 -2.88
C LYS A 497 81.42 -37.07 -4.00
N ALA A 498 82.16 -38.13 -3.66
CA ALA A 498 82.61 -39.08 -4.67
C ALA A 498 81.46 -39.58 -5.54
N ARG A 499 80.38 -40.07 -4.92
CA ARG A 499 79.24 -40.63 -5.69
C ARG A 499 78.38 -39.50 -6.30
N GLY A 500 78.90 -38.30 -6.20
CA GLY A 500 78.25 -37.09 -6.76
C GLY A 500 76.86 -36.92 -6.19
N PHE A 501 76.77 -37.11 -4.89
CA PHE A 501 75.47 -37.04 -4.24
C PHE A 501 75.13 -35.63 -3.92
N PHE A 502 76.20 -34.91 -3.64
CA PHE A 502 76.16 -33.51 -3.29
C PHE A 502 77.54 -32.80 -3.55
N LYS A 503 77.49 -31.44 -3.68
CA LYS A 503 78.70 -30.56 -3.87
C LYS A 503 79.03 -29.82 -2.57
N LYS A 504 80.11 -29.04 -2.59
CA LYS A 504 80.43 -28.19 -1.43
C LYS A 504 79.34 -27.15 -1.38
N GLY A 505 78.92 -26.78 -0.17
CA GLY A 505 77.86 -25.81 -0.11
C GLY A 505 76.51 -26.49 -0.34
N ASP A 506 76.50 -27.80 -0.33
CA ASP A 506 75.25 -28.51 -0.46
C ASP A 506 74.78 -28.70 1.02
N VAL A 507 73.50 -29.00 1.29
CA VAL A 507 73.08 -29.16 2.70
C VAL A 507 72.64 -30.54 3.05
N VAL A 508 73.15 -30.93 4.19
CA VAL A 508 72.95 -32.24 4.67
C VAL A 508 72.54 -32.33 6.14
N ILE A 509 71.66 -33.31 6.45
CA ILE A 509 71.23 -33.56 7.83
C ILE A 509 72.12 -34.62 8.49
N VAL A 510 72.66 -34.26 9.64
CA VAL A 510 73.53 -35.17 10.34
C VAL A 510 73.00 -35.81 11.61
N LEU A 511 72.87 -37.11 11.56
CA LEU A 511 72.44 -37.80 12.76
C LEU A 511 73.60 -38.52 13.44
N THR A 512 73.89 -38.03 14.64
CA THR A 512 74.96 -38.57 15.45
C THR A 512 74.54 -38.74 16.89
N GLY A 513 75.40 -39.30 17.66
CA GLY A 513 75.06 -39.43 19.06
C GLY A 513 75.79 -38.41 19.92
N TRP A 514 75.11 -37.95 20.96
CA TRP A 514 75.70 -36.97 21.85
C TRP A 514 76.94 -37.49 22.57
N ARG A 515 76.80 -38.65 23.20
CA ARG A 515 77.94 -39.21 23.88
C ARG A 515 78.15 -40.63 23.43
N PRO A 516 79.40 -41.10 23.52
CA PRO A 516 79.72 -42.45 23.11
C PRO A 516 78.77 -43.40 23.86
N GLY A 517 78.17 -44.36 23.17
CA GLY A 517 77.20 -45.19 23.85
C GLY A 517 76.01 -44.30 24.24
N SER A 518 75.42 -43.68 23.19
CA SER A 518 74.30 -42.77 23.32
C SER A 518 72.94 -43.45 23.17
N GLY A 519 72.93 -44.68 22.70
CA GLY A 519 71.69 -45.41 22.52
C GLY A 519 71.31 -45.37 21.05
N PHE A 520 70.97 -44.17 20.67
CA PHE A 520 70.60 -43.90 19.33
C PHE A 520 71.14 -42.55 18.92
N THR A 521 70.91 -42.28 17.69
CA THR A 521 71.32 -41.04 17.16
C THR A 521 70.36 -39.99 17.73
N ASN A 522 70.77 -39.43 18.86
CA ASN A 522 69.99 -38.46 19.58
C ASN A 522 70.38 -37.03 19.27
N THR A 523 71.16 -36.85 18.19
CA THR A 523 71.64 -35.52 17.78
C THR A 523 71.45 -35.28 16.29
N MET A 524 70.81 -34.12 15.98
CA MET A 524 70.55 -33.77 14.61
C MET A 524 71.02 -32.36 14.28
N ARG A 525 71.66 -32.24 13.14
CA ARG A 525 72.18 -30.97 12.71
C ARG A 525 72.08 -30.79 11.26
N VAL A 526 71.89 -29.53 10.93
CA VAL A 526 71.86 -29.17 9.55
C VAL A 526 73.24 -28.68 9.26
N VAL A 527 73.85 -29.22 8.24
CA VAL A 527 75.19 -28.80 7.93
C VAL A 527 75.38 -28.71 6.44
N PRO A 528 76.30 -27.82 6.09
CA PRO A 528 76.70 -27.56 4.72
C PRO A 528 77.83 -28.50 4.36
N VAL A 529 77.85 -28.91 3.09
CA VAL A 529 78.90 -29.78 2.61
C VAL A 529 80.17 -28.96 2.47
N PRO A 530 81.24 -29.53 3.00
CA PRO A 530 82.56 -28.93 2.99
C PRO A 530 83.21 -28.97 1.58
N ILE B 12 41.69 -41.65 31.53
CA ILE B 12 41.42 -40.30 31.01
C ILE B 12 42.70 -39.52 30.67
N GLN B 13 43.00 -39.48 29.39
CA GLN B 13 44.18 -38.74 28.97
C GLN B 13 44.09 -37.29 29.41
N THR B 14 45.23 -36.63 29.25
CA THR B 14 45.35 -35.24 29.58
C THR B 14 45.47 -34.44 28.31
N GLN B 15 45.36 -33.14 28.48
CA GLN B 15 45.52 -32.16 27.45
C GLN B 15 44.93 -32.50 26.08
N GLN B 16 43.68 -32.90 26.10
CA GLN B 16 43.00 -33.23 24.85
C GLN B 16 43.74 -34.18 23.90
N LEU B 17 44.62 -34.98 24.50
CA LEU B 17 45.37 -35.93 23.73
C LEU B 17 44.46 -36.89 22.97
N HIS B 18 43.31 -37.21 23.56
CA HIS B 18 42.39 -38.11 22.89
C HIS B 18 41.89 -37.52 21.59
N ALA B 19 41.47 -36.22 21.65
CA ALA B 19 40.99 -35.52 20.45
C ALA B 19 42.17 -35.20 19.51
N ALA B 20 43.32 -35.05 20.15
CA ALA B 20 44.55 -34.80 19.44
C ALA B 20 44.73 -35.88 18.38
N MET B 21 44.11 -37.04 18.61
CA MET B 21 44.26 -38.18 17.73
C MET B 21 43.22 -38.35 16.69
N ALA B 22 42.35 -37.35 16.56
CA ALA B 22 41.25 -37.36 15.60
C ALA B 22 41.68 -37.23 14.15
N ASP B 23 40.85 -37.78 13.27
CA ASP B 23 41.13 -37.76 11.84
C ASP B 23 40.56 -36.56 11.17
N THR B 24 39.40 -36.15 11.66
CA THR B 24 38.73 -35.01 11.10
C THR B 24 38.48 -33.98 12.15
N PHE B 25 38.15 -32.83 11.67
CA PHE B 25 37.85 -31.74 12.60
C PHE B 25 36.64 -32.04 13.50
N LEU B 26 35.61 -32.53 12.84
CA LEU B 26 34.39 -32.96 13.46
C LEU B 26 34.76 -33.95 14.61
N GLU B 27 35.51 -35.03 14.28
CA GLU B 27 35.89 -36.00 15.32
C GLU B 27 36.61 -35.31 16.45
N HIS B 28 37.53 -34.39 16.06
CA HIS B 28 38.29 -33.59 17.04
C HIS B 28 37.38 -32.93 18.09
N MET B 29 36.34 -32.27 17.60
CA MET B 29 35.38 -31.63 18.46
C MET B 29 34.69 -32.60 19.34
N CYS B 30 34.07 -33.59 18.69
CA CYS B 30 33.32 -34.59 19.39
C CYS B 30 34.17 -35.20 20.49
N ARG B 31 35.48 -35.08 20.35
CA ARG B 31 36.33 -35.67 21.36
C ARG B 31 36.71 -34.79 22.50
N LEU B 32 36.35 -33.49 22.45
CA LEU B 32 36.73 -32.62 23.58
C LEU B 32 36.20 -33.07 24.92
N ASP B 33 37.09 -33.05 25.90
CA ASP B 33 36.73 -33.53 27.20
C ASP B 33 37.00 -32.64 28.38
N ILE B 34 35.91 -32.24 29.01
CA ILE B 34 36.08 -31.39 30.17
C ILE B 34 36.86 -32.04 31.27
N ASP B 35 36.94 -33.35 31.22
CA ASP B 35 37.66 -34.05 32.28
C ASP B 35 39.12 -34.29 31.93
N SER B 36 39.47 -33.88 30.70
CA SER B 36 40.83 -33.98 30.22
C SER B 36 41.61 -32.74 30.61
N ALA B 37 42.41 -32.86 31.67
CA ALA B 37 43.22 -31.79 32.20
C ALA B 37 44.35 -31.34 31.27
N PRO B 38 44.62 -30.05 31.38
CA PRO B 38 45.63 -29.39 30.60
C PRO B 38 46.88 -29.14 31.43
N ILE B 39 47.95 -28.94 30.72
CA ILE B 39 49.19 -28.71 31.38
C ILE B 39 49.20 -27.38 32.12
N THR B 40 50.14 -27.24 33.01
CA THR B 40 50.29 -26.04 33.78
C THR B 40 50.66 -24.84 32.92
N ALA B 41 51.55 -25.08 31.94
CA ALA B 41 52.06 -24.04 31.06
C ALA B 41 51.01 -23.48 30.09
N ARG B 42 50.81 -22.16 30.25
CA ARG B 42 49.90 -21.40 29.45
C ARG B 42 50.72 -20.66 28.39
N ASN B 43 50.49 -20.99 27.12
CA ASN B 43 51.25 -20.45 26.01
C ASN B 43 50.90 -19.07 25.49
N THR B 44 49.61 -18.76 25.56
CA THR B 44 49.06 -17.51 25.08
C THR B 44 49.33 -16.32 25.97
N GLY B 45 50.02 -15.36 25.36
CA GLY B 45 50.41 -14.17 26.06
C GLY B 45 49.23 -13.31 26.42
N ILE B 46 49.33 -12.82 27.64
CA ILE B 46 48.34 -11.93 28.22
C ILE B 46 48.78 -10.47 28.33
N ILE B 47 48.14 -9.63 27.50
CA ILE B 47 48.46 -8.20 27.51
C ILE B 47 47.50 -7.39 28.38
N CYS B 48 48.00 -6.82 29.46
CA CYS B 48 47.14 -6.07 30.33
C CYS B 48 47.31 -4.53 30.30
N THR B 49 46.26 -3.81 29.93
CA THR B 49 46.30 -2.35 29.98
C THR B 49 46.37 -1.88 31.45
N ILE B 50 47.44 -1.18 31.85
CA ILE B 50 47.62 -0.67 33.22
C ILE B 50 46.90 0.68 33.47
N GLY B 51 46.39 0.88 34.67
CA GLY B 51 45.71 2.15 34.94
C GLY B 51 45.47 2.33 36.42
N PRO B 52 44.51 3.21 36.74
CA PRO B 52 44.18 3.48 38.12
C PRO B 52 43.89 2.22 38.91
N ALA B 53 43.41 1.19 38.24
CA ALA B 53 43.16 -0.03 38.95
C ALA B 53 44.41 -0.87 39.18
N SER B 54 45.35 -0.85 38.25
CA SER B 54 46.54 -1.72 38.32
C SER B 54 47.94 -1.11 38.60
N ARG B 55 48.07 0.21 38.45
CA ARG B 55 49.28 1.03 38.62
C ARG B 55 50.18 0.77 39.77
N SER B 56 49.61 0.50 40.90
CA SER B 56 50.43 0.27 42.04
C SER B 56 51.34 -0.95 41.91
N VAL B 57 52.47 -0.82 42.59
CA VAL B 57 53.47 -1.83 42.68
C VAL B 57 52.94 -3.15 43.19
N GLU B 58 52.24 -3.05 44.33
CA GLU B 58 51.62 -4.19 45.01
C GLU B 58 50.69 -4.94 44.06
N THR B 59 49.86 -4.15 43.41
CA THR B 59 48.94 -4.69 42.45
C THR B 59 49.64 -5.25 41.26
N LEU B 60 50.63 -4.49 40.80
CA LEU B 60 51.48 -4.83 39.68
C LEU B 60 52.21 -6.14 40.01
N LYS B 61 52.48 -6.32 41.30
CA LYS B 61 53.10 -7.54 41.71
C LYS B 61 52.09 -8.67 41.51
N GLU B 62 50.85 -8.39 41.90
CA GLU B 62 49.79 -9.36 41.75
C GLU B 62 49.47 -9.67 40.30
N MET B 63 49.43 -8.63 39.49
CA MET B 63 49.18 -8.80 38.07
C MET B 63 50.19 -9.79 37.46
N ILE B 64 51.43 -9.62 37.87
CA ILE B 64 52.50 -10.45 37.40
C ILE B 64 52.27 -11.87 37.86
N LYS B 65 52.01 -12.01 39.14
CA LYS B 65 51.76 -13.31 39.73
C LYS B 65 50.59 -14.01 39.08
N SER B 66 49.60 -13.19 38.71
CA SER B 66 48.38 -13.64 38.06
C SER B 66 48.57 -14.11 36.64
N GLY B 67 49.66 -13.70 35.98
CA GLY B 67 49.90 -14.12 34.60
C GLY B 67 50.17 -12.98 33.60
N MET B 68 50.24 -11.72 34.08
CA MET B 68 50.51 -10.60 33.20
C MET B 68 51.89 -10.74 32.56
N ASN B 69 51.91 -10.64 31.22
CA ASN B 69 53.18 -10.78 30.52
C ASN B 69 53.59 -9.43 29.95
N VAL B 70 52.58 -8.74 29.45
CA VAL B 70 52.79 -7.45 28.85
C VAL B 70 51.94 -6.41 29.52
N ALA B 71 52.60 -5.30 29.93
CA ALA B 71 51.99 -4.11 30.50
C ALA B 71 51.73 -3.10 29.35
N ARG B 72 50.48 -2.78 29.06
CA ARG B 72 50.18 -1.85 27.97
C ARG B 72 49.92 -0.39 28.37
N MET B 73 50.61 0.56 27.72
CA MET B 73 50.47 1.98 28.03
C MET B 73 49.58 2.65 27.02
N ASN B 74 48.38 2.96 27.46
CA ASN B 74 47.43 3.61 26.56
C ASN B 74 47.74 5.08 26.45
N PHE B 75 48.40 5.44 25.38
CA PHE B 75 48.75 6.83 25.29
C PHE B 75 47.62 7.74 24.99
N SER B 76 46.43 7.15 24.89
CA SER B 76 45.21 7.87 24.56
C SER B 76 44.86 8.94 25.58
N HIS B 77 45.37 8.78 26.77
CA HIS B 77 45.17 9.75 27.81
C HIS B 77 46.41 9.73 28.70
N GLY B 78 46.46 10.66 29.65
CA GLY B 78 47.56 10.80 30.60
C GLY B 78 48.80 11.48 29.98
N THR B 79 49.65 11.96 30.88
CA THR B 79 50.88 12.65 30.51
C THR B 79 52.11 11.74 30.53
N HIS B 80 53.19 12.24 29.92
CA HIS B 80 54.46 11.54 29.87
C HIS B 80 54.86 11.26 31.27
N GLU B 81 54.57 12.27 32.10
CA GLU B 81 54.86 12.21 33.51
C GLU B 81 54.07 11.07 34.23
N TYR B 82 52.82 10.84 33.79
CA TYR B 82 51.98 9.80 34.34
C TYR B 82 52.54 8.45 33.95
N HIS B 83 52.54 8.21 32.63
CA HIS B 83 52.97 6.95 32.01
C HIS B 83 54.30 6.51 32.48
N ALA B 84 55.22 7.46 32.49
CA ALA B 84 56.55 7.18 32.97
C ALA B 84 56.46 6.61 34.39
N GLU B 85 55.47 7.10 35.13
CA GLU B 85 55.33 6.65 36.49
C GLU B 85 54.79 5.24 36.55
N THR B 86 53.93 4.96 35.59
CA THR B 86 53.38 3.62 35.43
C THR B 86 54.54 2.68 35.08
N ILE B 87 55.29 3.01 34.00
CA ILE B 87 56.47 2.23 33.54
C ILE B 87 57.42 1.95 34.68
N LYS B 88 57.58 2.97 35.49
CA LYS B 88 58.41 2.93 36.68
C LYS B 88 58.01 1.76 37.55
N ASN B 89 56.73 1.82 37.95
CA ASN B 89 56.12 0.84 38.85
C ASN B 89 56.16 -0.52 38.28
N VAL B 90 55.92 -0.57 36.98
CA VAL B 90 56.00 -1.83 36.31
C VAL B 90 57.37 -2.41 36.45
N ARG B 91 58.36 -1.56 36.17
CA ARG B 91 59.71 -2.04 36.25
C ARG B 91 60.02 -2.41 37.69
N THR B 92 59.51 -1.59 38.58
CA THR B 92 59.71 -1.86 39.98
C THR B 92 59.12 -3.20 40.40
N ALA B 93 57.87 -3.42 40.01
CA ALA B 93 57.20 -4.67 40.31
C ALA B 93 57.92 -5.88 39.72
N THR B 94 58.31 -5.81 38.43
CA THR B 94 59.01 -6.92 37.76
C THR B 94 60.24 -7.39 38.50
N GLU B 95 61.08 -6.43 38.82
CA GLU B 95 62.34 -6.69 39.49
C GLU B 95 62.26 -7.32 40.87
N SER B 96 61.11 -7.17 41.47
CA SER B 96 60.91 -7.72 42.77
C SER B 96 61.21 -9.24 42.78
N PHE B 97 61.05 -9.89 41.64
CA PHE B 97 61.30 -11.31 41.62
C PHE B 97 62.69 -11.71 41.15
N ALA B 98 63.44 -10.71 40.62
CA ALA B 98 64.77 -10.90 40.06
C ALA B 98 65.74 -11.64 40.97
N SER B 99 65.51 -11.43 42.26
CA SER B 99 66.26 -12.03 43.35
C SER B 99 66.34 -13.53 43.15
N ASP B 100 65.39 -14.04 42.36
CA ASP B 100 65.28 -15.44 42.05
C ASP B 100 65.25 -15.70 40.56
N PRO B 101 66.45 -15.63 39.98
CA PRO B 101 66.72 -15.81 38.56
C PRO B 101 65.88 -16.91 37.94
N ILE B 102 65.51 -17.87 38.79
CA ILE B 102 64.69 -18.99 38.38
C ILE B 102 63.25 -18.58 38.39
N LEU B 103 62.87 -17.97 39.50
CA LEU B 103 61.51 -17.50 39.62
C LEU B 103 61.25 -16.10 39.06
N TYR B 104 62.26 -15.59 38.35
CA TYR B 104 62.17 -14.30 37.72
C TYR B 104 61.46 -14.43 36.38
N ARG B 105 60.49 -13.49 36.16
CA ARG B 105 59.66 -13.49 34.94
C ARG B 105 59.68 -12.09 34.30
N PRO B 106 60.22 -12.06 33.06
CA PRO B 106 60.28 -10.86 32.22
C PRO B 106 58.90 -10.30 31.90
N VAL B 107 58.76 -8.98 31.91
CA VAL B 107 57.48 -8.36 31.61
C VAL B 107 57.73 -7.26 30.62
N ALA B 108 57.05 -7.33 29.48
CA ALA B 108 57.21 -6.34 28.44
C ALA B 108 56.49 -5.05 28.72
N VAL B 109 56.89 -4.02 27.98
CA VAL B 109 56.30 -2.70 28.10
C VAL B 109 55.85 -2.26 26.73
N ALA B 110 54.56 -1.95 26.60
CA ALA B 110 54.05 -1.55 25.30
C ALA B 110 53.45 -0.17 25.37
N LEU B 111 53.61 0.53 24.25
CA LEU B 111 53.13 1.86 24.08
C LEU B 111 52.06 1.83 23.04
N ASP B 112 50.86 2.28 23.47
CA ASP B 112 49.69 2.28 22.65
C ASP B 112 49.32 3.70 22.25
N THR B 113 49.54 3.98 20.97
CA THR B 113 49.32 5.32 20.46
C THR B 113 47.91 5.80 20.44
N LYS B 114 47.79 7.05 20.82
CA LYS B 114 46.53 7.71 20.78
C LYS B 114 46.00 7.62 19.36
N GLY B 115 46.92 7.88 18.43
CA GLY B 115 46.66 7.80 17.00
C GLY B 115 45.89 9.00 16.49
N PRO B 116 45.52 8.89 15.22
CA PRO B 116 44.72 9.89 14.53
C PRO B 116 43.31 10.06 15.15
N GLU B 117 42.76 11.26 15.11
CA GLU B 117 41.43 11.47 15.66
C GLU B 117 40.61 12.60 15.05
N ILE B 118 39.29 12.39 15.05
CA ILE B 118 38.35 13.37 14.61
C ILE B 118 37.51 13.71 15.82
N ARG B 119 37.32 15.00 16.11
CA ARG B 119 36.54 15.42 17.29
C ARG B 119 35.65 16.58 16.96
N THR B 120 34.48 16.62 17.57
CA THR B 120 33.52 17.68 17.31
C THR B 120 33.86 18.83 18.21
N GLY B 121 33.09 19.93 18.04
CA GLY B 121 33.28 21.12 18.87
C GLY B 121 32.49 21.14 20.20
N LEU B 122 32.53 22.31 20.84
CA LEU B 122 31.83 22.55 22.09
C LEU B 122 30.39 22.93 21.87
N ILE B 123 29.55 22.37 22.71
CA ILE B 123 28.14 22.64 22.64
C ILE B 123 27.80 23.90 23.41
N LYS B 124 27.32 24.89 22.69
CA LYS B 124 26.96 26.17 23.26
C LYS B 124 28.08 26.77 24.09
N GLY B 125 29.26 26.79 23.49
CA GLY B 125 30.46 27.34 24.13
C GLY B 125 30.80 26.71 25.45
N SER B 126 30.12 25.59 25.77
CA SER B 126 30.30 24.85 27.01
C SER B 126 30.82 23.41 26.80
N GLY B 127 31.64 22.97 27.72
CA GLY B 127 32.24 21.65 27.65
C GLY B 127 31.34 20.63 28.29
N THR B 128 30.37 21.14 29.02
CA THR B 128 29.48 20.23 29.65
C THR B 128 28.07 20.23 29.09
N ALA B 129 27.77 21.14 28.17
CA ALA B 129 26.41 21.17 27.70
C ALA B 129 26.00 20.06 26.74
N GLU B 130 24.68 19.90 26.60
CA GLU B 130 24.15 18.91 25.68
C GLU B 130 22.91 19.37 24.94
N VAL B 131 22.70 18.74 23.80
CA VAL B 131 21.59 18.98 22.92
C VAL B 131 21.00 17.61 22.57
N GLU B 132 19.86 17.60 21.94
CA GLU B 132 19.28 16.34 21.56
C GLU B 132 18.99 16.30 20.09
N LEU B 133 19.67 15.39 19.42
CA LEU B 133 19.39 15.27 18.02
C LEU B 133 18.24 14.31 17.88
N LYS B 134 17.36 14.65 16.98
CA LYS B 134 16.19 13.82 16.78
C LYS B 134 16.23 13.24 15.37
N LYS B 135 15.91 11.96 15.35
CA LYS B 135 15.90 11.15 14.14
C LYS B 135 15.04 11.76 13.09
N GLY B 136 15.61 11.85 11.96
CA GLY B 136 14.89 12.35 10.87
C GLY B 136 15.21 13.82 10.58
N ALA B 137 15.80 14.49 11.58
CA ALA B 137 16.16 15.89 11.48
C ALA B 137 17.39 16.13 10.63
N THR B 138 17.55 17.38 10.29
CA THR B 138 18.68 17.80 9.48
C THR B 138 19.71 18.39 10.37
N LEU B 139 20.95 18.12 10.02
CA LEU B 139 22.05 18.63 10.75
C LEU B 139 23.17 18.96 9.81
N LYS B 140 23.68 20.17 10.00
CA LYS B 140 24.78 20.70 9.22
C LYS B 140 26.12 20.63 9.90
N ILE B 141 27.04 20.04 9.15
CA ILE B 141 28.39 19.91 9.61
C ILE B 141 29.10 21.01 8.87
N THR B 142 29.88 21.82 9.60
CA THR B 142 30.69 22.90 9.05
C THR B 142 32.11 22.76 9.51
N LEU B 143 33.05 23.32 8.73
CA LEU B 143 34.45 23.25 9.07
C LEU B 143 34.94 24.60 9.50
N ASP B 144 33.99 25.51 9.35
CA ASP B 144 34.16 26.89 9.70
C ASP B 144 34.34 27.06 11.20
N ASN B 145 35.61 27.25 11.59
CA ASN B 145 36.06 27.43 12.97
C ASN B 145 35.31 28.57 13.68
N ALA B 146 34.51 29.27 12.92
CA ALA B 146 33.71 30.33 13.44
C ALA B 146 32.74 29.70 14.43
N TYR B 147 32.47 28.43 14.17
CA TYR B 147 31.54 27.67 14.97
C TYR B 147 32.17 26.64 15.82
N MET B 148 33.45 26.68 15.87
CA MET B 148 34.14 25.69 16.62
C MET B 148 33.71 25.55 18.08
N GLU B 149 33.01 26.54 18.59
CA GLU B 149 32.50 26.49 19.96
C GLU B 149 31.01 26.87 20.01
N LYS B 150 30.34 26.84 18.84
CA LYS B 150 28.92 27.17 18.69
C LYS B 150 28.06 26.01 18.18
N CYS B 151 28.47 24.77 18.53
CA CYS B 151 27.77 23.56 18.13
C CYS B 151 26.39 23.46 18.74
N ASP B 152 25.46 22.95 17.97
CA ASP B 152 24.13 22.86 18.46
C ASP B 152 23.35 21.86 17.65
N GLU B 153 22.06 21.81 17.94
CA GLU B 153 21.12 20.90 17.30
C GLU B 153 21.07 21.04 15.80
N ASN B 154 21.59 22.15 15.28
CA ASN B 154 21.55 22.31 13.85
C ASN B 154 22.91 22.33 13.18
N ILE B 155 23.90 22.80 13.93
CA ILE B 155 25.26 22.93 13.43
C ILE B 155 26.28 22.25 14.28
N LEU B 156 27.11 21.42 13.60
CA LEU B 156 28.21 20.67 14.21
C LEU B 156 29.56 20.97 13.56
N TRP B 157 30.48 21.39 14.36
CA TRP B 157 31.78 21.67 13.84
C TRP B 157 32.70 20.55 14.29
N LEU B 158 33.60 20.22 13.37
CA LEU B 158 34.60 19.18 13.61
C LEU B 158 36.00 19.63 13.16
N ASP B 159 36.89 18.88 13.74
CA ASP B 159 38.36 18.97 13.69
C ASP B 159 39.02 18.65 12.34
N TYR B 160 38.38 17.79 11.57
CA TYR B 160 38.96 17.25 10.32
C TYR B 160 38.70 18.10 9.12
N LYS B 161 39.65 18.94 8.86
CA LYS B 161 39.51 19.84 7.77
C LYS B 161 39.26 19.23 6.43
N ASN B 162 39.77 18.04 6.18
CA ASN B 162 39.56 17.47 4.86
C ASN B 162 38.36 16.60 4.63
N ILE B 163 37.53 16.50 5.64
CA ILE B 163 36.33 15.69 5.59
C ILE B 163 35.54 15.59 4.29
N CYS B 164 35.11 16.72 3.75
CA CYS B 164 34.34 16.66 2.53
C CYS B 164 35.02 15.96 1.38
N LYS B 165 36.33 15.92 1.45
CA LYS B 165 37.12 15.27 0.44
C LYS B 165 37.03 13.75 0.51
N VAL B 166 36.92 13.17 1.70
CA VAL B 166 36.89 11.73 1.84
C VAL B 166 35.52 11.09 2.05
N VAL B 167 34.48 11.90 2.26
CA VAL B 167 33.13 11.36 2.45
C VAL B 167 32.19 11.59 1.30
N ASP B 168 31.29 10.64 1.09
CA ASP B 168 30.41 10.79 -0.08
C ASP B 168 28.94 10.87 0.37
N VAL B 169 28.20 11.52 -0.56
CA VAL B 169 26.78 11.63 -0.34
C VAL B 169 26.24 10.23 -0.17
N GLY B 170 25.43 10.05 0.85
CA GLY B 170 24.88 8.77 1.12
C GLY B 170 25.78 8.00 2.07
N SER B 171 26.77 8.68 2.57
CA SER B 171 27.63 7.99 3.48
C SER B 171 27.25 8.30 4.91
N LYS B 172 27.78 7.57 5.88
CA LYS B 172 27.42 7.87 7.23
C LYS B 172 28.53 8.46 8.03
N VAL B 173 28.10 9.33 8.95
CA VAL B 173 28.95 9.96 9.90
C VAL B 173 28.48 9.48 11.25
N TYR B 174 29.38 9.01 12.07
CA TYR B 174 29.07 8.52 13.37
C TYR B 174 29.67 9.43 14.39
N VAL B 175 28.88 9.76 15.38
CA VAL B 175 29.39 10.61 16.43
C VAL B 175 29.19 9.89 17.71
N ASP B 176 30.18 10.06 18.57
CA ASP B 176 30.17 9.50 19.93
C ASP B 176 30.18 8.00 20.00
N ASP B 177 31.22 7.36 19.52
CA ASP B 177 31.28 5.90 19.54
C ASP B 177 30.14 5.29 18.80
N GLY B 178 29.79 5.88 17.69
CA GLY B 178 28.71 5.37 16.85
C GLY B 178 27.34 5.52 17.46
N LEU B 179 27.32 6.12 18.66
CA LEU B 179 26.06 6.34 19.35
C LEU B 179 25.15 7.11 18.46
N ILE B 180 25.70 8.12 17.82
CA ILE B 180 24.91 8.87 16.92
C ILE B 180 25.35 8.61 15.51
N SER B 181 24.36 8.35 14.66
CA SER B 181 24.62 8.08 13.25
C SER B 181 23.98 9.16 12.39
N LEU B 182 24.72 9.60 11.36
CA LEU B 182 24.28 10.67 10.47
C LEU B 182 24.42 10.25 9.02
N GLN B 183 23.48 10.64 8.18
CA GLN B 183 23.56 10.28 6.76
C GLN B 183 23.75 11.49 5.88
N VAL B 184 24.86 11.50 5.13
CA VAL B 184 25.22 12.59 4.24
C VAL B 184 24.25 12.77 3.08
N LYS B 185 23.64 13.95 3.03
CA LYS B 185 22.67 14.24 1.96
C LYS B 185 23.20 15.28 1.00
N GLN B 186 24.06 16.16 1.51
CA GLN B 186 24.69 17.19 0.69
C GLN B 186 26.12 17.52 1.09
N LYS B 187 26.93 17.71 0.06
CA LYS B 187 28.33 17.99 0.25
C LYS B 187 28.84 19.27 -0.42
N GLY B 188 29.51 20.07 0.38
CA GLY B 188 30.12 21.26 -0.08
C GLY B 188 31.59 21.12 0.24
N PRO B 189 32.35 22.18 0.05
CA PRO B 189 33.79 22.17 0.28
C PRO B 189 34.10 22.56 1.69
N ASP B 190 33.04 22.83 2.40
CA ASP B 190 33.25 23.32 3.71
C ASP B 190 32.28 22.75 4.69
N PHE B 191 31.31 22.00 4.18
CA PHE B 191 30.27 21.47 5.05
C PHE B 191 29.58 20.29 4.46
N LEU B 192 28.88 19.60 5.36
CA LEU B 192 28.05 18.48 5.01
C LEU B 192 26.67 18.74 5.58
N VAL B 193 25.70 18.36 4.82
CA VAL B 193 24.33 18.45 5.24
C VAL B 193 23.90 17.00 5.48
N THR B 194 23.54 16.70 6.70
CA THR B 194 23.13 15.35 7.00
C THR B 194 21.73 15.23 7.57
N GLU B 195 21.35 14.00 7.67
CA GLU B 195 20.09 13.62 8.22
C GLU B 195 20.26 12.63 9.37
N VAL B 196 19.75 12.99 10.54
CA VAL B 196 19.85 12.16 11.70
C VAL B 196 19.13 10.85 11.48
N GLU B 197 19.84 9.77 11.67
CA GLU B 197 19.21 8.48 11.52
C GLU B 197 19.00 7.95 12.92
N ASN B 198 20.09 7.99 13.63
CA ASN B 198 20.15 7.57 15.02
C ASN B 198 20.38 8.79 15.88
N GLY B 199 19.28 9.23 16.44
CA GLY B 199 19.24 10.41 17.30
C GLY B 199 19.98 10.15 18.64
N GLY B 200 19.82 11.13 19.55
CA GLY B 200 20.41 11.16 20.90
C GLY B 200 20.86 12.56 21.29
N PHE B 201 21.39 12.61 22.50
CA PHE B 201 21.98 13.80 23.07
C PHE B 201 23.37 13.97 22.55
N LEU B 202 23.67 15.18 22.20
CA LEU B 202 24.98 15.46 21.73
C LEU B 202 25.70 16.31 22.76
N GLY B 203 26.88 15.84 23.18
CA GLY B 203 27.76 16.55 24.10
C GLY B 203 28.85 17.27 23.25
N SER B 204 29.84 17.88 23.87
CA SER B 204 30.92 18.55 23.21
C SER B 204 32.09 17.62 23.04
N LYS B 205 32.89 17.93 22.03
CA LYS B 205 34.11 17.21 21.75
C LYS B 205 33.99 15.68 21.74
N LYS B 206 33.04 15.20 21.00
CA LYS B 206 32.82 13.79 20.84
C LYS B 206 33.57 13.27 19.61
N GLY B 207 33.91 12.00 19.63
CA GLY B 207 34.60 11.41 18.51
C GLY B 207 33.73 11.12 17.29
N VAL B 208 34.40 11.17 16.13
CA VAL B 208 33.77 10.92 14.85
C VAL B 208 34.39 9.77 14.15
N ASN B 209 33.58 9.09 13.39
CA ASN B 209 34.03 7.93 12.70
C ASN B 209 33.45 8.00 11.33
N LEU B 210 34.26 7.72 10.33
CA LEU B 210 33.77 7.77 8.97
C LEU B 210 33.82 6.39 8.32
N PRO B 211 32.84 5.56 8.64
CA PRO B 211 32.81 4.24 8.08
C PRO B 211 32.92 4.22 6.56
N GLY B 212 33.91 3.45 6.09
CA GLY B 212 34.20 3.22 4.67
C GLY B 212 35.00 4.31 4.01
N ALA B 213 35.53 5.23 4.85
CA ALA B 213 36.31 6.36 4.37
C ALA B 213 37.79 6.11 4.28
N ALA B 214 38.36 6.60 3.18
CA ALA B 214 39.79 6.54 3.04
C ALA B 214 40.37 7.90 3.45
N VAL B 215 40.47 8.04 4.80
CA VAL B 215 40.94 9.19 5.53
C VAL B 215 42.39 9.58 5.29
N ASP B 216 42.54 10.86 4.97
CA ASP B 216 43.80 11.44 4.69
C ASP B 216 44.54 12.01 5.88
N LEU B 217 44.10 11.61 7.05
CA LEU B 217 44.79 12.08 8.21
C LEU B 217 46.16 11.42 8.26
N PRO B 218 47.14 12.12 8.80
CA PRO B 218 48.48 11.59 8.84
C PRO B 218 48.58 10.34 9.64
N ALA B 219 49.55 9.49 9.24
CA ALA B 219 49.79 8.27 9.94
C ALA B 219 49.99 8.54 11.42
N VAL B 220 50.76 9.60 11.73
CA VAL B 220 51.07 9.99 13.10
C VAL B 220 50.73 11.44 13.40
N SER B 221 50.01 11.63 14.49
CA SER B 221 49.69 12.99 14.87
C SER B 221 50.94 13.66 15.39
N GLU B 222 50.82 14.91 15.68
CA GLU B 222 51.97 15.56 16.25
C GLU B 222 52.22 14.95 17.64
N LYS B 223 51.12 14.71 18.33
CA LYS B 223 51.18 14.16 19.64
C LYS B 223 51.88 12.84 19.54
N ASP B 224 51.46 12.11 18.50
CA ASP B 224 51.98 10.80 18.23
C ASP B 224 53.50 10.81 18.20
N ILE B 225 54.05 11.62 17.29
CA ILE B 225 55.48 11.76 17.13
C ILE B 225 56.16 11.90 18.47
N GLN B 226 55.55 12.77 19.29
CA GLN B 226 56.06 13.01 20.63
C GLN B 226 56.04 11.80 21.54
N ASP B 227 54.96 11.03 21.49
CA ASP B 227 54.88 9.87 22.35
C ASP B 227 55.87 8.78 21.99
N LEU B 228 55.97 8.53 20.71
CA LEU B 228 56.89 7.57 20.17
C LEU B 228 58.31 7.91 20.63
N LYS B 229 58.70 9.18 20.48
CA LYS B 229 60.06 9.58 20.87
C LYS B 229 60.27 9.32 22.32
N PHE B 230 59.18 9.53 23.00
CA PHE B 230 59.10 9.30 24.40
C PHE B 230 59.31 7.81 24.66
N GLY B 231 58.55 7.02 23.96
CA GLY B 231 58.66 5.59 24.10
C GLY B 231 60.07 5.10 23.85
N VAL B 232 60.73 5.72 22.88
CA VAL B 232 62.11 5.35 22.61
C VAL B 232 62.97 5.67 23.84
N GLU B 233 62.77 6.88 24.40
CA GLU B 233 63.52 7.36 25.55
C GLU B 233 63.21 6.53 26.75
N GLN B 234 62.00 5.97 26.76
CA GLN B 234 61.52 5.11 27.84
C GLN B 234 61.98 3.67 27.65
N ASP B 235 62.46 3.35 26.45
CA ASP B 235 62.95 2.02 26.19
C ASP B 235 61.84 0.96 26.15
N VAL B 236 60.75 1.29 25.47
CA VAL B 236 59.68 0.34 25.36
C VAL B 236 60.07 -0.89 24.50
N ASP B 237 59.28 -1.93 24.57
CA ASP B 237 59.56 -3.14 23.82
C ASP B 237 58.80 -3.20 22.51
N MET B 238 57.68 -2.53 22.47
CA MET B 238 56.91 -2.50 21.26
C MET B 238 56.00 -1.32 21.27
N VAL B 239 55.47 -1.10 20.10
CA VAL B 239 54.54 -0.06 19.96
C VAL B 239 53.29 -0.58 19.28
N PHE B 240 52.15 -0.21 19.83
CA PHE B 240 50.87 -0.60 19.24
C PHE B 240 50.39 0.66 18.52
N ALA B 241 50.44 0.63 17.20
CA ALA B 241 50.14 1.78 16.39
C ALA B 241 48.73 1.89 15.93
N SER B 242 48.03 2.86 16.51
CA SER B 242 46.65 3.11 16.19
C SER B 242 46.36 3.59 14.79
N PHE B 243 45.24 3.11 14.32
CA PHE B 243 44.74 3.53 13.04
C PHE B 243 45.53 3.24 11.79
N ILE B 244 46.34 2.18 11.78
CA ILE B 244 47.05 1.84 10.55
C ILE B 244 46.09 1.54 9.37
N ARG B 245 46.27 2.24 8.25
CA ARG B 245 45.43 2.09 7.08
C ARG B 245 46.15 1.61 5.83
N LYS B 246 47.48 1.61 5.88
CA LYS B 246 48.25 1.16 4.75
C LYS B 246 49.73 1.06 5.11
N ALA B 247 50.51 0.33 4.30
CA ALA B 247 51.93 0.15 4.54
C ALA B 247 52.63 1.46 4.88
N ALA B 248 52.39 2.49 4.06
CA ALA B 248 52.96 3.82 4.27
C ALA B 248 52.89 4.30 5.69
N ASP B 249 51.72 4.06 6.30
CA ASP B 249 51.58 4.52 7.66
C ASP B 249 52.54 3.79 8.57
N VAL B 250 52.77 2.48 8.29
CA VAL B 250 53.68 1.71 9.12
C VAL B 250 55.06 2.29 8.96
N HIS B 251 55.41 2.62 7.70
CA HIS B 251 56.70 3.19 7.34
C HIS B 251 56.89 4.53 8.06
N GLU B 252 55.80 5.27 8.14
CA GLU B 252 55.87 6.53 8.82
C GLU B 252 56.28 6.34 10.27
N VAL B 253 55.73 5.33 10.91
CA VAL B 253 56.04 5.06 12.32
C VAL B 253 57.44 4.57 12.54
N ARG B 254 57.86 3.75 11.59
CA ARG B 254 59.18 3.19 11.59
C ARG B 254 60.17 4.34 11.59
N LYS B 255 59.91 5.26 10.67
CA LYS B 255 60.69 6.45 10.49
C LYS B 255 60.85 7.27 11.78
N ILE B 256 59.76 7.50 12.49
CA ILE B 256 59.79 8.26 13.76
C ILE B 256 60.66 7.57 14.80
N LEU B 257 60.45 6.26 14.97
CA LEU B 257 61.22 5.51 15.94
C LEU B 257 62.69 5.52 15.53
N GLY B 258 62.92 5.57 14.20
CA GLY B 258 64.25 5.61 13.58
C GLY B 258 65.25 4.59 14.10
N GLU B 259 66.51 4.82 13.76
CA GLU B 259 67.66 4.00 14.10
C GLU B 259 67.80 3.75 15.60
N LYS B 260 67.43 4.75 16.42
CA LYS B 260 67.57 4.53 17.85
C LYS B 260 66.58 3.48 18.31
N GLY B 261 65.42 3.49 17.69
CA GLY B 261 64.40 2.52 18.07
C GLY B 261 64.15 1.45 17.02
N LYS B 262 65.17 1.15 16.21
CA LYS B 262 65.01 0.17 15.17
C LYS B 262 64.68 -1.21 15.73
N ASN B 263 64.97 -1.44 16.98
CA ASN B 263 64.68 -2.76 17.53
C ASN B 263 63.35 -2.83 18.21
N ILE B 264 62.59 -1.78 18.07
CA ILE B 264 61.34 -1.75 18.72
C ILE B 264 60.27 -2.39 17.87
N LYS B 265 59.49 -3.24 18.49
CA LYS B 265 58.47 -3.93 17.75
C LYS B 265 57.23 -3.09 17.54
N ILE B 266 56.92 -2.98 16.27
CA ILE B 266 55.79 -2.21 15.84
C ILE B 266 54.69 -3.14 15.50
N ILE B 267 53.63 -2.97 16.26
CA ILE B 267 52.41 -3.71 16.07
C ILE B 267 51.39 -2.77 15.48
N SER B 268 50.83 -3.09 14.34
CA SER B 268 49.84 -2.20 13.74
C SER B 268 48.45 -2.56 14.17
N LYS B 269 47.64 -1.56 14.44
CA LYS B 269 46.27 -1.80 14.84
C LYS B 269 45.29 -1.67 13.70
N ILE B 270 44.62 -2.80 13.38
CA ILE B 270 43.60 -2.85 12.32
C ILE B 270 42.28 -2.43 12.96
N GLU B 271 41.78 -1.26 12.55
CA GLU B 271 40.57 -0.67 13.16
C GLU B 271 39.56 -0.13 12.21
N ASN B 272 39.68 -0.46 10.92
CA ASN B 272 38.70 0.09 10.03
C ASN B 272 38.69 -0.63 8.70
N HIS B 273 37.72 -0.34 7.83
CA HIS B 273 37.68 -1.00 6.53
C HIS B 273 38.99 -1.00 5.76
N GLU B 274 39.54 0.19 5.59
CA GLU B 274 40.76 0.39 4.85
C GLU B 274 41.82 -0.58 5.31
N GLY B 275 42.07 -0.48 6.61
CA GLY B 275 43.00 -1.33 7.29
C GLY B 275 42.76 -2.78 6.93
N VAL B 276 41.49 -3.14 6.87
CA VAL B 276 41.18 -4.51 6.53
C VAL B 276 41.44 -4.78 5.08
N ARG B 277 41.02 -3.86 4.25
CA ARG B 277 41.24 -4.08 2.85
C ARG B 277 42.70 -4.02 2.41
N ARG B 278 43.54 -3.29 3.13
CA ARG B 278 44.94 -3.17 2.76
C ARG B 278 45.83 -3.84 3.74
N PHE B 279 45.24 -4.89 4.32
CA PHE B 279 45.88 -5.65 5.36
C PHE B 279 47.16 -6.31 4.91
N ASP B 280 47.11 -6.86 3.72
CA ASP B 280 48.25 -7.57 3.19
C ASP B 280 49.55 -6.78 3.22
N GLU B 281 49.50 -5.53 2.72
CA GLU B 281 50.66 -4.65 2.69
C GLU B 281 51.03 -4.23 4.07
N ILE B 282 49.98 -3.89 4.81
CA ILE B 282 50.23 -3.52 6.19
C ILE B 282 50.99 -4.56 6.99
N LEU B 283 50.59 -5.84 6.78
CA LEU B 283 51.15 -7.00 7.43
C LEU B 283 52.64 -7.11 7.09
N GLU B 284 52.91 -7.05 5.78
CA GLU B 284 54.29 -7.13 5.25
C GLU B 284 55.16 -6.04 5.87
N ALA B 285 54.60 -4.82 5.94
CA ALA B 285 55.38 -3.75 6.55
C ALA B 285 55.49 -3.86 8.06
N SER B 286 54.57 -4.59 8.71
CA SER B 286 54.64 -4.64 10.17
C SER B 286 55.40 -5.74 10.78
N ASP B 287 55.60 -5.54 12.07
CA ASP B 287 56.26 -6.49 12.91
C ASP B 287 55.27 -7.45 13.58
N GLY B 288 54.03 -7.05 13.54
CA GLY B 288 52.95 -7.76 14.19
C GLY B 288 51.65 -7.01 14.02
N ILE B 289 50.56 -7.67 14.39
CA ILE B 289 49.25 -7.08 14.23
C ILE B 289 48.37 -7.12 15.48
N MET B 290 47.48 -6.15 15.57
CA MET B 290 46.53 -6.09 16.65
C MET B 290 45.15 -5.92 16.10
N VAL B 291 44.29 -6.90 16.34
CA VAL B 291 42.90 -6.76 15.91
C VAL B 291 42.17 -5.92 16.95
N ALA B 292 42.12 -4.60 16.70
CA ALA B 292 41.48 -3.59 17.56
C ALA B 292 39.96 -3.63 17.35
N ARG B 293 39.33 -4.58 18.03
CA ARG B 293 37.91 -4.82 17.86
C ARG B 293 37.01 -3.64 18.15
N GLY B 294 37.37 -2.88 19.19
CA GLY B 294 36.59 -1.70 19.61
C GLY B 294 36.13 -0.81 18.46
N ASP B 295 37.11 -0.14 17.86
CA ASP B 295 36.84 0.75 16.75
C ASP B 295 36.44 0.01 15.53
N LEU B 296 37.05 -1.13 15.37
CA LEU B 296 36.76 -1.94 14.23
C LEU B 296 35.26 -2.19 14.16
N GLY B 297 34.73 -2.54 15.32
CA GLY B 297 33.32 -2.80 15.49
C GLY B 297 32.52 -1.54 15.32
N ILE B 298 33.17 -0.41 15.49
CA ILE B 298 32.43 0.81 15.27
C ILE B 298 32.45 1.16 13.80
N GLU B 299 33.65 1.10 13.28
CA GLU B 299 33.88 1.35 11.88
C GLU B 299 33.06 0.45 10.98
N ILE B 300 33.22 -0.88 11.13
CA ILE B 300 32.51 -1.85 10.32
C ILE B 300 31.33 -2.47 11.05
N PRO B 301 30.36 -3.08 10.31
CA PRO B 301 29.23 -3.66 11.00
C PRO B 301 29.71 -4.65 12.00
N ALA B 302 29.12 -4.55 13.17
CA ALA B 302 29.50 -5.36 14.29
C ALA B 302 29.44 -6.86 13.99
N GLU B 303 28.58 -7.21 13.05
CA GLU B 303 28.37 -8.59 12.67
C GLU B 303 29.44 -9.16 11.75
N LYS B 304 30.35 -8.30 11.28
CA LYS B 304 31.45 -8.66 10.38
C LYS B 304 32.82 -8.84 11.09
N VAL B 305 32.92 -8.21 12.29
CA VAL B 305 34.12 -8.26 13.08
C VAL B 305 34.79 -9.64 13.15
N PHE B 306 33.98 -10.68 13.32
CA PHE B 306 34.55 -12.00 13.49
C PHE B 306 35.35 -12.47 12.27
N LEU B 307 34.78 -12.15 11.11
CA LEU B 307 35.32 -12.47 9.80
C LEU B 307 36.67 -11.86 9.67
N ALA B 308 36.73 -10.63 10.09
CA ALA B 308 37.97 -9.92 9.97
C ALA B 308 38.93 -10.42 10.97
N GLN B 309 38.37 -10.83 12.09
CA GLN B 309 39.25 -11.33 13.13
C GLN B 309 39.91 -12.64 12.74
N LYS B 310 39.13 -13.49 12.14
CA LYS B 310 39.72 -14.74 11.78
C LYS B 310 40.65 -14.62 10.58
N MET B 311 40.31 -13.67 9.67
CA MET B 311 41.09 -13.45 8.46
C MET B 311 42.51 -13.02 8.83
N ILE B 312 42.55 -12.07 9.72
CA ILE B 312 43.77 -11.47 10.22
C ILE B 312 44.59 -12.45 10.99
N ILE B 313 43.92 -13.23 11.82
CA ILE B 313 44.63 -14.22 12.64
C ILE B 313 45.29 -15.30 11.79
N GLY B 314 44.53 -15.78 10.79
CA GLY B 314 45.00 -16.80 9.90
C GLY B 314 46.17 -16.32 9.08
N ARG B 315 46.07 -15.07 8.63
CA ARG B 315 47.09 -14.48 7.79
C ARG B 315 48.42 -14.26 8.51
N CYS B 316 48.32 -13.80 9.73
CA CYS B 316 49.47 -13.61 10.56
C CYS B 316 50.11 -14.95 10.93
N ASN B 317 49.29 -15.97 11.19
CA ASN B 317 49.74 -17.32 11.55
C ASN B 317 50.48 -17.88 10.37
N ARG B 318 49.94 -17.58 9.20
CA ARG B 318 50.48 -18.02 7.97
C ARG B 318 51.85 -17.39 7.71
N ALA B 319 51.96 -16.10 8.03
CA ALA B 319 53.18 -15.36 7.84
C ALA B 319 54.14 -15.49 9.01
N GLY B 320 53.70 -16.16 10.04
CA GLY B 320 54.63 -16.29 11.13
C GLY B 320 54.88 -14.99 11.90
N LYS B 321 53.87 -14.10 11.84
CA LYS B 321 53.91 -12.80 12.54
C LYS B 321 52.98 -12.79 13.74
N PRO B 322 53.40 -12.16 14.80
CA PRO B 322 52.61 -12.14 16.01
C PRO B 322 51.31 -11.41 15.81
N VAL B 323 50.26 -11.95 16.44
CA VAL B 323 48.92 -11.37 16.38
C VAL B 323 48.27 -11.29 17.73
N ILE B 324 47.54 -10.19 17.90
CA ILE B 324 46.85 -9.89 19.14
C ILE B 324 45.35 -9.71 18.98
N CYS B 325 44.62 -10.42 19.83
CA CYS B 325 43.20 -10.27 19.88
C CYS B 325 42.84 -9.31 21.01
N ALA B 326 42.20 -8.20 20.70
CA ALA B 326 41.95 -7.33 21.82
C ALA B 326 40.57 -6.73 21.82
N THR B 327 40.23 -6.29 23.00
CA THR B 327 39.04 -5.56 23.24
C THR B 327 37.73 -6.26 23.56
N GLN B 328 37.19 -6.00 24.78
CA GLN B 328 35.91 -6.54 25.24
C GLN B 328 35.85 -8.03 25.47
N MET B 329 37.00 -8.62 25.55
CA MET B 329 37.09 -10.02 25.74
C MET B 329 36.35 -10.48 26.97
N LEU B 330 36.56 -9.77 28.09
CA LEU B 330 35.96 -10.09 29.40
C LEU B 330 35.30 -8.87 29.97
N GLU B 331 34.72 -8.11 29.05
CA GLU B 331 34.10 -6.84 29.35
C GLU B 331 33.37 -6.80 30.66
N SER B 332 32.37 -7.67 30.76
CA SER B 332 31.51 -7.87 31.91
C SER B 332 32.28 -7.76 33.18
N MET B 333 33.53 -8.29 33.10
CA MET B 333 34.40 -8.32 34.28
C MET B 333 34.84 -7.00 34.88
N ILE B 334 34.46 -5.89 34.27
CA ILE B 334 34.85 -4.62 34.87
C ILE B 334 34.12 -4.46 36.21
N LYS B 335 32.89 -5.00 36.23
CA LYS B 335 32.04 -4.98 37.39
C LYS B 335 31.85 -6.30 38.15
N LYS B 336 31.94 -7.46 37.46
CA LYS B 336 31.75 -8.80 38.05
C LYS B 336 33.02 -9.66 38.15
N PRO B 337 33.04 -10.57 39.14
CA PRO B 337 34.18 -11.47 39.40
C PRO B 337 34.25 -12.69 38.47
N ARG B 338 33.20 -12.87 37.67
CA ARG B 338 33.05 -13.99 36.78
C ARG B 338 32.43 -13.42 35.52
N PRO B 339 32.96 -13.77 34.33
CA PRO B 339 32.46 -13.22 33.05
C PRO B 339 31.19 -13.89 32.55
N THR B 340 30.81 -13.52 31.32
CA THR B 340 29.65 -14.09 30.67
C THR B 340 30.05 -15.32 29.89
N ARG B 341 29.06 -16.06 29.40
CA ARG B 341 29.39 -17.26 28.65
C ARG B 341 29.99 -16.84 27.32
N ALA B 342 29.43 -15.84 26.71
CA ALA B 342 30.01 -15.39 25.46
C ALA B 342 31.48 -14.96 25.66
N GLU B 343 31.74 -14.36 26.79
CA GLU B 343 33.07 -13.91 27.13
C GLU B 343 34.04 -15.05 27.21
N GLY B 344 33.62 -16.10 27.92
CA GLY B 344 34.48 -17.26 28.03
C GLY B 344 34.71 -17.84 26.65
N SER B 345 33.63 -17.88 25.85
CA SER B 345 33.66 -18.38 24.49
C SER B 345 34.67 -17.63 23.62
N ASP B 346 34.56 -16.31 23.67
CA ASP B 346 35.40 -15.42 22.90
C ASP B 346 36.92 -15.64 23.06
N VAL B 347 37.37 -15.67 24.33
CA VAL B 347 38.76 -15.90 24.69
C VAL B 347 39.24 -17.22 24.11
N ALA B 348 38.45 -18.25 24.32
CA ALA B 348 38.81 -19.56 23.83
C ALA B 348 38.91 -19.63 22.30
N ASN B 349 37.96 -19.03 21.59
CA ASN B 349 37.97 -19.09 20.15
C ASN B 349 39.10 -18.35 19.59
N ALA B 350 39.43 -17.28 20.32
CA ALA B 350 40.52 -16.43 19.95
C ALA B 350 41.77 -17.27 19.90
N VAL B 351 42.00 -17.98 21.01
CA VAL B 351 43.13 -18.91 21.16
C VAL B 351 43.06 -20.01 20.10
N LEU B 352 41.85 -20.53 19.89
CA LEU B 352 41.65 -21.56 18.89
C LEU B 352 41.96 -21.01 17.49
N ASP B 353 41.58 -19.77 17.24
CA ASP B 353 41.84 -19.07 15.99
C ASP B 353 43.33 -19.07 15.63
N GLY B 354 44.20 -18.86 16.62
CA GLY B 354 45.65 -18.84 16.43
C GLY B 354 46.31 -17.57 16.97
N ALA B 355 45.57 -16.85 17.79
CA ALA B 355 46.04 -15.61 18.37
C ALA B 355 47.21 -15.78 19.28
N ASP B 356 48.32 -15.07 19.00
CA ASP B 356 49.52 -15.16 19.83
C ASP B 356 49.31 -14.67 21.24
N CYS B 357 48.57 -13.58 21.32
CA CYS B 357 48.28 -12.96 22.61
C CYS B 357 46.86 -12.50 22.63
N ILE B 358 46.35 -12.36 23.84
CA ILE B 358 45.02 -11.85 24.08
C ILE B 358 45.13 -10.62 24.99
N MET B 359 44.18 -9.72 24.94
CA MET B 359 44.34 -8.49 25.72
C MET B 359 43.21 -8.10 26.62
N LEU B 360 43.61 -7.33 27.64
CA LEU B 360 42.70 -6.80 28.63
C LEU B 360 42.89 -5.30 28.69
N SER B 361 41.80 -4.61 28.50
CA SER B 361 41.79 -3.19 28.53
C SER B 361 41.13 -2.69 29.82
N GLY B 362 39.89 -2.28 29.65
CA GLY B 362 39.10 -1.73 30.74
C GLY B 362 39.17 -2.58 32.01
N GLU B 363 39.09 -3.88 31.78
CA GLU B 363 39.10 -4.90 32.80
C GLU B 363 40.26 -4.77 33.83
N THR B 364 41.44 -4.31 33.39
CA THR B 364 42.60 -4.17 34.27
C THR B 364 42.92 -2.74 34.56
N ALA B 365 42.59 -1.95 33.58
CA ALA B 365 42.89 -0.54 33.69
C ALA B 365 42.15 0.15 34.81
N LYS B 366 40.84 -0.01 34.80
CA LYS B 366 39.97 0.64 35.76
C LYS B 366 38.95 -0.23 36.55
N GLY B 367 38.61 -1.41 36.02
CA GLY B 367 37.63 -2.33 36.61
C GLY B 367 37.88 -2.70 38.07
N ASP B 368 36.83 -3.37 38.69
CA ASP B 368 36.90 -3.78 40.10
C ASP B 368 37.62 -5.11 40.37
N TYR B 369 37.83 -5.90 39.29
CA TYR B 369 38.48 -7.22 39.34
C TYR B 369 39.57 -7.40 38.30
N PRO B 370 40.68 -6.67 38.43
CA PRO B 370 41.76 -6.79 37.49
C PRO B 370 42.45 -8.15 37.55
N LEU B 371 42.71 -8.58 38.75
CA LEU B 371 43.38 -9.86 38.89
C LEU B 371 42.53 -11.02 38.42
N GLU B 372 41.27 -10.92 38.69
CA GLU B 372 40.31 -11.95 38.34
C GLU B 372 40.23 -12.09 36.81
N ALA B 373 40.35 -10.96 36.13
CA ALA B 373 40.29 -10.93 34.66
C ALA B 373 41.47 -11.70 34.09
N VAL B 374 42.66 -11.41 34.66
CA VAL B 374 43.94 -12.01 34.31
C VAL B 374 43.89 -13.51 34.54
N ARG B 375 43.52 -13.87 35.76
CA ARG B 375 43.41 -15.26 36.10
C ARG B 375 42.49 -15.98 35.17
N MET B 376 41.38 -15.33 34.96
CA MET B 376 40.40 -15.85 34.03
C MET B 376 41.03 -16.12 32.66
N GLN B 377 41.68 -15.11 32.10
CA GLN B 377 42.32 -15.27 30.80
C GLN B 377 43.30 -16.46 30.84
N HIS B 378 44.05 -16.50 31.95
CA HIS B 378 44.97 -17.59 32.11
C HIS B 378 44.30 -18.95 32.04
N LEU B 379 43.17 -19.05 32.73
CA LEU B 379 42.44 -20.29 32.80
C LEU B 379 41.96 -20.80 31.49
N ILE B 380 41.32 -19.90 30.78
CA ILE B 380 40.75 -20.26 29.52
C ILE B 380 41.77 -20.57 28.46
N ALA B 381 42.83 -19.76 28.44
CA ALA B 381 43.83 -19.96 27.43
C ALA B 381 44.44 -21.37 27.47
N ARG B 382 44.74 -21.82 28.69
CA ARG B 382 45.27 -23.14 28.93
C ARG B 382 44.39 -24.23 28.34
N GLU B 383 43.11 -24.16 28.67
CA GLU B 383 42.16 -25.11 28.18
C GLU B 383 42.05 -25.07 26.67
N ALA B 384 41.98 -23.86 26.11
CA ALA B 384 41.83 -23.69 24.68
C ALA B 384 43.05 -24.21 23.97
N GLU B 385 44.19 -23.98 24.62
CA GLU B 385 45.50 -24.39 24.12
C GLU B 385 45.58 -25.92 23.87
N ALA B 386 45.05 -26.72 24.80
CA ALA B 386 45.07 -28.18 24.65
C ALA B 386 44.11 -28.60 23.55
N ALA B 387 43.06 -27.80 23.44
CA ALA B 387 41.98 -28.07 22.51
C ALA B 387 42.26 -27.78 21.10
N MET B 388 43.50 -27.40 20.81
CA MET B 388 43.78 -27.15 19.42
C MET B 388 44.01 -28.46 18.73
N PHE B 389 43.85 -28.43 17.42
CA PHE B 389 44.04 -29.58 16.57
C PHE B 389 45.41 -29.52 15.93
N HIS B 390 46.44 -29.53 16.77
CA HIS B 390 47.86 -29.45 16.35
C HIS B 390 48.27 -30.21 15.10
N ARG B 391 47.94 -31.49 14.99
CA ARG B 391 48.34 -32.27 13.83
C ARG B 391 47.89 -31.65 12.54
N LYS B 392 46.65 -31.23 12.55
CA LYS B 392 46.11 -30.67 11.35
C LYS B 392 46.66 -29.30 11.06
N LEU B 393 46.86 -28.58 12.13
CA LEU B 393 47.39 -27.23 12.10
C LEU B 393 48.81 -27.24 11.48
N PHE B 394 49.77 -27.92 12.18
CA PHE B 394 51.15 -28.08 11.72
C PHE B 394 51.14 -28.41 10.25
N GLU B 395 50.33 -29.38 9.85
CA GLU B 395 50.21 -29.80 8.47
C GLU B 395 49.80 -28.70 7.51
N GLU B 396 48.92 -27.82 7.98
CA GLU B 396 48.38 -26.72 7.19
C GLU B 396 49.33 -25.59 7.03
N LEU B 397 50.01 -25.34 8.13
CA LEU B 397 51.03 -24.36 8.23
C LEU B 397 52.16 -24.71 7.27
N ALA B 398 52.63 -25.94 7.41
CA ALA B 398 53.71 -26.43 6.60
C ALA B 398 53.46 -26.21 5.09
N ARG B 399 52.24 -26.48 4.67
CA ARG B 399 51.88 -26.34 3.30
C ARG B 399 51.95 -24.91 2.95
N SER B 400 51.52 -24.13 3.89
CA SER B 400 51.47 -22.73 3.63
C SER B 400 52.83 -22.18 3.30
N SER B 401 53.83 -22.63 4.06
CA SER B 401 55.20 -22.19 3.95
C SER B 401 56.07 -23.02 3.01
N SER B 402 55.52 -24.02 2.36
CA SER B 402 56.27 -24.91 1.49
C SER B 402 57.24 -24.21 0.54
N HIS B 403 56.90 -22.98 0.13
CA HIS B 403 57.71 -22.19 -0.82
C HIS B 403 59.14 -21.90 -0.39
N SER B 404 59.30 -21.84 0.93
CA SER B 404 60.53 -21.51 1.55
C SER B 404 61.26 -22.73 2.04
N THR B 405 62.59 -22.72 1.85
CA THR B 405 63.47 -23.80 2.22
C THR B 405 64.49 -23.39 3.24
N ASP B 406 64.11 -22.36 3.96
CA ASP B 406 64.92 -21.79 5.01
C ASP B 406 65.37 -22.88 5.95
N LEU B 407 66.58 -22.71 6.49
CA LEU B 407 67.21 -23.68 7.36
C LEU B 407 66.70 -23.68 8.76
N MET B 408 66.52 -22.48 9.28
CA MET B 408 66.03 -22.31 10.65
C MET B 408 64.63 -22.86 10.79
N GLU B 409 63.85 -22.63 9.74
CA GLU B 409 62.48 -23.10 9.63
C GLU B 409 62.40 -24.60 9.60
N ALA B 410 63.39 -25.19 8.90
CA ALA B 410 63.54 -26.60 8.75
C ALA B 410 63.85 -27.15 10.13
N MET B 411 64.69 -26.41 10.79
CA MET B 411 65.07 -26.80 12.12
C MET B 411 63.85 -26.75 13.04
N ALA B 412 63.07 -25.71 12.81
CA ALA B 412 61.85 -25.44 13.53
C ALA B 412 60.79 -26.51 13.28
N MET B 413 60.53 -26.84 12.03
CA MET B 413 59.59 -27.88 11.65
C MET B 413 59.96 -29.26 12.22
N GLY B 414 61.22 -29.64 12.02
CA GLY B 414 61.77 -30.90 12.50
C GLY B 414 61.63 -31.04 14.02
N SER B 415 61.97 -30.00 14.74
CA SER B 415 61.88 -29.98 16.19
C SER B 415 60.48 -30.05 16.79
N VAL B 416 59.51 -29.42 16.14
CA VAL B 416 58.12 -29.43 16.59
C VAL B 416 57.47 -30.80 16.31
N GLU B 417 57.73 -31.30 15.11
CA GLU B 417 57.31 -32.61 14.72
C GLU B 417 57.82 -33.59 15.79
N ALA B 418 59.12 -33.52 16.13
CA ALA B 418 59.68 -34.40 17.18
C ALA B 418 59.07 -34.25 18.57
N SER B 419 58.68 -33.03 18.89
CA SER B 419 58.11 -32.80 20.20
C SER B 419 56.75 -33.44 20.28
N TYR B 420 56.12 -33.53 19.13
CA TYR B 420 54.82 -34.14 19.10
C TYR B 420 55.02 -35.64 19.22
N LYS B 421 55.90 -36.16 18.33
CA LYS B 421 56.19 -37.59 18.26
C LYS B 421 56.53 -38.20 19.60
N CYS B 422 57.42 -37.54 20.33
CA CYS B 422 57.73 -38.12 21.61
C CYS B 422 57.03 -37.38 22.75
N LEU B 423 56.13 -36.46 22.40
CA LEU B 423 55.41 -35.68 23.39
C LEU B 423 56.38 -35.08 24.35
N ALA B 424 57.22 -34.20 23.82
CA ALA B 424 58.21 -33.60 24.68
C ALA B 424 57.52 -32.73 25.69
N ALA B 425 58.17 -32.51 26.80
CA ALA B 425 57.55 -31.70 27.82
C ALA B 425 57.87 -30.25 27.59
N ALA B 426 58.87 -30.02 26.77
CA ALA B 426 59.27 -28.67 26.48
C ALA B 426 60.22 -28.72 25.37
N LEU B 427 60.50 -27.52 24.89
CA LEU B 427 61.44 -27.22 23.84
C LEU B 427 62.25 -26.07 24.33
N ILE B 428 63.50 -26.39 24.50
CA ILE B 428 64.50 -25.43 24.92
C ILE B 428 65.30 -24.90 23.74
N VAL B 429 65.22 -23.57 23.56
CA VAL B 429 65.90 -22.87 22.49
C VAL B 429 66.79 -21.79 23.03
N LEU B 430 68.09 -21.82 22.72
CA LEU B 430 69.03 -20.79 23.15
C LEU B 430 69.10 -19.79 22.00
N THR B 431 68.76 -18.53 22.27
CA THR B 431 68.73 -17.51 21.23
C THR B 431 69.07 -16.16 21.81
N GLU B 432 69.54 -15.30 20.96
CA GLU B 432 69.91 -14.02 21.45
C GLU B 432 69.07 -13.01 20.80
N SER B 433 68.80 -13.26 19.56
CA SER B 433 67.99 -12.36 18.83
C SER B 433 66.54 -12.79 19.07
N GLY B 434 66.35 -14.10 19.20
CA GLY B 434 65.06 -14.71 19.41
C GLY B 434 64.47 -15.23 18.08
N ARG B 435 65.21 -15.10 17.01
CA ARG B 435 64.68 -15.51 15.75
C ARG B 435 64.38 -16.99 15.80
N SER B 436 65.40 -17.72 16.27
CA SER B 436 65.35 -19.16 16.42
C SER B 436 64.06 -19.62 17.09
N ALA B 437 63.80 -18.96 18.21
CA ALA B 437 62.61 -19.22 19.02
C ALA B 437 61.34 -18.82 18.30
N HIS B 438 61.44 -17.74 17.56
CA HIS B 438 60.22 -17.34 16.83
C HIS B 438 59.90 -18.40 15.77
N GLN B 439 60.93 -18.93 15.13
CA GLN B 439 60.65 -19.88 14.07
C GLN B 439 59.87 -21.10 14.57
N VAL B 440 60.20 -21.50 15.81
CA VAL B 440 59.55 -22.64 16.42
C VAL B 440 58.10 -22.36 16.78
N ALA B 441 57.90 -21.28 17.52
CA ALA B 441 56.56 -20.88 17.96
C ALA B 441 55.53 -20.90 16.84
N ARG B 442 56.00 -20.42 15.69
CA ARG B 442 55.19 -20.33 14.48
C ARG B 442 54.72 -21.71 14.00
N TYR B 443 55.50 -22.74 14.30
CA TYR B 443 55.11 -24.09 13.91
C TYR B 443 54.19 -24.75 14.92
N ARG B 444 53.92 -23.94 15.93
CA ARG B 444 53.01 -24.18 16.99
C ARG B 444 53.13 -25.50 17.73
N PRO B 445 54.23 -25.77 18.44
CA PRO B 445 54.26 -26.99 19.22
C PRO B 445 53.16 -26.93 20.27
N ARG B 446 52.98 -28.02 21.01
CA ARG B 446 51.97 -28.07 22.07
C ARG B 446 52.65 -27.80 23.39
N ALA B 447 53.91 -28.20 23.44
CA ALA B 447 54.77 -27.99 24.59
C ALA B 447 55.28 -26.54 24.66
N PRO B 448 55.64 -26.13 25.85
CA PRO B 448 56.14 -24.79 26.03
C PRO B 448 57.51 -24.64 25.43
N ILE B 449 57.79 -23.44 24.89
CA ILE B 449 59.06 -23.16 24.30
C ILE B 449 59.86 -22.40 25.31
N ILE B 450 60.79 -23.03 26.00
CA ILE B 450 61.57 -22.28 26.96
C ILE B 450 62.78 -21.73 26.23
N ALA B 451 62.91 -20.43 26.19
CA ALA B 451 63.98 -19.79 25.46
C ALA B 451 64.88 -19.00 26.33
N VAL B 452 66.12 -19.45 26.40
CA VAL B 452 67.14 -18.79 27.19
C VAL B 452 67.95 -17.82 26.32
N THR B 453 68.04 -16.59 26.80
CA THR B 453 68.77 -15.52 26.11
C THR B 453 69.48 -14.61 27.10
N ARG B 454 70.50 -13.93 26.65
CA ARG B 454 71.15 -13.04 27.61
C ARG B 454 70.67 -11.64 27.34
N ASN B 455 69.91 -11.56 26.24
CA ASN B 455 69.34 -10.31 25.82
C ASN B 455 67.93 -10.15 26.35
N HIS B 456 67.88 -9.32 27.37
CA HIS B 456 66.71 -8.92 28.12
C HIS B 456 65.60 -8.36 27.29
N GLN B 457 65.95 -7.64 26.24
CA GLN B 457 64.89 -7.10 25.45
C GLN B 457 64.29 -8.17 24.58
N THR B 458 65.12 -9.10 24.19
CA THR B 458 64.69 -10.19 23.37
C THR B 458 63.74 -11.03 24.17
N ALA B 459 64.13 -11.15 25.45
CA ALA B 459 63.40 -11.87 26.46
C ALA B 459 62.00 -11.27 26.58
N ARG B 460 61.95 -10.01 26.98
CA ARG B 460 60.70 -9.31 27.08
C ARG B 460 59.87 -9.35 25.80
N GLN B 461 60.49 -9.27 24.66
CA GLN B 461 59.73 -9.26 23.43
C GLN B 461 59.13 -10.62 23.04
N ALA B 462 59.70 -11.65 23.64
CA ALA B 462 59.32 -13.01 23.32
C ALA B 462 57.85 -13.27 23.50
N HIS B 463 57.31 -12.53 24.44
CA HIS B 463 55.94 -12.66 24.86
C HIS B 463 54.95 -12.48 23.74
N LEU B 464 55.43 -11.78 22.75
CA LEU B 464 54.62 -11.52 21.57
C LEU B 464 54.30 -12.80 20.79
N TYR B 465 55.06 -13.83 21.12
CA TYR B 465 54.97 -15.08 20.42
C TYR B 465 54.39 -16.19 21.27
N ARG B 466 53.52 -16.97 20.65
CA ARG B 466 52.87 -18.07 21.32
C ARG B 466 53.81 -19.17 21.84
N GLY B 467 53.65 -19.53 23.10
CA GLY B 467 54.46 -20.61 23.59
C GLY B 467 55.86 -20.21 24.01
N ILE B 468 56.24 -18.97 23.76
CA ILE B 468 57.57 -18.59 24.17
C ILE B 468 57.69 -18.19 25.61
N PHE B 469 58.50 -18.94 26.38
CA PHE B 469 58.75 -18.67 27.80
C PHE B 469 60.21 -18.25 28.02
N PRO B 470 60.44 -16.91 28.04
CA PRO B 470 61.75 -16.27 28.19
C PRO B 470 62.40 -16.43 29.53
N VAL B 471 63.64 -16.78 29.41
CA VAL B 471 64.48 -16.96 30.52
C VAL B 471 65.77 -16.22 30.27
N VAL B 472 65.98 -15.26 31.10
CA VAL B 472 67.14 -14.43 31.06
C VAL B 472 68.32 -15.09 31.76
N CYS B 473 69.43 -15.24 31.02
CA CYS B 473 70.69 -15.73 31.58
C CYS B 473 71.49 -14.51 32.04
N LYS B 474 71.63 -14.41 33.36
CA LYS B 474 72.32 -13.32 34.01
C LYS B 474 73.79 -13.62 34.33
N ASP B 475 74.30 -14.68 33.72
CA ASP B 475 75.67 -15.05 33.92
C ASP B 475 76.56 -14.62 32.75
N PRO B 476 77.83 -14.47 33.05
CA PRO B 476 78.77 -14.08 32.05
C PRO B 476 79.10 -15.27 31.18
N VAL B 477 79.83 -15.04 30.10
CA VAL B 477 80.20 -16.12 29.19
C VAL B 477 81.40 -16.96 29.63
N GLN B 478 81.31 -18.26 29.42
CA GLN B 478 82.38 -19.16 29.78
C GLN B 478 83.35 -19.23 28.67
N GLU B 479 84.53 -19.79 28.93
CA GLU B 479 85.51 -19.90 27.87
C GLU B 479 85.17 -21.03 26.95
N ALA B 480 84.36 -21.99 27.42
CA ALA B 480 83.99 -23.04 26.49
C ALA B 480 82.58 -22.80 26.06
N TRP B 481 82.43 -22.76 24.75
CA TRP B 481 81.13 -22.59 24.15
C TRP B 481 80.21 -23.62 24.74
N ALA B 482 80.63 -24.86 24.52
CA ALA B 482 80.03 -26.12 24.87
C ALA B 482 79.51 -26.06 26.23
N GLU B 483 80.37 -25.60 27.07
CA GLU B 483 80.04 -25.50 28.44
C GLU B 483 78.98 -24.45 28.63
N ASP B 484 79.25 -23.24 28.13
CA ASP B 484 78.30 -22.13 28.16
C ASP B 484 76.90 -22.59 27.73
N VAL B 485 76.80 -23.20 26.55
CA VAL B 485 75.57 -23.80 26.04
C VAL B 485 74.93 -24.72 27.10
N ASP B 486 75.70 -25.75 27.55
CA ASP B 486 75.21 -26.71 28.53
C ASP B 486 74.59 -26.05 29.72
N LEU B 487 75.27 -25.05 30.20
CA LEU B 487 74.82 -24.26 31.33
C LEU B 487 73.45 -23.69 31.07
N ARG B 488 73.38 -22.85 30.03
CA ARG B 488 72.15 -22.21 29.59
C ARG B 488 71.07 -23.27 29.53
N VAL B 489 71.38 -24.41 28.93
CA VAL B 489 70.41 -25.47 28.87
C VAL B 489 69.91 -25.87 30.24
N ASN B 490 70.85 -26.04 31.15
CA ASN B 490 70.55 -26.42 32.51
C ASN B 490 69.67 -25.44 33.19
N LEU B 491 69.92 -24.19 32.89
CA LEU B 491 69.13 -23.11 33.43
C LEU B 491 67.66 -23.36 33.12
N ALA B 492 67.37 -23.55 31.83
CA ALA B 492 66.05 -23.83 31.35
C ALA B 492 65.58 -25.08 32.07
N MET B 493 66.51 -25.90 32.39
CA MET B 493 66.09 -27.09 33.04
C MET B 493 65.54 -26.82 34.44
N ASN B 494 66.25 -25.98 35.20
CA ASN B 494 65.83 -25.60 36.56
C ASN B 494 64.59 -24.78 36.62
N VAL B 495 64.31 -24.16 35.51
CA VAL B 495 63.15 -23.32 35.41
C VAL B 495 61.88 -24.16 35.25
N GLY B 496 61.81 -24.90 34.16
CA GLY B 496 60.67 -25.76 33.85
C GLY B 496 60.33 -26.63 35.04
N LYS B 497 61.38 -26.92 35.82
CA LYS B 497 61.27 -27.74 37.00
C LYS B 497 60.66 -26.92 38.06
N ALA B 498 61.28 -25.76 38.26
CA ALA B 498 60.77 -24.81 39.22
C ALA B 498 59.32 -24.42 38.86
N ARG B 499 59.01 -24.38 37.56
CA ARG B 499 57.67 -23.97 37.10
C ARG B 499 56.73 -25.18 37.13
N GLY B 500 57.21 -26.38 37.01
CA GLY B 500 56.31 -27.50 37.04
C GLY B 500 55.88 -27.92 35.66
N PHE B 501 56.72 -27.56 34.69
CA PHE B 501 56.41 -27.92 33.33
C PHE B 501 56.83 -29.33 33.11
N PHE B 502 57.77 -29.77 33.95
CA PHE B 502 58.30 -31.09 33.83
C PHE B 502 59.09 -31.48 35.03
N LYS B 503 59.49 -32.74 35.02
CA LYS B 503 60.25 -33.31 36.08
C LYS B 503 61.33 -34.13 35.51
N LYS B 504 62.28 -34.46 36.39
CA LYS B 504 63.38 -35.29 35.97
C LYS B 504 62.80 -36.56 35.37
N GLY B 505 63.30 -36.91 34.21
CA GLY B 505 62.79 -38.11 33.59
C GLY B 505 62.00 -37.80 32.36
N ASP B 506 61.55 -36.55 32.31
CA ASP B 506 60.79 -36.16 31.18
C ASP B 506 61.75 -35.99 30.04
N VAL B 507 61.22 -36.00 28.85
CA VAL B 507 62.01 -35.82 27.67
C VAL B 507 61.80 -34.35 27.18
N VAL B 508 62.81 -33.76 26.54
CA VAL B 508 62.76 -32.38 26.05
C VAL B 508 63.50 -32.27 24.72
N ILE B 509 63.10 -31.33 23.84
CA ILE B 509 63.77 -31.07 22.57
C ILE B 509 64.70 -29.88 22.82
N VAL B 510 66.01 -30.07 22.61
CA VAL B 510 66.98 -29.00 22.87
C VAL B 510 67.61 -28.47 21.59
N LEU B 511 67.42 -27.18 21.35
CA LEU B 511 67.94 -26.53 20.19
C LEU B 511 69.08 -25.59 20.50
N THR B 512 70.17 -25.73 19.78
CA THR B 512 71.31 -24.88 20.01
C THR B 512 72.10 -24.64 18.74
N GLY B 513 73.05 -23.71 18.86
CA GLY B 513 73.97 -23.33 17.79
C GLY B 513 75.22 -24.19 17.99
N TRP B 514 75.59 -24.91 16.92
CA TRP B 514 76.73 -25.81 16.97
C TRP B 514 77.93 -25.08 17.51
N ARG B 515 78.26 -23.98 16.89
CA ARG B 515 79.36 -23.23 17.41
C ARG B 515 78.97 -21.80 17.79
N PRO B 516 79.88 -21.01 18.33
CA PRO B 516 79.45 -19.70 18.74
C PRO B 516 79.04 -18.75 17.62
N GLY B 517 79.40 -19.05 16.38
CA GLY B 517 79.04 -18.18 15.25
C GLY B 517 78.10 -18.90 14.30
N SER B 518 77.33 -19.79 14.90
CA SER B 518 76.42 -20.64 14.18
C SER B 518 75.44 -19.89 13.29
N GLY B 519 74.79 -18.91 13.89
CA GLY B 519 73.80 -18.14 13.14
C GLY B 519 72.38 -18.60 13.44
N PHE B 520 72.24 -19.82 13.93
CA PHE B 520 70.94 -20.37 14.28
C PHE B 520 71.06 -21.63 15.08
N THR B 521 69.92 -22.05 15.61
CA THR B 521 69.94 -23.28 16.35
C THR B 521 69.91 -24.34 15.29
N ASN B 522 71.09 -24.87 15.00
CA ASN B 522 71.27 -25.84 13.94
C ASN B 522 71.43 -27.22 14.51
N THR B 523 71.53 -27.23 15.82
CA THR B 523 71.65 -28.48 16.50
C THR B 523 70.41 -28.81 17.29
N MET B 524 69.76 -29.93 16.96
CA MET B 524 68.58 -30.34 17.70
C MET B 524 68.79 -31.66 18.42
N ARG B 525 68.31 -31.75 19.67
CA ARG B 525 68.52 -32.93 20.47
C ARG B 525 67.39 -33.32 21.38
N VAL B 526 67.12 -34.63 21.47
CA VAL B 526 66.13 -35.12 22.40
C VAL B 526 66.88 -35.51 23.66
N VAL B 527 66.41 -34.96 24.77
CA VAL B 527 67.08 -35.12 26.03
C VAL B 527 66.18 -35.39 27.23
N PRO B 528 66.83 -35.89 28.28
CA PRO B 528 66.19 -36.19 29.51
C PRO B 528 66.51 -35.19 30.62
N VAL B 529 65.43 -34.86 31.29
CA VAL B 529 65.44 -34.01 32.42
C VAL B 529 66.14 -34.71 33.58
N PRO B 530 67.05 -33.97 34.20
CA PRO B 530 67.82 -34.40 35.35
C PRO B 530 66.98 -34.58 36.60
N ILE C 12 31.54 -62.08 5.38
CA ILE C 12 31.42 -62.09 3.92
C ILE C 12 31.96 -60.81 3.31
N GLN C 13 33.19 -60.92 2.80
CA GLN C 13 33.91 -59.83 2.20
C GLN C 13 33.73 -59.74 0.70
N THR C 14 33.40 -58.54 0.27
CA THR C 14 33.17 -58.32 -1.12
C THR C 14 33.56 -56.93 -1.57
N GLN C 15 34.04 -56.90 -2.81
CA GLN C 15 34.44 -55.72 -3.55
C GLN C 15 35.34 -54.76 -2.80
N GLN C 16 36.22 -55.26 -1.96
CA GLN C 16 37.14 -54.43 -1.22
C GLN C 16 36.42 -53.35 -0.45
N LEU C 17 35.17 -53.60 -0.11
CA LEU C 17 34.41 -52.62 0.63
C LEU C 17 35.08 -52.20 1.93
N HIS C 18 35.84 -53.11 2.51
CA HIS C 18 36.55 -52.77 3.72
C HIS C 18 37.64 -51.76 3.48
N ALA C 19 38.31 -51.91 2.33
CA ALA C 19 39.37 -50.98 1.99
C ALA C 19 38.78 -49.66 1.52
N ALA C 20 37.54 -49.70 1.04
CA ALA C 20 36.85 -48.52 0.56
C ALA C 20 36.59 -47.56 1.69
N MET C 21 36.77 -48.06 2.90
CA MET C 21 36.55 -47.33 4.13
C MET C 21 37.83 -46.88 4.80
N ALA C 22 38.98 -47.03 4.18
CA ALA C 22 40.21 -46.60 4.83
C ALA C 22 40.27 -45.10 4.88
N ASP C 23 40.93 -44.55 5.88
CA ASP C 23 41.06 -43.11 5.93
C ASP C 23 42.17 -42.58 5.02
N THR C 24 43.30 -43.33 4.98
CA THR C 24 44.49 -43.00 4.20
C THR C 24 44.73 -43.85 2.96
N PHE C 25 45.61 -43.38 2.07
CA PHE C 25 45.88 -44.20 0.91
C PHE C 25 46.63 -45.47 1.32
N LEU C 26 47.40 -45.32 2.39
CA LEU C 26 48.20 -46.38 2.95
C LEU C 26 47.32 -47.51 3.49
N GLU C 27 46.42 -47.14 4.41
CA GLU C 27 45.47 -48.05 5.03
C GLU C 27 44.58 -48.74 4.02
N HIS C 28 44.27 -48.02 2.94
CA HIS C 28 43.47 -48.57 1.85
C HIS C 28 44.18 -49.75 1.24
N MET C 29 45.48 -49.55 1.03
CA MET C 29 46.41 -50.54 0.47
C MET C 29 46.48 -51.75 1.40
N CYS C 30 46.80 -51.43 2.67
CA CYS C 30 46.94 -52.37 3.75
C CYS C 30 45.73 -53.26 3.94
N ARG C 31 44.61 -52.87 3.33
CA ARG C 31 43.32 -53.56 3.47
C ARG C 31 42.81 -54.33 2.27
N LEU C 32 43.61 -54.39 1.21
CA LEU C 32 43.17 -55.11 0.01
C LEU C 32 43.20 -56.59 0.29
N ASP C 33 42.04 -57.21 0.09
CA ASP C 33 41.91 -58.62 0.37
C ASP C 33 41.72 -59.48 -0.86
N ILE C 34 42.56 -60.50 -0.97
CA ILE C 34 42.44 -61.41 -2.11
C ILE C 34 41.14 -62.18 -2.05
N ASP C 35 40.70 -62.45 -0.81
CA ASP C 35 39.49 -63.17 -0.50
C ASP C 35 38.23 -62.29 -0.60
N SER C 36 38.41 -61.01 -0.96
CA SER C 36 37.29 -60.09 -1.10
C SER C 36 36.86 -60.07 -2.55
N ALA C 37 35.83 -60.85 -2.85
CA ALA C 37 35.33 -61.04 -4.21
C ALA C 37 34.71 -59.85 -4.93
N PRO C 38 35.10 -59.67 -6.20
CA PRO C 38 34.57 -58.58 -6.99
C PRO C 38 33.21 -58.95 -7.58
N ILE C 39 32.46 -57.90 -7.99
CA ILE C 39 31.13 -58.00 -8.61
C ILE C 39 31.26 -58.57 -10.02
N THR C 40 30.13 -58.89 -10.63
CA THR C 40 30.14 -59.47 -11.95
C THR C 40 30.48 -58.52 -13.10
N ALA C 41 30.10 -57.24 -12.97
CA ALA C 41 30.28 -56.19 -13.98
C ALA C 41 31.73 -55.72 -14.21
N ARG C 42 32.29 -55.85 -15.42
CA ARG C 42 33.66 -55.36 -15.68
C ARG C 42 33.59 -53.97 -16.31
N ASN C 43 34.10 -52.98 -15.59
CA ASN C 43 33.93 -51.59 -16.01
C ASN C 43 34.74 -51.07 -17.18
N THR C 44 36.01 -51.39 -17.13
CA THR C 44 37.04 -51.01 -18.08
C THR C 44 36.90 -51.71 -19.43
N GLY C 45 36.70 -50.91 -20.50
CA GLY C 45 36.53 -51.41 -21.86
C GLY C 45 37.74 -52.18 -22.34
N ILE C 46 37.51 -53.23 -23.16
CA ILE C 46 38.58 -54.05 -23.69
C ILE C 46 38.74 -53.88 -25.20
N ILE C 47 39.87 -53.30 -25.63
CA ILE C 47 40.04 -53.10 -27.05
C ILE C 47 40.94 -54.15 -27.61
N CYS C 48 40.45 -54.78 -28.66
CA CYS C 48 41.20 -55.84 -29.31
C CYS C 48 41.58 -55.51 -30.73
N THR C 49 42.86 -55.78 -30.98
CA THR C 49 43.44 -55.59 -32.29
C THR C 49 43.16 -56.83 -33.08
N ILE C 50 42.32 -56.64 -34.07
CA ILE C 50 41.86 -57.69 -34.96
C ILE C 50 42.85 -57.96 -36.10
N GLY C 51 43.42 -59.16 -36.09
CA GLY C 51 44.38 -59.49 -37.11
C GLY C 51 44.13 -60.85 -37.70
N PRO C 52 45.16 -61.35 -38.28
CA PRO C 52 45.18 -62.65 -38.87
C PRO C 52 44.66 -63.66 -37.88
N ALA C 53 45.22 -63.60 -36.65
CA ALA C 53 44.84 -64.52 -35.59
C ALA C 53 43.42 -64.35 -35.04
N SER C 54 42.68 -63.30 -35.43
CA SER C 54 41.31 -63.12 -34.91
C SER C 54 40.29 -62.59 -35.90
N ARG C 55 40.55 -62.75 -37.18
CA ARG C 55 39.66 -62.28 -38.24
C ARG C 55 38.32 -63.02 -38.27
N SER C 56 38.42 -64.35 -38.13
CA SER C 56 37.31 -65.32 -38.20
C SER C 56 36.07 -64.98 -37.45
N VAL C 57 34.93 -65.18 -38.13
CA VAL C 57 33.67 -64.92 -37.48
C VAL C 57 33.60 -65.78 -36.24
N GLU C 58 33.87 -67.06 -36.43
CA GLU C 58 33.87 -67.94 -35.30
C GLU C 58 34.82 -67.48 -34.19
N THR C 59 35.87 -66.74 -34.52
CA THR C 59 36.73 -66.33 -33.45
C THR C 59 36.22 -65.07 -32.82
N LEU C 60 35.59 -64.27 -33.66
CA LEU C 60 34.98 -63.03 -33.23
C LEU C 60 33.89 -63.32 -32.18
N LYS C 61 33.03 -64.26 -32.49
CA LYS C 61 31.96 -64.70 -31.60
C LYS C 61 32.47 -64.97 -30.22
N GLU C 62 33.57 -65.68 -30.13
CA GLU C 62 34.09 -66.03 -28.81
C GLU C 62 34.79 -64.90 -28.06
N MET C 63 35.33 -63.97 -28.79
CA MET C 63 36.00 -62.89 -28.13
C MET C 63 35.01 -61.94 -27.49
N ILE C 64 33.96 -61.65 -28.22
CA ILE C 64 32.93 -60.80 -27.72
C ILE C 64 32.40 -61.43 -26.45
N LYS C 65 32.23 -62.74 -26.61
CA LYS C 65 31.78 -63.62 -25.56
C LYS C 65 32.75 -63.49 -24.43
N SER C 66 34.00 -63.29 -24.85
CA SER C 66 35.13 -63.17 -23.94
C SER C 66 35.29 -61.86 -23.16
N GLY C 67 34.61 -60.81 -23.64
CA GLY C 67 34.65 -59.47 -23.02
C GLY C 67 35.08 -58.34 -23.97
N MET C 68 35.30 -58.67 -25.23
CA MET C 68 35.73 -57.66 -26.19
C MET C 68 34.64 -56.66 -26.53
N ASN C 69 34.96 -55.37 -26.35
CA ASN C 69 34.01 -54.29 -26.61
C ASN C 69 34.25 -53.48 -27.89
N VAL C 70 35.53 -53.45 -28.29
CA VAL C 70 35.98 -52.71 -29.44
C VAL C 70 37.06 -53.46 -30.18
N ALA C 71 36.99 -53.34 -31.50
CA ALA C 71 37.97 -53.91 -32.40
C ALA C 71 38.77 -52.83 -33.08
N ARG C 72 40.05 -53.02 -33.06
CA ARG C 72 40.92 -52.06 -33.69
C ARG C 72 41.46 -52.67 -34.97
N MET C 73 41.35 -51.90 -36.05
CA MET C 73 41.85 -52.26 -37.37
C MET C 73 43.03 -51.38 -37.67
N ASN C 74 44.21 -51.95 -37.54
CA ASN C 74 45.46 -51.25 -37.76
C ASN C 74 45.77 -51.03 -39.23
N PHE C 75 45.70 -49.80 -39.65
CA PHE C 75 46.02 -49.49 -41.04
C PHE C 75 47.50 -49.59 -41.45
N SER C 76 48.39 -49.60 -40.46
CA SER C 76 49.82 -49.73 -40.71
C SER C 76 50.08 -51.11 -41.28
N HIS C 77 49.07 -51.96 -41.13
CA HIS C 77 49.13 -53.30 -41.66
C HIS C 77 47.96 -53.55 -42.57
N GLY C 78 48.14 -54.49 -43.48
CA GLY C 78 47.09 -54.82 -44.41
C GLY C 78 46.75 -53.74 -45.45
N THR C 79 45.69 -54.10 -46.19
CA THR C 79 45.11 -53.36 -47.27
C THR C 79 43.69 -53.02 -46.91
N HIS C 80 43.13 -52.00 -47.57
CA HIS C 80 41.76 -51.58 -47.35
C HIS C 80 40.86 -52.81 -47.42
N GLU C 81 41.13 -53.66 -48.37
CA GLU C 81 40.32 -54.85 -48.51
C GLU C 81 40.41 -55.87 -47.40
N TYR C 82 41.60 -56.10 -46.90
CA TYR C 82 41.73 -57.07 -45.82
C TYR C 82 40.92 -56.53 -44.64
N HIS C 83 41.10 -55.23 -44.34
CA HIS C 83 40.39 -54.58 -43.23
C HIS C 83 38.90 -54.49 -43.45
N ALA C 84 38.49 -54.31 -44.68
CA ALA C 84 37.06 -54.23 -44.89
C ALA C 84 36.36 -55.54 -44.60
N GLU C 85 37.03 -56.62 -44.90
CA GLU C 85 36.47 -57.93 -44.63
C GLU C 85 36.39 -58.13 -43.12
N THR C 86 37.49 -57.77 -42.45
CA THR C 86 37.55 -57.91 -41.01
C THR C 86 36.35 -57.24 -40.33
N ILE C 87 36.08 -56.01 -40.76
CA ILE C 87 34.95 -55.23 -40.27
C ILE C 87 33.73 -56.11 -40.40
N LYS C 88 33.50 -56.48 -41.66
CA LYS C 88 32.44 -57.36 -42.10
C LYS C 88 32.23 -58.49 -41.12
N ASN C 89 33.27 -59.32 -40.99
CA ASN C 89 33.26 -60.42 -40.05
C ASN C 89 32.94 -59.96 -38.66
N VAL C 90 33.50 -58.84 -38.28
CA VAL C 90 33.24 -58.35 -36.96
C VAL C 90 31.77 -58.15 -36.69
N ARG C 91 31.14 -57.41 -37.60
CA ARG C 91 29.74 -57.08 -37.53
C ARG C 91 28.86 -58.30 -37.67
N THR C 92 29.42 -59.31 -38.31
CA THR C 92 28.71 -60.55 -38.51
C THR C 92 28.62 -61.31 -37.20
N ALA C 93 29.79 -61.61 -36.62
CA ALA C 93 29.84 -62.32 -35.37
C ALA C 93 29.04 -61.57 -34.32
N THR C 94 28.84 -60.28 -34.53
CA THR C 94 28.14 -59.43 -33.57
C THR C 94 26.64 -59.60 -33.55
N GLU C 95 26.02 -59.18 -34.66
CA GLU C 95 24.58 -59.26 -34.82
C GLU C 95 24.12 -60.69 -34.74
N SER C 96 25.07 -61.61 -34.68
CA SER C 96 24.74 -62.99 -34.57
C SER C 96 24.03 -63.19 -33.24
N PHE C 97 24.24 -62.22 -32.39
CA PHE C 97 23.68 -62.18 -31.07
C PHE C 97 22.46 -61.27 -30.98
N ALA C 98 22.04 -60.70 -32.10
CA ALA C 98 20.92 -59.77 -32.12
C ALA C 98 19.55 -60.41 -31.80
N SER C 99 19.58 -61.75 -31.77
CA SER C 99 18.42 -62.61 -31.49
C SER C 99 17.69 -62.23 -30.21
N ASP C 100 18.47 -62.07 -29.15
CA ASP C 100 17.98 -61.70 -27.82
C ASP C 100 18.67 -60.43 -27.33
N PRO C 101 17.98 -59.26 -27.49
CA PRO C 101 18.47 -57.91 -27.15
C PRO C 101 18.80 -57.67 -25.69
N ILE C 102 18.62 -58.71 -24.90
CA ILE C 102 18.98 -58.66 -23.51
C ILE C 102 20.47 -58.99 -23.41
N LEU C 103 20.89 -59.95 -24.23
CA LEU C 103 22.24 -60.46 -24.31
C LEU C 103 23.04 -60.00 -25.53
N TYR C 104 22.48 -59.05 -26.25
CA TYR C 104 23.16 -58.51 -27.40
C TYR C 104 24.18 -57.52 -26.90
N ARG C 105 25.39 -57.65 -27.35
CA ARG C 105 26.37 -56.72 -26.86
C ARG C 105 26.98 -55.95 -28.01
N PRO C 106 26.87 -54.59 -28.00
CA PRO C 106 27.46 -53.80 -29.06
C PRO C 106 28.96 -53.93 -29.06
N VAL C 107 29.57 -53.61 -30.18
CA VAL C 107 31.01 -53.66 -30.28
C VAL C 107 31.43 -52.48 -31.14
N ALA C 108 32.37 -51.70 -30.65
CA ALA C 108 32.83 -50.58 -31.44
C ALA C 108 33.83 -51.06 -32.48
N VAL C 109 33.91 -50.29 -33.57
CA VAL C 109 34.81 -50.53 -34.71
C VAL C 109 35.78 -49.35 -34.78
N ALA C 110 37.05 -49.60 -34.39
CA ALA C 110 38.08 -48.54 -34.36
C ALA C 110 39.15 -48.63 -35.45
N LEU C 111 39.31 -47.46 -36.12
CA LEU C 111 40.30 -47.24 -37.18
C LEU C 111 41.58 -46.69 -36.63
N ASP C 112 42.61 -47.51 -36.68
CA ASP C 112 43.89 -47.08 -36.24
C ASP C 112 44.65 -46.73 -37.51
N THR C 113 45.07 -45.51 -37.51
CA THR C 113 45.73 -44.79 -38.55
C THR C 113 47.22 -45.13 -38.77
N LYS C 114 47.72 -44.80 -39.95
CA LYS C 114 49.12 -45.00 -40.20
C LYS C 114 49.88 -43.88 -39.51
N GLY C 115 49.76 -42.66 -40.05
CA GLY C 115 50.40 -41.47 -39.48
C GLY C 115 51.78 -41.11 -40.06
N PRO C 116 52.47 -40.27 -39.34
CA PRO C 116 53.80 -39.85 -39.72
C PRO C 116 54.78 -40.87 -39.23
N GLU C 117 54.75 -42.01 -39.90
CA GLU C 117 55.58 -43.13 -39.54
C GLU C 117 56.43 -43.74 -40.66
N ILE C 118 57.49 -44.41 -40.20
CA ILE C 118 58.40 -45.10 -41.07
C ILE C 118 58.08 -46.59 -40.99
N ARG C 119 57.82 -47.25 -42.10
CA ARG C 119 57.48 -48.66 -42.03
C ARG C 119 58.17 -49.58 -43.02
N THR C 120 58.81 -50.65 -42.53
CA THR C 120 59.45 -51.62 -43.42
C THR C 120 58.44 -52.21 -44.39
N GLY C 121 58.90 -53.19 -45.17
CA GLY C 121 58.01 -53.81 -46.12
C GLY C 121 57.70 -55.26 -45.82
N LEU C 122 57.23 -55.94 -46.84
CA LEU C 122 56.86 -57.33 -46.78
C LEU C 122 58.05 -58.26 -46.75
N ILE C 123 58.08 -59.12 -45.74
CA ILE C 123 59.14 -60.09 -45.66
C ILE C 123 58.76 -61.22 -46.61
N LYS C 124 59.42 -61.31 -47.75
CA LYS C 124 59.11 -62.36 -48.72
C LYS C 124 57.65 -62.34 -49.17
N GLY C 125 57.21 -61.16 -49.62
CA GLY C 125 55.86 -60.91 -50.12
C GLY C 125 54.72 -61.33 -49.19
N SER C 126 55.08 -61.65 -47.94
CA SER C 126 54.14 -62.13 -46.93
C SER C 126 53.42 -61.15 -46.02
N GLY C 127 54.04 -60.70 -44.96
CA GLY C 127 53.30 -59.83 -44.05
C GLY C 127 52.96 -60.62 -42.78
N THR C 128 52.73 -61.94 -42.94
CA THR C 128 52.49 -62.82 -41.84
C THR C 128 53.83 -63.50 -41.58
N ALA C 129 54.70 -63.32 -42.59
CA ALA C 129 56.03 -63.88 -42.59
C ALA C 129 56.94 -63.17 -41.65
N GLU C 130 57.84 -63.97 -41.07
CA GLU C 130 58.83 -63.53 -40.09
C GLU C 130 60.19 -63.93 -40.56
N VAL C 131 61.19 -63.45 -39.85
CA VAL C 131 62.57 -63.71 -40.17
C VAL C 131 63.43 -63.55 -38.94
N GLU C 132 64.39 -64.44 -38.77
CA GLU C 132 65.26 -64.35 -37.62
C GLU C 132 66.51 -63.59 -37.96
N LEU C 133 66.86 -62.72 -37.04
CA LEU C 133 68.04 -61.93 -37.18
C LEU C 133 68.95 -62.28 -36.05
N LYS C 134 70.22 -62.59 -36.37
CA LYS C 134 71.22 -62.99 -35.39
C LYS C 134 72.04 -61.83 -34.86
N LYS C 135 72.55 -61.98 -33.66
CA LYS C 135 73.32 -60.85 -33.24
C LYS C 135 74.62 -60.84 -34.01
N GLY C 136 75.14 -59.63 -34.14
CA GLY C 136 76.38 -59.38 -34.83
C GLY C 136 76.25 -59.34 -36.34
N ALA C 137 75.25 -60.04 -36.86
CA ALA C 137 75.04 -60.11 -38.29
C ALA C 137 75.05 -58.75 -39.01
N THR C 138 74.78 -58.78 -40.30
CA THR C 138 74.74 -57.56 -41.11
C THR C 138 73.40 -57.49 -41.78
N LEU C 139 72.94 -56.27 -41.95
CA LEU C 139 71.65 -56.06 -42.59
C LEU C 139 71.68 -54.80 -43.44
N LYS C 140 71.14 -54.87 -44.65
CA LYS C 140 71.20 -53.66 -45.44
C LYS C 140 69.90 -52.93 -45.60
N ILE C 141 69.86 -51.71 -45.10
CA ILE C 141 68.64 -50.99 -45.31
C ILE C 141 68.61 -50.38 -46.71
N THR C 142 67.56 -50.67 -47.45
CA THR C 142 67.42 -50.20 -48.80
C THR C 142 66.08 -49.53 -49.09
N LEU C 143 66.15 -48.65 -50.08
CA LEU C 143 65.02 -47.91 -50.55
C LEU C 143 64.62 -48.43 -51.92
N ASP C 144 65.31 -49.51 -52.28
CA ASP C 144 65.08 -50.18 -53.55
C ASP C 144 63.73 -50.89 -53.54
N ASN C 145 62.75 -50.24 -54.18
CA ASN C 145 61.38 -50.76 -54.26
C ASN C 145 61.35 -52.23 -54.66
N ALA C 146 62.27 -52.63 -55.50
CA ALA C 146 62.28 -54.00 -55.89
C ALA C 146 62.70 -54.93 -54.77
N TYR C 147 62.47 -54.51 -53.53
CA TYR C 147 62.82 -55.30 -52.36
C TYR C 147 61.75 -55.12 -51.34
N MET C 148 61.01 -54.07 -51.66
CA MET C 148 59.88 -53.58 -50.92
C MET C 148 59.08 -54.70 -50.33
N GLU C 149 58.81 -55.68 -51.18
CA GLU C 149 58.06 -56.87 -50.82
C GLU C 149 58.95 -58.11 -50.79
N LYS C 150 60.26 -57.87 -50.69
CA LYS C 150 61.22 -58.95 -50.64
C LYS C 150 62.19 -58.80 -49.50
N CYS C 151 61.71 -58.33 -48.38
CA CYS C 151 62.63 -58.21 -47.28
C CYS C 151 63.12 -59.57 -46.85
N ASP C 152 64.11 -59.56 -45.95
CA ASP C 152 64.65 -60.78 -45.42
C ASP C 152 65.83 -60.49 -44.55
N GLU C 153 66.34 -61.56 -43.98
CA GLU C 153 67.49 -61.55 -43.11
C GLU C 153 68.63 -60.69 -43.70
N ASN C 154 68.72 -60.62 -45.02
CA ASN C 154 69.81 -59.93 -45.68
C ASN C 154 69.51 -58.49 -46.06
N ILE C 155 68.34 -58.36 -46.69
CA ILE C 155 67.82 -57.12 -47.22
C ILE C 155 66.60 -56.59 -46.46
N LEU C 156 66.61 -55.27 -46.25
CA LEU C 156 65.56 -54.58 -45.52
C LEU C 156 65.13 -53.26 -46.09
N TRP C 157 64.05 -53.32 -46.76
CA TRP C 157 63.46 -52.17 -47.36
C TRP C 157 62.68 -51.31 -46.35
N LEU C 158 62.50 -50.00 -46.67
CA LEU C 158 61.84 -48.96 -45.82
C LEU C 158 60.97 -47.89 -46.56
N ASP C 159 60.06 -47.26 -45.80
CA ASP C 159 59.08 -46.23 -46.23
C ASP C 159 59.68 -44.86 -46.57
N TYR C 160 60.73 -44.49 -45.84
CA TYR C 160 61.42 -43.19 -45.83
C TYR C 160 62.59 -42.92 -46.80
N LYS C 161 62.32 -42.32 -47.98
CA LYS C 161 63.37 -42.01 -48.99
C LYS C 161 64.45 -41.00 -48.59
N ASN C 162 64.39 -40.50 -47.39
CA ASN C 162 65.33 -39.50 -46.96
C ASN C 162 66.16 -39.96 -45.80
N ILE C 163 65.76 -41.10 -45.24
CA ILE C 163 66.39 -41.71 -44.08
C ILE C 163 67.90 -41.58 -44.03
N CYS C 164 68.52 -41.64 -45.22
CA CYS C 164 69.97 -41.52 -45.41
C CYS C 164 70.50 -40.15 -45.06
N LYS C 165 69.57 -39.21 -45.11
CA LYS C 165 69.87 -37.85 -44.80
C LYS C 165 69.66 -37.58 -43.33
N VAL C 166 68.70 -38.31 -42.77
CA VAL C 166 68.39 -38.15 -41.38
C VAL C 166 69.24 -39.01 -40.43
N VAL C 167 70.06 -39.90 -40.94
CA VAL C 167 70.90 -40.73 -40.03
C VAL C 167 72.43 -40.63 -40.35
N ASP C 168 73.24 -40.67 -39.23
CA ASP C 168 74.76 -40.69 -39.25
C ASP C 168 75.30 -42.10 -39.14
N VAL C 169 76.57 -42.26 -39.42
CA VAL C 169 77.24 -43.53 -39.20
C VAL C 169 77.40 -43.66 -37.67
N GLY C 170 77.27 -44.88 -37.18
CA GLY C 170 77.39 -45.16 -35.72
C GLY C 170 76.01 -45.11 -35.10
N SER C 171 75.14 -44.34 -35.73
CA SER C 171 73.77 -44.18 -35.30
C SER C 171 73.07 -45.54 -35.15
N LYS C 172 71.84 -45.50 -34.62
CA LYS C 172 71.01 -46.64 -34.35
C LYS C 172 69.63 -46.56 -34.98
N VAL C 173 69.22 -47.68 -35.55
CA VAL C 173 67.94 -47.81 -36.21
C VAL C 173 67.12 -48.86 -35.52
N TYR C 174 65.96 -48.43 -35.06
CA TYR C 174 65.08 -49.30 -34.34
C TYR C 174 64.00 -49.85 -35.15
N VAL C 175 63.89 -51.14 -35.00
CA VAL C 175 62.84 -51.83 -35.68
C VAL C 175 61.91 -52.50 -34.71
N ASP C 176 60.63 -52.36 -35.07
CA ASP C 176 59.55 -52.95 -34.33
C ASP C 176 59.61 -52.57 -32.86
N ASP C 177 59.18 -51.36 -32.59
CA ASP C 177 59.16 -50.83 -31.25
C ASP C 177 60.41 -51.05 -30.44
N GLY C 178 61.57 -51.00 -31.11
CA GLY C 178 62.83 -51.13 -30.37
C GLY C 178 63.21 -52.59 -30.11
N LEU C 179 62.47 -53.46 -30.74
CA LEU C 179 62.73 -54.85 -30.59
C LEU C 179 64.12 -55.14 -31.07
N ILE C 180 64.38 -54.63 -32.27
CA ILE C 180 65.68 -54.78 -32.85
C ILE C 180 66.45 -53.48 -32.96
N SER C 181 67.68 -53.53 -32.49
CA SER C 181 68.60 -52.40 -32.57
C SER C 181 69.65 -52.58 -33.71
N LEU C 182 69.60 -51.67 -34.67
CA LEU C 182 70.54 -51.66 -35.79
C LEU C 182 71.45 -50.43 -35.71
N GLN C 183 72.73 -50.66 -35.79
CA GLN C 183 73.67 -49.58 -35.76
C GLN C 183 74.21 -49.33 -37.16
N VAL C 184 74.08 -48.10 -37.64
CA VAL C 184 74.58 -47.78 -38.96
C VAL C 184 76.08 -47.88 -39.04
N LYS C 185 76.54 -48.73 -39.96
CA LYS C 185 77.94 -48.99 -40.17
C LYS C 185 78.45 -48.13 -41.29
N GLN C 186 77.65 -48.09 -42.30
CA GLN C 186 77.97 -47.29 -43.43
C GLN C 186 76.70 -46.93 -44.19
N LYS C 187 76.72 -45.75 -44.82
CA LYS C 187 75.57 -45.24 -45.54
C LYS C 187 75.91 -44.57 -46.85
N GLY C 188 75.00 -44.69 -47.75
CA GLY C 188 75.18 -44.12 -49.05
C GLY C 188 73.98 -43.26 -49.29
N PRO C 189 73.63 -43.12 -50.55
CA PRO C 189 72.52 -42.31 -50.94
C PRO C 189 71.21 -43.07 -50.85
N ASP C 190 71.28 -44.25 -51.41
CA ASP C 190 70.22 -45.23 -51.55
C ASP C 190 69.93 -46.09 -50.32
N PHE C 191 70.98 -46.66 -49.75
CA PHE C 191 70.91 -47.63 -48.66
C PHE C 191 71.65 -47.28 -47.40
N LEU C 192 71.55 -48.22 -46.46
CA LEU C 192 72.23 -48.16 -45.19
C LEU C 192 72.83 -49.51 -44.89
N VAL C 193 74.03 -49.47 -44.37
CA VAL C 193 74.71 -50.67 -43.98
C VAL C 193 74.89 -50.75 -42.48
N THR C 194 74.17 -51.71 -41.94
CA THR C 194 74.11 -51.92 -40.52
C THR C 194 74.38 -53.34 -40.07
N GLU C 195 74.89 -53.39 -38.85
CA GLU C 195 75.10 -54.65 -38.25
C GLU C 195 74.03 -54.90 -37.18
N VAL C 196 73.39 -56.07 -37.14
CA VAL C 196 72.35 -56.36 -36.14
C VAL C 196 72.91 -56.54 -34.70
N GLU C 197 72.46 -55.65 -33.84
CA GLU C 197 72.90 -55.49 -32.48
C GLU C 197 72.34 -56.43 -31.44
N ASN C 198 71.15 -56.94 -31.70
CA ASN C 198 70.50 -57.89 -30.82
C ASN C 198 69.70 -58.83 -31.70
N GLY C 199 69.68 -60.12 -31.40
CA GLY C 199 68.92 -61.02 -32.30
C GLY C 199 67.39 -60.89 -32.17
N GLY C 200 66.66 -61.43 -33.14
CA GLY C 200 65.22 -61.32 -33.02
C GLY C 200 64.45 -61.47 -34.32
N PHE C 201 63.19 -61.77 -34.13
CA PHE C 201 62.33 -61.98 -35.24
C PHE C 201 61.90 -60.75 -35.90
N LEU C 202 62.34 -60.67 -37.11
CA LEU C 202 61.99 -59.55 -37.86
C LEU C 202 60.81 -59.84 -38.74
N GLY C 203 59.74 -59.10 -38.51
CA GLY C 203 58.54 -59.30 -39.27
C GLY C 203 58.24 -58.29 -40.37
N SER C 204 56.98 -58.30 -40.74
CA SER C 204 56.51 -57.46 -41.82
C SER C 204 55.91 -56.13 -41.44
N LYS C 205 56.03 -55.18 -42.39
CA LYS C 205 55.53 -53.82 -42.27
C LYS C 205 55.78 -53.26 -40.89
N LYS C 206 56.98 -53.55 -40.34
CA LYS C 206 57.43 -53.15 -39.00
C LYS C 206 57.67 -51.66 -38.82
N GLY C 207 57.84 -51.28 -37.55
CA GLY C 207 58.04 -49.90 -37.20
C GLY C 207 59.49 -49.54 -36.97
N VAL C 208 59.86 -48.40 -37.59
CA VAL C 208 61.20 -47.87 -37.47
C VAL C 208 61.25 -46.63 -36.62
N ASN C 209 62.07 -46.72 -35.59
CA ASN C 209 62.20 -45.58 -34.75
C ASN C 209 63.64 -45.05 -34.81
N LEU C 210 63.78 -43.86 -35.37
CA LEU C 210 65.07 -43.19 -35.50
C LEU C 210 65.09 -42.17 -34.44
N PRO C 211 65.17 -42.65 -33.23
CA PRO C 211 65.11 -41.80 -32.07
C PRO C 211 66.08 -40.66 -32.23
N GLY C 212 65.60 -39.50 -31.83
CA GLY C 212 66.36 -38.27 -31.89
C GLY C 212 66.88 -37.94 -33.29
N ALA C 213 65.99 -37.97 -34.27
CA ALA C 213 66.32 -37.66 -35.66
C ALA C 213 65.17 -36.86 -36.30
N ALA C 214 65.54 -35.84 -37.04
CA ALA C 214 64.61 -34.94 -37.68
C ALA C 214 63.88 -35.48 -38.88
N VAL C 215 62.81 -36.19 -38.61
CA VAL C 215 61.93 -36.72 -39.62
C VAL C 215 60.88 -35.64 -39.87
N ASP C 216 60.69 -35.31 -41.13
CA ASP C 216 59.78 -34.25 -41.55
C ASP C 216 58.48 -34.80 -42.03
N LEU C 217 58.02 -35.86 -41.39
CA LEU C 217 56.79 -36.44 -41.86
C LEU C 217 55.60 -35.56 -41.64
N PRO C 218 54.66 -35.74 -42.56
CA PRO C 218 53.42 -35.01 -42.58
C PRO C 218 52.41 -35.60 -41.63
N ALA C 219 51.69 -34.68 -40.99
CA ALA C 219 50.67 -35.04 -40.05
C ALA C 219 49.56 -35.91 -40.65
N VAL C 220 49.17 -35.65 -41.90
CA VAL C 220 48.11 -36.44 -42.51
C VAL C 220 48.45 -36.87 -43.94
N SER C 221 49.10 -38.03 -44.08
CA SER C 221 49.47 -38.54 -45.39
C SER C 221 48.30 -38.54 -46.36
N GLU C 222 48.63 -38.61 -47.64
CA GLU C 222 47.59 -38.66 -48.64
C GLU C 222 46.98 -40.03 -48.50
N LYS C 223 47.83 -40.94 -48.02
CA LYS C 223 47.44 -42.30 -47.72
C LYS C 223 46.55 -42.22 -46.49
N ASP C 224 47.02 -41.42 -45.52
CA ASP C 224 46.30 -41.17 -44.28
C ASP C 224 44.90 -40.77 -44.65
N ILE C 225 44.89 -39.74 -45.50
CA ILE C 225 43.68 -39.18 -46.06
C ILE C 225 42.81 -40.31 -46.57
N GLN C 226 43.42 -41.07 -47.44
CA GLN C 226 42.84 -42.23 -48.09
C GLN C 226 42.13 -43.11 -47.07
N ASP C 227 42.91 -43.57 -46.11
CA ASP C 227 42.38 -44.42 -45.08
C ASP C 227 41.26 -43.75 -44.37
N LEU C 228 41.50 -42.50 -43.93
CA LEU C 228 40.49 -41.69 -43.24
C LEU C 228 39.18 -41.79 -43.99
N LYS C 229 39.21 -41.39 -45.25
CA LYS C 229 37.98 -41.43 -46.04
C LYS C 229 37.38 -42.83 -46.12
N PHE C 230 38.26 -43.78 -46.05
CA PHE C 230 37.84 -45.14 -46.13
C PHE C 230 37.00 -45.56 -44.92
N GLY C 231 37.51 -45.25 -43.74
CA GLY C 231 36.87 -45.57 -42.49
C GLY C 231 35.52 -44.88 -42.33
N VAL C 232 35.38 -43.72 -42.98
CA VAL C 232 34.16 -42.92 -42.97
C VAL C 232 33.06 -43.62 -43.73
N GLU C 233 33.51 -44.42 -44.69
CA GLU C 233 32.65 -45.20 -45.57
C GLU C 233 32.39 -46.53 -44.95
N GLN C 234 33.29 -46.82 -44.06
CA GLN C 234 33.26 -48.02 -43.32
C GLN C 234 32.36 -47.93 -42.12
N ASP C 235 32.02 -46.69 -41.83
CA ASP C 235 31.19 -46.33 -40.70
C ASP C 235 31.81 -46.74 -39.38
N VAL C 236 33.09 -46.43 -39.23
CA VAL C 236 33.84 -46.68 -38.02
C VAL C 236 33.35 -45.72 -36.95
N ASP C 237 33.45 -46.11 -35.72
CA ASP C 237 32.96 -45.25 -34.69
C ASP C 237 34.07 -44.38 -34.18
N MET C 238 35.27 -44.87 -34.34
CA MET C 238 36.31 -44.01 -33.88
C MET C 238 37.59 -44.17 -34.63
N VAL C 239 38.48 -43.27 -34.26
CA VAL C 239 39.78 -43.22 -34.84
C VAL C 239 40.93 -43.04 -33.87
N PHE C 240 41.87 -43.94 -33.99
CA PHE C 240 43.06 -43.83 -33.22
C PHE C 240 44.06 -43.11 -34.11
N ALA C 241 44.21 -41.81 -33.92
CA ALA C 241 45.13 -41.12 -34.78
C ALA C 241 46.56 -41.32 -34.32
N SER C 242 47.38 -42.07 -35.10
CA SER C 242 48.77 -42.36 -34.73
C SER C 242 49.71 -41.17 -34.86
N PHE C 243 50.60 -41.09 -33.90
CA PHE C 243 51.60 -40.06 -33.84
C PHE C 243 51.03 -38.68 -33.97
N ILE C 244 50.28 -38.27 -32.94
CA ILE C 244 49.74 -36.93 -32.95
C ILE C 244 50.76 -36.11 -32.16
N ARG C 245 51.23 -34.97 -32.69
CA ARG C 245 52.27 -34.22 -32.01
C ARG C 245 51.79 -32.88 -31.49
N LYS C 246 50.69 -32.44 -32.02
CA LYS C 246 50.23 -31.12 -31.63
C LYS C 246 48.86 -30.93 -32.23
N ALA C 247 48.04 -30.18 -31.49
CA ALA C 247 46.66 -29.91 -31.84
C ALA C 247 46.38 -29.70 -33.32
N ALA C 248 47.34 -29.08 -34.00
CA ALA C 248 47.20 -28.84 -35.42
C ALA C 248 46.95 -30.11 -36.18
N ASP C 249 47.63 -31.15 -35.70
CA ASP C 249 47.48 -32.46 -36.32
C ASP C 249 46.03 -32.89 -36.18
N VAL C 250 45.48 -32.69 -34.99
CA VAL C 250 44.10 -33.07 -34.70
C VAL C 250 43.07 -32.45 -35.62
N HIS C 251 43.21 -31.13 -35.74
CA HIS C 251 42.35 -30.31 -36.56
C HIS C 251 42.39 -30.82 -37.97
N GLU C 252 43.61 -31.19 -38.37
CA GLU C 252 43.88 -31.76 -39.67
C GLU C 252 43.14 -33.10 -39.87
N VAL C 253 43.17 -33.96 -38.83
CA VAL C 253 42.44 -35.22 -38.92
C VAL C 253 40.95 -34.93 -38.91
N ARG C 254 40.59 -34.00 -38.02
CA ARG C 254 39.24 -33.51 -37.84
C ARG C 254 38.75 -33.07 -39.19
N LYS C 255 39.62 -32.28 -39.83
CA LYS C 255 39.47 -31.72 -41.18
C LYS C 255 39.07 -32.81 -42.17
N ILE C 256 39.93 -33.81 -42.32
CA ILE C 256 39.69 -34.90 -43.25
C ILE C 256 38.45 -35.70 -42.90
N LEU C 257 38.12 -35.75 -41.62
CA LEU C 257 36.96 -36.50 -41.24
C LEU C 257 35.77 -35.78 -41.81
N GLY C 258 35.96 -34.49 -41.84
CA GLY C 258 34.97 -33.62 -42.39
C GLY C 258 33.62 -33.84 -41.76
N GLU C 259 32.61 -33.34 -42.46
CA GLU C 259 31.23 -33.36 -42.03
C GLU C 259 30.61 -34.73 -41.86
N LYS C 260 30.82 -35.59 -42.84
CA LYS C 260 30.24 -36.91 -42.79
C LYS C 260 30.61 -37.65 -41.53
N GLY C 261 31.77 -37.30 -41.00
CA GLY C 261 32.28 -37.91 -39.79
C GLY C 261 32.50 -36.86 -38.73
N LYS C 262 31.51 -35.98 -38.51
CA LYS C 262 31.62 -34.96 -37.49
C LYS C 262 31.32 -35.59 -36.12
N ASN C 263 30.89 -36.84 -36.20
CA ASN C 263 30.56 -37.63 -35.03
C ASN C 263 31.59 -38.72 -34.71
N ILE C 264 32.54 -38.96 -35.62
CA ILE C 264 33.54 -39.99 -35.38
C ILE C 264 34.49 -39.49 -34.31
N LYS C 265 34.68 -40.30 -33.29
CA LYS C 265 35.52 -39.93 -32.20
C LYS C 265 36.99 -39.98 -32.58
N ILE C 266 37.67 -38.88 -32.30
CA ILE C 266 39.05 -38.85 -32.63
C ILE C 266 39.84 -39.07 -31.40
N ILE C 267 40.54 -40.19 -31.40
CA ILE C 267 41.37 -40.58 -30.29
C ILE C 267 42.78 -40.39 -30.68
N SER C 268 43.41 -39.43 -30.02
CA SER C 268 44.78 -39.12 -30.29
C SER C 268 45.80 -39.97 -29.52
N LYS C 269 46.72 -40.56 -30.27
CA LYS C 269 47.75 -41.40 -29.67
C LYS C 269 49.06 -40.65 -29.46
N ILE C 270 49.56 -40.73 -28.21
CA ILE C 270 50.79 -40.09 -27.77
C ILE C 270 51.94 -41.08 -27.79
N GLU C 271 52.71 -41.06 -28.88
CA GLU C 271 53.79 -42.01 -29.06
C GLU C 271 55.18 -41.44 -29.35
N ASN C 272 55.46 -40.25 -28.80
CA ASN C 272 56.72 -39.50 -28.92
C ASN C 272 56.84 -38.33 -27.96
N HIS C 273 58.05 -37.83 -27.90
CA HIS C 273 58.42 -36.73 -27.02
C HIS C 273 57.61 -35.44 -27.19
N GLU C 274 57.16 -35.17 -28.40
CA GLU C 274 56.40 -33.99 -28.71
C GLU C 274 54.96 -34.08 -28.23
N GLY C 275 54.38 -35.22 -28.58
CA GLY C 275 53.02 -35.53 -28.21
C GLY C 275 52.85 -35.35 -26.71
N VAL C 276 53.84 -35.83 -26.02
CA VAL C 276 53.85 -35.73 -24.59
C VAL C 276 53.87 -34.28 -24.20
N ARG C 277 54.97 -33.65 -24.62
CA ARG C 277 55.24 -32.24 -24.37
C ARG C 277 54.08 -31.35 -24.76
N ARG C 278 53.41 -31.65 -25.88
CA ARG C 278 52.28 -30.77 -26.26
C ARG C 278 50.93 -31.38 -25.86
N PHE C 279 50.99 -32.28 -24.90
CA PHE C 279 49.84 -33.00 -24.44
C PHE C 279 48.57 -32.20 -24.20
N ASP C 280 48.67 -31.14 -23.43
CA ASP C 280 47.48 -30.36 -23.10
C ASP C 280 46.59 -29.95 -24.29
N GLU C 281 47.15 -29.20 -25.24
CA GLU C 281 46.43 -28.71 -26.44
C GLU C 281 45.98 -29.87 -27.33
N ILE C 282 46.71 -30.98 -27.20
CA ILE C 282 46.40 -32.16 -27.93
C ILE C 282 45.11 -32.63 -27.38
N LEU C 283 45.19 -32.82 -26.08
CA LEU C 283 44.08 -33.25 -25.32
C LEU C 283 42.88 -32.36 -25.57
N GLU C 284 43.12 -31.07 -25.47
CA GLU C 284 42.04 -30.15 -25.65
C GLU C 284 41.35 -30.32 -26.98
N ALA C 285 42.16 -30.57 -27.98
CA ALA C 285 41.59 -30.73 -29.29
C ALA C 285 40.96 -32.08 -29.57
N SER C 286 41.53 -33.13 -28.97
CA SER C 286 41.04 -34.46 -29.24
C SER C 286 39.93 -34.88 -28.32
N ASP C 287 39.16 -35.89 -28.79
CA ASP C 287 38.01 -36.47 -28.11
C ASP C 287 38.43 -37.42 -27.00
N GLY C 288 39.69 -37.81 -27.06
CA GLY C 288 40.28 -38.77 -26.15
C GLY C 288 41.68 -39.16 -26.58
N ILE C 289 42.34 -39.84 -25.68
CA ILE C 289 43.71 -40.21 -25.83
C ILE C 289 44.08 -41.67 -25.57
N MET C 290 45.10 -42.08 -26.28
CA MET C 290 45.65 -43.38 -26.10
C MET C 290 47.09 -43.20 -25.76
N VAL C 291 47.54 -44.08 -24.88
CA VAL C 291 48.91 -44.14 -24.44
C VAL C 291 49.52 -45.33 -25.16
N ALA C 292 50.10 -44.97 -26.28
CA ALA C 292 50.72 -45.91 -27.18
C ALA C 292 52.15 -46.19 -26.77
N ARG C 293 52.30 -46.98 -25.70
CA ARG C 293 53.60 -47.29 -25.17
C ARG C 293 54.55 -48.07 -26.07
N GLY C 294 54.05 -48.65 -27.15
CA GLY C 294 54.93 -49.41 -28.02
C GLY C 294 55.93 -48.48 -28.65
N ASP C 295 55.41 -47.52 -29.41
CA ASP C 295 56.24 -46.52 -30.03
C ASP C 295 56.80 -45.58 -28.97
N LEU C 296 55.93 -45.11 -28.11
CA LEU C 296 56.36 -44.21 -27.05
C LEU C 296 57.58 -44.64 -26.25
N GLY C 297 57.60 -45.90 -25.89
CA GLY C 297 58.69 -46.47 -25.10
C GLY C 297 60.01 -46.54 -25.84
N ILE C 298 59.95 -46.41 -27.15
CA ILE C 298 61.20 -46.39 -27.86
C ILE C 298 61.51 -44.94 -28.21
N GLU C 299 60.45 -44.15 -28.40
CA GLU C 299 60.67 -42.75 -28.65
C GLU C 299 61.31 -42.09 -27.44
N ILE C 300 60.83 -42.42 -26.23
CA ILE C 300 61.48 -41.88 -25.03
C ILE C 300 62.08 -43.02 -24.24
N PRO C 301 62.94 -42.68 -23.30
CA PRO C 301 63.57 -43.65 -22.44
C PRO C 301 62.54 -44.57 -21.85
N ALA C 302 62.85 -45.84 -21.93
CA ALA C 302 61.95 -46.84 -21.45
C ALA C 302 61.56 -46.56 -20.01
N GLU C 303 62.53 -46.10 -19.25
CA GLU C 303 62.33 -45.83 -17.85
C GLU C 303 61.42 -44.64 -17.53
N LYS C 304 60.92 -43.93 -18.55
CA LYS C 304 60.06 -42.78 -18.26
C LYS C 304 58.60 -42.88 -18.68
N VAL C 305 58.22 -43.97 -19.33
CA VAL C 305 56.86 -44.18 -19.81
C VAL C 305 55.79 -44.14 -18.73
N PHE C 306 56.09 -44.72 -17.59
CA PHE C 306 55.11 -44.70 -16.57
C PHE C 306 54.77 -43.29 -16.11
N LEU C 307 55.77 -42.38 -16.15
CA LEU C 307 55.57 -40.97 -15.82
C LEU C 307 54.56 -40.38 -16.84
N ALA C 308 54.78 -40.66 -18.11
CA ALA C 308 53.86 -40.18 -19.14
C ALA C 308 52.48 -40.72 -18.93
N GLN C 309 52.41 -42.06 -18.78
CA GLN C 309 51.16 -42.78 -18.57
C GLN C 309 50.32 -42.19 -17.43
N LYS C 310 50.95 -42.04 -16.28
CA LYS C 310 50.29 -41.48 -15.14
C LYS C 310 49.90 -40.02 -15.37
N MET C 311 50.82 -39.22 -15.93
CA MET C 311 50.50 -37.82 -16.22
C MET C 311 49.33 -37.74 -17.19
N ILE C 312 49.44 -38.55 -18.21
CA ILE C 312 48.40 -38.56 -19.23
C ILE C 312 47.02 -39.10 -18.79
N ILE C 313 47.00 -40.19 -18.03
CA ILE C 313 45.76 -40.79 -17.54
C ILE C 313 45.13 -39.81 -16.54
N GLY C 314 45.97 -39.22 -15.68
CA GLY C 314 45.52 -38.26 -14.70
C GLY C 314 44.85 -37.07 -15.37
N ARG C 315 45.56 -36.50 -16.34
CA ARG C 315 45.03 -35.37 -17.05
C ARG C 315 43.64 -35.61 -17.69
N CYS C 316 43.48 -36.72 -18.42
CA CYS C 316 42.20 -37.09 -19.03
C CYS C 316 41.10 -37.30 -18.00
N ASN C 317 41.47 -37.84 -16.86
CA ASN C 317 40.52 -38.08 -15.81
C ASN C 317 39.96 -36.76 -15.45
N ARG C 318 40.90 -35.93 -15.10
CA ARG C 318 40.66 -34.56 -14.76
C ARG C 318 39.74 -33.90 -15.79
N ALA C 319 40.12 -34.01 -17.04
CA ALA C 319 39.37 -33.41 -18.13
C ALA C 319 38.05 -34.05 -18.37
N GLY C 320 37.91 -35.28 -17.94
CA GLY C 320 36.67 -35.94 -18.24
C GLY C 320 36.69 -36.55 -19.65
N LYS C 321 37.91 -36.77 -20.18
CA LYS C 321 38.08 -37.36 -21.52
C LYS C 321 38.62 -38.80 -21.45
N PRO C 322 38.05 -39.68 -22.26
CA PRO C 322 38.45 -41.08 -22.26
C PRO C 322 39.88 -41.29 -22.63
N VAL C 323 40.54 -42.10 -21.82
CA VAL C 323 41.93 -42.44 -22.03
C VAL C 323 42.11 -43.96 -22.12
N ILE C 324 43.04 -44.38 -22.98
CA ILE C 324 43.32 -45.77 -23.16
C ILE C 324 44.75 -46.10 -22.84
N CYS C 325 44.95 -47.23 -22.17
CA CYS C 325 46.28 -47.72 -21.91
C CYS C 325 46.58 -48.74 -23.01
N ALA C 326 47.70 -48.62 -23.69
CA ALA C 326 47.85 -49.54 -24.77
C ALA C 326 49.22 -50.11 -24.92
N THR C 327 49.31 -51.32 -25.45
CA THR C 327 50.57 -51.96 -25.78
C THR C 327 51.41 -52.74 -24.76
N GLN C 328 51.65 -54.00 -25.12
CA GLN C 328 52.42 -54.96 -24.37
C GLN C 328 51.94 -55.29 -22.98
N MET C 329 50.64 -55.10 -22.72
CA MET C 329 50.10 -55.40 -21.40
C MET C 329 50.21 -56.90 -21.07
N LEU C 330 49.84 -57.72 -22.04
CA LEU C 330 49.83 -59.16 -21.90
C LEU C 330 50.62 -59.78 -23.05
N GLU C 331 51.77 -59.15 -23.30
CA GLU C 331 52.71 -59.57 -24.33
C GLU C 331 52.87 -61.06 -24.39
N SER C 332 53.46 -61.63 -23.30
CA SER C 332 53.71 -63.07 -23.02
C SER C 332 52.85 -63.93 -23.90
N MET C 333 51.59 -63.84 -23.46
CA MET C 333 50.38 -64.47 -23.96
C MET C 333 50.22 -64.59 -25.47
N ILE C 334 51.26 -64.21 -26.20
CA ILE C 334 51.16 -64.36 -27.62
C ILE C 334 51.53 -65.80 -27.89
N LYS C 335 52.36 -66.28 -26.96
CA LYS C 335 52.91 -67.60 -26.97
C LYS C 335 52.55 -68.41 -25.70
N LYS C 336 52.26 -67.74 -24.58
CA LYS C 336 51.92 -68.42 -23.31
C LYS C 336 50.46 -68.27 -22.93
N PRO C 337 49.91 -69.25 -22.22
CA PRO C 337 48.50 -69.18 -21.87
C PRO C 337 48.25 -68.35 -20.61
N ARG C 338 49.30 -68.20 -19.79
CA ARG C 338 49.33 -67.45 -18.53
C ARG C 338 50.33 -66.29 -18.67
N PRO C 339 49.92 -65.08 -18.25
CA PRO C 339 50.79 -63.92 -18.34
C PRO C 339 51.83 -63.92 -17.22
N THR C 340 52.75 -62.96 -17.30
CA THR C 340 53.76 -62.84 -16.27
C THR C 340 53.25 -62.04 -15.11
N ARG C 341 54.00 -62.07 -14.00
CA ARG C 341 53.66 -61.29 -12.85
C ARG C 341 53.59 -59.80 -13.25
N ALA C 342 54.67 -59.37 -13.85
CA ALA C 342 54.79 -58.04 -14.36
C ALA C 342 53.64 -57.68 -15.26
N GLU C 343 53.14 -58.60 -16.06
CA GLU C 343 52.00 -58.19 -16.92
C GLU C 343 50.68 -58.06 -16.18
N GLY C 344 50.51 -58.82 -15.12
CA GLY C 344 49.27 -58.73 -14.42
C GLY C 344 49.26 -57.48 -13.58
N SER C 345 50.45 -57.05 -13.14
CA SER C 345 50.54 -55.84 -12.35
C SER C 345 50.21 -54.65 -13.23
N ASP C 346 50.70 -54.73 -14.45
CA ASP C 346 50.49 -53.71 -15.44
C ASP C 346 49.03 -53.37 -15.74
N VAL C 347 48.23 -54.39 -15.98
CA VAL C 347 46.83 -54.17 -16.30
C VAL C 347 46.08 -53.63 -15.09
N ALA C 348 46.45 -54.17 -13.97
CA ALA C 348 45.86 -53.74 -12.75
C ALA C 348 46.20 -52.27 -12.49
N ASN C 349 47.50 -51.98 -12.47
CA ASN C 349 47.97 -50.62 -12.23
C ASN C 349 47.40 -49.64 -13.24
N ALA C 350 47.20 -50.09 -14.45
CA ALA C 350 46.59 -49.24 -15.45
C ALA C 350 45.14 -48.89 -15.09
N VAL C 351 44.45 -49.88 -14.53
CA VAL C 351 43.06 -49.71 -14.13
C VAL C 351 42.98 -48.78 -12.91
N LEU C 352 43.89 -48.95 -11.99
CA LEU C 352 43.97 -48.10 -10.82
C LEU C 352 44.44 -46.68 -11.18
N ASP C 353 45.21 -46.58 -12.26
CA ASP C 353 45.68 -45.29 -12.73
C ASP C 353 44.47 -44.49 -13.15
N GLY C 354 43.52 -45.16 -13.79
CA GLY C 354 42.31 -44.44 -14.23
C GLY C 354 41.87 -44.70 -15.65
N ALA C 355 42.60 -45.56 -16.35
CA ALA C 355 42.28 -45.84 -17.73
C ALA C 355 40.85 -46.26 -17.93
N ASP C 356 40.18 -45.60 -18.87
CA ASP C 356 38.81 -45.94 -19.26
C ASP C 356 38.77 -47.27 -20.02
N CYS C 357 39.85 -47.52 -20.78
CA CYS C 357 39.92 -48.71 -21.60
C CYS C 357 41.31 -49.30 -21.52
N ILE C 358 41.42 -50.56 -21.97
CA ILE C 358 42.66 -51.31 -22.05
C ILE C 358 42.72 -51.97 -23.38
N MET C 359 43.94 -52.20 -23.83
CA MET C 359 44.08 -52.76 -25.14
C MET C 359 44.96 -53.94 -25.17
N LEU C 360 44.68 -54.71 -26.22
CA LEU C 360 45.38 -55.86 -26.63
C LEU C 360 45.79 -55.64 -28.07
N SER C 361 47.04 -55.96 -28.39
CA SER C 361 47.58 -55.79 -29.72
C SER C 361 48.00 -57.11 -30.35
N GLY C 362 49.28 -57.47 -30.26
CA GLY C 362 49.74 -58.71 -30.83
C GLY C 362 48.94 -59.89 -30.27
N GLU C 363 48.66 -59.80 -28.95
CA GLU C 363 47.90 -60.80 -28.20
C GLU C 363 46.68 -61.39 -28.96
N THR C 364 45.90 -60.51 -29.58
CA THR C 364 44.73 -60.92 -30.35
C THR C 364 44.96 -61.00 -31.83
N ALA C 365 45.64 -59.98 -32.38
CA ALA C 365 45.89 -59.88 -33.81
C ALA C 365 46.70 -60.97 -34.45
N LYS C 366 47.54 -61.67 -33.64
CA LYS C 366 48.39 -62.72 -34.22
C LYS C 366 48.80 -63.79 -33.21
N GLY C 367 48.65 -63.49 -31.91
CA GLY C 367 49.01 -64.39 -30.82
C GLY C 367 48.34 -65.77 -30.89
N ASP C 368 48.83 -66.68 -30.05
CA ASP C 368 48.35 -68.07 -29.99
C ASP C 368 47.17 -68.25 -29.07
N TYR C 369 47.06 -67.31 -28.17
CA TYR C 369 46.05 -67.33 -27.16
C TYR C 369 45.17 -66.09 -27.07
N PRO C 370 44.61 -65.64 -28.22
CA PRO C 370 43.71 -64.47 -28.28
C PRO C 370 42.68 -64.49 -27.12
N LEU C 371 41.78 -65.48 -27.14
CA LEU C 371 40.75 -65.70 -26.11
C LEU C 371 41.23 -65.64 -24.67
N GLU C 372 42.30 -66.35 -24.39
CA GLU C 372 42.88 -66.33 -23.06
C GLU C 372 43.28 -64.90 -22.64
N ALA C 373 43.98 -64.21 -23.52
CA ALA C 373 44.42 -62.86 -23.24
C ALA C 373 43.26 -61.95 -22.84
N VAL C 374 42.18 -62.03 -23.62
CA VAL C 374 40.99 -61.25 -23.40
C VAL C 374 40.42 -61.47 -22.02
N ARG C 375 40.07 -62.71 -21.78
CA ARG C 375 39.50 -63.13 -20.53
C ARG C 375 40.35 -62.67 -19.39
N MET C 376 41.66 -62.69 -19.63
CA MET C 376 42.62 -62.26 -18.64
C MET C 376 42.48 -60.77 -18.38
N GLN C 377 42.16 -60.03 -19.43
CA GLN C 377 42.01 -58.64 -19.19
C GLN C 377 40.79 -58.46 -18.32
N HIS C 378 39.69 -59.06 -18.77
CA HIS C 378 38.43 -59.08 -18.06
C HIS C 378 38.64 -59.37 -16.58
N LEU C 379 39.27 -60.51 -16.35
CA LEU C 379 39.58 -60.97 -15.02
C LEU C 379 40.24 -59.91 -14.16
N ILE C 380 41.38 -59.43 -14.61
CA ILE C 380 42.17 -58.47 -13.87
C ILE C 380 41.52 -57.13 -13.62
N ALA C 381 40.80 -56.66 -14.63
CA ALA C 381 40.12 -55.37 -14.55
C ALA C 381 39.18 -55.25 -13.34
N ARG C 382 38.28 -56.20 -13.28
CA ARG C 382 37.26 -56.40 -12.27
C ARG C 382 37.84 -56.23 -10.88
N GLU C 383 38.85 -57.00 -10.69
CA GLU C 383 39.58 -57.07 -9.47
C GLU C 383 40.16 -55.69 -9.16
N ALA C 384 40.65 -55.03 -10.23
CA ALA C 384 41.28 -53.72 -10.04
C ALA C 384 40.30 -52.60 -9.81
N GLU C 385 39.15 -52.69 -10.53
CA GLU C 385 38.03 -51.75 -10.39
C GLU C 385 37.56 -51.65 -8.93
N ALA C 386 37.65 -52.75 -8.23
CA ALA C 386 37.22 -52.79 -6.85
C ALA C 386 38.22 -52.16 -5.93
N ALA C 387 39.49 -52.37 -6.30
CA ALA C 387 40.65 -51.93 -5.56
C ALA C 387 40.88 -50.42 -5.59
N MET C 388 40.19 -49.74 -6.49
CA MET C 388 40.26 -48.32 -6.51
C MET C 388 39.79 -47.75 -5.19
N PHE C 389 40.30 -46.58 -4.82
CA PHE C 389 39.89 -45.90 -3.59
C PHE C 389 38.83 -44.86 -3.97
N HIS C 390 37.61 -45.32 -4.30
CA HIS C 390 36.53 -44.46 -4.77
C HIS C 390 36.25 -43.20 -3.96
N ARG C 391 36.36 -43.31 -2.67
CA ARG C 391 36.10 -42.15 -1.80
C ARG C 391 36.96 -40.92 -2.14
N LYS C 392 38.26 -41.12 -1.97
CA LYS C 392 39.23 -40.10 -2.22
C LYS C 392 39.22 -39.60 -3.63
N LEU C 393 39.11 -40.56 -4.56
CA LEU C 393 39.11 -40.34 -5.98
C LEU C 393 38.02 -39.36 -6.37
N PHE C 394 36.83 -39.58 -5.78
CA PHE C 394 35.65 -38.75 -6.01
C PHE C 394 35.86 -37.34 -5.47
N GLU C 395 36.42 -37.27 -4.29
CA GLU C 395 36.70 -35.96 -3.75
C GLU C 395 37.68 -35.24 -4.66
N GLU C 396 38.77 -35.91 -5.02
CA GLU C 396 39.76 -35.25 -5.88
C GLU C 396 39.19 -34.81 -7.19
N LEU C 397 38.40 -35.71 -7.81
CA LEU C 397 37.73 -35.48 -9.08
C LEU C 397 36.83 -34.22 -9.00
N ALA C 398 36.30 -34.03 -7.82
CA ALA C 398 35.44 -32.90 -7.62
C ALA C 398 36.30 -31.66 -7.41
N ARG C 399 37.43 -31.84 -6.68
CA ARG C 399 38.34 -30.71 -6.44
C ARG C 399 38.68 -30.12 -7.79
N SER C 400 38.92 -31.00 -8.73
CA SER C 400 39.27 -30.58 -10.06
C SER C 400 38.15 -29.89 -10.81
N SER C 401 36.99 -30.48 -10.78
CA SER C 401 35.90 -29.93 -11.54
C SER C 401 35.24 -28.72 -10.91
N SER C 402 35.75 -28.35 -9.75
CA SER C 402 35.21 -27.24 -8.94
C SER C 402 34.85 -25.92 -9.60
N HIS C 403 35.55 -25.52 -10.63
CA HIS C 403 35.26 -24.25 -11.26
C HIS C 403 33.88 -24.33 -11.91
N SER C 404 33.68 -25.48 -12.49
CA SER C 404 32.48 -25.81 -13.21
C SER C 404 31.24 -25.87 -12.35
N THR C 405 30.15 -25.41 -12.94
CA THR C 405 28.84 -25.40 -12.31
C THR C 405 27.75 -26.02 -13.17
N ASP C 406 28.17 -26.66 -14.29
CA ASP C 406 27.26 -27.36 -15.17
C ASP C 406 26.19 -28.16 -14.37
N LEU C 407 24.98 -28.12 -14.86
CA LEU C 407 23.81 -28.80 -14.32
C LEU C 407 23.89 -30.33 -14.45
N MET C 408 24.24 -30.79 -15.62
CA MET C 408 24.34 -32.19 -15.77
C MET C 408 25.43 -32.73 -14.85
N GLU C 409 26.46 -31.92 -14.64
CA GLU C 409 27.58 -32.33 -13.79
C GLU C 409 27.15 -32.52 -12.35
N ALA C 410 26.27 -31.59 -11.91
CA ALA C 410 25.71 -31.63 -10.58
C ALA C 410 24.87 -32.90 -10.40
N MET C 411 24.10 -33.24 -11.45
CA MET C 411 23.27 -34.46 -11.48
C MET C 411 24.18 -35.65 -11.26
N ALA C 412 25.15 -35.80 -12.18
CA ALA C 412 26.17 -36.85 -12.13
C ALA C 412 26.70 -37.03 -10.72
N MET C 413 27.27 -35.97 -10.20
CA MET C 413 27.86 -35.99 -8.87
C MET C 413 26.95 -36.46 -7.74
N GLY C 414 25.80 -35.81 -7.65
CA GLY C 414 24.83 -36.16 -6.63
C GLY C 414 24.43 -37.59 -6.82
N SER C 415 24.27 -37.94 -8.09
CA SER C 415 23.89 -39.30 -8.40
C SER C 415 24.90 -40.33 -7.90
N VAL C 416 26.17 -40.06 -8.19
CA VAL C 416 27.28 -40.92 -7.84
C VAL C 416 27.40 -40.96 -6.34
N GLU C 417 27.27 -39.80 -5.75
CA GLU C 417 27.31 -39.66 -4.33
C GLU C 417 26.25 -40.54 -3.65
N ALA C 418 25.07 -40.55 -4.22
CA ALA C 418 23.95 -41.32 -3.72
C ALA C 418 24.26 -42.80 -3.91
N SER C 419 24.80 -43.09 -5.07
CA SER C 419 25.16 -44.45 -5.42
C SER C 419 26.09 -45.08 -4.38
N TYR C 420 27.06 -44.31 -3.91
CA TYR C 420 27.97 -44.83 -2.92
C TYR C 420 27.23 -45.14 -1.61
N LYS C 421 26.55 -44.10 -1.13
CA LYS C 421 25.82 -44.08 0.13
C LYS C 421 24.97 -45.28 0.40
N CYS C 422 24.15 -45.59 -0.60
CA CYS C 422 23.20 -46.69 -0.55
C CYS C 422 23.65 -47.92 -1.27
N LEU C 423 24.95 -47.99 -1.56
CA LEU C 423 25.54 -49.08 -2.27
C LEU C 423 24.70 -49.62 -3.44
N ALA C 424 24.09 -48.71 -4.23
CA ALA C 424 23.26 -49.10 -5.37
C ALA C 424 23.94 -50.16 -6.24
N ALA C 425 23.13 -50.98 -6.91
CA ALA C 425 23.70 -52.03 -7.71
C ALA C 425 24.08 -51.54 -9.11
N ALA C 426 23.60 -50.36 -9.47
CA ALA C 426 23.84 -49.82 -10.79
C ALA C 426 23.19 -48.46 -10.92
N LEU C 427 23.47 -47.78 -12.04
CA LEU C 427 22.85 -46.49 -12.35
C LEU C 427 22.39 -46.64 -13.76
N ILE C 428 21.13 -46.38 -13.93
CA ILE C 428 20.58 -46.53 -15.23
C ILE C 428 20.45 -45.18 -15.82
N VAL C 429 21.01 -45.00 -16.98
CA VAL C 429 20.91 -43.72 -17.61
C VAL C 429 20.24 -43.88 -18.94
N LEU C 430 19.35 -42.97 -19.20
CA LEU C 430 18.65 -42.95 -20.45
C LEU C 430 19.21 -41.78 -21.24
N THR C 431 19.88 -42.08 -22.35
CA THR C 431 20.48 -41.02 -23.15
C THR C 431 20.49 -41.33 -24.64
N GLU C 432 20.62 -40.30 -25.46
CA GLU C 432 20.66 -40.53 -26.90
C GLU C 432 21.95 -40.01 -27.48
N SER C 433 22.40 -38.92 -26.90
CA SER C 433 23.65 -38.40 -27.31
C SER C 433 24.70 -39.25 -26.58
N GLY C 434 24.42 -39.51 -25.30
CA GLY C 434 25.26 -40.33 -24.44
C GLY C 434 25.98 -39.55 -23.36
N ARG C 435 25.96 -38.22 -23.51
CA ARG C 435 26.63 -37.30 -22.60
C ARG C 435 26.27 -37.41 -21.13
N SER C 436 24.97 -37.59 -20.86
CA SER C 436 24.55 -37.68 -19.46
C SER C 436 25.30 -38.80 -18.80
N ALA C 437 25.37 -39.92 -19.56
CA ALA C 437 26.08 -41.12 -19.17
C ALA C 437 27.57 -40.86 -19.02
N HIS C 438 28.21 -40.23 -20.03
CA HIS C 438 29.63 -39.93 -19.88
C HIS C 438 29.85 -39.08 -18.62
N GLN C 439 28.88 -38.18 -18.37
CA GLN C 439 29.03 -37.26 -17.26
C GLN C 439 29.09 -37.99 -15.97
N VAL C 440 28.35 -39.06 -15.95
CA VAL C 440 28.32 -39.87 -14.77
C VAL C 440 29.56 -40.72 -14.68
N ALA C 441 29.88 -41.35 -15.83
CA ALA C 441 31.02 -42.23 -15.94
C ALA C 441 32.23 -41.55 -15.36
N ARG C 442 32.39 -40.29 -15.80
CA ARG C 442 33.51 -39.48 -15.37
C ARG C 442 33.59 -39.30 -13.88
N TYR C 443 32.47 -39.38 -13.18
CA TYR C 443 32.60 -39.24 -11.75
C TYR C 443 32.92 -40.54 -11.03
N ARG C 444 33.20 -41.56 -11.83
CA ARG C 444 33.63 -42.84 -11.34
C ARG C 444 32.87 -43.42 -10.16
N PRO C 445 31.72 -43.96 -10.44
CA PRO C 445 30.97 -44.66 -9.43
C PRO C 445 31.51 -46.09 -9.35
N ARG C 446 31.37 -46.78 -8.24
CA ARG C 446 31.81 -48.18 -8.24
C ARG C 446 30.89 -49.04 -9.16
N ALA C 447 29.61 -48.69 -9.18
CA ALA C 447 28.58 -49.40 -9.91
C ALA C 447 28.50 -49.11 -11.39
N PRO C 448 27.89 -50.08 -12.06
CA PRO C 448 27.70 -50.10 -13.48
C PRO C 448 26.75 -49.07 -14.01
N ILE C 449 27.06 -48.60 -15.21
CA ILE C 449 26.19 -47.64 -15.82
C ILE C 449 25.47 -48.31 -16.98
N ILE C 450 24.20 -48.49 -16.78
CA ILE C 450 23.41 -49.08 -17.79
C ILE C 450 22.90 -47.93 -18.58
N ALA C 451 23.56 -47.73 -19.71
CA ALA C 451 23.20 -46.60 -20.55
C ALA C 451 22.26 -47.01 -21.66
N VAL C 452 20.98 -46.77 -21.47
CA VAL C 452 20.00 -47.12 -22.48
C VAL C 452 19.79 -46.00 -23.51
N THR C 453 19.89 -46.37 -24.76
CA THR C 453 19.77 -45.44 -25.84
C THR C 453 19.23 -46.12 -27.06
N ARG C 454 18.70 -45.30 -27.95
CA ARG C 454 18.19 -45.77 -29.20
C ARG C 454 19.18 -45.40 -30.31
N ASN C 455 20.38 -44.91 -29.91
CA ASN C 455 21.44 -44.53 -30.84
C ASN C 455 22.54 -45.59 -30.86
N HIS C 456 22.54 -46.39 -31.92
CA HIS C 456 23.53 -47.45 -32.07
C HIS C 456 24.92 -46.96 -31.92
N GLN C 457 25.22 -45.89 -32.66
CA GLN C 457 26.56 -45.37 -32.59
C GLN C 457 26.90 -44.94 -31.21
N THR C 458 25.87 -44.50 -30.50
CA THR C 458 26.04 -44.07 -29.14
C THR C 458 26.40 -45.25 -28.28
N ALA C 459 25.67 -46.31 -28.51
CA ALA C 459 25.87 -47.51 -27.76
C ALA C 459 27.26 -48.09 -27.97
N ARG C 460 27.76 -47.98 -29.18
CA ARG C 460 29.06 -48.53 -29.51
C ARG C 460 30.17 -47.74 -28.86
N GLN C 461 30.06 -46.44 -29.02
CA GLN C 461 31.01 -45.44 -28.52
C GLN C 461 31.09 -45.34 -27.01
N ALA C 462 30.03 -45.80 -26.36
CA ALA C 462 29.93 -45.78 -24.91
C ALA C 462 31.08 -46.52 -24.24
N HIS C 463 31.64 -47.53 -24.98
CA HIS C 463 32.77 -48.38 -24.56
C HIS C 463 34.05 -47.60 -24.26
N LEU C 464 34.08 -46.38 -24.81
CA LEU C 464 35.17 -45.45 -24.64
C LEU C 464 35.28 -45.00 -23.18
N TYR C 465 34.12 -44.88 -22.56
CA TYR C 465 33.97 -44.42 -21.19
C TYR C 465 33.85 -45.54 -20.19
N ARG C 466 34.53 -45.32 -19.08
CA ARG C 466 34.54 -46.27 -18.02
C ARG C 466 33.17 -46.58 -17.43
N GLY C 467 32.95 -47.86 -17.17
CA GLY C 467 31.72 -48.31 -16.53
C GLY C 467 30.43 -48.17 -17.32
N ILE C 468 30.50 -47.78 -18.57
CA ILE C 468 29.20 -47.69 -19.22
C ILE C 468 28.79 -48.95 -19.94
N PHE C 469 27.65 -49.48 -19.54
CA PHE C 469 27.11 -50.65 -20.20
C PHE C 469 26.00 -50.17 -21.10
N PRO C 470 26.26 -50.22 -22.43
CA PRO C 470 25.31 -49.75 -23.42
C PRO C 470 24.20 -50.75 -23.76
N VAL C 471 22.98 -50.25 -23.71
CA VAL C 471 21.81 -51.04 -24.03
C VAL C 471 21.05 -50.30 -25.09
N VAL C 472 20.79 -51.00 -26.19
CA VAL C 472 20.11 -50.41 -27.31
C VAL C 472 18.66 -50.79 -27.28
N CYS C 473 17.84 -49.75 -27.15
CA CYS C 473 16.42 -49.89 -27.17
C CYS C 473 15.97 -49.92 -28.62
N LYS C 474 15.39 -51.04 -29.01
CA LYS C 474 14.95 -51.24 -30.37
C LYS C 474 13.47 -50.93 -30.59
N ASP C 475 12.72 -50.70 -29.52
CA ASP C 475 11.30 -50.45 -29.66
C ASP C 475 10.92 -49.05 -30.09
N PRO C 476 9.79 -49.00 -30.79
CA PRO C 476 9.24 -47.76 -31.28
C PRO C 476 9.12 -46.77 -30.16
N VAL C 477 8.90 -45.52 -30.52
CA VAL C 477 8.74 -44.53 -29.50
C VAL C 477 7.33 -44.57 -28.95
N GLN C 478 7.22 -44.29 -27.66
CA GLN C 478 5.94 -44.26 -26.99
C GLN C 478 5.30 -42.91 -27.18
N GLU C 479 4.00 -42.90 -27.35
CA GLU C 479 3.35 -41.63 -27.50
C GLU C 479 3.48 -40.89 -26.18
N ALA C 480 3.34 -41.65 -25.08
CA ALA C 480 3.45 -41.15 -23.73
C ALA C 480 4.83 -41.35 -23.11
N TRP C 481 5.54 -40.21 -23.00
CA TRP C 481 6.88 -40.09 -22.42
C TRP C 481 7.10 -41.07 -21.27
N ALA C 482 6.24 -40.94 -20.26
CA ALA C 482 6.28 -41.77 -19.07
C ALA C 482 6.41 -43.24 -19.38
N GLU C 483 5.54 -43.71 -20.28
CA GLU C 483 5.57 -45.11 -20.68
C GLU C 483 6.86 -45.40 -21.38
N ASP C 484 7.17 -44.50 -22.28
CA ASP C 484 8.40 -44.61 -23.05
C ASP C 484 9.65 -44.63 -22.21
N VAL C 485 9.61 -43.88 -21.11
CA VAL C 485 10.73 -43.79 -20.20
C VAL C 485 10.80 -45.06 -19.39
N ASP C 486 9.61 -45.42 -18.95
CA ASP C 486 9.41 -46.57 -18.13
C ASP C 486 9.99 -47.78 -18.78
N LEU C 487 9.49 -47.95 -19.99
CA LEU C 487 9.87 -49.04 -20.84
C LEU C 487 11.38 -49.19 -20.82
N ARG C 488 12.00 -48.11 -21.22
CA ARG C 488 13.44 -48.07 -21.25
C ARG C 488 14.08 -48.45 -19.95
N VAL C 489 13.46 -47.99 -18.87
CA VAL C 489 13.95 -48.35 -17.56
C VAL C 489 13.78 -49.84 -17.35
N ASN C 490 12.71 -50.32 -17.92
CA ASN C 490 12.43 -51.71 -17.78
C ASN C 490 13.48 -52.49 -18.48
N LEU C 491 13.80 -52.00 -19.68
CA LEU C 491 14.84 -52.60 -20.50
C LEU C 491 16.10 -52.87 -19.70
N ALA C 492 16.58 -51.79 -19.07
CA ALA C 492 17.77 -51.83 -18.24
C ALA C 492 17.64 -52.92 -17.19
N MET C 493 16.53 -52.82 -16.46
CA MET C 493 16.23 -53.77 -15.41
C MET C 493 16.40 -55.19 -15.87
N ASN C 494 15.81 -55.49 -17.01
CA ASN C 494 15.86 -56.84 -17.53
C ASN C 494 17.24 -57.24 -17.87
N VAL C 495 17.92 -56.34 -18.54
CA VAL C 495 19.26 -56.63 -18.93
C VAL C 495 20.18 -56.78 -17.75
N GLY C 496 19.98 -55.91 -16.77
CA GLY C 496 20.80 -55.94 -15.57
C GLY C 496 20.64 -57.25 -14.86
N LYS C 497 19.39 -57.68 -14.91
CA LYS C 497 18.96 -58.91 -14.28
C LYS C 497 19.59 -60.08 -14.97
N ALA C 498 19.45 -60.08 -16.32
CA ALA C 498 19.98 -61.12 -17.19
C ALA C 498 21.49 -61.23 -17.17
N ARG C 499 22.09 -60.08 -16.96
CA ARG C 499 23.55 -60.01 -16.91
C ARG C 499 24.05 -60.46 -15.54
N GLY C 500 23.11 -60.43 -14.61
CA GLY C 500 23.37 -60.80 -13.23
C GLY C 500 24.01 -59.64 -12.51
N PHE C 501 23.54 -58.46 -12.87
CA PHE C 501 24.08 -57.28 -12.23
C PHE C 501 23.44 -57.05 -10.88
N PHE C 502 22.17 -57.41 -10.81
CA PHE C 502 21.35 -57.27 -9.65
C PHE C 502 20.17 -58.24 -9.65
N LYS C 503 19.52 -58.35 -8.52
CA LYS C 503 18.39 -59.21 -8.39
C LYS C 503 17.22 -58.39 -7.91
N LYS C 504 16.14 -59.04 -7.47
CA LYS C 504 15.00 -58.32 -6.96
C LYS C 504 15.36 -57.68 -5.63
N GLY C 505 14.76 -56.53 -5.35
CA GLY C 505 15.00 -55.88 -4.07
C GLY C 505 16.29 -55.12 -4.02
N ASP C 506 17.02 -55.16 -5.11
CA ASP C 506 18.25 -54.44 -5.18
C ASP C 506 17.96 -52.99 -5.48
N VAL C 507 18.89 -52.13 -5.06
CA VAL C 507 18.71 -50.71 -5.27
C VAL C 507 19.47 -50.20 -6.45
N VAL C 508 18.80 -49.31 -7.12
CA VAL C 508 19.31 -48.71 -8.30
C VAL C 508 19.09 -47.22 -8.31
N ILE C 509 19.94 -46.52 -9.08
CA ILE C 509 19.89 -45.09 -9.31
C ILE C 509 19.46 -44.90 -10.75
N VAL C 510 18.39 -44.12 -10.87
CA VAL C 510 17.78 -43.86 -12.14
C VAL C 510 17.90 -42.43 -12.60
N LEU C 511 18.54 -42.28 -13.75
CA LEU C 511 18.77 -41.03 -14.36
C LEU C 511 17.99 -40.87 -15.63
N THR C 512 17.11 -39.87 -15.56
CA THR C 512 16.19 -39.54 -16.62
C THR C 512 15.95 -38.02 -16.76
N GLY C 513 15.21 -37.68 -17.80
CA GLY C 513 14.85 -36.30 -18.10
C GLY C 513 13.38 -36.16 -17.78
N TRP C 514 13.03 -35.02 -17.22
CA TRP C 514 11.65 -34.78 -16.86
C TRP C 514 10.80 -34.77 -18.11
N ARG C 515 11.23 -33.96 -19.04
CA ARG C 515 10.47 -33.95 -20.23
C ARG C 515 11.30 -34.39 -21.39
N PRO C 516 10.63 -34.57 -22.49
CA PRO C 516 11.32 -34.99 -23.66
C PRO C 516 12.18 -33.80 -24.09
N GLY C 517 13.33 -34.09 -24.68
CA GLY C 517 14.27 -33.07 -25.12
C GLY C 517 14.69 -32.14 -23.98
N SER C 518 15.01 -32.77 -22.82
CA SER C 518 15.45 -32.12 -21.58
C SER C 518 16.94 -31.73 -21.62
N GLY C 519 17.60 -32.08 -22.71
CA GLY C 519 19.00 -31.76 -22.91
C GLY C 519 19.93 -32.53 -21.99
N PHE C 520 19.34 -33.20 -21.01
CA PHE C 520 20.09 -33.98 -20.06
C PHE C 520 19.20 -34.60 -19.02
N THR C 521 19.77 -35.54 -18.29
CA THR C 521 19.00 -36.13 -17.26
C THR C 521 19.00 -35.22 -16.08
N ASN C 522 17.82 -34.70 -15.78
CA ASN C 522 17.63 -33.78 -14.67
C ASN C 522 16.92 -34.44 -13.50
N THR C 523 16.42 -35.64 -13.76
CA THR C 523 15.72 -36.43 -12.81
C THR C 523 16.49 -37.68 -12.35
N MET C 524 16.73 -37.71 -11.05
CA MET C 524 17.39 -38.79 -10.39
C MET C 524 16.44 -39.42 -9.35
N ARG C 525 16.39 -40.76 -9.34
CA ARG C 525 15.52 -41.57 -8.48
C ARG C 525 16.20 -42.82 -7.97
N VAL C 526 15.92 -43.11 -6.71
CA VAL C 526 16.43 -44.30 -6.09
C VAL C 526 15.34 -45.37 -6.22
N VAL C 527 15.69 -46.51 -6.80
CA VAL C 527 14.70 -47.54 -7.04
C VAL C 527 15.11 -48.93 -6.61
N PRO C 528 14.12 -49.81 -6.49
CA PRO C 528 14.39 -51.18 -6.13
C PRO C 528 14.14 -51.95 -7.40
N VAL C 529 14.91 -53.02 -7.57
CA VAL C 529 14.73 -53.87 -8.72
C VAL C 529 13.47 -54.70 -8.58
N PRO C 530 12.81 -54.86 -9.70
CA PRO C 530 11.57 -55.58 -9.78
C PRO C 530 11.79 -56.95 -10.37
N ILE D 12 34.12 -8.87 -6.21
CA ILE D 12 34.04 -9.66 -4.99
C ILE D 12 32.88 -10.65 -4.97
N GLN D 13 33.27 -11.92 -4.80
CA GLN D 13 32.36 -13.05 -4.74
C GLN D 13 31.47 -12.95 -3.49
N THR D 14 30.33 -13.62 -3.52
CA THR D 14 29.42 -13.58 -2.40
C THR D 14 29.61 -14.82 -1.53
N GLN D 15 28.85 -14.83 -0.44
CA GLN D 15 28.69 -15.93 0.46
C GLN D 15 29.97 -16.63 0.74
N GLN D 16 31.03 -15.86 0.89
CA GLN D 16 32.33 -16.42 1.16
C GLN D 16 32.68 -17.59 0.22
N LEU D 17 32.27 -17.44 -1.03
CA LEU D 17 32.51 -18.55 -1.94
C LEU D 17 33.98 -18.74 -2.32
N HIS D 18 34.77 -17.66 -2.17
CA HIS D 18 36.17 -17.74 -2.48
C HIS D 18 36.81 -18.56 -1.42
N ALA D 19 36.50 -18.19 -0.19
CA ALA D 19 36.98 -18.96 0.93
C ALA D 19 36.40 -20.38 0.87
N ALA D 20 35.28 -20.54 0.16
CA ALA D 20 34.62 -21.80 -0.04
C ALA D 20 35.51 -22.81 -0.83
N MET D 21 36.41 -22.25 -1.63
CA MET D 21 37.32 -22.98 -2.50
C MET D 21 38.61 -23.35 -1.81
N ALA D 22 38.74 -22.85 -0.57
CA ALA D 22 39.95 -23.14 0.19
C ALA D 22 40.23 -24.61 0.23
N ASP D 23 41.50 -24.94 0.19
CA ASP D 23 41.86 -26.34 0.21
C ASP D 23 42.03 -26.75 1.63
N THR D 24 42.52 -25.76 2.37
CA THR D 24 42.84 -25.91 3.75
C THR D 24 42.01 -25.04 4.68
N PHE D 25 41.95 -25.47 5.91
CA PHE D 25 41.20 -24.74 6.88
C PHE D 25 41.87 -23.41 7.13
N LEU D 26 43.21 -23.46 7.18
CA LEU D 26 43.99 -22.25 7.40
C LEU D 26 43.64 -21.24 6.36
N GLU D 27 43.62 -21.70 5.11
CA GLU D 27 43.31 -20.96 3.89
C GLU D 27 41.89 -20.46 3.92
N HIS D 28 40.98 -21.35 4.32
CA HIS D 28 39.58 -21.00 4.39
C HIS D 28 39.44 -19.71 5.19
N MET D 29 40.07 -19.71 6.37
CA MET D 29 40.12 -18.59 7.31
C MET D 29 40.68 -17.32 6.70
N CYS D 30 41.79 -17.45 5.98
CA CYS D 30 42.48 -16.33 5.37
C CYS D 30 41.65 -15.60 4.32
N ARG D 31 40.78 -16.33 3.66
CA ARG D 31 39.97 -15.75 2.60
C ARG D 31 38.62 -15.16 3.08
N LEU D 32 38.35 -15.16 4.37
CA LEU D 32 37.08 -14.58 4.80
C LEU D 32 37.18 -13.11 4.58
N ASP D 33 36.19 -12.63 3.87
CA ASP D 33 36.08 -11.27 3.40
C ASP D 33 34.85 -10.57 3.85
N ILE D 34 35.06 -9.50 4.60
CA ILE D 34 33.97 -8.66 5.05
C ILE D 34 33.27 -8.00 3.89
N ASP D 35 33.86 -8.06 2.72
CA ASP D 35 33.22 -7.42 1.60
C ASP D 35 32.44 -8.35 0.76
N SER D 36 32.43 -9.61 1.22
CA SER D 36 31.71 -10.74 0.65
C SER D 36 30.32 -10.80 1.33
N ALA D 37 29.30 -10.39 0.58
CA ALA D 37 27.93 -10.36 1.14
C ALA D 37 27.16 -11.66 1.20
N PRO D 38 26.58 -11.90 2.36
CA PRO D 38 25.80 -13.09 2.59
C PRO D 38 24.59 -13.14 1.74
N ILE D 39 23.80 -14.17 1.94
CA ILE D 39 22.55 -14.24 1.21
C ILE D 39 21.39 -13.78 2.09
N THR D 40 20.20 -13.65 1.50
CA THR D 40 19.03 -13.22 2.25
C THR D 40 18.61 -14.24 3.31
N ALA D 41 18.55 -15.49 2.90
CA ALA D 41 18.16 -16.57 3.79
C ALA D 41 19.07 -16.82 5.01
N ARG D 42 18.50 -16.81 6.21
CA ARG D 42 19.23 -17.07 7.45
C ARG D 42 18.86 -18.47 7.95
N ASN D 43 19.82 -19.41 7.95
CA ASN D 43 19.59 -20.83 8.27
C ASN D 43 19.39 -21.22 9.72
N THR D 44 20.02 -20.46 10.61
CA THR D 44 19.96 -20.68 12.05
C THR D 44 18.67 -20.20 12.71
N GLY D 45 18.01 -21.11 13.39
CA GLY D 45 16.78 -20.72 14.02
C GLY D 45 17.02 -19.92 15.25
N ILE D 46 16.20 -18.91 15.40
CA ILE D 46 16.30 -18.05 16.54
C ILE D 46 15.17 -18.31 17.53
N ILE D 47 15.58 -18.66 18.73
CA ILE D 47 14.73 -18.97 19.83
C ILE D 47 14.68 -17.90 20.89
N CYS D 48 13.48 -17.30 21.06
CA CYS D 48 13.27 -16.28 22.05
C CYS D 48 12.41 -16.63 23.26
N THR D 49 13.01 -16.32 24.38
CA THR D 49 12.36 -16.50 25.63
C THR D 49 11.35 -15.39 25.74
N ILE D 50 10.10 -15.77 25.96
CA ILE D 50 9.09 -14.73 26.08
C ILE D 50 8.78 -14.41 27.51
N GLY D 51 8.70 -13.11 27.79
CA GLY D 51 8.44 -12.69 29.14
C GLY D 51 7.83 -11.32 29.15
N PRO D 52 7.97 -10.71 30.31
CA PRO D 52 7.48 -9.37 30.54
C PRO D 52 7.80 -8.40 29.41
N ALA D 53 9.04 -8.39 28.97
CA ALA D 53 9.47 -7.49 27.92
C ALA D 53 8.95 -7.82 26.54
N SER D 54 8.59 -9.06 26.35
CA SER D 54 8.22 -9.49 25.04
C SER D 54 6.84 -10.08 24.88
N ARG D 55 6.08 -10.25 26.00
CA ARG D 55 4.74 -10.86 25.99
C ARG D 55 3.71 -10.25 25.05
N SER D 56 3.78 -8.94 24.89
CA SER D 56 2.80 -8.19 24.10
C SER D 56 2.57 -8.65 22.68
N VAL D 57 1.31 -8.60 22.32
CA VAL D 57 0.97 -8.95 20.98
C VAL D 57 1.64 -8.01 19.95
N GLU D 58 1.59 -6.70 20.19
CA GLU D 58 2.22 -5.72 19.29
C GLU D 58 3.66 -6.16 19.09
N THR D 59 4.35 -6.26 20.22
CA THR D 59 5.73 -6.66 20.26
C THR D 59 6.00 -7.98 19.59
N LEU D 60 5.30 -9.00 20.06
CA LEU D 60 5.41 -10.33 19.52
C LEU D 60 5.31 -10.29 17.99
N LYS D 61 4.65 -9.26 17.47
CA LYS D 61 4.50 -9.16 16.03
C LYS D 61 5.79 -8.64 15.46
N GLU D 62 6.43 -7.84 16.25
CA GLU D 62 7.67 -7.24 15.88
C GLU D 62 8.81 -8.23 15.79
N MET D 63 8.84 -9.09 16.78
CA MET D 63 9.83 -10.14 16.92
C MET D 63 9.76 -11.20 15.87
N ILE D 64 8.55 -11.42 15.41
CA ILE D 64 8.35 -12.37 14.37
C ILE D 64 9.03 -11.75 13.14
N LYS D 65 8.68 -10.48 12.83
CA LYS D 65 9.25 -9.76 11.69
C LYS D 65 10.77 -9.71 11.74
N SER D 66 11.26 -9.48 12.93
CA SER D 66 12.68 -9.40 13.21
C SER D 66 13.36 -10.75 13.12
N GLY D 67 12.60 -11.84 13.16
CA GLY D 67 13.24 -13.12 13.00
C GLY D 67 12.97 -14.25 13.98
N MET D 68 12.26 -14.03 15.08
CA MET D 68 12.04 -15.12 16.01
C MET D 68 11.36 -16.33 15.40
N ASN D 69 11.86 -17.54 15.71
CA ASN D 69 11.26 -18.74 15.11
C ASN D 69 10.50 -19.61 16.09
N VAL D 70 10.98 -19.54 17.32
CA VAL D 70 10.46 -20.28 18.44
C VAL D 70 10.28 -19.40 19.68
N ALA D 71 9.10 -19.53 20.30
CA ALA D 71 8.74 -18.83 21.52
C ALA D 71 9.07 -19.69 22.72
N ARG D 72 9.96 -19.22 23.62
CA ARG D 72 10.29 -20.02 24.80
C ARG D 72 9.64 -19.56 26.09
N MET D 73 8.92 -20.47 26.71
CA MET D 73 8.29 -20.16 27.96
C MET D 73 8.95 -20.96 29.09
N ASN D 74 9.49 -20.25 30.09
CA ASN D 74 10.21 -20.89 31.18
C ASN D 74 9.36 -21.09 32.39
N PHE D 75 9.03 -22.33 32.61
CA PHE D 75 8.19 -22.61 33.72
C PHE D 75 8.86 -22.41 35.07
N SER D 76 10.11 -21.95 35.05
CA SER D 76 10.84 -21.64 36.31
C SER D 76 10.37 -20.29 36.84
N HIS D 77 9.70 -19.55 35.95
CA HIS D 77 9.22 -18.23 36.24
C HIS D 77 7.74 -18.19 35.93
N GLY D 78 7.04 -17.26 36.59
CA GLY D 78 5.63 -17.06 36.35
C GLY D 78 4.72 -18.20 36.84
N THR D 79 3.58 -18.28 36.16
CA THR D 79 2.54 -19.25 36.45
C THR D 79 1.94 -19.79 35.19
N HIS D 80 1.16 -20.87 35.33
CA HIS D 80 0.49 -21.47 34.20
C HIS D 80 -0.33 -20.46 33.46
N GLU D 81 -1.02 -19.65 34.24
CA GLU D 81 -1.85 -18.68 33.59
C GLU D 81 -1.02 -17.63 32.94
N TYR D 82 0.04 -17.22 33.65
CA TYR D 82 0.95 -16.24 33.09
C TYR D 82 1.37 -16.74 31.71
N HIS D 83 1.74 -18.02 31.70
CA HIS D 83 2.17 -18.72 30.49
C HIS D 83 1.09 -18.96 29.46
N ALA D 84 -0.09 -19.31 29.91
CA ALA D 84 -1.10 -19.51 28.89
C ALA D 84 -1.43 -18.18 28.19
N GLU D 85 -1.35 -17.10 28.92
CA GLU D 85 -1.61 -15.82 28.31
C GLU D 85 -0.56 -15.52 27.23
N THR D 86 0.71 -15.69 27.61
CA THR D 86 1.79 -15.45 26.66
C THR D 86 1.61 -16.30 25.42
N ILE D 87 1.23 -17.56 25.64
CA ILE D 87 1.05 -18.50 24.54
C ILE D 87 -0.02 -18.07 23.57
N LYS D 88 -1.03 -17.41 24.11
CA LYS D 88 -2.08 -16.96 23.26
C LYS D 88 -1.62 -15.80 22.42
N ASN D 89 -0.87 -14.91 23.08
CA ASN D 89 -0.32 -13.74 22.42
C ASN D 89 0.59 -14.09 21.25
N VAL D 90 1.44 -15.11 21.46
CA VAL D 90 2.35 -15.59 20.43
C VAL D 90 1.50 -16.07 19.26
N ARG D 91 0.55 -16.94 19.60
CA ARG D 91 -0.35 -17.50 18.61
C ARG D 91 -1.15 -16.41 17.92
N THR D 92 -1.59 -15.47 18.71
CA THR D 92 -2.32 -14.37 18.13
C THR D 92 -1.41 -13.66 17.13
N ALA D 93 -0.25 -13.20 17.65
CA ALA D 93 0.74 -12.49 16.86
C ALA D 93 1.06 -13.18 15.56
N THR D 94 1.27 -14.50 15.67
CA THR D 94 1.59 -15.38 14.55
C THR D 94 0.54 -15.50 13.46
N GLU D 95 -0.68 -15.74 13.89
CA GLU D 95 -1.78 -15.92 12.96
C GLU D 95 -2.14 -14.66 12.21
N SER D 96 -1.75 -13.53 12.78
CA SER D 96 -2.00 -12.21 12.20
C SER D 96 -1.45 -12.10 10.81
N PHE D 97 -0.60 -13.09 10.48
CA PHE D 97 0.09 -13.21 9.21
C PHE D 97 -0.41 -14.39 8.39
N ALA D 98 -1.08 -15.32 9.08
CA ALA D 98 -1.62 -16.51 8.45
C ALA D 98 -2.41 -16.19 7.18
N SER D 99 -2.92 -14.95 7.13
CA SER D 99 -3.71 -14.41 6.05
C SER D 99 -3.08 -14.71 4.72
N ASP D 100 -1.90 -14.08 4.52
CA ASP D 100 -1.08 -14.25 3.33
C ASP D 100 -0.39 -15.57 3.47
N PRO D 101 -0.62 -16.45 2.51
CA PRO D 101 -0.02 -17.76 2.58
C PRO D 101 1.45 -17.78 2.12
N ILE D 102 2.00 -16.57 1.87
CA ILE D 102 3.37 -16.44 1.44
C ILE D 102 4.25 -15.70 2.45
N LEU D 103 3.64 -14.94 3.36
CA LEU D 103 4.37 -14.19 4.37
C LEU D 103 4.06 -14.64 5.79
N TYR D 104 3.46 -15.81 5.85
CA TYR D 104 3.14 -16.39 7.11
C TYR D 104 4.33 -17.16 7.60
N ARG D 105 4.70 -16.87 8.84
CA ARG D 105 5.81 -17.55 9.46
C ARG D 105 5.35 -18.39 10.58
N PRO D 106 5.51 -19.68 10.37
CA PRO D 106 5.19 -20.62 11.40
C PRO D 106 6.01 -20.29 12.60
N VAL D 107 5.40 -20.35 13.76
CA VAL D 107 6.16 -20.04 14.95
C VAL D 107 5.88 -21.15 15.94
N ALA D 108 6.96 -21.75 16.39
CA ALA D 108 6.94 -22.86 17.31
C ALA D 108 6.80 -22.44 18.77
N VAL D 109 6.16 -23.31 19.56
CA VAL D 109 5.98 -22.99 20.96
C VAL D 109 6.73 -24.01 21.80
N ALA D 110 7.45 -23.55 22.83
CA ALA D 110 8.16 -24.48 23.66
C ALA D 110 8.07 -24.22 25.15
N LEU D 111 7.99 -25.30 25.88
CA LEU D 111 7.91 -25.26 27.31
C LEU D 111 9.24 -25.62 27.96
N ASP D 112 9.69 -24.77 28.85
CA ASP D 112 10.93 -25.05 29.55
C ASP D 112 10.65 -25.43 30.96
N THR D 113 11.09 -26.64 31.31
CA THR D 113 10.81 -27.22 32.61
C THR D 113 11.57 -26.63 33.78
N LYS D 114 11.11 -26.94 34.98
CA LYS D 114 11.79 -26.54 36.18
C LYS D 114 12.87 -27.59 36.51
N GLY D 115 12.43 -28.83 36.60
CA GLY D 115 13.31 -29.95 36.86
C GLY D 115 13.89 -29.90 38.25
N PRO D 116 14.89 -30.71 38.47
CA PRO D 116 15.54 -30.82 39.76
C PRO D 116 16.32 -29.58 40.10
N GLU D 117 15.65 -28.47 40.39
CA GLU D 117 16.36 -27.25 40.71
C GLU D 117 15.97 -26.58 42.03
N ILE D 118 16.90 -25.78 42.54
CA ILE D 118 16.68 -25.00 43.74
C ILE D 118 16.35 -23.56 43.32
N ARG D 119 15.23 -23.02 43.75
CA ARG D 119 14.85 -21.69 43.32
C ARG D 119 14.48 -20.71 44.43
N THR D 120 14.73 -19.41 44.19
CA THR D 120 14.42 -18.38 45.19
C THR D 120 12.97 -17.89 45.21
N GLY D 121 12.70 -17.12 46.27
CA GLY D 121 11.39 -16.53 46.46
C GLY D 121 11.19 -15.27 45.63
N LEU D 122 10.17 -14.47 46.02
CA LEU D 122 9.90 -13.22 45.32
C LEU D 122 10.50 -12.10 46.07
N ILE D 123 10.91 -11.13 45.30
CA ILE D 123 11.52 -9.93 45.78
C ILE D 123 10.43 -8.95 45.97
N LYS D 124 10.23 -8.62 47.25
CA LYS D 124 9.23 -7.68 47.66
C LYS D 124 7.94 -7.92 46.93
N GLY D 125 7.51 -9.17 47.04
CA GLY D 125 6.29 -9.62 46.38
C GLY D 125 6.19 -9.43 44.86
N SER D 126 7.33 -9.34 44.11
CA SER D 126 7.27 -9.20 42.62
C SER D 126 8.17 -10.13 41.81
N GLY D 127 7.68 -10.60 40.65
CA GLY D 127 8.45 -11.49 39.80
C GLY D 127 9.32 -10.74 38.82
N THR D 128 9.29 -9.42 38.95
CA THR D 128 10.07 -8.54 38.10
C THR D 128 10.90 -7.53 38.89
N ALA D 129 10.77 -7.57 40.20
CA ALA D 129 11.47 -6.66 41.09
C ALA D 129 12.82 -7.20 41.46
N GLU D 130 13.75 -6.31 41.86
CA GLU D 130 15.07 -6.75 42.20
C GLU D 130 15.64 -5.85 43.21
N VAL D 131 16.71 -6.30 43.77
CA VAL D 131 17.31 -5.54 44.81
C VAL D 131 18.81 -5.59 44.67
N GLU D 132 19.45 -4.62 45.24
CA GLU D 132 20.85 -4.60 45.09
C GLU D 132 21.61 -5.05 46.29
N LEU D 133 22.39 -6.09 46.07
CA LEU D 133 23.23 -6.65 47.10
C LEU D 133 24.54 -5.86 47.16
N LYS D 134 25.17 -5.84 48.30
CA LYS D 134 26.39 -5.10 48.47
C LYS D 134 27.44 -6.01 48.97
N LYS D 135 28.56 -6.00 48.28
CA LYS D 135 29.66 -6.83 48.65
C LYS D 135 29.99 -6.62 50.10
N GLY D 136 30.20 -7.68 50.81
CA GLY D 136 30.52 -7.50 52.20
C GLY D 136 29.32 -7.53 53.14
N ALA D 137 28.13 -7.43 52.59
CA ALA D 137 26.97 -7.46 53.44
C ALA D 137 26.59 -8.89 53.81
N THR D 138 25.76 -9.00 54.87
CA THR D 138 25.25 -10.28 55.32
C THR D 138 23.92 -10.48 54.65
N LEU D 139 23.57 -11.75 54.42
CA LEU D 139 22.33 -12.10 53.78
C LEU D 139 21.82 -13.41 54.31
N LYS D 140 20.59 -13.39 54.80
CA LYS D 140 19.99 -14.57 55.33
C LYS D 140 19.08 -15.29 54.39
N ILE D 141 19.37 -16.57 54.31
CA ILE D 141 18.63 -17.52 53.53
C ILE D 141 17.67 -18.15 54.49
N THR D 142 16.42 -18.17 54.11
CA THR D 142 15.41 -18.75 54.95
C THR D 142 14.56 -19.72 54.18
N LEU D 143 14.08 -20.70 54.94
CA LEU D 143 13.20 -21.75 54.48
C LEU D 143 11.79 -21.49 54.97
N ASP D 144 11.70 -20.52 55.88
CA ASP D 144 10.43 -20.10 56.44
C ASP D 144 9.56 -19.62 55.31
N ASN D 145 8.56 -20.45 54.94
CA ASN D 145 7.64 -20.14 53.87
C ASN D 145 6.98 -18.75 54.04
N ALA D 146 7.15 -18.18 55.24
CA ALA D 146 6.59 -16.85 55.54
C ALA D 146 7.19 -15.74 54.70
N TYR D 147 8.37 -16.00 54.11
CA TYR D 147 9.11 -15.04 53.30
C TYR D 147 9.23 -15.38 51.86
N MET D 148 8.59 -16.43 51.46
CA MET D 148 8.70 -16.85 50.11
C MET D 148 8.28 -15.78 49.10
N GLU D 149 7.72 -14.67 49.60
CA GLU D 149 7.29 -13.58 48.72
C GLU D 149 7.74 -12.27 49.27
N LYS D 150 8.59 -12.39 50.23
CA LYS D 150 9.09 -11.22 50.81
C LYS D 150 10.59 -11.27 50.81
N CYS D 151 11.13 -11.68 49.68
CA CYS D 151 12.57 -11.72 49.63
C CYS D 151 13.06 -10.30 49.48
N ASP D 152 14.21 -10.05 50.05
CA ASP D 152 14.81 -8.73 49.98
C ASP D 152 16.32 -8.78 50.13
N GLU D 153 16.90 -7.59 50.28
CA GLU D 153 18.35 -7.42 50.44
C GLU D 153 18.85 -7.98 51.76
N ASN D 154 17.90 -8.23 52.68
CA ASN D 154 18.24 -8.78 53.98
C ASN D 154 17.87 -10.23 54.08
N ILE D 155 16.81 -10.60 53.42
CA ILE D 155 16.48 -11.95 53.54
C ILE D 155 16.06 -12.55 52.24
N LEU D 156 16.56 -13.77 52.06
CA LEU D 156 16.30 -14.52 50.87
C LEU D 156 15.80 -15.93 51.20
N TRP D 157 14.63 -16.24 50.66
CA TRP D 157 13.92 -17.48 50.75
C TRP D 157 14.24 -18.44 49.56
N LEU D 158 14.54 -19.70 49.91
CA LEU D 158 14.86 -20.81 49.02
C LEU D 158 13.81 -21.92 49.04
N ASP D 159 13.76 -22.65 47.92
CA ASP D 159 12.91 -23.80 47.57
C ASP D 159 13.29 -25.08 48.30
N TYR D 160 14.61 -25.21 48.49
CA TYR D 160 15.23 -26.40 49.01
C TYR D 160 15.35 -26.49 50.51
N LYS D 161 14.34 -27.15 51.09
CA LYS D 161 14.22 -27.38 52.51
C LYS D 161 15.39 -28.11 53.16
N ASN D 162 16.13 -28.91 52.41
CA ASN D 162 17.24 -29.64 53.02
C ASN D 162 18.55 -28.91 53.02
N ILE D 163 18.54 -27.78 52.33
CA ILE D 163 19.70 -26.95 52.13
C ILE D 163 20.69 -26.94 53.28
N CYS D 164 20.18 -26.98 54.46
CA CYS D 164 21.06 -26.97 55.60
C CYS D 164 21.86 -28.23 55.82
N LYS D 165 21.35 -29.36 55.40
CA LYS D 165 22.06 -30.58 55.68
C LYS D 165 23.16 -30.87 54.71
N VAL D 166 23.00 -30.26 53.53
CA VAL D 166 23.91 -30.49 52.44
C VAL D 166 24.93 -29.40 52.27
N VAL D 167 24.93 -28.48 53.20
CA VAL D 167 25.83 -27.38 53.17
C VAL D 167 26.63 -27.39 54.47
N ASP D 168 27.71 -26.64 54.49
CA ASP D 168 28.57 -26.52 55.68
C ASP D 168 29.03 -25.07 55.79
N VAL D 169 29.49 -24.70 56.97
CA VAL D 169 29.98 -23.34 57.15
C VAL D 169 31.18 -23.10 56.25
N GLY D 170 31.12 -22.02 55.48
CA GLY D 170 32.20 -21.69 54.56
C GLY D 170 31.82 -22.15 53.16
N SER D 171 30.76 -22.92 53.12
CA SER D 171 30.31 -23.37 51.83
C SER D 171 29.91 -22.12 51.04
N LYS D 172 29.95 -22.22 49.71
CA LYS D 172 29.58 -21.15 48.79
C LYS D 172 28.27 -21.49 48.07
N VAL D 173 27.28 -20.61 48.21
CA VAL D 173 25.98 -20.76 47.53
C VAL D 173 25.94 -19.76 46.36
N TYR D 174 25.61 -20.22 45.17
CA TYR D 174 25.58 -19.26 44.08
C TYR D 174 24.16 -19.01 43.73
N VAL D 175 23.88 -17.74 43.37
CA VAL D 175 22.55 -17.31 43.01
C VAL D 175 22.43 -16.64 41.63
N ASP D 176 21.57 -17.18 40.77
CA ASP D 176 21.34 -16.60 39.46
C ASP D 176 22.49 -16.86 38.51
N ASP D 177 22.64 -18.14 38.16
CA ASP D 177 23.67 -18.54 37.24
C ASP D 177 25.05 -18.02 37.65
N GLY D 178 25.30 -18.01 38.95
CA GLY D 178 26.56 -17.63 39.54
C GLY D 178 26.80 -16.13 39.66
N LEU D 179 25.78 -15.39 39.36
CA LEU D 179 25.94 -13.94 39.47
C LEU D 179 26.38 -13.50 40.84
N ILE D 180 25.72 -14.07 41.85
CA ILE D 180 26.05 -13.74 43.22
C ILE D 180 26.66 -14.90 43.99
N SER D 181 27.71 -14.58 44.74
CA SER D 181 28.37 -15.57 45.53
C SER D 181 28.28 -15.33 47.01
N LEU D 182 27.54 -16.23 47.68
CA LEU D 182 27.37 -16.19 49.10
C LEU D 182 28.24 -17.23 49.76
N GLN D 183 28.79 -16.89 50.88
CA GLN D 183 29.59 -17.88 51.54
C GLN D 183 28.97 -18.15 52.88
N VAL D 184 28.69 -19.41 53.20
CA VAL D 184 28.06 -19.72 54.49
C VAL D 184 28.90 -19.34 55.66
N LYS D 185 28.26 -18.63 56.58
CA LYS D 185 28.90 -18.16 57.81
C LYS D 185 28.25 -18.79 59.02
N GLN D 186 26.99 -19.11 58.85
CA GLN D 186 26.26 -19.65 59.93
C GLN D 186 25.13 -20.55 59.51
N LYS D 187 25.11 -21.69 60.17
CA LYS D 187 24.09 -22.68 59.93
C LYS D 187 23.13 -22.64 61.06
N GLY D 188 21.87 -22.67 60.66
CA GLY D 188 20.76 -22.70 61.54
C GLY D 188 19.94 -23.88 61.08
N PRO D 189 18.92 -24.20 61.85
CA PRO D 189 18.10 -25.34 61.53
C PRO D 189 17.14 -24.97 60.43
N ASP D 190 16.79 -23.68 60.42
CA ASP D 190 15.86 -23.12 59.47
C ASP D 190 16.53 -22.13 58.52
N PHE D 191 17.81 -21.91 58.72
CA PHE D 191 18.44 -20.96 57.86
C PHE D 191 19.95 -21.00 57.85
N LEU D 192 20.47 -20.04 57.08
CA LEU D 192 21.87 -19.76 56.89
C LEU D 192 22.13 -18.26 56.82
N VAL D 193 23.09 -17.86 57.60
CA VAL D 193 23.53 -16.49 57.63
C VAL D 193 24.67 -16.38 56.65
N THR D 194 24.46 -15.85 55.48
CA THR D 194 25.59 -15.81 54.59
C THR D 194 26.27 -14.45 54.50
N GLU D 195 27.25 -14.42 53.62
CA GLU D 195 27.97 -13.21 53.31
C GLU D 195 28.09 -12.95 51.81
N VAL D 196 27.69 -11.75 51.40
CA VAL D 196 27.82 -11.36 50.03
C VAL D 196 29.30 -11.24 49.70
N GLU D 197 29.76 -12.08 48.81
CA GLU D 197 31.14 -11.99 48.47
C GLU D 197 31.36 -10.99 47.38
N ASN D 198 30.27 -10.71 46.67
CA ASN D 198 30.32 -9.77 45.57
C ASN D 198 29.02 -8.99 45.39
N GLY D 199 29.16 -7.72 44.98
CA GLY D 199 28.02 -6.86 44.73
C GLY D 199 27.15 -7.42 43.62
N GLY D 200 25.86 -7.03 43.56
CA GLY D 200 24.97 -7.51 42.48
C GLY D 200 23.46 -7.29 42.66
N PHE D 201 22.75 -7.46 41.55
CA PHE D 201 21.30 -7.29 41.61
C PHE D 201 20.58 -8.61 41.69
N LEU D 202 19.94 -8.79 42.83
CA LEU D 202 19.13 -9.96 43.15
C LEU D 202 17.69 -9.81 42.66
N GLY D 203 17.31 -10.69 41.75
CA GLY D 203 15.96 -10.67 41.20
C GLY D 203 15.11 -11.78 41.75
N SER D 204 14.00 -12.05 41.07
CA SER D 204 13.05 -13.05 41.54
C SER D 204 13.18 -14.44 40.96
N LYS D 205 12.92 -15.41 41.82
CA LYS D 205 12.94 -16.81 41.43
C LYS D 205 14.26 -17.12 40.70
N LYS D 206 15.37 -16.90 41.39
CA LYS D 206 16.65 -17.17 40.75
C LYS D 206 17.15 -18.57 41.14
N GLY D 207 17.94 -19.17 40.25
CA GLY D 207 18.48 -20.47 40.52
C GLY D 207 19.51 -20.41 41.60
N VAL D 208 19.61 -21.52 42.30
CA VAL D 208 20.63 -21.61 43.32
C VAL D 208 21.48 -22.79 42.96
N ASN D 209 22.78 -22.57 42.92
CA ASN D 209 23.65 -23.66 42.53
C ASN D 209 24.59 -23.91 43.66
N LEU D 210 24.67 -25.19 44.06
CA LEU D 210 25.51 -25.62 45.18
C LEU D 210 26.59 -26.57 44.71
N PRO D 211 27.48 -26.12 43.82
CA PRO D 211 28.54 -26.96 43.31
C PRO D 211 29.26 -27.77 44.36
N GLY D 212 29.31 -29.08 44.13
CA GLY D 212 29.96 -30.00 45.05
C GLY D 212 29.07 -30.34 46.23
N ALA D 213 27.77 -30.40 45.96
CA ALA D 213 26.85 -30.71 47.02
C ALA D 213 25.82 -31.72 46.61
N ALA D 214 25.49 -32.59 47.57
CA ALA D 214 24.57 -33.67 47.36
C ALA D 214 23.14 -33.21 47.23
N VAL D 215 22.74 -32.95 46.01
CA VAL D 215 21.39 -32.54 45.86
C VAL D 215 20.60 -33.62 45.16
N ASP D 216 19.81 -34.34 45.94
CA ASP D 216 19.01 -35.42 45.41
C ASP D 216 17.59 -34.99 45.20
N LEU D 217 17.37 -34.54 44.00
CA LEU D 217 16.06 -34.13 43.61
C LEU D 217 15.74 -35.12 42.54
N PRO D 218 14.47 -35.26 42.21
CA PRO D 218 14.05 -36.24 41.24
C PRO D 218 14.14 -35.70 39.86
N ALA D 219 14.39 -36.58 38.87
CA ALA D 219 14.39 -36.08 37.51
C ALA D 219 13.03 -35.43 37.18
N VAL D 220 11.95 -35.92 37.79
CA VAL D 220 10.63 -35.40 37.56
C VAL D 220 9.91 -35.25 38.88
N SER D 221 9.56 -33.99 39.17
CA SER D 221 8.86 -33.62 40.35
C SER D 221 7.37 -33.54 40.05
N GLU D 222 6.58 -33.52 41.10
CA GLU D 222 5.14 -33.42 40.92
C GLU D 222 4.80 -32.15 40.12
N LYS D 223 5.55 -31.10 40.41
CA LYS D 223 5.38 -29.83 39.70
C LYS D 223 5.69 -30.02 38.21
N ASP D 224 6.79 -30.71 37.95
CA ASP D 224 7.13 -31.05 36.60
C ASP D 224 5.93 -31.77 35.95
N ILE D 225 5.31 -32.69 36.69
CA ILE D 225 4.15 -33.41 36.16
C ILE D 225 3.07 -32.48 35.63
N GLN D 226 2.73 -31.50 36.45
CA GLN D 226 1.71 -30.51 36.10
C GLN D 226 2.04 -29.61 34.95
N ASP D 227 3.30 -29.16 34.92
CA ASP D 227 3.70 -28.25 33.83
C ASP D 227 3.58 -28.90 32.48
N LEU D 228 4.11 -30.14 32.44
CA LEU D 228 4.16 -31.00 31.26
C LEU D 228 2.78 -31.29 30.71
N LYS D 229 1.88 -31.63 31.64
CA LYS D 229 0.51 -31.93 31.30
C LYS D 229 -0.17 -30.66 30.84
N PHE D 230 0.27 -29.57 31.47
CA PHE D 230 -0.24 -28.28 31.07
C PHE D 230 0.25 -27.95 29.65
N GLY D 231 1.48 -28.33 29.38
CA GLY D 231 2.06 -28.12 28.09
C GLY D 231 1.33 -28.87 26.99
N VAL D 232 0.87 -30.07 27.31
CA VAL D 232 0.08 -30.89 26.38
C VAL D 232 -1.27 -30.22 26.06
N GLU D 233 -1.93 -29.78 27.16
CA GLU D 233 -3.18 -29.08 27.07
C GLU D 233 -2.87 -27.82 26.28
N GLN D 234 -1.68 -27.29 26.51
CA GLN D 234 -1.26 -26.11 25.77
C GLN D 234 -0.82 -26.42 24.33
N ASP D 235 -0.74 -27.67 23.99
CA ASP D 235 -0.36 -28.01 22.65
C ASP D 235 0.99 -27.48 22.27
N VAL D 236 1.96 -27.59 23.16
CA VAL D 236 3.28 -27.13 22.81
C VAL D 236 3.90 -28.03 21.75
N ASP D 237 5.00 -27.59 21.17
CA ASP D 237 5.62 -28.36 20.11
C ASP D 237 6.83 -29.08 20.58
N MET D 238 7.32 -28.64 21.70
CA MET D 238 8.53 -29.22 22.19
C MET D 238 8.70 -28.75 23.58
N VAL D 239 9.44 -29.53 24.30
CA VAL D 239 9.75 -29.28 25.67
C VAL D 239 11.24 -29.20 25.86
N PHE D 240 11.68 -28.19 26.55
CA PHE D 240 13.06 -28.08 26.82
C PHE D 240 13.18 -28.52 28.25
N ALA D 241 13.77 -29.68 28.39
CA ALA D 241 13.94 -30.36 29.64
C ALA D 241 15.12 -29.99 30.45
N SER D 242 14.91 -29.14 31.42
CA SER D 242 15.99 -28.76 32.30
C SER D 242 16.65 -29.88 33.03
N PHE D 243 17.94 -29.64 33.29
CA PHE D 243 18.82 -30.55 34.02
C PHE D 243 18.71 -32.04 33.76
N ILE D 244 18.70 -32.48 32.51
CA ILE D 244 18.65 -33.87 32.22
C ILE D 244 19.95 -34.47 32.71
N ARG D 245 19.87 -35.61 33.42
CA ARG D 245 21.10 -36.25 33.96
C ARG D 245 21.45 -37.66 33.47
N LYS D 246 20.45 -38.38 32.91
CA LYS D 246 20.62 -39.71 32.32
C LYS D 246 19.48 -39.96 31.35
N ALA D 247 19.58 -41.01 30.53
CA ALA D 247 18.53 -41.30 29.56
C ALA D 247 17.20 -41.57 30.23
N ALA D 248 17.34 -41.99 31.48
CA ALA D 248 16.24 -42.35 32.34
C ALA D 248 15.35 -41.16 32.54
N ASP D 249 15.98 -40.03 32.89
CA ASP D 249 15.29 -38.75 33.06
C ASP D 249 14.44 -38.48 31.84
N VAL D 250 15.08 -38.62 30.67
CA VAL D 250 14.43 -38.43 29.36
C VAL D 250 13.23 -39.35 29.19
N HIS D 251 13.43 -40.63 29.49
CA HIS D 251 12.39 -41.65 29.41
C HIS D 251 11.20 -41.29 30.28
N GLU D 252 11.53 -40.87 31.48
CA GLU D 252 10.46 -40.43 32.37
C GLU D 252 9.68 -39.27 31.79
N VAL D 253 10.37 -38.32 31.17
CA VAL D 253 9.68 -37.21 30.57
C VAL D 253 8.76 -37.70 29.49
N ARG D 254 9.31 -38.57 28.62
CA ARG D 254 8.51 -39.14 27.56
C ARG D 254 7.33 -39.86 28.19
N LYS D 255 7.61 -40.61 29.25
CA LYS D 255 6.55 -41.26 29.97
C LYS D 255 5.51 -40.22 30.43
N ILE D 256 5.89 -39.13 31.11
CA ILE D 256 4.86 -38.13 31.52
C ILE D 256 4.06 -37.56 30.37
N LEU D 257 4.68 -37.42 29.19
CA LEU D 257 3.96 -36.86 28.06
C LEU D 257 3.01 -37.87 27.41
N GLY D 258 3.31 -39.13 27.66
CA GLY D 258 2.58 -40.27 27.18
C GLY D 258 2.00 -40.17 25.78
N GLU D 259 1.08 -41.06 25.52
CA GLU D 259 0.43 -41.16 24.25
C GLU D 259 -0.07 -39.87 23.68
N LYS D 260 -0.73 -39.07 24.51
CA LYS D 260 -1.31 -37.80 24.07
C LYS D 260 -0.28 -36.83 23.50
N GLY D 261 0.88 -36.69 24.17
CA GLY D 261 1.94 -35.79 23.71
C GLY D 261 3.13 -36.54 23.09
N LYS D 262 2.82 -37.60 22.38
CA LYS D 262 3.80 -38.48 21.79
C LYS D 262 4.59 -37.79 20.68
N ASN D 263 3.98 -36.80 20.05
CA ASN D 263 4.61 -36.09 18.94
C ASN D 263 5.33 -34.81 19.35
N ILE D 264 5.35 -34.58 20.63
CA ILE D 264 6.02 -33.43 21.09
C ILE D 264 7.51 -33.77 21.22
N LYS D 265 8.34 -32.83 20.75
CA LYS D 265 9.79 -33.04 20.77
C LYS D 265 10.41 -32.80 22.14
N ILE D 266 11.27 -33.73 22.55
CA ILE D 266 11.95 -33.58 23.84
C ILE D 266 13.40 -33.19 23.64
N ILE D 267 13.73 -32.01 24.15
CA ILE D 267 15.07 -31.45 24.04
C ILE D 267 15.76 -31.50 25.39
N SER D 268 16.78 -32.35 25.54
CA SER D 268 17.42 -32.40 26.83
C SER D 268 18.40 -31.28 27.00
N LYS D 269 18.32 -30.64 28.15
CA LYS D 269 19.15 -29.54 28.54
C LYS D 269 20.33 -30.01 29.31
N ILE D 270 21.52 -29.72 28.79
CA ILE D 270 22.76 -30.09 29.44
C ILE D 270 23.27 -28.93 30.30
N GLU D 271 23.28 -29.14 31.60
CA GLU D 271 23.71 -28.08 32.44
C GLU D 271 24.35 -28.50 33.75
N ASN D 272 24.93 -29.68 33.76
CA ASN D 272 25.63 -30.17 34.93
C ASN D 272 26.63 -31.18 34.50
N HIS D 273 27.52 -31.49 35.41
CA HIS D 273 28.59 -32.45 35.13
C HIS D 273 28.03 -33.78 34.62
N GLU D 274 27.07 -34.29 35.35
CA GLU D 274 26.43 -35.54 34.99
C GLU D 274 25.86 -35.54 33.61
N GLY D 275 25.21 -34.47 33.28
CA GLY D 275 24.64 -34.45 31.95
C GLY D 275 25.72 -34.50 30.87
N VAL D 276 26.90 -33.90 31.14
CA VAL D 276 27.98 -33.90 30.15
C VAL D 276 28.56 -35.31 29.99
N ARG D 277 28.94 -35.82 31.14
CA ARG D 277 29.48 -37.13 31.35
C ARG D 277 28.65 -38.23 30.68
N ARG D 278 27.33 -38.19 30.88
CA ARG D 278 26.41 -39.20 30.32
C ARG D 278 25.76 -38.72 29.06
N PHE D 279 26.42 -37.79 28.43
CA PHE D 279 25.90 -37.19 27.25
C PHE D 279 25.47 -38.20 26.19
N ASP D 280 26.28 -39.21 25.98
CA ASP D 280 26.04 -40.19 24.94
C ASP D 280 24.66 -40.81 25.01
N GLU D 281 24.35 -41.31 26.20
CA GLU D 281 23.10 -41.94 26.56
C GLU D 281 21.94 -40.93 26.48
N ILE D 282 22.21 -39.67 26.90
CA ILE D 282 21.21 -38.58 26.76
C ILE D 282 20.80 -38.32 25.28
N LEU D 283 21.78 -38.08 24.42
CA LEU D 283 21.52 -37.82 23.01
C LEU D 283 20.74 -38.93 22.37
N GLU D 284 21.15 -40.15 22.66
CA GLU D 284 20.51 -41.29 22.05
C GLU D 284 19.01 -41.29 22.28
N ALA D 285 18.68 -40.98 23.50
CA ALA D 285 17.31 -40.91 23.94
C ALA D 285 16.57 -39.60 23.62
N SER D 286 17.27 -38.52 23.34
CA SER D 286 16.49 -37.32 23.09
C SER D 286 16.13 -37.07 21.68
N ASP D 287 15.25 -36.10 21.57
CA ASP D 287 14.92 -35.66 20.25
C ASP D 287 15.94 -34.61 19.94
N GLY D 288 16.55 -34.03 20.98
CA GLY D 288 17.54 -33.00 20.71
C GLY D 288 18.18 -32.50 21.98
N ILE D 289 19.16 -31.60 21.83
CA ILE D 289 19.89 -31.10 22.98
C ILE D 289 19.96 -29.59 23.06
N MET D 290 20.22 -29.13 24.25
CA MET D 290 20.39 -27.72 24.43
C MET D 290 21.66 -27.52 25.16
N VAL D 291 22.49 -26.58 24.71
CA VAL D 291 23.68 -26.36 25.51
C VAL D 291 23.26 -25.30 26.52
N ALA D 292 22.95 -25.72 27.72
CA ALA D 292 22.47 -24.76 28.69
C ALA D 292 23.57 -24.03 29.52
N ARG D 293 24.29 -23.12 28.83
CA ARG D 293 25.42 -22.40 29.42
C ARG D 293 25.26 -21.68 30.72
N GLY D 294 24.06 -21.20 31.00
CA GLY D 294 23.87 -20.42 32.23
C GLY D 294 24.18 -21.25 33.46
N ASP D 295 23.42 -22.32 33.58
CA ASP D 295 23.59 -23.22 34.70
C ASP D 295 24.95 -23.91 34.59
N LEU D 296 25.18 -24.47 33.40
CA LEU D 296 26.38 -25.21 33.06
C LEU D 296 27.67 -24.59 33.56
N GLY D 297 27.84 -23.33 33.21
CA GLY D 297 29.03 -22.55 33.53
C GLY D 297 29.25 -22.28 35.01
N ILE D 298 28.22 -22.58 35.80
CA ILE D 298 28.31 -22.44 37.24
C ILE D 298 28.41 -23.76 37.93
N GLU D 299 27.99 -24.74 37.25
CA GLU D 299 28.12 -26.08 37.73
C GLU D 299 29.56 -26.47 37.59
N ILE D 300 29.99 -26.32 36.37
CA ILE D 300 31.31 -26.69 36.00
C ILE D 300 32.21 -25.48 35.85
N PRO D 301 33.49 -25.72 35.68
CA PRO D 301 34.39 -24.62 35.51
C PRO D 301 34.08 -23.84 34.26
N ALA D 302 33.92 -22.53 34.50
CA ALA D 302 33.55 -21.62 33.46
C ALA D 302 34.45 -21.76 32.27
N GLU D 303 35.71 -22.05 32.56
CA GLU D 303 36.67 -22.19 31.49
C GLU D 303 36.49 -23.44 30.68
N LYS D 304 35.68 -24.38 31.18
CA LYS D 304 35.48 -25.60 30.41
C LYS D 304 34.28 -25.59 29.52
N VAL D 305 33.49 -24.54 29.63
CA VAL D 305 32.26 -24.49 28.85
C VAL D 305 32.36 -24.71 27.37
N PHE D 306 33.24 -23.94 26.75
CA PHE D 306 33.40 -24.03 25.33
C PHE D 306 33.68 -25.46 24.90
N LEU D 307 34.39 -26.20 25.77
CA LEU D 307 34.71 -27.59 25.44
C LEU D 307 33.45 -28.43 25.33
N ALA D 308 32.64 -28.31 26.36
CA ALA D 308 31.37 -29.01 26.43
C ALA D 308 30.48 -28.58 25.30
N GLN D 309 30.53 -27.26 25.09
CA GLN D 309 29.75 -26.68 24.02
C GLN D 309 30.09 -27.28 22.69
N LYS D 310 31.41 -27.34 22.41
CA LYS D 310 31.90 -27.87 21.17
C LYS D 310 31.70 -29.40 21.02
N MET D 311 32.07 -30.16 22.05
CA MET D 311 31.85 -31.59 22.06
C MET D 311 30.38 -31.92 21.71
N ILE D 312 29.45 -31.24 22.40
CA ILE D 312 28.00 -31.44 22.25
C ILE D 312 27.44 -31.19 20.86
N ILE D 313 27.80 -30.03 20.30
CA ILE D 313 27.45 -29.64 18.93
C ILE D 313 28.08 -30.61 17.89
N GLY D 314 29.31 -31.11 18.15
CA GLY D 314 29.87 -32.05 17.16
C GLY D 314 29.04 -33.32 17.20
N ARG D 315 28.84 -33.74 18.43
CA ARG D 315 28.06 -34.93 18.69
C ARG D 315 26.68 -34.92 18.06
N CYS D 316 25.90 -33.82 18.28
CA CYS D 316 24.55 -33.74 17.68
C CYS D 316 24.61 -33.65 16.18
N ASN D 317 25.59 -32.89 15.70
CA ASN D 317 25.81 -32.75 14.29
C ASN D 317 26.05 -34.13 13.73
N ARG D 318 27.03 -34.85 14.35
CA ARG D 318 27.39 -36.20 13.95
C ARG D 318 26.11 -37.05 13.90
N ALA D 319 25.43 -37.11 15.07
CA ALA D 319 24.19 -37.84 15.32
C ALA D 319 23.08 -37.39 14.42
N GLY D 320 23.17 -36.17 13.91
CA GLY D 320 22.07 -35.70 13.05
C GLY D 320 20.87 -35.17 13.88
N LYS D 321 21.06 -34.97 15.18
CA LYS D 321 20.01 -34.47 16.03
C LYS D 321 20.22 -32.99 16.37
N PRO D 322 19.13 -32.20 16.33
CA PRO D 322 19.11 -30.76 16.61
C PRO D 322 19.79 -30.28 17.90
N VAL D 323 20.63 -29.27 17.73
CA VAL D 323 21.30 -28.71 18.88
C VAL D 323 21.13 -27.19 18.97
N ILE D 324 20.98 -26.79 20.19
CA ILE D 324 20.75 -25.43 20.55
C ILE D 324 21.81 -24.93 21.50
N CYS D 325 22.32 -23.73 21.12
CA CYS D 325 23.29 -22.98 21.89
C CYS D 325 22.55 -21.93 22.67
N ALA D 326 22.84 -21.78 23.93
CA ALA D 326 22.03 -20.83 24.60
C ALA D 326 22.66 -20.09 25.74
N THR D 327 22.01 -18.96 26.09
CA THR D 327 22.35 -18.20 27.24
C THR D 327 23.54 -17.27 27.21
N GLN D 328 23.23 -16.02 27.53
CA GLN D 328 24.23 -14.99 27.67
C GLN D 328 24.99 -14.69 26.39
N MET D 329 24.36 -15.06 25.31
CA MET D 329 24.89 -14.88 24.00
C MET D 329 25.02 -13.40 23.61
N LEU D 330 24.00 -12.59 23.96
CA LEU D 330 24.00 -11.15 23.69
C LEU D 330 23.71 -10.41 24.96
N GLU D 331 24.19 -11.02 26.02
CA GLU D 331 24.03 -10.53 27.34
C GLU D 331 24.05 -8.99 27.55
N SER D 332 25.03 -8.30 26.98
CA SER D 332 25.13 -6.84 27.11
C SER D 332 23.89 -6.14 26.58
N MET D 333 23.25 -6.72 25.59
CA MET D 333 22.08 -6.15 25.04
C MET D 333 20.83 -6.11 25.96
N ILE D 334 20.85 -6.74 27.15
CA ILE D 334 19.68 -6.62 28.02
C ILE D 334 19.54 -5.13 28.39
N LYS D 335 20.68 -4.46 28.59
CA LYS D 335 20.68 -3.02 28.90
C LYS D 335 21.08 -2.10 27.71
N LYS D 336 22.09 -2.47 26.93
CA LYS D 336 22.56 -1.66 25.81
C LYS D 336 21.95 -2.02 24.48
N PRO D 337 21.97 -1.12 23.49
CA PRO D 337 21.34 -1.48 22.23
C PRO D 337 22.28 -2.13 21.23
N ARG D 338 23.50 -2.36 21.69
CA ARG D 338 24.51 -2.97 20.85
C ARG D 338 25.24 -3.96 21.71
N PRO D 339 25.61 -5.07 21.17
CA PRO D 339 26.29 -6.07 21.94
C PRO D 339 27.79 -5.83 22.01
N THR D 340 28.42 -6.55 22.89
CA THR D 340 29.85 -6.41 22.94
C THR D 340 30.51 -7.18 21.78
N ARG D 341 31.85 -7.10 21.74
CA ARG D 341 32.72 -7.74 20.77
C ARG D 341 32.77 -9.22 21.08
N ALA D 342 32.79 -9.57 22.39
CA ALA D 342 32.78 -10.98 22.74
C ALA D 342 31.46 -11.61 22.35
N GLU D 343 30.43 -10.78 22.43
CA GLU D 343 29.10 -11.22 22.07
C GLU D 343 28.97 -11.50 20.58
N GLY D 344 29.37 -10.55 19.73
CA GLY D 344 29.25 -10.79 18.30
C GLY D 344 29.97 -12.10 17.90
N SER D 345 31.10 -12.33 18.57
CA SER D 345 31.94 -13.49 18.30
C SER D 345 31.25 -14.77 18.68
N ASP D 346 30.79 -14.81 19.92
CA ASP D 346 30.04 -15.94 20.50
C ASP D 346 28.96 -16.49 19.55
N VAL D 347 28.15 -15.58 19.13
CA VAL D 347 27.09 -15.95 18.27
C VAL D 347 27.61 -16.50 16.97
N ALA D 348 28.60 -15.81 16.41
CA ALA D 348 29.14 -16.24 15.14
C ALA D 348 29.90 -17.58 15.29
N ASN D 349 30.51 -17.81 16.46
CA ASN D 349 31.19 -19.07 16.68
C ASN D 349 30.23 -20.21 16.98
N ALA D 350 29.08 -19.91 17.60
CA ALA D 350 28.12 -20.96 17.85
C ALA D 350 27.65 -21.49 16.52
N VAL D 351 27.42 -20.56 15.60
CA VAL D 351 26.99 -20.97 14.26
C VAL D 351 28.04 -21.83 13.56
N LEU D 352 29.29 -21.35 13.62
CA LEU D 352 30.42 -22.05 13.06
C LEU D 352 30.56 -23.41 13.68
N ASP D 353 30.36 -23.47 14.99
CA ASP D 353 30.39 -24.69 15.73
C ASP D 353 29.38 -25.63 15.16
N GLY D 354 28.28 -25.10 14.68
CA GLY D 354 27.34 -26.01 14.07
C GLY D 354 26.02 -26.09 14.82
N ALA D 355 25.70 -25.09 15.64
CA ALA D 355 24.43 -25.12 16.35
C ALA D 355 23.25 -24.90 15.43
N ASP D 356 22.15 -25.64 15.64
CA ASP D 356 20.97 -25.54 14.77
C ASP D 356 20.17 -24.28 15.01
N CYS D 357 20.17 -23.89 16.25
CA CYS D 357 19.45 -22.76 16.70
C CYS D 357 20.32 -22.07 17.71
N ILE D 358 20.05 -20.80 17.92
CA ILE D 358 20.74 -20.03 18.96
C ILE D 358 19.63 -19.44 19.78
N MET D 359 19.94 -19.01 20.99
CA MET D 359 18.85 -18.54 21.83
C MET D 359 19.10 -17.27 22.60
N LEU D 360 17.96 -16.63 22.97
CA LEU D 360 17.91 -15.40 23.75
C LEU D 360 17.05 -15.59 24.95
N SER D 361 17.61 -15.25 26.06
CA SER D 361 16.95 -15.38 27.34
C SER D 361 16.54 -14.01 27.92
N GLY D 362 17.22 -13.53 29.00
CA GLY D 362 16.94 -12.22 29.59
C GLY D 362 16.76 -11.14 28.52
N GLU D 363 17.63 -11.22 27.50
CA GLU D 363 17.71 -10.37 26.34
C GLU D 363 16.37 -10.05 25.77
N THR D 364 15.53 -11.07 25.63
CA THR D 364 14.19 -10.83 25.09
C THR D 364 13.10 -10.90 26.14
N ALA D 365 13.37 -11.56 27.23
CA ALA D 365 12.35 -11.75 28.23
C ALA D 365 12.11 -10.55 29.09
N LYS D 366 13.17 -9.83 29.38
CA LYS D 366 13.02 -8.71 30.25
C LYS D 366 13.93 -7.52 29.90
N GLY D 367 14.75 -7.65 28.89
CA GLY D 367 15.65 -6.56 28.59
C GLY D 367 15.00 -5.31 28.02
N ASP D 368 15.83 -4.27 27.86
CA ASP D 368 15.39 -3.01 27.33
C ASP D 368 15.34 -2.97 25.80
N TYR D 369 16.03 -3.93 25.15
CA TYR D 369 16.12 -3.97 23.69
C TYR D 369 15.84 -5.29 23.01
N PRO D 370 14.71 -5.84 23.30
CA PRO D 370 14.30 -7.09 22.71
C PRO D 370 14.35 -7.20 21.19
N LEU D 371 13.92 -6.19 20.45
CA LEU D 371 13.92 -6.43 19.00
C LEU D 371 15.29 -6.31 18.44
N GLU D 372 16.10 -5.49 19.05
CA GLU D 372 17.43 -5.35 18.56
C GLU D 372 18.17 -6.66 18.64
N ALA D 373 18.14 -7.20 19.87
CA ALA D 373 18.78 -8.46 20.22
C ALA D 373 18.50 -9.49 19.14
N VAL D 374 17.25 -9.53 18.76
CA VAL D 374 16.80 -10.43 17.72
C VAL D 374 17.48 -10.13 16.37
N ARG D 375 17.29 -8.93 15.86
CA ARG D 375 17.88 -8.61 14.58
C ARG D 375 19.37 -8.78 14.54
N MET D 376 19.98 -8.64 15.68
CA MET D 376 21.41 -8.80 15.69
C MET D 376 21.79 -10.26 15.51
N GLN D 377 21.07 -11.11 16.20
CA GLN D 377 21.31 -12.54 16.09
C GLN D 377 21.15 -12.89 14.62
N HIS D 378 20.09 -12.37 14.04
CA HIS D 378 19.79 -12.58 12.66
C HIS D 378 20.93 -12.17 11.74
N LEU D 379 21.52 -11.04 12.08
CA LEU D 379 22.60 -10.53 11.26
C LEU D 379 23.85 -11.36 11.34
N ILE D 380 24.24 -11.69 12.57
CA ILE D 380 25.46 -12.46 12.78
C ILE D 380 25.38 -13.83 12.15
N ALA D 381 24.17 -14.38 12.26
CA ALA D 381 23.83 -15.68 11.77
C ALA D 381 24.05 -15.85 10.28
N ARG D 382 23.52 -14.92 9.48
CA ARG D 382 23.72 -15.05 8.03
C ARG D 382 25.19 -14.96 7.64
N GLU D 383 25.92 -14.17 8.39
CA GLU D 383 27.31 -13.97 8.14
C GLU D 383 28.09 -15.23 8.40
N ALA D 384 27.91 -15.81 9.62
CA ALA D 384 28.60 -17.04 10.06
C ALA D 384 28.30 -18.21 9.17
N GLU D 385 27.05 -18.20 8.66
CA GLU D 385 26.57 -19.22 7.76
C GLU D 385 27.45 -19.35 6.54
N ALA D 386 27.65 -18.19 5.90
CA ALA D 386 28.44 -18.11 4.68
C ALA D 386 29.89 -18.51 4.94
N ALA D 387 30.35 -18.27 6.18
CA ALA D 387 31.70 -18.52 6.60
C ALA D 387 31.97 -19.95 6.93
N MET D 388 31.00 -20.77 6.74
CA MET D 388 31.26 -22.13 7.05
C MET D 388 32.08 -22.74 5.94
N PHE D 389 32.76 -23.83 6.28
CA PHE D 389 33.58 -24.55 5.35
C PHE D 389 32.83 -25.82 4.96
N HIS D 390 31.77 -25.61 4.17
CA HIS D 390 30.83 -26.60 3.69
C HIS D 390 31.41 -27.86 3.07
N ARG D 391 32.46 -27.67 2.25
CA ARG D 391 33.12 -28.76 1.55
C ARG D 391 33.80 -29.72 2.53
N LYS D 392 34.59 -29.19 3.48
CA LYS D 392 35.22 -30.06 4.45
C LYS D 392 34.14 -30.70 5.33
N LEU D 393 33.23 -29.88 5.78
CA LEU D 393 32.09 -30.25 6.64
C LEU D 393 31.37 -31.46 6.14
N PHE D 394 30.82 -31.28 4.94
CA PHE D 394 30.06 -32.28 4.25
C PHE D 394 30.81 -33.60 4.19
N GLU D 395 32.08 -33.46 3.84
CA GLU D 395 33.00 -34.54 3.71
C GLU D 395 33.16 -35.24 5.04
N GLU D 396 33.25 -34.42 6.08
CA GLU D 396 33.45 -34.93 7.43
C GLU D 396 32.20 -35.60 7.96
N LEU D 397 31.06 -35.12 7.49
CA LEU D 397 29.77 -35.65 7.89
C LEU D 397 29.53 -37.02 7.24
N ALA D 398 29.73 -37.07 5.92
CA ALA D 398 29.59 -38.25 5.13
C ALA D 398 30.33 -39.36 5.81
N ARG D 399 31.51 -39.02 6.18
CA ARG D 399 32.38 -39.98 6.75
C ARG D 399 31.84 -40.53 8.05
N SER D 400 31.31 -39.65 8.83
CA SER D 400 30.86 -40.05 10.11
C SER D 400 29.67 -40.99 10.10
N SER D 401 28.93 -40.92 9.06
CA SER D 401 27.74 -41.69 8.89
C SER D 401 27.93 -42.77 7.86
N SER D 402 29.21 -43.09 7.67
CA SER D 402 29.62 -44.07 6.67
C SER D 402 28.90 -45.41 6.77
N HIS D 403 28.88 -45.93 8.00
CA HIS D 403 28.26 -47.20 8.37
C HIS D 403 26.80 -47.32 8.01
N SER D 404 26.18 -46.16 7.81
CA SER D 404 24.79 -46.10 7.43
C SER D 404 24.67 -46.17 5.92
N THR D 405 23.57 -46.73 5.45
CA THR D 405 23.38 -46.90 4.03
C THR D 405 21.99 -46.46 3.60
N ASP D 406 21.30 -45.80 4.54
CA ASP D 406 19.95 -45.31 4.37
C ASP D 406 19.64 -44.73 3.02
N LEU D 407 18.45 -45.03 2.53
CA LEU D 407 17.98 -44.54 1.23
C LEU D 407 17.72 -43.02 1.20
N MET D 408 17.15 -42.48 2.25
CA MET D 408 16.87 -41.06 2.31
C MET D 408 18.17 -40.31 2.58
N GLU D 409 19.06 -40.90 3.36
CA GLU D 409 20.36 -40.32 3.62
C GLU D 409 21.01 -40.11 2.29
N ALA D 410 21.01 -41.22 1.52
CA ALA D 410 21.52 -41.24 0.16
C ALA D 410 20.92 -40.08 -0.66
N MET D 411 19.61 -40.00 -0.65
CA MET D 411 18.95 -38.94 -1.36
C MET D 411 19.39 -37.57 -0.86
N ALA D 412 19.61 -37.46 0.44
CA ALA D 412 20.03 -36.20 1.02
C ALA D 412 21.44 -35.82 0.51
N MET D 413 22.40 -36.67 0.79
CA MET D 413 23.76 -36.45 0.35
C MET D 413 23.87 -36.17 -1.15
N GLY D 414 23.10 -36.83 -1.98
CA GLY D 414 23.26 -36.53 -3.37
C GLY D 414 22.66 -35.18 -3.69
N SER D 415 21.66 -34.85 -2.91
CA SER D 415 20.95 -33.62 -3.07
C SER D 415 21.79 -32.43 -2.68
N VAL D 416 22.41 -32.54 -1.51
CA VAL D 416 23.29 -31.52 -1.01
C VAL D 416 24.42 -31.35 -1.98
N GLU D 417 25.08 -32.45 -2.27
CA GLU D 417 26.19 -32.51 -3.20
C GLU D 417 25.90 -31.74 -4.48
N ALA D 418 24.89 -32.14 -5.21
CA ALA D 418 24.59 -31.40 -6.39
C ALA D 418 24.26 -29.90 -6.13
N SER D 419 23.76 -29.59 -4.95
CA SER D 419 23.40 -28.21 -4.69
C SER D 419 24.62 -27.35 -4.56
N TYR D 420 25.64 -27.98 -4.03
CA TYR D 420 26.91 -27.32 -3.90
C TYR D 420 27.40 -27.08 -5.33
N LYS D 421 27.36 -28.16 -6.09
CA LYS D 421 27.83 -28.18 -7.46
C LYS D 421 27.31 -27.12 -8.38
N CYS D 422 26.00 -27.09 -8.55
CA CYS D 422 25.43 -26.12 -9.44
C CYS D 422 25.09 -24.89 -8.70
N LEU D 423 25.45 -24.91 -7.40
CA LEU D 423 25.17 -23.78 -6.55
C LEU D 423 23.69 -23.36 -6.59
N ALA D 424 22.74 -24.32 -6.49
CA ALA D 424 21.34 -23.97 -6.55
C ALA D 424 20.98 -22.91 -5.52
N ALA D 425 19.91 -22.15 -5.78
CA ALA D 425 19.44 -21.08 -4.88
C ALA D 425 18.74 -21.60 -3.63
N ALA D 426 18.33 -22.88 -3.67
CA ALA D 426 17.65 -23.57 -2.58
C ALA D 426 17.31 -25.01 -2.92
N LEU D 427 16.88 -25.72 -1.89
CA LEU D 427 16.41 -27.08 -2.07
C LEU D 427 14.97 -27.00 -1.65
N ILE D 428 14.12 -27.48 -2.51
CA ILE D 428 12.71 -27.54 -2.22
C ILE D 428 12.41 -28.98 -1.84
N VAL D 429 11.84 -29.20 -0.66
CA VAL D 429 11.55 -30.56 -0.22
C VAL D 429 10.08 -30.76 0.15
N LEU D 430 9.43 -31.73 -0.48
CA LEU D 430 8.06 -32.03 -0.14
C LEU D 430 8.07 -33.06 1.00
N THR D 431 7.59 -32.68 2.22
CA THR D 431 7.57 -33.61 3.36
C THR D 431 6.33 -33.49 4.28
N GLU D 432 5.88 -34.63 4.82
CA GLU D 432 4.76 -34.64 5.75
C GLU D 432 5.19 -34.86 7.18
N SER D 433 6.05 -35.87 7.38
CA SER D 433 6.67 -36.17 8.68
C SER D 433 7.80 -35.18 8.99
N GLY D 434 8.31 -34.54 7.93
CA GLY D 434 9.41 -33.62 7.99
C GLY D 434 10.71 -34.42 7.94
N ARG D 435 10.56 -35.72 7.90
CA ARG D 435 11.71 -36.60 7.88
C ARG D 435 12.66 -36.30 6.76
N SER D 436 12.12 -36.23 5.56
CA SER D 436 12.94 -35.95 4.42
C SER D 436 13.76 -34.69 4.54
N ALA D 437 13.08 -33.63 4.99
CA ALA D 437 13.76 -32.35 5.12
C ALA D 437 14.90 -32.37 6.10
N HIS D 438 14.61 -32.92 7.26
CA HIS D 438 15.59 -33.05 8.32
C HIS D 438 16.89 -33.69 7.83
N GLN D 439 16.71 -34.78 7.08
CA GLN D 439 17.78 -35.57 6.53
C GLN D 439 18.62 -34.73 5.61
N VAL D 440 17.99 -33.75 5.00
CA VAL D 440 18.69 -32.82 4.14
C VAL D 440 19.51 -31.87 5.03
N ALA D 441 18.83 -31.16 5.96
CA ALA D 441 19.46 -30.26 6.91
C ALA D 441 20.66 -30.81 7.67
N ARG D 442 20.74 -32.10 7.81
CA ARG D 442 21.84 -32.67 8.54
C ARG D 442 23.07 -32.68 7.68
N TYR D 443 22.86 -32.65 6.36
CA TYR D 443 24.03 -32.71 5.49
C TYR D 443 24.64 -31.35 5.19
N ARG D 444 24.01 -30.37 5.83
CA ARG D 444 24.37 -28.95 5.82
C ARG D 444 24.66 -28.32 4.45
N PRO D 445 23.63 -28.05 3.70
CA PRO D 445 23.87 -27.39 2.45
C PRO D 445 24.01 -25.89 2.71
N ARG D 446 24.43 -25.13 1.72
CA ARG D 446 24.57 -23.72 1.90
C ARG D 446 23.22 -23.12 1.66
N ALA D 447 22.55 -23.65 0.64
CA ALA D 447 21.27 -23.10 0.26
C ALA D 447 20.18 -23.41 1.25
N PRO D 448 19.13 -22.63 1.16
CA PRO D 448 17.95 -22.77 1.99
C PRO D 448 17.09 -23.96 1.59
N ILE D 449 16.67 -24.68 2.61
CA ILE D 449 15.81 -25.79 2.37
C ILE D 449 14.38 -25.37 2.57
N ILE D 450 13.60 -25.41 1.54
CA ILE D 450 12.25 -25.04 1.77
C ILE D 450 11.41 -26.26 1.82
N ALA D 451 10.84 -26.50 3.00
CA ALA D 451 10.01 -27.67 3.24
C ALA D 451 8.49 -27.37 3.26
N VAL D 452 7.82 -27.74 2.16
CA VAL D 452 6.36 -27.62 1.98
C VAL D 452 5.64 -28.84 2.61
N THR D 453 4.76 -28.56 3.57
CA THR D 453 4.02 -29.59 4.27
C THR D 453 2.59 -29.12 4.54
N ARG D 454 1.68 -30.06 4.73
CA ARG D 454 0.32 -29.71 5.05
C ARG D 454 0.12 -29.85 6.56
N ASN D 455 1.11 -30.48 7.19
CA ASN D 455 1.14 -30.77 8.61
C ASN D 455 1.74 -29.61 9.38
N HIS D 456 0.88 -28.98 10.16
CA HIS D 456 1.25 -27.79 10.91
C HIS D 456 2.30 -27.96 11.92
N GLN D 457 2.22 -29.04 12.64
CA GLN D 457 3.21 -29.19 13.68
C GLN D 457 4.59 -29.39 13.09
N THR D 458 4.62 -30.15 12.02
CA THR D 458 5.84 -30.46 11.32
C THR D 458 6.48 -29.12 11.00
N ALA D 459 5.70 -28.29 10.34
CA ALA D 459 6.17 -26.98 10.01
C ALA D 459 6.69 -26.16 11.21
N ARG D 460 6.00 -26.24 12.34
CA ARG D 460 6.43 -25.51 13.51
C ARG D 460 7.72 -26.14 14.01
N GLN D 461 7.69 -27.47 14.04
CA GLN D 461 8.78 -28.26 14.54
C GLN D 461 10.09 -28.14 13.75
N ALA D 462 9.97 -27.87 12.44
CA ALA D 462 11.08 -27.75 11.51
C ALA D 462 12.19 -26.77 11.91
N HIS D 463 11.83 -25.71 12.56
CA HIS D 463 12.79 -24.69 12.95
C HIS D 463 13.93 -25.17 13.80
N LEU D 464 13.84 -26.41 14.24
CA LEU D 464 14.87 -26.96 15.10
C LEU D 464 16.05 -27.44 14.29
N TYR D 465 15.77 -27.56 13.00
CA TYR D 465 16.73 -28.04 12.08
C TYR D 465 17.20 -26.93 11.19
N ARG D 466 18.51 -26.88 11.07
CA ARG D 466 19.20 -25.89 10.27
C ARG D 466 18.78 -25.79 8.83
N GLY D 467 18.54 -24.52 8.44
CA GLY D 467 18.20 -24.19 7.05
C GLY D 467 16.83 -24.60 6.54
N ILE D 468 16.00 -25.10 7.44
CA ILE D 468 14.67 -25.49 7.00
C ILE D 468 13.66 -24.37 7.27
N PHE D 469 13.17 -23.84 6.17
CA PHE D 469 12.14 -22.80 6.06
C PHE D 469 10.80 -23.44 5.67
N PRO D 470 10.00 -23.74 6.68
CA PRO D 470 8.78 -24.50 6.54
C PRO D 470 7.67 -23.73 5.87
N VAL D 471 6.99 -24.38 4.93
CA VAL D 471 5.86 -23.74 4.21
C VAL D 471 4.56 -24.53 4.31
N VAL D 472 3.53 -23.93 4.93
CA VAL D 472 2.24 -24.61 5.08
C VAL D 472 1.40 -24.61 3.85
N CYS D 473 1.31 -25.77 3.25
CA CYS D 473 0.47 -25.80 2.09
C CYS D 473 -0.97 -25.89 2.60
N LYS D 474 -1.77 -24.87 2.28
CA LYS D 474 -3.13 -24.86 2.77
C LYS D 474 -4.13 -25.44 1.78
N ASP D 475 -3.69 -25.62 0.55
CA ASP D 475 -4.53 -26.21 -0.48
C ASP D 475 -4.84 -27.64 -0.18
N PRO D 476 -6.02 -28.05 -0.66
CA PRO D 476 -6.58 -29.39 -0.50
C PRO D 476 -6.00 -30.39 -1.46
N VAL D 477 -5.76 -31.58 -0.94
CA VAL D 477 -5.19 -32.65 -1.74
C VAL D 477 -5.83 -32.92 -3.12
N GLN D 478 -5.04 -32.63 -4.16
CA GLN D 478 -5.36 -32.84 -5.58
C GLN D 478 -5.60 -34.32 -5.80
N GLU D 479 -6.53 -34.68 -6.65
CA GLU D 479 -6.80 -36.09 -6.87
C GLU D 479 -5.71 -36.80 -7.67
N ALA D 480 -4.87 -36.02 -8.32
CA ALA D 480 -3.78 -36.57 -9.11
C ALA D 480 -2.44 -36.21 -8.51
N TRP D 481 -1.64 -37.25 -8.21
CA TRP D 481 -0.32 -37.09 -7.59
C TRP D 481 0.47 -35.98 -8.18
N ALA D 482 0.60 -36.04 -9.49
CA ALA D 482 1.32 -35.04 -10.24
C ALA D 482 0.91 -33.62 -9.85
N GLU D 483 -0.34 -33.26 -10.15
CA GLU D 483 -0.81 -31.92 -9.82
C GLU D 483 -0.58 -31.56 -8.36
N ASP D 484 -0.79 -32.51 -7.47
CA ASP D 484 -0.57 -32.21 -6.07
C ASP D 484 0.86 -31.82 -5.78
N VAL D 485 1.76 -32.67 -6.25
CA VAL D 485 3.17 -32.48 -6.09
C VAL D 485 3.49 -31.11 -6.64
N ASP D 486 3.13 -30.94 -7.90
CA ASP D 486 3.38 -29.69 -8.61
C ASP D 486 2.84 -28.49 -7.87
N LEU D 487 1.67 -28.70 -7.31
CA LEU D 487 1.01 -27.68 -6.57
C LEU D 487 1.93 -27.14 -5.48
N ARG D 488 2.37 -28.07 -4.65
CA ARG D 488 3.24 -27.75 -3.53
C ARG D 488 4.53 -27.04 -3.94
N VAL D 489 5.12 -27.52 -5.05
CA VAL D 489 6.35 -26.98 -5.61
C VAL D 489 6.20 -25.52 -6.02
N ASN D 490 5.08 -25.28 -6.61
CA ASN D 490 4.78 -23.94 -7.00
C ASN D 490 4.73 -23.08 -5.77
N LEU D 491 4.08 -23.62 -4.75
CA LEU D 491 3.95 -22.92 -3.51
C LEU D 491 5.31 -22.49 -3.00
N ALA D 492 6.23 -23.45 -3.05
CA ALA D 492 7.58 -23.20 -2.59
C ALA D 492 8.25 -22.22 -3.52
N MET D 493 8.16 -22.48 -4.82
CA MET D 493 8.70 -21.58 -5.82
C MET D 493 8.28 -20.14 -5.55
N ASN D 494 7.01 -19.97 -5.14
CA ASN D 494 6.44 -18.66 -4.85
C ASN D 494 6.90 -18.01 -3.58
N VAL D 495 7.20 -18.83 -2.60
CA VAL D 495 7.62 -18.27 -1.34
C VAL D 495 9.05 -17.80 -1.45
N GLY D 496 9.84 -18.62 -2.17
CA GLY D 496 11.24 -18.37 -2.45
C GLY D 496 11.41 -17.04 -3.14
N LYS D 497 10.60 -16.85 -4.20
CA LYS D 497 10.54 -15.60 -4.93
C LYS D 497 10.10 -14.45 -4.04
N ALA D 498 8.99 -14.65 -3.39
CA ALA D 498 8.50 -13.64 -2.49
C ALA D 498 9.48 -13.28 -1.42
N ARG D 499 10.11 -14.30 -0.82
CA ARG D 499 11.00 -14.11 0.33
C ARG D 499 12.36 -13.58 -0.15
N GLY D 500 12.52 -13.40 -1.46
CA GLY D 500 13.76 -12.94 -2.07
C GLY D 500 14.85 -14.02 -2.06
N PHE D 501 14.47 -15.27 -1.96
CA PHE D 501 15.46 -16.32 -1.92
C PHE D 501 16.08 -16.60 -3.30
N PHE D 502 15.29 -16.33 -4.30
CA PHE D 502 15.74 -16.56 -5.63
C PHE D 502 14.79 -15.89 -6.59
N LYS D 503 15.19 -15.82 -7.86
CA LYS D 503 14.40 -15.19 -8.92
C LYS D 503 14.24 -16.12 -10.10
N LYS D 504 13.42 -15.74 -11.05
CA LYS D 504 13.22 -16.55 -12.24
C LYS D 504 14.56 -16.78 -12.92
N GLY D 505 14.86 -18.01 -13.30
CA GLY D 505 16.13 -18.26 -13.93
C GLY D 505 17.11 -18.95 -12.98
N ASP D 506 16.94 -18.68 -11.68
CA ASP D 506 17.76 -19.31 -10.67
C ASP D 506 17.57 -20.84 -10.79
N VAL D 507 18.50 -21.64 -10.28
CA VAL D 507 18.37 -23.08 -10.40
C VAL D 507 18.08 -23.63 -9.03
N VAL D 508 17.21 -24.61 -8.94
CA VAL D 508 16.84 -25.13 -7.63
C VAL D 508 16.76 -26.67 -7.59
N ILE D 509 17.06 -27.29 -6.42
CA ILE D 509 17.00 -28.75 -6.30
C ILE D 509 15.63 -29.11 -5.70
N VAL D 510 14.86 -29.97 -6.40
CA VAL D 510 13.52 -30.39 -5.97
C VAL D 510 13.38 -31.86 -5.53
N LEU D 511 13.04 -32.08 -4.25
CA LEU D 511 12.83 -33.41 -3.71
C LEU D 511 11.35 -33.70 -3.45
N THR D 512 10.85 -34.69 -4.21
CA THR D 512 9.46 -35.15 -4.16
C THR D 512 9.31 -36.69 -4.17
N GLY D 513 8.14 -37.21 -3.83
CA GLY D 513 7.95 -38.67 -3.88
C GLY D 513 7.54 -39.06 -5.28
N TRP D 514 7.96 -40.24 -5.74
CA TRP D 514 7.60 -40.67 -7.10
C TRP D 514 6.13 -40.89 -7.15
N ARG D 515 5.73 -41.50 -6.08
CA ARG D 515 4.36 -41.80 -5.91
C ARG D 515 3.92 -41.48 -4.51
N PRO D 516 2.62 -41.31 -4.41
CA PRO D 516 1.95 -41.05 -3.17
C PRO D 516 2.38 -42.18 -2.29
N GLY D 517 2.61 -41.89 -1.02
CA GLY D 517 3.03 -42.96 -0.14
C GLY D 517 4.31 -43.66 -0.64
N SER D 518 5.27 -42.84 -1.07
CA SER D 518 6.55 -43.34 -1.51
C SER D 518 7.44 -43.67 -0.30
N GLY D 519 7.17 -42.95 0.81
CA GLY D 519 7.87 -43.13 2.08
C GLY D 519 8.87 -42.04 2.45
N PHE D 520 9.51 -41.49 1.41
CA PHE D 520 10.51 -40.43 1.47
C PHE D 520 10.64 -39.84 0.10
N THR D 521 11.43 -38.78 0.00
CA THR D 521 11.70 -38.10 -1.26
C THR D 521 12.77 -38.87 -1.98
N ASN D 522 12.31 -39.69 -2.91
CA ASN D 522 13.19 -40.55 -3.67
C ASN D 522 13.42 -39.95 -5.03
N THR D 523 12.76 -38.82 -5.23
CA THR D 523 12.82 -38.09 -6.49
C THR D 523 13.53 -36.75 -6.35
N MET D 524 14.61 -36.64 -7.13
CA MET D 524 15.38 -35.42 -7.12
C MET D 524 15.62 -34.84 -8.49
N ARG D 525 15.23 -33.60 -8.61
CA ARG D 525 15.41 -32.93 -9.84
C ARG D 525 15.99 -31.57 -9.64
N VAL D 526 16.68 -31.15 -10.66
CA VAL D 526 17.22 -29.81 -10.74
C VAL D 526 16.25 -29.03 -11.62
N VAL D 527 15.64 -28.03 -11.03
CA VAL D 527 14.68 -27.23 -11.72
C VAL D 527 15.00 -25.73 -11.70
N PRO D 528 14.85 -25.06 -12.87
CA PRO D 528 14.97 -23.61 -12.96
C PRO D 528 13.72 -22.88 -12.47
N VAL D 529 13.90 -21.68 -11.93
CA VAL D 529 12.78 -20.91 -11.41
C VAL D 529 11.94 -20.34 -12.53
N PRO D 530 10.63 -20.24 -12.28
CA PRO D 530 9.68 -19.70 -13.24
C PRO D 530 9.42 -18.23 -12.94
N ILE E 12 -51.34 33.64 25.46
CA ILE E 12 -51.27 34.11 24.07
C ILE E 12 -49.96 34.78 23.79
N GLN E 13 -49.66 34.88 22.49
CA GLN E 13 -48.45 35.57 22.11
C GLN E 13 -48.64 37.04 22.40
N THR E 14 -48.02 37.82 21.58
CA THR E 14 -47.97 39.25 21.74
C THR E 14 -47.47 39.89 20.44
N GLN E 15 -47.72 41.21 20.26
CA GLN E 15 -47.26 41.93 19.08
C GLN E 15 -47.55 41.19 17.82
N GLN E 16 -48.71 40.58 17.81
CA GLN E 16 -49.12 39.80 16.66
C GLN E 16 -48.12 38.81 16.04
N LEU E 17 -47.16 38.33 16.87
CA LEU E 17 -46.10 37.40 16.43
C LEU E 17 -46.53 36.16 15.69
N HIS E 18 -47.68 35.65 16.06
CA HIS E 18 -48.15 34.47 15.41
C HIS E 18 -48.50 34.76 13.97
N ALA E 19 -49.24 35.87 13.71
CA ALA E 19 -49.55 36.23 12.30
C ALA E 19 -48.26 36.47 11.49
N ALA E 20 -47.27 37.04 12.20
CA ALA E 20 -45.92 37.34 11.71
C ALA E 20 -45.23 36.14 11.12
N MET E 21 -45.63 35.03 11.62
CA MET E 21 -45.04 33.82 11.16
C MET E 21 -45.78 33.20 9.97
N ALA E 22 -46.86 33.83 9.55
CA ALA E 22 -47.65 33.31 8.45
C ALA E 22 -46.82 33.15 7.20
N ASP E 23 -47.25 32.26 6.29
CA ASP E 23 -46.50 32.12 5.06
C ASP E 23 -47.09 33.08 4.07
N THR E 24 -48.44 33.06 3.95
CA THR E 24 -49.09 33.95 3.01
C THR E 24 -49.71 35.21 3.58
N PHE E 25 -50.06 36.07 2.66
CA PHE E 25 -50.66 37.27 3.10
C PHE E 25 -52.05 37.02 3.73
N LEU E 26 -52.80 36.15 3.10
CA LEU E 26 -54.11 35.75 3.61
C LEU E 26 -54.01 35.20 5.03
N GLU E 27 -53.08 34.28 5.14
CA GLU E 27 -52.80 33.65 6.41
C GLU E 27 -52.43 34.69 7.41
N HIS E 28 -51.60 35.65 7.00
CA HIS E 28 -51.20 36.69 7.92
C HIS E 28 -52.44 37.33 8.56
N MET E 29 -53.37 37.72 7.72
CA MET E 29 -54.62 38.34 8.14
C MET E 29 -55.44 37.45 9.06
N CYS E 30 -55.68 36.22 8.58
CA CYS E 30 -56.45 35.23 9.31
C CYS E 30 -55.97 35.14 10.73
N ARG E 31 -54.68 35.38 10.91
CA ARG E 31 -54.10 35.32 12.24
C ARG E 31 -54.19 36.57 13.11
N LEU E 32 -54.68 37.71 12.59
CA LEU E 32 -54.73 38.89 13.49
C LEU E 32 -55.55 38.62 14.75
N ASP E 33 -54.99 38.89 15.90
CA ASP E 33 -55.67 38.57 17.14
C ASP E 33 -55.90 39.77 18.06
N ILE E 34 -57.14 40.22 18.24
CA ILE E 34 -57.34 41.34 19.15
C ILE E 34 -56.83 41.09 20.56
N ASP E 35 -56.51 39.84 20.87
CA ASP E 35 -55.98 39.54 22.19
C ASP E 35 -54.48 39.59 22.18
N SER E 36 -53.92 39.82 21.00
CA SER E 36 -52.49 40.00 20.96
C SER E 36 -52.15 41.44 21.33
N ALA E 37 -51.28 41.59 22.32
CA ALA E 37 -50.92 42.88 22.88
C ALA E 37 -49.66 43.51 22.29
N PRO E 38 -49.75 44.80 21.87
CA PRO E 38 -48.63 45.48 21.27
C PRO E 38 -47.64 45.93 22.34
N ILE E 39 -46.45 46.32 21.87
CA ILE E 39 -45.39 46.80 22.73
C ILE E 39 -45.79 48.20 23.18
N THR E 40 -45.07 48.76 24.13
CA THR E 40 -45.42 50.10 24.55
C THR E 40 -45.00 51.17 23.54
N ALA E 41 -43.87 50.97 22.87
CA ALA E 41 -43.40 51.92 21.88
C ALA E 41 -44.26 52.00 20.64
N ARG E 42 -44.47 53.25 20.22
CA ARG E 42 -45.28 53.52 19.04
C ARG E 42 -44.37 54.13 18.01
N ASN E 43 -44.14 53.40 16.93
CA ASN E 43 -43.21 53.77 15.86
C ASN E 43 -43.62 54.90 14.91
N THR E 44 -44.92 55.05 14.68
CA THR E 44 -45.43 56.07 13.78
C THR E 44 -45.47 57.45 14.39
N GLY E 45 -44.87 58.39 13.67
CA GLY E 45 -44.84 59.76 14.15
C GLY E 45 -46.22 60.39 14.06
N ILE E 46 -46.52 61.20 15.07
CA ILE E 46 -47.74 61.94 15.10
C ILE E 46 -47.47 63.41 14.95
N ILE E 47 -48.05 63.95 13.88
CA ILE E 47 -48.02 65.35 13.50
C ILE E 47 -49.35 66.08 13.82
N CYS E 48 -49.27 67.09 14.67
CA CYS E 48 -50.41 67.89 15.08
C CYS E 48 -50.31 69.33 14.59
N THR E 49 -51.39 69.81 13.98
CA THR E 49 -51.55 71.15 13.49
C THR E 49 -51.87 72.01 14.71
N ILE E 50 -51.02 72.95 15.01
CA ILE E 50 -51.33 73.69 16.19
C ILE E 50 -52.01 74.99 15.84
N GLY E 51 -53.16 75.17 16.44
CA GLY E 51 -53.97 76.35 16.22
C GLY E 51 -54.62 76.84 17.48
N PRO E 52 -55.79 77.47 17.35
CA PRO E 52 -56.48 78.02 18.48
C PRO E 52 -56.71 77.06 19.65
N ALA E 53 -57.08 75.82 19.38
CA ALA E 53 -57.37 74.86 20.44
C ALA E 53 -56.19 74.26 21.18
N SER E 54 -55.04 74.25 20.54
CA SER E 54 -53.90 73.58 21.12
C SER E 54 -52.73 74.46 21.42
N ARG E 55 -52.89 75.75 21.13
CA ARG E 55 -51.90 76.82 21.24
C ARG E 55 -51.20 76.99 22.59
N SER E 56 -51.96 76.89 23.69
CA SER E 56 -51.45 77.10 25.04
C SER E 56 -50.31 76.20 25.42
N VAL E 57 -49.38 76.78 26.13
CA VAL E 57 -48.25 76.04 26.61
C VAL E 57 -48.72 74.89 27.43
N GLU E 58 -49.70 75.18 28.27
CA GLU E 58 -50.27 74.19 29.13
C GLU E 58 -50.89 73.05 28.35
N THR E 59 -51.60 73.37 27.27
CA THR E 59 -52.20 72.36 26.42
C THR E 59 -51.16 71.53 25.67
N LEU E 60 -50.16 72.23 25.17
CA LEU E 60 -49.09 71.64 24.43
C LEU E 60 -48.31 70.63 25.27
N LYS E 61 -48.24 70.88 26.58
CA LYS E 61 -47.50 69.99 27.49
C LYS E 61 -48.06 68.62 27.50
N GLU E 62 -49.39 68.66 27.53
CA GLU E 62 -50.24 67.52 27.50
C GLU E 62 -50.16 66.88 26.14
N MET E 63 -50.14 67.73 25.13
CA MET E 63 -50.03 67.23 23.79
C MET E 63 -48.75 66.44 23.59
N ILE E 64 -47.73 66.84 24.25
CA ILE E 64 -46.51 66.11 24.14
C ILE E 64 -46.58 64.82 24.96
N LYS E 65 -47.15 64.95 26.15
CA LYS E 65 -47.29 63.83 27.02
C LYS E 65 -48.22 62.84 26.37
N SER E 66 -49.14 63.35 25.59
CA SER E 66 -50.09 62.49 24.94
C SER E 66 -49.54 61.88 23.61
N GLY E 67 -48.37 62.33 23.12
CA GLY E 67 -47.82 61.71 21.91
C GLY E 67 -47.40 62.59 20.72
N MET E 68 -47.65 63.90 20.77
CA MET E 68 -47.28 64.73 19.64
C MET E 68 -45.80 64.71 19.36
N ASN E 69 -45.43 64.50 18.11
CA ASN E 69 -44.00 64.46 17.81
C ASN E 69 -43.56 65.67 17.02
N VAL E 70 -44.51 66.22 16.28
CA VAL E 70 -44.36 67.37 15.41
C VAL E 70 -45.58 68.29 15.49
N ALA E 71 -45.30 69.58 15.50
CA ALA E 71 -46.32 70.64 15.46
C ALA E 71 -46.29 71.30 14.08
N ARG E 72 -47.44 71.39 13.52
CA ARG E 72 -47.52 71.97 12.21
C ARG E 72 -48.31 73.25 12.28
N MET E 73 -47.66 74.36 11.89
CA MET E 73 -48.22 75.69 11.81
C MET E 73 -48.64 75.95 10.35
N ASN E 74 -49.92 76.00 10.08
CA ASN E 74 -50.34 76.20 8.70
C ASN E 74 -50.37 77.67 8.38
N PHE E 75 -49.52 78.08 7.45
CA PHE E 75 -49.42 79.47 7.03
C PHE E 75 -50.63 79.94 6.25
N SER E 76 -51.45 78.98 5.86
CA SER E 76 -52.68 79.36 5.17
C SER E 76 -53.62 80.12 6.13
N HIS E 77 -53.33 80.08 7.45
CA HIS E 77 -54.15 80.75 8.47
C HIS E 77 -53.22 81.59 9.32
N GLY E 78 -53.80 82.49 10.14
CA GLY E 78 -53.03 83.39 11.04
C GLY E 78 -52.15 84.46 10.36
N THR E 79 -51.05 84.81 11.05
CA THR E 79 -50.05 85.79 10.63
C THR E 79 -48.72 85.33 11.15
N HIS E 80 -47.65 86.00 10.73
CA HIS E 80 -46.36 85.60 11.20
C HIS E 80 -46.34 85.66 12.69
N GLU E 81 -47.00 86.71 13.21
CA GLU E 81 -47.10 87.01 14.66
C GLU E 81 -47.77 85.89 15.44
N TYR E 82 -48.84 85.41 14.87
CA TYR E 82 -49.56 84.31 15.49
C TYR E 82 -48.68 83.06 15.59
N HIS E 83 -48.18 82.65 14.41
CA HIS E 83 -47.29 81.48 14.25
C HIS E 83 -45.99 81.52 15.05
N ALA E 84 -45.43 82.72 15.21
CA ALA E 84 -44.23 82.88 15.99
C ALA E 84 -44.57 82.62 17.44
N GLU E 85 -45.74 83.04 17.81
CA GLU E 85 -46.03 82.82 19.20
C GLU E 85 -46.31 81.39 19.50
N THR E 86 -47.02 80.78 18.58
CA THR E 86 -47.33 79.38 18.71
C THR E 86 -46.04 78.64 18.87
N ILE E 87 -45.15 78.87 17.91
CA ILE E 87 -43.85 78.23 17.89
C ILE E 87 -43.13 78.43 19.19
N LYS E 88 -43.29 79.61 19.73
CA LYS E 88 -42.63 79.92 20.98
C LYS E 88 -43.13 79.05 22.11
N ASN E 89 -44.48 78.92 22.16
CA ASN E 89 -45.20 78.11 23.15
C ASN E 89 -44.83 76.63 23.06
N VAL E 90 -44.78 76.13 21.82
CA VAL E 90 -44.38 74.75 21.54
C VAL E 90 -43.01 74.46 22.13
N ARG E 91 -42.04 75.36 21.83
CA ARG E 91 -40.67 75.26 22.31
C ARG E 91 -40.62 75.41 23.81
N THR E 92 -41.55 76.17 24.32
CA THR E 92 -41.60 76.33 25.74
C THR E 92 -42.15 75.06 26.38
N ALA E 93 -43.20 74.48 25.77
CA ALA E 93 -43.80 73.26 26.28
C ALA E 93 -42.77 72.18 26.26
N THR E 94 -42.14 72.06 25.10
CA THR E 94 -41.10 71.06 24.88
C THR E 94 -40.02 71.11 25.94
N GLU E 95 -39.52 72.32 26.11
CA GLU E 95 -38.43 72.55 27.01
C GLU E 95 -38.75 72.33 28.47
N SER E 96 -40.03 72.28 28.77
CA SER E 96 -40.45 72.05 30.13
C SER E 96 -39.99 70.67 30.64
N PHE E 97 -39.63 69.82 29.72
CA PHE E 97 -39.18 68.52 30.13
C PHE E 97 -37.68 68.31 30.05
N ALA E 98 -36.98 69.33 29.55
CA ALA E 98 -35.53 69.35 29.32
C ALA E 98 -34.65 68.95 30.51
N SER E 99 -35.25 69.09 31.71
CA SER E 99 -34.63 68.78 32.98
C SER E 99 -34.22 67.32 33.06
N ASP E 100 -35.18 66.43 32.78
CA ASP E 100 -34.96 65.00 32.78
C ASP E 100 -34.71 64.49 31.38
N PRO E 101 -33.43 64.44 31.00
CA PRO E 101 -33.00 63.98 29.69
C PRO E 101 -33.41 62.54 29.40
N ILE E 102 -34.15 61.96 30.34
CA ILE E 102 -34.66 60.60 30.27
C ILE E 102 -36.20 60.67 30.28
N LEU E 103 -36.65 61.89 30.02
CA LEU E 103 -38.07 62.15 29.97
C LEU E 103 -38.36 63.22 28.93
N TYR E 104 -37.26 63.69 28.40
CA TYR E 104 -37.28 64.71 27.42
C TYR E 104 -37.48 64.17 26.00
N ARG E 105 -38.59 64.56 25.45
CA ARG E 105 -38.98 64.19 24.12
C ARG E 105 -38.76 65.37 23.16
N PRO E 106 -38.06 65.08 22.07
CA PRO E 106 -37.82 66.07 21.03
C PRO E 106 -39.08 66.35 20.25
N VAL E 107 -39.30 67.62 19.92
CA VAL E 107 -40.47 68.02 19.16
C VAL E 107 -39.96 68.85 17.97
N ALA E 108 -40.32 68.41 16.77
CA ALA E 108 -39.94 69.06 15.51
C ALA E 108 -40.91 70.17 15.17
N VAL E 109 -40.41 71.28 14.60
CA VAL E 109 -41.27 72.39 14.22
C VAL E 109 -41.43 72.39 12.72
N ALA E 110 -42.70 72.45 12.27
CA ALA E 110 -42.91 72.43 10.84
C ALA E 110 -43.78 73.54 10.28
N LEU E 111 -43.33 74.13 9.16
CA LEU E 111 -44.04 75.19 8.47
C LEU E 111 -44.83 74.67 7.29
N ASP E 112 -46.14 74.93 7.31
CA ASP E 112 -46.99 74.56 6.21
C ASP E 112 -47.29 75.76 5.29
N THR E 113 -46.72 75.71 4.12
CA THR E 113 -46.80 76.73 3.10
C THR E 113 -48.21 76.99 2.56
N LYS E 114 -48.40 78.12 1.89
CA LYS E 114 -49.68 78.49 1.30
C LYS E 114 -49.79 77.92 -0.08
N GLY E 115 -48.78 78.23 -0.84
CA GLY E 115 -48.66 77.76 -2.19
C GLY E 115 -49.66 78.41 -3.11
N PRO E 116 -49.74 77.87 -4.29
CA PRO E 116 -50.57 78.37 -5.33
C PRO E 116 -52.03 78.17 -4.98
N GLU E 117 -52.48 78.72 -3.91
CA GLU E 117 -53.89 78.51 -3.66
C GLU E 117 -54.76 79.75 -3.73
N ILE E 118 -56.04 79.45 -3.64
CA ILE E 118 -57.13 80.40 -3.60
C ILE E 118 -57.77 80.31 -2.23
N ARG E 119 -57.83 81.41 -1.50
CA ARG E 119 -58.40 81.35 -0.17
C ARG E 119 -59.46 82.40 0.05
N THR E 120 -60.38 82.07 0.92
CA THR E 120 -61.43 83.01 1.26
C THR E 120 -60.88 83.96 2.31
N GLY E 121 -61.73 84.92 2.69
CA GLY E 121 -61.30 85.86 3.70
C GLY E 121 -61.80 85.56 5.13
N LEU E 122 -61.81 86.62 5.96
CA LEU E 122 -62.21 86.59 7.36
C LEU E 122 -63.68 86.83 7.56
N ILE E 123 -64.25 85.96 8.40
CA ILE E 123 -65.64 85.98 8.76
C ILE E 123 -65.74 86.88 9.95
N LYS E 124 -66.45 87.97 9.74
CA LYS E 124 -66.68 88.98 10.74
C LYS E 124 -65.41 89.35 11.48
N GLY E 125 -64.36 89.60 10.69
CA GLY E 125 -63.03 89.96 11.14
C GLY E 125 -62.44 88.96 12.10
N SER E 126 -62.92 87.71 12.09
CA SER E 126 -62.41 86.70 13.00
C SER E 126 -61.81 85.50 12.33
N GLY E 127 -60.58 85.12 12.70
CA GLY E 127 -59.98 83.94 12.09
C GLY E 127 -60.59 82.60 12.61
N THR E 128 -61.53 82.70 13.56
CA THR E 128 -62.16 81.54 14.18
C THR E 128 -63.65 81.56 14.04
N ALA E 129 -64.15 82.60 13.45
CA ALA E 129 -65.58 82.63 13.35
C ALA E 129 -66.10 81.82 12.16
N GLU E 130 -67.37 81.44 12.23
CA GLU E 130 -67.99 80.72 11.14
C GLU E 130 -69.48 81.02 11.06
N VAL E 131 -70.01 80.83 9.87
CA VAL E 131 -71.37 81.13 9.55
C VAL E 131 -71.99 79.92 8.93
N GLU E 132 -73.32 79.80 9.07
CA GLU E 132 -74.03 78.67 8.53
C GLU E 132 -74.73 78.95 7.23
N LEU E 133 -74.25 78.31 6.20
CA LEU E 133 -74.84 78.43 4.87
C LEU E 133 -76.04 77.50 4.82
N LYS E 134 -77.07 77.87 4.08
CA LYS E 134 -78.24 77.04 3.93
C LYS E 134 -78.43 76.68 2.49
N LYS E 135 -78.80 75.44 2.28
CA LYS E 135 -79.04 74.91 0.96
C LYS E 135 -80.06 75.76 0.22
N GLY E 136 -79.73 76.13 -1.03
CA GLY E 136 -80.59 76.96 -1.86
C GLY E 136 -80.34 78.45 -1.62
N ALA E 137 -79.71 78.73 -0.49
CA ALA E 137 -79.41 80.09 -0.17
C ALA E 137 -78.53 80.66 -1.23
N THR E 138 -78.56 81.96 -1.35
CA THR E 138 -77.78 82.63 -2.33
C THR E 138 -76.56 83.21 -1.61
N LEU E 139 -75.40 83.10 -2.25
CA LEU E 139 -74.17 83.64 -1.68
C LEU E 139 -73.34 84.39 -2.72
N LYS E 140 -72.92 85.60 -2.32
CA LYS E 140 -72.17 86.45 -3.20
C LYS E 140 -70.70 86.39 -2.94
N ILE E 141 -69.98 86.10 -4.01
CA ILE E 141 -68.55 86.08 -3.95
C ILE E 141 -68.05 87.37 -4.57
N THR E 142 -67.19 88.09 -3.83
CA THR E 142 -66.62 89.38 -4.22
C THR E 142 -65.12 89.38 -4.31
N LEU E 143 -64.62 90.28 -5.18
CA LEU E 143 -63.22 90.52 -5.34
C LEU E 143 -62.83 91.75 -4.50
N ASP E 144 -63.84 92.49 -4.07
CA ASP E 144 -63.68 93.72 -3.31
C ASP E 144 -62.99 93.62 -1.96
N ASN E 145 -61.71 94.05 -1.94
CA ASN E 145 -60.89 94.01 -0.72
C ASN E 145 -61.50 94.60 0.52
N ALA E 146 -62.64 95.21 0.34
CA ALA E 146 -63.32 95.85 1.45
C ALA E 146 -64.12 94.85 2.19
N TYR E 147 -64.23 93.69 1.57
CA TYR E 147 -64.96 92.59 2.11
C TYR E 147 -64.01 91.60 2.72
N MET E 148 -62.77 91.95 2.53
CA MET E 148 -61.62 91.23 2.95
C MET E 148 -61.78 90.52 4.24
N GLU E 149 -62.11 91.28 5.28
CA GLU E 149 -62.27 90.68 6.59
C GLU E 149 -63.68 90.77 7.04
N LYS E 150 -64.59 90.76 6.06
CA LYS E 150 -65.99 90.92 6.35
C LYS E 150 -66.82 89.83 5.72
N CYS E 151 -66.29 88.62 5.69
CA CYS E 151 -67.09 87.59 5.08
C CYS E 151 -68.18 87.20 6.05
N ASP E 152 -69.26 86.68 5.50
CA ASP E 152 -70.40 86.25 6.28
C ASP E 152 -71.29 85.42 5.42
N GLU E 153 -72.51 85.15 5.88
CA GLU E 153 -73.44 84.35 5.11
C GLU E 153 -74.01 85.01 3.87
N ASN E 154 -73.58 86.23 3.59
CA ASN E 154 -74.07 86.88 2.40
C ASN E 154 -72.99 87.20 1.41
N ILE E 155 -71.82 87.61 1.94
CA ILE E 155 -70.69 87.96 1.10
C ILE E 155 -69.51 87.12 1.40
N LEU E 156 -68.87 86.70 0.31
CA LEU E 156 -67.71 85.86 0.46
C LEU E 156 -66.55 86.41 -0.34
N TRP E 157 -65.53 86.95 0.39
CA TRP E 157 -64.30 87.49 -0.20
C TRP E 157 -63.36 86.36 -0.48
N LEU E 158 -62.74 86.43 -1.66
CA LEU E 158 -61.78 85.47 -2.24
C LEU E 158 -60.57 86.19 -2.81
N ASP E 159 -59.38 85.66 -2.59
CA ASP E 159 -58.19 86.33 -3.07
C ASP E 159 -57.73 86.11 -4.48
N TYR E 160 -58.52 85.37 -5.29
CA TYR E 160 -58.13 85.09 -6.68
C TYR E 160 -58.64 86.16 -7.61
N LYS E 161 -57.86 87.20 -7.91
CA LYS E 161 -58.40 88.22 -8.80
C LYS E 161 -58.92 87.76 -10.19
N ASN E 162 -58.33 86.74 -10.73
CA ASN E 162 -58.79 86.25 -12.02
C ASN E 162 -60.01 85.32 -11.95
N ILE E 163 -60.38 84.88 -10.72
CA ILE E 163 -61.49 83.93 -10.54
C ILE E 163 -62.79 84.61 -10.83
N CYS E 164 -63.08 84.52 -12.09
CA CYS E 164 -64.22 85.17 -12.71
C CYS E 164 -64.27 84.73 -14.16
N LYS E 165 -63.00 84.56 -14.58
CA LYS E 165 -62.58 84.34 -15.96
C LYS E 165 -62.08 82.92 -16.20
N VAL E 166 -62.02 82.23 -15.10
CA VAL E 166 -61.62 80.85 -15.01
C VAL E 166 -62.87 80.00 -14.71
N VAL E 167 -64.00 80.67 -14.45
CA VAL E 167 -65.29 80.06 -14.10
C VAL E 167 -66.46 80.59 -14.95
N ASP E 168 -67.39 79.69 -15.31
CA ASP E 168 -68.58 80.00 -16.14
C ASP E 168 -69.84 79.90 -15.27
N VAL E 169 -70.98 80.25 -15.87
CA VAL E 169 -72.28 80.14 -15.19
C VAL E 169 -72.59 78.66 -15.10
N GLY E 170 -73.02 78.19 -13.93
CA GLY E 170 -73.30 76.77 -13.80
C GLY E 170 -72.08 76.02 -13.29
N SER E 171 -71.02 76.76 -13.07
CA SER E 171 -69.81 76.20 -12.55
C SER E 171 -69.98 75.93 -11.07
N LYS E 172 -69.04 75.16 -10.56
CA LYS E 172 -69.02 74.77 -9.18
C LYS E 172 -67.83 75.34 -8.48
N VAL E 173 -68.13 76.04 -7.43
CA VAL E 173 -67.04 76.58 -6.72
C VAL E 173 -66.98 75.84 -5.43
N TYR E 174 -65.84 75.33 -5.08
CA TYR E 174 -65.82 74.62 -3.85
C TYR E 174 -65.16 75.36 -2.75
N VAL E 175 -65.74 75.21 -1.59
CA VAL E 175 -65.15 75.86 -0.48
C VAL E 175 -64.83 74.92 0.65
N ASP E 176 -63.59 75.03 1.10
CA ASP E 176 -63.17 74.22 2.21
C ASP E 176 -63.09 72.71 1.93
N ASP E 177 -62.14 72.31 1.10
CA ASP E 177 -62.00 70.90 0.80
C ASP E 177 -63.28 70.26 0.25
N GLY E 178 -64.02 71.05 -0.49
CA GLY E 178 -65.24 70.55 -1.09
C GLY E 178 -66.38 70.45 -0.13
N LEU E 179 -66.17 70.89 1.11
CA LEU E 179 -67.27 70.86 2.10
C LEU E 179 -68.48 71.59 1.52
N ILE E 180 -68.26 72.77 0.94
CA ILE E 180 -69.38 73.51 0.38
C ILE E 180 -69.33 73.56 -1.14
N SER E 181 -70.45 73.24 -1.78
CA SER E 181 -70.49 73.34 -3.21
C SER E 181 -71.34 74.54 -3.55
N LEU E 182 -70.77 75.40 -4.40
CA LEU E 182 -71.37 76.63 -4.87
C LEU E 182 -71.54 76.59 -6.36
N GLN E 183 -72.76 76.95 -6.75
CA GLN E 183 -73.05 77.00 -8.14
C GLN E 183 -73.24 78.41 -8.64
N VAL E 184 -72.40 78.70 -9.60
CA VAL E 184 -72.39 79.98 -10.21
C VAL E 184 -73.62 80.23 -11.04
N LYS E 185 -74.39 81.18 -10.53
CA LYS E 185 -75.61 81.55 -11.19
C LYS E 185 -75.45 82.83 -11.97
N GLN E 186 -74.66 83.77 -11.47
CA GLN E 186 -74.47 85.05 -12.15
C GLN E 186 -73.07 85.62 -11.99
N LYS E 187 -72.57 86.17 -13.08
CA LYS E 187 -71.27 86.71 -13.05
C LYS E 187 -71.37 88.20 -13.11
N GLY E 188 -70.38 88.80 -12.50
CA GLY E 188 -70.18 90.22 -12.49
C GLY E 188 -68.76 90.49 -12.95
N PRO E 189 -68.33 91.73 -12.76
CA PRO E 189 -67.02 92.18 -13.13
C PRO E 189 -66.00 91.83 -12.04
N ASP E 190 -66.46 91.87 -10.81
CA ASP E 190 -65.60 91.56 -9.70
C ASP E 190 -66.36 90.69 -8.74
N PHE E 191 -67.23 89.90 -9.29
CA PHE E 191 -68.00 89.09 -8.41
C PHE E 191 -68.83 88.05 -9.14
N LEU E 192 -69.33 87.13 -8.31
CA LEU E 192 -70.14 86.02 -8.75
C LEU E 192 -71.36 85.84 -7.89
N VAL E 193 -72.48 85.67 -8.54
CA VAL E 193 -73.64 85.40 -7.75
C VAL E 193 -73.80 83.90 -7.73
N THR E 194 -73.92 83.31 -6.55
CA THR E 194 -73.99 81.87 -6.43
C THR E 194 -75.15 81.37 -5.57
N GLU E 195 -75.46 80.12 -5.76
CA GLU E 195 -76.51 79.51 -4.96
C GLU E 195 -75.95 78.34 -4.18
N VAL E 196 -76.16 78.34 -2.86
CA VAL E 196 -75.66 77.31 -1.97
C VAL E 196 -76.24 75.94 -2.28
N GLU E 197 -75.40 75.06 -2.79
CA GLU E 197 -75.85 73.74 -3.17
C GLU E 197 -76.05 72.80 -2.00
N ASN E 198 -75.40 73.05 -0.91
CA ASN E 198 -75.54 72.21 0.23
C ASN E 198 -75.13 73.07 1.39
N GLY E 199 -75.86 72.98 2.47
CA GLY E 199 -75.56 73.81 3.61
C GLY E 199 -74.34 73.38 4.38
N GLY E 200 -73.87 74.29 5.22
CA GLY E 200 -72.72 74.01 6.05
C GLY E 200 -72.23 75.26 6.73
N PHE E 201 -71.23 75.06 7.58
CA PHE E 201 -70.60 76.13 8.30
C PHE E 201 -69.38 76.61 7.56
N LEU E 202 -69.50 77.84 7.13
CA LEU E 202 -68.43 78.48 6.46
C LEU E 202 -67.54 79.17 7.50
N GLY E 203 -66.23 78.94 7.44
CA GLY E 203 -65.31 79.54 8.37
C GLY E 203 -64.39 80.48 7.64
N SER E 204 -63.32 80.91 8.33
CA SER E 204 -62.36 81.87 7.79
C SER E 204 -61.16 81.32 7.07
N LYS E 205 -60.78 82.03 6.00
CA LYS E 205 -59.63 81.65 5.21
C LYS E 205 -59.74 80.22 4.68
N LYS E 206 -60.84 79.94 4.01
CA LYS E 206 -61.06 78.62 3.47
C LYS E 206 -60.51 78.46 2.06
N GLY E 207 -60.09 77.23 1.82
CA GLY E 207 -59.54 76.85 0.57
C GLY E 207 -60.64 76.75 -0.48
N VAL E 208 -60.31 77.25 -1.68
CA VAL E 208 -61.21 77.20 -2.82
C VAL E 208 -60.68 76.29 -3.93
N ASN E 209 -61.53 75.35 -4.37
CA ASN E 209 -61.13 74.40 -5.39
C ASN E 209 -61.95 74.52 -6.64
N LEU E 210 -61.30 74.68 -7.77
CA LEU E 210 -61.99 74.84 -9.03
C LEU E 210 -61.59 73.76 -10.00
N PRO E 211 -61.82 72.57 -9.51
CA PRO E 211 -61.54 71.31 -10.15
C PRO E 211 -61.75 71.37 -11.68
N GLY E 212 -60.65 71.32 -12.45
CA GLY E 212 -60.73 71.34 -13.91
C GLY E 212 -60.42 72.70 -14.57
N ALA E 213 -60.52 73.75 -13.80
CA ALA E 213 -60.25 75.09 -14.27
C ALA E 213 -58.75 75.40 -14.45
N ALA E 214 -58.46 76.37 -15.30
CA ALA E 214 -57.09 76.75 -15.50
C ALA E 214 -56.72 77.91 -14.61
N VAL E 215 -56.42 77.57 -13.39
CA VAL E 215 -56.00 78.58 -12.47
C VAL E 215 -54.51 78.78 -12.70
N ASP E 216 -54.10 80.02 -12.85
CA ASP E 216 -52.71 80.28 -13.14
C ASP E 216 -52.06 80.93 -11.94
N LEU E 217 -51.22 80.12 -11.28
CA LEU E 217 -50.54 80.54 -10.09
C LEU E 217 -49.12 80.05 -10.03
N PRO E 218 -48.28 80.87 -9.42
CA PRO E 218 -46.90 80.54 -9.31
C PRO E 218 -46.66 79.51 -8.23
N ALA E 219 -45.66 78.68 -8.52
CA ALA E 219 -45.21 77.68 -7.59
C ALA E 219 -44.85 78.43 -6.32
N VAL E 220 -44.01 79.45 -6.49
CA VAL E 220 -43.57 80.26 -5.36
C VAL E 220 -43.92 81.71 -5.52
N SER E 221 -44.86 82.13 -4.71
CA SER E 221 -45.27 83.51 -4.71
C SER E 221 -44.47 84.36 -3.72
N GLU E 222 -44.76 85.66 -3.77
CA GLU E 222 -44.12 86.62 -2.92
C GLU E 222 -44.43 86.24 -1.48
N LYS E 223 -45.73 86.01 -1.20
CA LYS E 223 -46.16 85.64 0.14
C LYS E 223 -45.40 84.46 0.63
N ASP E 224 -45.29 83.51 -0.33
CA ASP E 224 -44.54 82.28 -0.18
C ASP E 224 -43.11 82.57 0.27
N ILE E 225 -42.43 83.40 -0.53
CA ILE E 225 -41.05 83.79 -0.23
C ILE E 225 -40.90 84.24 1.23
N GLN E 226 -41.87 85.06 1.65
CA GLN E 226 -41.92 85.66 2.97
C GLN E 226 -42.02 84.67 4.09
N ASP E 227 -42.96 83.73 3.91
CA ASP E 227 -43.18 82.68 4.89
C ASP E 227 -41.95 81.84 5.06
N LEU E 228 -41.33 81.54 3.91
CA LEU E 228 -40.10 80.74 3.87
C LEU E 228 -38.94 81.33 4.66
N LYS E 229 -38.74 82.62 4.43
CA LYS E 229 -37.66 83.35 5.08
C LYS E 229 -37.95 83.34 6.55
N PHE E 230 -39.24 83.50 6.81
CA PHE E 230 -39.68 83.50 8.18
C PHE E 230 -39.37 82.17 8.83
N GLY E 231 -39.68 81.09 8.13
CA GLY E 231 -39.37 79.79 8.63
C GLY E 231 -37.87 79.69 8.86
N VAL E 232 -37.10 80.21 7.95
CA VAL E 232 -35.67 80.12 8.18
C VAL E 232 -35.30 80.93 9.40
N GLU E 233 -35.93 82.10 9.54
CA GLU E 233 -35.67 82.98 10.68
C GLU E 233 -36.03 82.29 11.99
N GLN E 234 -37.03 81.40 11.90
CA GLN E 234 -37.55 80.67 13.05
C GLN E 234 -36.93 79.32 13.36
N ASP E 235 -35.94 78.93 12.59
CA ASP E 235 -35.24 77.66 12.80
C ASP E 235 -36.14 76.42 12.65
N VAL E 236 -37.13 76.52 11.76
CA VAL E 236 -38.02 75.40 11.58
C VAL E 236 -37.25 74.15 11.18
N ASP E 237 -37.82 72.97 11.44
CA ASP E 237 -37.15 71.73 11.14
C ASP E 237 -37.44 71.28 9.72
N MET E 238 -38.58 71.70 9.18
CA MET E 238 -38.95 71.27 7.86
C MET E 238 -40.04 72.15 7.32
N VAL E 239 -40.33 71.94 6.08
CA VAL E 239 -41.38 72.69 5.45
C VAL E 239 -42.32 71.76 4.70
N PHE E 240 -43.61 71.99 4.80
CA PHE E 240 -44.52 71.17 4.06
C PHE E 240 -45.03 72.07 3.02
N ALA E 241 -44.57 71.81 1.83
CA ALA E 241 -44.87 72.58 0.69
C ALA E 241 -46.14 72.25 -0.06
N SER E 242 -47.16 73.08 0.15
CA SER E 242 -48.44 72.90 -0.51
C SER E 242 -48.43 72.96 -2.02
N PHE E 243 -49.21 72.06 -2.60
CA PHE E 243 -49.40 72.02 -4.02
C PHE E 243 -48.21 71.89 -4.94
N ILE E 244 -47.21 71.17 -4.54
CA ILE E 244 -46.12 70.95 -5.42
C ILE E 244 -46.65 70.28 -6.66
N ARG E 245 -46.20 70.76 -7.81
CA ARG E 245 -46.65 70.22 -9.05
C ARG E 245 -45.54 69.71 -9.96
N LYS E 246 -44.29 70.14 -9.74
CA LYS E 246 -43.16 69.71 -10.56
C LYS E 246 -41.93 69.88 -9.78
N ALA E 247 -40.92 69.05 -10.13
CA ALA E 247 -39.62 69.14 -9.49
C ALA E 247 -39.10 70.60 -9.47
N ALA E 248 -39.34 71.39 -10.56
CA ALA E 248 -38.92 72.80 -10.59
C ALA E 248 -39.46 73.49 -9.36
N ASP E 249 -40.71 73.13 -9.02
CA ASP E 249 -41.37 73.71 -7.86
C ASP E 249 -40.58 73.56 -6.61
N VAL E 250 -40.04 72.36 -6.46
CA VAL E 250 -39.28 72.02 -5.29
C VAL E 250 -37.97 72.78 -5.29
N HIS E 251 -37.35 72.68 -6.47
CA HIS E 251 -36.08 73.27 -6.73
C HIS E 251 -36.16 74.69 -6.32
N GLU E 252 -37.32 75.25 -6.67
CA GLU E 252 -37.67 76.61 -6.39
C GLU E 252 -37.74 76.89 -4.91
N VAL E 253 -38.23 75.93 -4.14
CA VAL E 253 -38.26 76.14 -2.71
C VAL E 253 -36.90 76.01 -2.12
N ARG E 254 -36.18 75.05 -2.65
CA ARG E 254 -34.85 74.84 -2.16
C ARG E 254 -34.01 76.13 -2.25
N LYS E 255 -34.04 76.82 -3.43
CA LYS E 255 -33.30 78.08 -3.69
C LYS E 255 -33.66 79.16 -2.67
N ILE E 256 -34.98 79.26 -2.43
CA ILE E 256 -35.54 80.18 -1.47
C ILE E 256 -35.02 79.94 -0.07
N LEU E 257 -34.89 78.65 0.30
CA LEU E 257 -34.41 78.25 1.62
C LEU E 257 -32.91 78.48 1.74
N GLY E 258 -32.25 78.34 0.59
CA GLY E 258 -30.84 78.55 0.34
C GLY E 258 -29.93 77.94 1.38
N GLU E 259 -28.71 78.40 1.32
CA GLU E 259 -27.62 77.98 2.17
C GLU E 259 -27.98 77.95 3.63
N LYS E 260 -28.67 78.98 4.07
CA LYS E 260 -29.02 79.05 5.46
C LYS E 260 -30.10 78.04 5.79
N GLY E 261 -30.97 77.78 4.81
CA GLY E 261 -32.07 76.84 4.94
C GLY E 261 -31.81 75.48 4.32
N LYS E 262 -30.53 75.13 4.18
CA LYS E 262 -30.11 73.89 3.53
C LYS E 262 -30.40 72.58 4.25
N ASN E 263 -30.31 72.64 5.60
CA ASN E 263 -30.54 71.51 6.50
C ASN E 263 -32.00 71.19 6.81
N ILE E 264 -32.87 72.10 6.38
CA ILE E 264 -34.31 72.09 6.52
C ILE E 264 -34.94 71.06 5.57
N LYS E 265 -35.80 70.22 6.10
CA LYS E 265 -36.35 69.19 5.24
C LYS E 265 -37.49 69.69 4.40
N ILE E 266 -37.46 69.38 3.12
CA ILE E 266 -38.54 69.83 2.23
C ILE E 266 -39.45 68.69 1.83
N ILE E 267 -40.64 68.77 2.42
CA ILE E 267 -41.68 67.81 2.23
C ILE E 267 -42.76 68.29 1.29
N SER E 268 -42.79 67.66 0.11
CA SER E 268 -43.70 67.98 -0.98
C SER E 268 -45.12 67.49 -0.79
N LYS E 269 -46.05 68.37 -1.02
CA LYS E 269 -47.42 68.05 -0.80
C LYS E 269 -48.20 67.78 -2.05
N ILE E 270 -48.67 66.55 -2.15
CA ILE E 270 -49.46 66.15 -3.27
C ILE E 270 -50.90 66.43 -3.00
N GLU E 271 -51.45 67.40 -3.76
CA GLU E 271 -52.84 67.81 -3.61
C GLU E 271 -53.59 68.00 -4.91
N ASN E 272 -53.07 67.47 -6.01
CA ASN E 272 -53.77 67.61 -7.27
C ASN E 272 -53.27 66.59 -8.25
N HIS E 273 -53.95 66.56 -9.42
CA HIS E 273 -53.60 65.68 -10.53
C HIS E 273 -52.15 65.71 -10.90
N GLU E 274 -51.76 66.87 -11.39
CA GLU E 274 -50.43 67.17 -11.87
C GLU E 274 -49.40 66.59 -10.93
N GLY E 275 -49.68 66.81 -9.64
CA GLY E 275 -48.79 66.31 -8.58
C GLY E 275 -48.71 64.77 -8.53
N VAL E 276 -49.83 64.09 -8.77
CA VAL E 276 -49.87 62.66 -8.79
C VAL E 276 -49.07 62.16 -9.98
N ARG E 277 -49.32 62.83 -11.10
CA ARG E 277 -48.74 62.56 -12.43
C ARG E 277 -47.23 62.74 -12.54
N ARG E 278 -46.79 63.67 -11.73
CA ARG E 278 -45.39 64.01 -11.73
C ARG E 278 -44.72 63.61 -10.46
N PHE E 279 -45.44 62.77 -9.73
CA PHE E 279 -45.00 62.25 -8.46
C PHE E 279 -43.51 61.90 -8.44
N ASP E 280 -43.09 61.11 -9.44
CA ASP E 280 -41.72 60.62 -9.56
C ASP E 280 -40.62 61.69 -9.45
N GLU E 281 -40.78 62.71 -10.28
CA GLU E 281 -39.79 63.79 -10.26
C GLU E 281 -39.81 64.54 -8.97
N ILE E 282 -41.03 64.63 -8.46
CA ILE E 282 -41.28 65.33 -7.21
C ILE E 282 -40.54 64.70 -6.05
N LEU E 283 -40.70 63.38 -5.96
CA LEU E 283 -40.12 62.56 -4.90
C LEU E 283 -38.63 62.64 -4.98
N GLU E 284 -38.17 62.51 -6.22
CA GLU E 284 -36.76 62.55 -6.49
C GLU E 284 -36.20 63.82 -5.92
N ALA E 285 -36.93 64.90 -6.21
CA ALA E 285 -36.50 66.23 -5.77
C ALA E 285 -36.64 66.53 -4.29
N SER E 286 -37.60 65.94 -3.61
CA SER E 286 -37.78 66.32 -2.22
C SER E 286 -37.16 65.40 -1.19
N ASP E 287 -37.33 65.83 0.04
CA ASP E 287 -36.83 65.08 1.19
C ASP E 287 -37.90 64.13 1.77
N GLY E 288 -39.13 64.32 1.30
CA GLY E 288 -40.23 63.54 1.79
C GLY E 288 -41.55 63.97 1.16
N ILE E 289 -42.60 63.27 1.51
CA ILE E 289 -43.87 63.58 0.93
C ILE E 289 -45.03 63.56 1.89
N MET E 290 -46.03 64.31 1.54
CA MET E 290 -47.22 64.29 2.35
C MET E 290 -48.37 63.97 1.42
N VAL E 291 -49.28 63.10 1.85
CA VAL E 291 -50.49 62.80 1.09
C VAL E 291 -51.62 63.71 1.61
N ALA E 292 -51.75 64.93 0.99
CA ALA E 292 -52.66 66.02 1.35
C ALA E 292 -54.08 65.78 0.88
N ARG E 293 -54.68 64.80 1.53
CA ARG E 293 -56.02 64.26 1.24
C ARG E 293 -57.17 65.21 1.12
N GLY E 294 -57.17 66.23 1.93
CA GLY E 294 -58.24 67.20 1.90
C GLY E 294 -58.39 67.79 0.54
N ASP E 295 -57.35 68.51 0.13
CA ASP E 295 -57.39 69.13 -1.15
C ASP E 295 -57.41 68.10 -2.25
N LEU E 296 -56.62 67.07 -2.08
CA LEU E 296 -56.52 66.08 -3.15
C LEU E 296 -57.86 65.46 -3.47
N GLY E 297 -58.61 65.23 -2.38
CA GLY E 297 -59.94 64.66 -2.37
C GLY E 297 -60.94 65.46 -3.18
N ILE E 298 -60.74 66.76 -3.28
CA ILE E 298 -61.64 67.54 -4.10
C ILE E 298 -61.07 67.82 -5.49
N GLU E 299 -59.74 67.83 -5.55
CA GLU E 299 -59.00 68.03 -6.77
C GLU E 299 -59.19 66.85 -7.69
N ILE E 300 -59.01 65.66 -7.19
CA ILE E 300 -59.30 64.53 -8.05
C ILE E 300 -60.53 63.82 -7.49
N PRO E 301 -61.05 62.85 -8.23
CA PRO E 301 -62.22 62.07 -7.79
C PRO E 301 -61.96 61.36 -6.45
N ALA E 302 -62.87 61.61 -5.54
CA ALA E 302 -62.81 61.12 -4.19
C ALA E 302 -62.60 59.61 -4.09
N GLU E 303 -63.16 58.84 -5.06
CA GLU E 303 -63.00 57.39 -5.11
C GLU E 303 -61.63 56.92 -5.66
N LYS E 304 -60.69 57.86 -6.00
CA LYS E 304 -59.38 57.47 -6.54
C LYS E 304 -58.26 57.72 -5.54
N VAL E 305 -58.61 58.49 -4.56
CA VAL E 305 -57.69 58.92 -3.55
C VAL E 305 -56.80 57.86 -2.95
N PHE E 306 -57.44 56.77 -2.57
CA PHE E 306 -56.76 55.67 -1.96
C PHE E 306 -55.66 55.11 -2.84
N LEU E 307 -55.97 55.14 -4.16
CA LEU E 307 -55.06 54.71 -5.21
C LEU E 307 -53.82 55.52 -5.08
N ALA E 308 -54.05 56.83 -5.09
CA ALA E 308 -52.97 57.80 -4.98
C ALA E 308 -52.15 57.61 -3.74
N GLN E 309 -52.88 57.51 -2.63
CA GLN E 309 -52.27 57.35 -1.33
C GLN E 309 -51.41 56.10 -1.23
N LYS E 310 -51.89 55.02 -1.81
CA LYS E 310 -51.11 53.79 -1.77
C LYS E 310 -49.93 53.84 -2.78
N MET E 311 -50.14 54.45 -3.95
CA MET E 311 -49.05 54.52 -4.90
C MET E 311 -47.90 55.30 -4.30
N ILE E 312 -48.27 56.44 -3.74
CA ILE E 312 -47.35 57.34 -3.10
C ILE E 312 -46.55 56.76 -1.91
N ILE E 313 -47.28 56.16 -0.98
CA ILE E 313 -46.67 55.57 0.20
C ILE E 313 -45.77 54.40 -0.19
N GLY E 314 -46.18 53.65 -1.21
CA GLY E 314 -45.37 52.54 -1.64
C GLY E 314 -44.06 53.08 -2.16
N ARG E 315 -44.21 54.09 -3.05
CA ARG E 315 -43.13 54.81 -3.72
C ARG E 315 -42.04 55.41 -2.80
N CYS E 316 -42.46 56.04 -1.70
CA CYS E 316 -41.55 56.61 -0.74
C CYS E 316 -40.83 55.52 -0.03
N ASN E 317 -41.63 54.51 0.33
CA ASN E 317 -41.14 53.32 1.00
C ASN E 317 -40.04 52.67 0.21
N ARG E 318 -40.34 52.47 -1.07
CA ARG E 318 -39.41 51.88 -2.02
C ARG E 318 -38.13 52.74 -2.12
N ALA E 319 -38.36 54.06 -2.19
CA ALA E 319 -37.33 55.09 -2.29
C ALA E 319 -36.61 55.30 -1.00
N GLY E 320 -37.31 55.06 0.08
CA GLY E 320 -36.67 55.25 1.36
C GLY E 320 -36.79 56.71 1.81
N LYS E 321 -37.87 57.36 1.41
CA LYS E 321 -38.08 58.74 1.74
C LYS E 321 -39.34 58.88 2.54
N PRO E 322 -39.27 59.65 3.65
CA PRO E 322 -40.39 59.86 4.54
C PRO E 322 -41.66 60.21 3.84
N VAL E 323 -42.72 59.62 4.36
CA VAL E 323 -44.07 59.79 3.84
C VAL E 323 -45.09 60.00 4.94
N ILE E 324 -45.96 60.97 4.69
CA ILE E 324 -46.97 61.37 5.65
C ILE E 324 -48.37 61.23 5.12
N CYS E 325 -49.20 60.56 5.92
CA CYS E 325 -50.58 60.44 5.50
C CYS E 325 -51.36 61.47 6.26
N ALA E 326 -52.15 62.22 5.53
CA ALA E 326 -52.79 63.28 6.22
C ALA E 326 -54.17 63.59 5.78
N THR E 327 -54.82 64.31 6.71
CA THR E 327 -56.15 64.88 6.56
C THR E 327 -57.38 63.95 6.70
N GLN E 328 -58.29 64.43 7.57
CA GLN E 328 -59.59 63.83 7.91
C GLN E 328 -59.53 62.44 8.55
N MET E 329 -58.43 62.12 9.14
CA MET E 329 -58.21 60.79 9.70
C MET E 329 -59.10 60.42 10.83
N LEU E 330 -59.36 61.41 11.66
CA LEU E 330 -60.21 61.24 12.80
C LEU E 330 -61.17 62.39 12.79
N GLU E 331 -61.59 62.74 11.60
CA GLU E 331 -62.44 63.88 11.39
C GLU E 331 -63.53 64.19 12.43
N SER E 332 -64.25 63.16 12.81
CA SER E 332 -65.37 63.23 13.75
C SER E 332 -64.97 63.68 15.15
N MET E 333 -63.71 63.39 15.49
CA MET E 333 -63.24 63.76 16.80
C MET E 333 -63.05 65.26 17.07
N ILE E 334 -63.32 66.07 16.06
CA ILE E 334 -63.24 67.51 16.19
C ILE E 334 -64.37 67.89 17.16
N LYS E 335 -65.49 67.25 16.90
CA LYS E 335 -66.67 67.47 17.69
C LYS E 335 -67.03 66.26 18.60
N LYS E 336 -66.55 65.05 18.28
CA LYS E 336 -66.88 63.88 19.10
C LYS E 336 -65.66 63.31 19.82
N PRO E 337 -65.88 62.80 21.04
CA PRO E 337 -64.84 62.20 21.89
C PRO E 337 -64.35 60.83 21.42
N ARG E 338 -65.12 60.17 20.53
CA ARG E 338 -64.81 58.85 19.98
C ARG E 338 -64.92 58.83 18.44
N PRO E 339 -63.94 58.26 17.76
CA PRO E 339 -63.99 58.21 16.29
C PRO E 339 -65.01 57.23 15.74
N THR E 340 -65.35 57.40 14.46
CA THR E 340 -66.22 56.48 13.79
C THR E 340 -65.47 55.20 13.45
N ARG E 341 -66.17 54.29 12.80
CA ARG E 341 -65.58 53.02 12.40
C ARG E 341 -64.58 53.22 11.25
N ALA E 342 -64.99 53.97 10.24
CA ALA E 342 -64.13 54.34 9.13
C ALA E 342 -62.83 55.04 9.61
N GLU E 343 -62.93 55.92 10.62
CA GLU E 343 -61.72 56.60 11.08
C GLU E 343 -60.67 55.69 11.66
N GLY E 344 -61.09 54.82 12.56
CA GLY E 344 -60.13 53.90 13.13
C GLY E 344 -59.44 53.11 12.03
N SER E 345 -60.27 52.59 11.14
CA SER E 345 -59.83 51.82 9.98
C SER E 345 -58.78 52.61 9.18
N ASP E 346 -59.16 53.81 8.75
CA ASP E 346 -58.34 54.71 7.98
C ASP E 346 -56.97 54.86 8.57
N VAL E 347 -56.95 55.09 9.89
CA VAL E 347 -55.69 55.25 10.63
C VAL E 347 -54.76 54.05 10.57
N ALA E 348 -55.29 52.85 10.77
CA ALA E 348 -54.49 51.66 10.71
C ALA E 348 -54.13 51.33 9.25
N ASN E 349 -55.01 51.57 8.29
CA ASN E 349 -54.64 51.23 6.94
C ASN E 349 -53.45 52.04 6.49
N ALA E 350 -53.43 53.28 6.93
CA ALA E 350 -52.30 54.14 6.63
C ALA E 350 -51.05 53.55 7.24
N VAL E 351 -51.15 53.11 8.50
CA VAL E 351 -49.99 52.51 9.14
C VAL E 351 -49.52 51.34 8.36
N LEU E 352 -50.52 50.48 8.02
CA LEU E 352 -50.32 49.24 7.25
C LEU E 352 -49.70 49.58 5.93
N ASP E 353 -50.26 50.62 5.31
CA ASP E 353 -49.80 51.19 4.05
C ASP E 353 -48.27 51.49 4.07
N GLY E 354 -47.75 51.92 5.20
CA GLY E 354 -46.32 52.13 5.26
C GLY E 354 -45.91 53.53 5.61
N ALA E 355 -46.90 54.33 5.95
CA ALA E 355 -46.70 55.72 6.32
C ALA E 355 -45.80 55.92 7.54
N ASP E 356 -44.84 56.84 7.35
CA ASP E 356 -43.87 57.20 8.35
C ASP E 356 -44.48 57.97 9.46
N CYS E 357 -45.37 58.91 9.06
CA CYS E 357 -46.08 59.78 9.99
C CYS E 357 -47.54 59.85 9.57
N ILE E 358 -48.40 60.17 10.52
CA ILE E 358 -49.84 60.36 10.28
C ILE E 358 -50.15 61.70 10.88
N MET E 359 -51.19 62.33 10.43
CA MET E 359 -51.38 63.64 10.99
C MET E 359 -52.81 64.02 11.39
N LEU E 360 -52.86 65.06 12.19
CA LEU E 360 -54.09 65.65 12.67
C LEU E 360 -54.12 67.11 12.26
N SER E 361 -55.23 67.52 11.67
CA SER E 361 -55.40 68.90 11.23
C SER E 361 -56.41 69.59 12.13
N GLY E 362 -57.65 69.69 11.62
CA GLY E 362 -58.76 70.29 12.39
C GLY E 362 -58.84 69.69 13.81
N GLU E 363 -58.53 68.40 13.91
CA GLU E 363 -58.53 67.63 15.15
C GLU E 363 -57.71 68.26 16.24
N THR E 364 -56.60 68.88 15.88
CA THR E 364 -55.80 69.51 16.92
C THR E 364 -55.79 71.02 16.87
N ALA E 365 -56.05 71.56 15.68
CA ALA E 365 -55.99 72.99 15.52
C ALA E 365 -57.19 73.71 16.08
N LYS E 366 -58.39 73.16 15.86
CA LYS E 366 -59.62 73.80 16.30
C LYS E 366 -60.59 72.98 17.16
N GLY E 367 -60.38 71.67 17.23
CA GLY E 367 -61.27 70.72 17.91
C GLY E 367 -61.63 70.82 19.37
N ASP E 368 -62.75 70.18 19.70
CA ASP E 368 -63.20 70.11 21.08
C ASP E 368 -62.48 68.97 21.81
N TYR E 369 -61.74 68.14 21.03
CA TYR E 369 -61.05 66.97 21.56
C TYR E 369 -59.65 66.73 21.08
N PRO E 370 -58.84 67.75 20.97
CA PRO E 370 -57.48 67.59 20.50
C PRO E 370 -56.62 66.52 21.21
N LEU E 371 -56.76 66.43 22.54
CA LEU E 371 -56.01 65.51 23.39
C LEU E 371 -56.31 64.03 23.16
N GLU E 372 -57.58 63.77 23.10
CA GLU E 372 -58.11 62.45 22.84
C GLU E 372 -57.77 62.03 21.44
N ALA E 373 -57.66 63.00 20.54
CA ALA E 373 -57.33 62.68 19.15
C ALA E 373 -55.88 62.19 19.02
N VAL E 374 -54.99 62.81 19.75
CA VAL E 374 -53.60 62.38 19.77
C VAL E 374 -53.56 60.97 20.37
N ARG E 375 -54.20 60.82 21.53
CA ARG E 375 -54.27 59.52 22.15
C ARG E 375 -54.81 58.41 21.23
N MET E 376 -55.88 58.72 20.52
CA MET E 376 -56.41 57.75 19.61
C MET E 376 -55.38 57.32 18.57
N GLN E 377 -54.69 58.27 17.99
CA GLN E 377 -53.73 57.94 16.98
C GLN E 377 -52.64 57.09 17.56
N HIS E 378 -52.24 57.46 18.76
CA HIS E 378 -51.19 56.69 19.40
C HIS E 378 -51.61 55.24 19.53
N LEU E 379 -52.84 55.05 19.99
CA LEU E 379 -53.46 53.76 20.18
C LEU E 379 -53.53 52.91 18.93
N ILE E 380 -54.23 53.42 17.92
CA ILE E 380 -54.36 52.70 16.64
C ILE E 380 -53.00 52.33 16.08
N ALA E 381 -52.16 53.35 16.00
CA ALA E 381 -50.81 53.25 15.54
C ALA E 381 -50.03 52.06 16.19
N ARG E 382 -50.08 51.91 17.53
CA ARG E 382 -49.36 50.76 18.09
C ARG E 382 -49.97 49.38 17.78
N GLU E 383 -51.28 49.34 17.51
CA GLU E 383 -51.93 48.10 17.16
C GLU E 383 -51.52 47.69 15.75
N ALA E 384 -51.66 48.65 14.86
CA ALA E 384 -51.33 48.40 13.48
C ALA E 384 -49.85 48.16 13.24
N GLU E 385 -48.98 48.72 14.08
CA GLU E 385 -47.59 48.48 13.87
C GLU E 385 -47.30 47.00 14.00
N ALA E 386 -47.91 46.36 15.02
CA ALA E 386 -47.76 44.92 15.30
C ALA E 386 -48.35 44.06 14.21
N ALA E 387 -49.52 44.47 13.66
CA ALA E 387 -50.22 43.79 12.54
C ALA E 387 -49.48 43.89 11.18
N MET E 388 -48.31 44.46 11.16
CA MET E 388 -47.63 44.52 9.90
C MET E 388 -47.06 43.17 9.58
N PHE E 389 -46.71 42.97 8.30
CA PHE E 389 -46.14 41.71 7.83
C PHE E 389 -44.65 41.90 7.52
N HIS E 390 -43.91 42.11 8.60
CA HIS E 390 -42.52 42.37 8.57
C HIS E 390 -41.66 41.54 7.61
N ARG E 391 -41.73 40.23 7.77
CA ARG E 391 -40.96 39.32 6.95
C ARG E 391 -41.11 39.55 5.46
N LYS E 392 -42.36 39.65 4.99
CA LYS E 392 -42.65 39.86 3.59
C LYS E 392 -42.29 41.28 3.12
N LEU E 393 -42.50 42.24 4.00
CA LEU E 393 -42.16 43.63 3.74
C LEU E 393 -40.64 43.80 3.59
N PHE E 394 -39.90 43.23 4.54
CA PHE E 394 -38.46 43.37 4.45
C PHE E 394 -37.95 42.77 3.17
N GLU E 395 -38.56 41.64 2.84
CA GLU E 395 -38.17 40.89 1.66
C GLU E 395 -38.46 41.71 0.45
N GLU E 396 -39.68 42.27 0.39
CA GLU E 396 -40.08 43.11 -0.74
C GLU E 396 -39.28 44.38 -0.87
N LEU E 397 -38.85 44.93 0.26
CA LEU E 397 -38.05 46.15 0.30
C LEU E 397 -36.65 45.89 -0.21
N ALA E 398 -36.06 44.79 0.30
CA ALA E 398 -34.70 44.39 -0.10
C ALA E 398 -34.60 44.21 -1.59
N ARG E 399 -35.68 43.69 -2.14
CA ARG E 399 -35.77 43.46 -3.55
C ARG E 399 -35.77 44.77 -4.30
N SER E 400 -36.70 45.65 -3.96
CA SER E 400 -36.80 46.95 -4.58
C SER E 400 -35.50 47.75 -4.46
N SER E 401 -34.68 47.43 -3.48
CA SER E 401 -33.45 48.17 -3.28
C SER E 401 -32.17 47.48 -3.80
N SER E 402 -32.33 46.29 -4.37
CA SER E 402 -31.26 45.41 -4.85
C SER E 402 -30.16 46.04 -5.70
N HIS E 403 -30.47 47.18 -6.33
CA HIS E 403 -29.52 47.85 -7.19
C HIS E 403 -28.42 48.54 -6.47
N SER E 404 -28.74 48.87 -5.22
CA SER E 404 -27.79 49.54 -4.38
C SER E 404 -26.99 48.54 -3.60
N THR E 405 -25.72 48.82 -3.55
CA THR E 405 -24.78 48.03 -2.78
C THR E 405 -24.16 48.90 -1.68
N ASP E 406 -24.91 49.93 -1.28
CA ASP E 406 -24.52 50.87 -0.26
C ASP E 406 -24.23 50.17 1.07
N LEU E 407 -23.12 50.55 1.65
CA LEU E 407 -22.60 50.01 2.86
C LEU E 407 -23.49 50.28 4.07
N MET E 408 -24.03 51.47 4.17
CA MET E 408 -24.86 51.74 5.32
C MET E 408 -26.15 50.98 5.17
N GLU E 409 -26.57 50.83 3.91
CA GLU E 409 -27.77 50.10 3.60
C GLU E 409 -27.56 48.65 4.03
N ALA E 410 -26.36 48.15 3.72
CA ALA E 410 -25.93 46.81 4.07
C ALA E 410 -25.96 46.62 5.57
N MET E 411 -25.52 47.66 6.29
CA MET E 411 -25.49 47.68 7.75
C MET E 411 -26.91 47.68 8.33
N ALA E 412 -27.82 48.44 7.72
CA ALA E 412 -29.21 48.51 8.19
C ALA E 412 -29.97 47.19 8.01
N MET E 413 -29.90 46.62 6.79
CA MET E 413 -30.53 45.37 6.45
C MET E 413 -30.05 44.25 7.37
N GLY E 414 -28.76 44.20 7.52
CA GLY E 414 -28.10 43.24 8.34
C GLY E 414 -28.53 43.35 9.77
N SER E 415 -28.78 44.58 10.23
CA SER E 415 -29.18 44.81 11.62
C SER E 415 -30.64 44.54 11.88
N VAL E 416 -31.47 44.94 10.92
CA VAL E 416 -32.90 44.74 11.02
C VAL E 416 -33.17 43.24 11.08
N GLU E 417 -32.61 42.57 10.07
CA GLU E 417 -32.62 41.13 9.93
C GLU E 417 -32.25 40.51 11.29
N ALA E 418 -31.06 40.83 11.80
CA ALA E 418 -30.64 40.28 13.09
C ALA E 418 -31.60 40.61 14.17
N SER E 419 -32.24 41.80 14.09
CA SER E 419 -33.19 42.23 15.11
C SER E 419 -34.43 41.35 15.12
N TYR E 420 -34.78 40.85 13.96
CA TYR E 420 -35.93 39.98 13.83
C TYR E 420 -35.66 38.60 14.47
N LYS E 421 -34.55 38.02 14.06
CA LYS E 421 -34.08 36.72 14.51
C LYS E 421 -34.06 36.53 16.01
N CYS E 422 -33.34 37.39 16.73
CA CYS E 422 -33.22 37.25 18.18
C CYS E 422 -34.30 38.04 18.90
N LEU E 423 -35.29 38.48 18.10
CA LEU E 423 -36.43 39.27 18.57
C LEU E 423 -35.98 40.31 19.57
N ALA E 424 -35.05 41.15 19.11
CA ALA E 424 -34.46 42.19 19.94
C ALA E 424 -35.47 43.22 20.39
N ALA E 425 -35.25 43.71 21.63
CA ALA E 425 -36.10 44.72 22.27
C ALA E 425 -36.03 46.11 21.58
N ALA E 426 -34.96 46.34 20.79
CA ALA E 426 -34.79 47.58 20.09
C ALA E 426 -33.44 47.64 19.45
N LEU E 427 -33.30 48.58 18.50
CA LEU E 427 -32.01 48.80 17.90
C LEU E 427 -31.48 50.11 18.43
N ILE E 428 -30.19 50.20 18.69
CA ILE E 428 -29.66 51.48 19.15
C ILE E 428 -28.70 52.10 18.11
N VAL E 429 -28.97 53.31 17.66
CA VAL E 429 -28.12 53.94 16.66
C VAL E 429 -27.47 55.22 17.16
N LEU E 430 -26.15 55.31 17.10
CA LEU E 430 -25.51 56.56 17.47
C LEU E 430 -25.36 57.32 16.17
N THR E 431 -26.05 58.45 16.04
CA THR E 431 -26.01 59.23 14.80
C THR E 431 -25.85 60.71 15.05
N GLU E 432 -25.17 61.36 14.12
CA GLU E 432 -24.96 62.79 14.21
C GLU E 432 -25.81 63.50 13.24
N SER E 433 -25.72 63.04 12.00
CA SER E 433 -26.55 63.53 10.91
C SER E 433 -27.93 62.85 10.88
N GLY E 434 -28.04 61.76 11.68
CA GLY E 434 -29.25 60.96 11.78
C GLY E 434 -29.40 60.00 10.58
N ARG E 435 -28.57 60.14 9.58
CA ARG E 435 -28.68 59.33 8.40
C ARG E 435 -28.55 57.80 8.54
N SER E 436 -27.75 57.34 9.48
CA SER E 436 -27.56 55.92 9.68
C SER E 436 -28.82 55.29 10.24
N ALA E 437 -29.48 56.09 11.04
CA ALA E 437 -30.71 55.69 11.66
C ALA E 437 -31.82 55.62 10.62
N HIS E 438 -31.88 56.62 9.80
CA HIS E 438 -32.85 56.69 8.76
C HIS E 438 -32.78 55.48 7.86
N GLN E 439 -31.57 54.99 7.64
CA GLN E 439 -31.34 53.85 6.77
C GLN E 439 -31.86 52.61 7.44
N VAL E 440 -31.93 52.67 8.76
CA VAL E 440 -32.43 51.53 9.51
C VAL E 440 -33.94 51.56 9.53
N ALA E 441 -34.49 52.76 9.66
CA ALA E 441 -35.92 52.87 9.70
C ALA E 441 -36.54 52.46 8.38
N ARG E 442 -35.76 52.66 7.33
CA ARG E 442 -36.30 52.33 6.04
C ARG E 442 -36.47 50.86 5.80
N TYR E 443 -35.81 50.08 6.61
CA TYR E 443 -35.91 48.65 6.47
C TYR E 443 -37.02 48.05 7.34
N ARG E 444 -37.57 48.87 8.23
CA ARG E 444 -38.74 48.47 8.99
C ARG E 444 -38.62 47.32 9.96
N PRO E 445 -37.86 47.54 10.99
CA PRO E 445 -37.71 46.58 12.05
C PRO E 445 -39.00 46.62 12.82
N ARG E 446 -39.14 45.75 13.76
CA ARG E 446 -40.37 45.84 14.47
C ARG E 446 -40.11 46.58 15.77
N ALA E 447 -38.87 46.38 16.26
CA ALA E 447 -38.33 46.99 17.45
C ALA E 447 -38.09 48.48 17.23
N PRO E 448 -38.11 49.25 18.29
CA PRO E 448 -37.91 50.68 18.17
C PRO E 448 -36.45 51.03 17.97
N ILE E 449 -36.22 52.05 17.15
CA ILE E 449 -34.87 52.51 16.88
C ILE E 449 -34.54 53.67 17.79
N ILE E 450 -33.55 53.53 18.62
CA ILE E 450 -33.26 54.61 19.51
C ILE E 450 -32.02 55.29 19.08
N ALA E 451 -32.19 56.49 18.55
CA ALA E 451 -31.06 57.24 18.08
C ALA E 451 -30.62 58.35 19.03
N VAL E 452 -29.36 58.23 19.39
CA VAL E 452 -28.61 59.13 20.24
C VAL E 452 -27.73 60.00 19.37
N THR E 453 -27.97 61.32 19.46
CA THR E 453 -27.26 62.35 18.68
C THR E 453 -26.93 63.58 19.58
N ARG E 454 -25.88 64.30 19.26
CA ARG E 454 -25.58 65.49 20.03
C ARG E 454 -26.22 66.68 19.27
N ASN E 455 -26.75 66.34 18.09
CA ASN E 455 -27.43 67.22 17.18
C ASN E 455 -28.94 67.31 17.43
N HIS E 456 -29.30 68.47 17.94
CA HIS E 456 -30.66 68.80 18.26
C HIS E 456 -31.59 68.81 17.10
N GLN E 457 -31.06 69.08 15.96
CA GLN E 457 -31.90 69.12 14.80
C GLN E 457 -32.15 67.76 14.18
N THR E 458 -31.08 67.00 14.16
CA THR E 458 -31.07 65.64 13.68
C THR E 458 -32.14 64.88 14.45
N ALA E 459 -32.13 65.17 15.75
CA ALA E 459 -33.06 64.59 16.67
C ALA E 459 -34.51 65.04 16.54
N ARG E 460 -34.72 66.26 16.08
CA ARG E 460 -36.08 66.72 15.95
C ARG E 460 -36.65 66.13 14.68
N GLN E 461 -35.75 66.07 13.72
CA GLN E 461 -36.06 65.60 12.41
C GLN E 461 -36.33 64.09 12.29
N ALA E 462 -35.63 63.30 13.08
CA ALA E 462 -35.80 61.86 13.07
C ALA E 462 -37.25 61.42 13.16
N HIS E 463 -38.12 62.27 13.73
CA HIS E 463 -39.53 61.92 13.87
C HIS E 463 -40.20 61.76 12.54
N LEU E 464 -39.51 62.18 11.52
CA LEU E 464 -40.05 62.09 10.18
C LEU E 464 -39.93 60.63 9.65
N TYR E 465 -39.12 59.85 10.34
CA TYR E 465 -38.85 58.46 9.99
C TYR E 465 -39.53 57.46 10.90
N ARG E 466 -40.23 56.50 10.31
CA ARG E 466 -40.93 55.53 11.11
C ARG E 466 -40.07 54.85 12.16
N GLY E 467 -40.56 54.89 13.39
CA GLY E 467 -39.91 54.20 14.47
C GLY E 467 -38.59 54.74 14.95
N ILE E 468 -38.34 56.02 14.77
CA ILE E 468 -37.11 56.54 15.32
C ILE E 468 -37.41 57.35 16.59
N PHE E 469 -36.74 56.96 17.71
CA PHE E 469 -36.84 57.57 19.05
C PHE E 469 -35.64 58.38 19.39
N PRO E 470 -35.80 59.68 19.18
CA PRO E 470 -34.78 60.64 19.40
C PRO E 470 -34.34 60.79 20.84
N VAL E 471 -33.02 60.76 20.96
CA VAL E 471 -32.42 60.95 22.26
C VAL E 471 -31.27 61.94 22.14
N VAL E 472 -31.38 63.05 22.87
CA VAL E 472 -30.36 64.07 22.85
C VAL E 472 -29.28 63.87 23.93
N CYS E 473 -28.05 63.69 23.46
CA CYS E 473 -26.92 63.56 24.34
C CYS E 473 -26.51 64.99 24.70
N LYS E 474 -26.28 65.22 25.97
CA LYS E 474 -25.91 66.55 26.37
C LYS E 474 -24.57 66.60 27.11
N ASP E 475 -23.79 65.55 27.01
CA ASP E 475 -22.52 65.52 27.68
C ASP E 475 -21.44 65.83 26.73
N PRO E 476 -20.30 66.14 27.29
CA PRO E 476 -19.15 66.46 26.52
C PRO E 476 -18.58 65.22 25.86
N VAL E 477 -17.99 65.46 24.71
CA VAL E 477 -17.34 64.44 23.99
C VAL E 477 -16.25 63.93 24.92
N GLN E 478 -16.09 62.61 25.00
CA GLN E 478 -15.10 61.96 25.85
C GLN E 478 -13.74 61.88 25.20
N GLU E 479 -12.67 61.94 26.01
CA GLU E 479 -11.30 61.89 25.50
C GLU E 479 -11.08 60.77 24.48
N ALA E 480 -11.56 59.59 24.86
CA ALA E 480 -11.45 58.41 24.05
C ALA E 480 -12.78 58.05 23.42
N TRP E 481 -12.74 57.88 22.09
CA TRP E 481 -13.87 57.50 21.30
C TRP E 481 -14.65 56.39 21.96
N ALA E 482 -13.90 55.38 22.42
CA ALA E 482 -14.46 54.21 23.08
C ALA E 482 -15.40 54.68 24.17
N GLU E 483 -14.83 55.46 25.04
CA GLU E 483 -15.57 56.01 26.12
C GLU E 483 -16.77 56.85 25.68
N ASP E 484 -16.55 57.75 24.74
CA ASP E 484 -17.63 58.57 24.29
C ASP E 484 -18.76 57.72 23.70
N VAL E 485 -18.35 56.71 22.96
CA VAL E 485 -19.34 55.82 22.37
C VAL E 485 -20.13 55.20 23.49
N ASP E 486 -19.40 54.59 24.42
CA ASP E 486 -19.98 53.95 25.59
C ASP E 486 -20.96 54.85 26.34
N LEU E 487 -20.58 56.10 26.51
CA LEU E 487 -21.43 57.04 27.20
C LEU E 487 -22.80 57.12 26.49
N ARG E 488 -22.74 57.12 25.17
CA ARG E 488 -23.94 57.24 24.42
C ARG E 488 -24.82 56.01 24.48
N VAL E 489 -24.23 54.84 24.27
CA VAL E 489 -25.01 53.60 24.33
C VAL E 489 -25.80 53.53 25.62
N ASN E 490 -25.06 53.71 26.71
CA ASN E 490 -25.68 53.71 28.02
C ASN E 490 -26.77 54.69 28.17
N LEU E 491 -26.58 55.81 27.53
CA LEU E 491 -27.62 56.79 27.55
C LEU E 491 -28.88 56.16 27.00
N ALA E 492 -28.69 55.53 25.84
CA ALA E 492 -29.81 54.88 25.18
C ALA E 492 -30.40 53.84 26.08
N MET E 493 -29.49 53.04 26.65
CA MET E 493 -29.86 51.98 27.55
C MET E 493 -30.79 52.46 28.63
N ASN E 494 -30.38 53.54 29.28
CA ASN E 494 -31.14 54.11 30.37
C ASN E 494 -32.49 54.61 30.02
N VAL E 495 -32.66 55.03 28.79
CA VAL E 495 -33.92 55.57 28.34
C VAL E 495 -35.00 54.55 28.04
N GLY E 496 -34.68 53.53 27.24
CA GLY E 496 -35.61 52.47 26.87
C GLY E 496 -36.08 51.75 28.13
N LYS E 497 -35.21 51.63 29.12
CA LYS E 497 -35.66 51.04 30.38
C LYS E 497 -36.71 51.98 30.92
N ALA E 498 -36.23 53.20 31.16
CA ALA E 498 -37.04 54.33 31.62
C ALA E 498 -38.41 54.37 30.95
N ARG E 499 -38.41 54.45 29.62
CA ARG E 499 -39.66 54.47 28.86
C ARG E 499 -40.30 53.08 28.75
N GLY E 500 -39.68 52.10 29.42
CA GLY E 500 -40.17 50.72 29.46
C GLY E 500 -40.14 49.95 28.15
N PHE E 501 -39.16 50.26 27.31
CA PHE E 501 -38.93 49.60 26.03
C PHE E 501 -38.25 48.27 26.27
N PHE E 502 -37.61 48.21 27.40
CA PHE E 502 -36.88 47.02 27.71
C PHE E 502 -36.49 46.89 29.17
N LYS E 503 -36.16 45.64 29.47
CA LYS E 503 -35.75 45.23 30.77
C LYS E 503 -34.29 44.84 30.72
N LYS E 504 -33.68 44.78 31.90
CA LYS E 504 -32.31 44.34 32.00
C LYS E 504 -32.32 42.89 31.58
N GLY E 505 -31.27 42.45 30.88
CA GLY E 505 -31.17 41.08 30.42
C GLY E 505 -31.52 40.99 28.95
N ASP E 506 -32.64 41.62 28.59
CA ASP E 506 -33.15 41.71 27.23
C ASP E 506 -32.02 41.99 26.26
N VAL E 507 -32.32 41.80 24.98
CA VAL E 507 -31.30 42.04 23.97
C VAL E 507 -31.61 43.13 22.99
N VAL E 508 -30.56 43.89 22.67
CA VAL E 508 -30.67 44.97 21.70
C VAL E 508 -29.58 44.87 20.67
N ILE E 509 -29.84 45.43 19.50
CA ILE E 509 -28.87 45.52 18.42
C ILE E 509 -28.22 46.91 18.54
N VAL E 510 -26.92 46.96 18.55
CA VAL E 510 -26.24 48.25 18.72
C VAL E 510 -25.33 48.66 17.56
N LEU E 511 -25.66 49.83 16.96
CA LEU E 511 -24.99 50.44 15.82
C LEU E 511 -24.19 51.67 16.17
N THR E 512 -22.92 51.56 15.87
CA THR E 512 -21.98 52.63 16.13
C THR E 512 -20.94 52.70 15.02
N GLY E 513 -20.06 53.69 15.15
CA GLY E 513 -18.97 53.88 14.23
C GLY E 513 -17.74 53.28 14.88
N TRP E 514 -16.99 52.54 14.08
CA TRP E 514 -15.81 51.90 14.63
C TRP E 514 -14.88 52.95 15.22
N ARG E 515 -14.58 53.98 14.41
CA ARG E 515 -13.70 55.04 14.85
C ARG E 515 -14.34 56.43 14.80
N PRO E 516 -13.67 57.40 15.40
CA PRO E 516 -14.16 58.75 15.44
C PRO E 516 -14.60 59.39 14.11
N GLY E 517 -14.06 58.94 12.99
CA GLY E 517 -14.45 59.48 11.68
C GLY E 517 -14.98 58.41 10.74
N SER E 518 -15.63 57.40 11.34
CA SER E 518 -16.17 56.29 10.59
C SER E 518 -17.10 56.65 9.43
N GLY E 519 -17.71 57.82 9.49
CA GLY E 519 -18.59 58.17 8.37
C GLY E 519 -19.98 57.53 8.40
N PHE E 520 -20.08 56.41 9.09
CA PHE E 520 -21.32 55.70 9.22
C PHE E 520 -21.21 54.65 10.31
N THR E 521 -22.32 54.16 10.84
CA THR E 521 -22.26 53.13 11.86
C THR E 521 -21.85 51.88 11.11
N ASN E 522 -20.57 51.50 11.25
CA ASN E 522 -19.97 50.38 10.53
C ASN E 522 -19.80 49.13 11.40
N THR E 523 -20.12 49.30 12.67
CA THR E 523 -20.00 48.28 13.64
C THR E 523 -21.36 47.93 14.14
N MET E 524 -21.61 46.65 14.31
CA MET E 524 -22.89 46.23 14.82
C MET E 524 -22.68 45.16 15.87
N ARG E 525 -23.34 45.31 17.02
CA ARG E 525 -23.25 44.36 18.13
C ARG E 525 -24.60 43.95 18.74
N VAL E 526 -24.72 42.67 19.10
CA VAL E 526 -25.89 42.16 19.76
C VAL E 526 -25.61 42.22 21.27
N VAL E 527 -26.33 43.11 21.97
CA VAL E 527 -26.10 43.29 23.41
C VAL E 527 -27.30 43.24 24.31
N PRO E 528 -27.09 42.58 25.45
CA PRO E 528 -28.05 42.48 26.50
C PRO E 528 -28.09 43.71 27.32
N VAL E 529 -29.29 44.10 27.69
CA VAL E 529 -29.48 45.23 28.55
C VAL E 529 -28.96 44.92 29.93
N PRO E 530 -28.23 45.85 30.54
CA PRO E 530 -27.70 45.68 31.90
C PRO E 530 -28.72 46.17 32.87
N ILE F 12 -20.98 42.46 -18.76
CA ILE F 12 -21.47 41.20 -18.20
C ILE F 12 -21.06 41.05 -16.75
N GLN F 13 -22.03 40.86 -15.88
CA GLN F 13 -21.66 40.69 -14.50
C GLN F 13 -21.00 39.34 -14.28
N THR F 14 -20.17 39.30 -13.25
CA THR F 14 -19.50 38.09 -12.87
C THR F 14 -20.38 37.37 -11.87
N GLN F 15 -19.89 36.26 -11.37
CA GLN F 15 -20.56 35.49 -10.37
C GLN F 15 -22.07 35.30 -10.53
N GLN F 16 -22.55 35.17 -11.76
CA GLN F 16 -23.98 34.98 -12.05
C GLN F 16 -24.86 35.96 -11.29
N LEU F 17 -24.36 37.16 -11.11
CA LEU F 17 -25.11 38.16 -10.38
C LEU F 17 -26.37 38.60 -11.07
N HIS F 18 -26.35 38.56 -12.36
CA HIS F 18 -27.54 38.95 -13.04
C HIS F 18 -28.64 37.98 -12.74
N ALA F 19 -28.28 36.69 -12.71
CA ALA F 19 -29.26 35.64 -12.44
C ALA F 19 -29.63 35.67 -10.98
N ALA F 20 -28.72 36.20 -10.20
CA ALA F 20 -28.93 36.33 -8.79
C ALA F 20 -30.12 37.25 -8.51
N MET F 21 -30.34 38.15 -9.48
CA MET F 21 -31.40 39.12 -9.40
C MET F 21 -32.70 38.57 -9.91
N ALA F 22 -32.78 37.26 -10.23
CA ALA F 22 -34.05 36.72 -10.70
C ALA F 22 -35.18 36.75 -9.66
N ASP F 23 -36.36 36.83 -10.16
CA ASP F 23 -37.52 36.86 -9.32
C ASP F 23 -37.98 35.41 -9.01
N THR F 24 -37.98 34.63 -10.05
CA THR F 24 -38.47 33.28 -10.07
C THR F 24 -37.37 32.23 -10.34
N PHE F 25 -37.56 31.01 -9.84
CA PHE F 25 -36.59 29.94 -10.08
C PHE F 25 -36.31 29.81 -11.57
N LEU F 26 -37.38 29.78 -12.35
CA LEU F 26 -37.33 29.71 -13.79
C LEU F 26 -36.48 30.82 -14.43
N GLU F 27 -36.80 32.06 -14.08
CA GLU F 27 -36.09 33.19 -14.60
C GLU F 27 -34.63 33.04 -14.26
N HIS F 28 -34.39 32.66 -13.01
CA HIS F 28 -33.04 32.44 -12.55
C HIS F 28 -32.23 31.54 -13.48
N MET F 29 -32.86 30.48 -13.98
CA MET F 29 -32.18 29.55 -14.85
C MET F 29 -31.86 30.15 -16.19
N CYS F 30 -32.85 30.85 -16.68
CA CYS F 30 -32.86 31.50 -17.96
C CYS F 30 -31.70 32.49 -18.11
N ARG F 31 -31.29 33.05 -16.99
CA ARG F 31 -30.24 34.04 -16.88
C ARG F 31 -28.87 33.48 -16.63
N LEU F 32 -28.77 32.14 -16.58
CA LEU F 32 -27.48 31.52 -16.32
C LEU F 32 -26.61 31.83 -17.51
N ASP F 33 -25.48 32.51 -17.22
CA ASP F 33 -24.56 33.01 -18.22
C ASP F 33 -23.23 32.37 -18.21
N ILE F 34 -22.88 31.76 -19.35
CA ILE F 34 -21.62 31.10 -19.46
C ILE F 34 -20.51 32.11 -19.50
N ASP F 35 -20.90 33.31 -19.91
CA ASP F 35 -19.97 34.42 -20.01
C ASP F 35 -19.88 35.23 -18.72
N SER F 36 -20.53 34.75 -17.69
CA SER F 36 -20.44 35.41 -16.40
C SER F 36 -19.44 34.64 -15.60
N ALA F 37 -18.34 35.23 -15.35
CA ALA F 37 -17.32 34.53 -14.67
C ALA F 37 -17.49 34.41 -13.18
N PRO F 38 -17.02 33.25 -12.65
CA PRO F 38 -17.03 32.93 -11.23
C PRO F 38 -15.84 33.58 -10.53
N ILE F 39 -15.92 33.64 -9.20
CA ILE F 39 -14.86 34.16 -8.36
C ILE F 39 -13.69 33.19 -8.18
N THR F 40 -12.60 33.69 -7.68
CA THR F 40 -11.51 32.79 -7.56
C THR F 40 -11.65 31.78 -6.45
N ALA F 41 -12.25 32.19 -5.31
CA ALA F 41 -12.46 31.30 -4.13
C ALA F 41 -13.45 30.19 -4.38
N ARG F 42 -13.05 28.96 -4.02
CA ARG F 42 -13.93 27.80 -4.20
C ARG F 42 -14.41 27.26 -2.86
N ASN F 43 -15.70 27.39 -2.62
CA ASN F 43 -16.31 27.08 -1.32
C ASN F 43 -16.65 25.65 -0.95
N THR F 44 -16.84 24.79 -1.92
CA THR F 44 -17.19 23.42 -1.57
C THR F 44 -15.93 22.62 -1.34
N GLY F 45 -15.84 22.00 -0.16
CA GLY F 45 -14.67 21.21 0.14
C GLY F 45 -14.59 20.00 -0.75
N ILE F 46 -13.35 19.61 -0.99
CA ILE F 46 -13.11 18.44 -1.81
C ILE F 46 -12.49 17.31 -1.03
N ILE F 47 -13.21 16.19 -0.90
CA ILE F 47 -12.63 15.05 -0.19
C ILE F 47 -12.03 14.01 -1.12
N CYS F 48 -10.83 13.59 -0.75
CA CYS F 48 -10.13 12.60 -1.53
C CYS F 48 -9.73 11.38 -0.76
N THR F 49 -9.98 10.28 -1.43
CA THR F 49 -9.59 9.02 -0.92
C THR F 49 -8.17 8.72 -1.36
N ILE F 50 -7.30 8.54 -0.36
CA ILE F 50 -5.92 8.28 -0.67
C ILE F 50 -5.64 6.80 -0.72
N GLY F 51 -4.90 6.39 -1.73
CA GLY F 51 -4.49 5.02 -1.86
C GLY F 51 -3.19 5.03 -2.64
N PRO F 52 -2.81 3.86 -3.13
CA PRO F 52 -1.63 3.64 -3.93
C PRO F 52 -1.31 4.79 -4.87
N ALA F 53 -2.36 5.18 -5.57
CA ALA F 53 -2.34 6.22 -6.54
C ALA F 53 -2.04 7.59 -6.01
N SER F 54 -2.28 7.81 -4.70
CA SER F 54 -2.09 9.15 -4.13
C SER F 54 -1.35 9.26 -2.77
N ARG F 55 -0.74 8.18 -2.31
CA ARG F 55 -0.07 8.08 -1.01
C ARG F 55 1.31 8.71 -0.90
N SER F 56 1.95 8.98 -2.01
CA SER F 56 3.29 9.47 -1.85
C SER F 56 3.28 10.91 -1.42
N VAL F 57 4.31 11.32 -0.71
CA VAL F 57 4.38 12.71 -0.30
C VAL F 57 4.37 13.59 -1.54
N GLU F 58 5.18 13.21 -2.53
CA GLU F 58 5.29 13.98 -3.75
C GLU F 58 3.92 14.34 -4.34
N THR F 59 3.05 13.36 -4.38
CA THR F 59 1.74 13.55 -4.95
C THR F 59 0.80 14.31 -4.03
N LEU F 60 0.88 14.00 -2.76
CA LEU F 60 0.05 14.66 -1.80
C LEU F 60 0.22 16.16 -1.88
N LYS F 61 1.46 16.57 -2.10
CA LYS F 61 1.79 17.97 -2.26
C LYS F 61 1.00 18.53 -3.42
N GLU F 62 0.98 17.75 -4.47
CA GLU F 62 0.24 18.17 -5.64
C GLU F 62 -1.26 18.15 -5.39
N MET F 63 -1.68 17.18 -4.61
CA MET F 63 -3.08 17.03 -4.26
C MET F 63 -3.59 18.24 -3.53
N ILE F 64 -2.72 18.75 -2.68
CA ILE F 64 -2.97 19.95 -1.92
C ILE F 64 -3.13 21.19 -2.85
N LYS F 65 -2.06 21.54 -3.55
CA LYS F 65 -2.05 22.62 -4.51
C LYS F 65 -3.27 22.53 -5.44
N SER F 66 -3.62 21.30 -5.81
CA SER F 66 -4.76 21.13 -6.69
C SER F 66 -6.14 21.37 -6.08
N GLY F 67 -6.24 21.46 -4.74
CA GLY F 67 -7.53 21.68 -4.10
C GLY F 67 -7.91 20.74 -2.94
N MET F 68 -7.20 19.63 -2.72
CA MET F 68 -7.57 18.71 -1.65
C MET F 68 -7.74 19.32 -0.25
N ASN F 69 -8.92 19.16 0.36
CA ASN F 69 -9.20 19.71 1.69
C ASN F 69 -9.19 18.69 2.81
N VAL F 70 -9.61 17.48 2.47
CA VAL F 70 -9.67 16.35 3.38
C VAL F 70 -9.13 15.05 2.74
N ALA F 71 -8.30 14.35 3.47
CA ALA F 71 -7.77 13.07 3.07
C ALA F 71 -8.62 12.01 3.80
N ARG F 72 -9.22 11.12 3.03
CA ARG F 72 -10.09 10.04 3.54
C ARG F 72 -9.40 8.68 3.43
N MET F 73 -9.25 8.03 4.58
CA MET F 73 -8.59 6.73 4.69
C MET F 73 -9.61 5.61 4.86
N ASN F 74 -9.73 4.77 3.82
CA ASN F 74 -10.71 3.72 3.81
C ASN F 74 -10.26 2.50 4.54
N PHE F 75 -10.76 2.39 5.76
CA PHE F 75 -10.39 1.28 6.62
C PHE F 75 -10.93 -0.03 6.15
N SER F 76 -11.65 0.04 5.07
CA SER F 76 -12.15 -1.17 4.49
C SER F 76 -11.03 -1.80 3.66
N HIS F 77 -9.92 -1.05 3.53
CA HIS F 77 -8.72 -1.41 2.73
C HIS F 77 -7.43 -1.22 3.51
N GLY F 78 -6.42 -1.99 3.16
CA GLY F 78 -5.16 -1.86 3.86
C GLY F 78 -5.25 -2.08 5.37
N THR F 79 -4.06 -2.09 5.96
CA THR F 79 -3.83 -2.32 7.36
C THR F 79 -3.65 -1.03 8.11
N HIS F 80 -3.47 -1.20 9.40
CA HIS F 80 -3.22 -0.08 10.28
C HIS F 80 -1.89 0.51 9.85
N GLU F 81 -0.94 -0.36 9.62
CA GLU F 81 0.34 0.16 9.25
C GLU F 81 0.42 0.93 7.95
N TYR F 82 -0.42 0.52 7.00
CA TYR F 82 -0.47 1.18 5.70
C TYR F 82 -1.07 2.56 5.87
N HIS F 83 -2.21 2.59 6.55
CA HIS F 83 -2.89 3.83 6.82
C HIS F 83 -2.07 4.80 7.63
N ALA F 84 -1.44 4.30 8.66
CA ALA F 84 -0.63 5.19 9.47
C ALA F 84 0.43 5.92 8.66
N GLU F 85 0.95 5.24 7.62
CA GLU F 85 1.99 5.84 6.79
C GLU F 85 1.40 6.86 5.86
N THR F 86 0.27 6.46 5.27
CA THR F 86 -0.47 7.31 4.36
C THR F 86 -0.66 8.62 5.10
N ILE F 87 -1.20 8.53 6.31
CA ILE F 87 -1.39 9.68 7.18
C ILE F 87 -0.10 10.42 7.41
N LYS F 88 0.95 9.66 7.66
CA LYS F 88 2.22 10.28 7.90
C LYS F 88 2.56 11.15 6.71
N ASN F 89 2.47 10.57 5.52
CA ASN F 89 2.76 11.29 4.30
C ASN F 89 1.80 12.45 4.12
N VAL F 90 0.57 12.23 4.55
CA VAL F 90 -0.39 13.30 4.40
C VAL F 90 0.01 14.53 5.17
N ARG F 91 0.47 14.29 6.40
CA ARG F 91 0.89 15.39 7.27
C ARG F 91 2.22 15.98 6.86
N THR F 92 3.04 15.20 6.18
CA THR F 92 4.35 15.64 5.77
C THR F 92 4.19 16.72 4.70
N ALA F 93 3.28 16.41 3.79
CA ALA F 93 2.91 17.22 2.64
C ALA F 93 2.37 18.54 3.08
N THR F 94 1.35 18.43 3.93
CA THR F 94 0.67 19.58 4.54
C THR F 94 1.68 20.55 5.18
N GLU F 95 2.44 20.02 6.12
CA GLU F 95 3.44 20.81 6.78
C GLU F 95 4.44 21.38 5.82
N SER F 96 4.61 20.72 4.68
CA SER F 96 5.59 21.14 3.72
C SER F 96 5.43 22.59 3.38
N PHE F 97 4.21 23.08 3.50
CA PHE F 97 3.99 24.48 3.22
C PHE F 97 3.75 25.35 4.45
N ALA F 98 4.16 24.95 5.65
CA ALA F 98 3.88 25.80 6.79
C ALA F 98 4.95 26.89 7.05
N SER F 99 6.01 26.88 6.23
CA SER F 99 7.07 27.88 6.31
C SER F 99 6.44 29.25 6.21
N ASP F 100 5.58 29.37 5.20
CA ASP F 100 4.82 30.56 4.89
C ASP F 100 3.37 30.50 5.38
N PRO F 101 3.19 30.84 6.64
CA PRO F 101 1.90 30.89 7.33
C PRO F 101 0.77 31.47 6.47
N ILE F 102 1.17 32.37 5.58
CA ILE F 102 0.27 33.07 4.67
C ILE F 102 -0.21 32.13 3.56
N LEU F 103 0.64 31.18 3.21
CA LEU F 103 0.28 30.24 2.18
C LEU F 103 0.16 28.78 2.69
N TYR F 104 0.03 28.64 4.01
CA TYR F 104 -0.13 27.34 4.64
C TYR F 104 -1.61 27.00 4.61
N ARG F 105 -1.94 25.80 4.12
CA ARG F 105 -3.32 25.31 3.98
C ARG F 105 -3.55 24.02 4.78
N PRO F 106 -4.44 24.07 5.76
CA PRO F 106 -4.76 22.91 6.58
C PRO F 106 -5.55 21.87 5.76
N VAL F 107 -5.30 20.61 6.09
CA VAL F 107 -5.88 19.45 5.46
C VAL F 107 -6.34 18.50 6.58
N ALA F 108 -7.57 18.10 6.54
CA ALA F 108 -8.08 17.23 7.57
C ALA F 108 -7.88 15.74 7.23
N VAL F 109 -7.84 14.91 8.30
CA VAL F 109 -7.66 13.47 8.20
C VAL F 109 -8.95 12.80 8.64
N ALA F 110 -9.53 12.08 7.70
CA ALA F 110 -10.76 11.37 7.94
C ALA F 110 -10.56 9.87 7.81
N LEU F 111 -11.03 9.16 8.82
CA LEU F 111 -10.96 7.71 8.92
C LEU F 111 -12.32 7.09 8.53
N ASP F 112 -12.39 6.44 7.37
CA ASP F 112 -13.61 5.79 6.92
C ASP F 112 -13.56 4.31 7.34
N THR F 113 -14.56 4.01 8.12
CA THR F 113 -14.90 2.81 8.80
C THR F 113 -15.38 1.66 7.89
N LYS F 114 -15.01 0.41 8.27
CA LYS F 114 -15.43 -0.81 7.60
C LYS F 114 -16.95 -1.03 7.78
N GLY F 115 -17.35 -1.26 9.03
CA GLY F 115 -18.74 -1.45 9.38
C GLY F 115 -19.23 -2.83 9.00
N PRO F 116 -20.54 -2.98 9.10
CA PRO F 116 -21.20 -4.23 8.78
C PRO F 116 -21.02 -4.57 7.34
N GLU F 117 -19.77 -4.78 6.93
CA GLU F 117 -19.45 -5.07 5.57
C GLU F 117 -19.32 -6.55 5.26
N ILE F 118 -19.53 -6.86 3.97
CA ILE F 118 -19.36 -8.18 3.41
C ILE F 118 -18.43 -7.97 2.25
N ARG F 119 -17.39 -8.78 2.21
CA ARG F 119 -16.39 -8.62 1.20
C ARG F 119 -15.96 -9.92 0.57
N THR F 120 -15.44 -9.74 -0.62
CA THR F 120 -14.95 -10.80 -1.46
C THR F 120 -13.52 -11.20 -1.11
N GLY F 121 -13.17 -12.39 -1.56
CA GLY F 121 -11.82 -12.90 -1.39
C GLY F 121 -10.90 -12.31 -2.46
N LEU F 122 -9.84 -13.04 -2.82
CA LEU F 122 -8.91 -12.56 -3.85
C LEU F 122 -8.88 -13.43 -5.06
N ILE F 123 -8.67 -12.76 -6.17
CA ILE F 123 -8.55 -13.39 -7.44
C ILE F 123 -7.08 -13.69 -7.63
N LYS F 124 -6.73 -14.98 -7.75
CA LYS F 124 -5.34 -15.41 -7.94
C LYS F 124 -4.35 -14.64 -7.07
N GLY F 125 -4.74 -14.43 -5.80
CA GLY F 125 -3.95 -13.69 -4.84
C GLY F 125 -3.81 -12.21 -5.24
N SER F 126 -3.74 -11.96 -6.55
CA SER F 126 -3.59 -10.62 -7.16
C SER F 126 -4.55 -9.59 -6.55
N GLY F 127 -3.94 -8.48 -6.12
CA GLY F 127 -4.63 -7.33 -5.51
C GLY F 127 -4.84 -6.27 -6.60
N THR F 128 -4.54 -6.74 -7.82
CA THR F 128 -4.64 -5.97 -9.05
C THR F 128 -5.21 -6.85 -10.15
N ALA F 129 -5.54 -8.10 -9.81
CA ALA F 129 -6.10 -9.07 -10.76
C ALA F 129 -7.38 -8.58 -11.42
N GLU F 130 -8.18 -9.52 -11.98
CA GLU F 130 -9.46 -9.21 -12.65
C GLU F 130 -10.01 -10.34 -13.51
N VAL F 131 -11.28 -10.65 -13.23
CA VAL F 131 -11.96 -11.70 -13.96
C VAL F 131 -13.23 -11.14 -14.52
N GLU F 132 -13.73 -11.76 -15.54
CA GLU F 132 -14.92 -11.22 -16.09
C GLU F 132 -15.97 -12.28 -16.12
N LEU F 133 -16.98 -12.03 -15.31
CA LEU F 133 -18.11 -12.91 -15.17
C LEU F 133 -19.09 -12.61 -16.27
N LYS F 134 -19.47 -13.66 -17.02
CA LYS F 134 -20.39 -13.52 -18.14
C LYS F 134 -21.83 -13.86 -17.80
N LYS F 135 -22.73 -13.07 -18.36
CA LYS F 135 -24.13 -13.29 -18.14
C LYS F 135 -24.52 -14.70 -18.51
N GLY F 136 -25.27 -15.34 -17.63
CA GLY F 136 -25.70 -16.70 -17.85
C GLY F 136 -24.70 -17.74 -17.32
N ALA F 137 -23.50 -17.30 -17.02
CA ALA F 137 -22.55 -18.25 -16.51
C ALA F 137 -22.93 -18.66 -15.13
N THR F 138 -22.26 -19.70 -14.67
CA THR F 138 -22.47 -20.18 -13.34
C THR F 138 -21.30 -19.78 -12.48
N LEU F 139 -21.56 -19.65 -11.20
CA LEU F 139 -20.52 -19.29 -10.28
C LEU F 139 -20.80 -19.84 -8.93
N LYS F 140 -19.78 -20.43 -8.33
CA LYS F 140 -19.92 -20.99 -7.02
C LYS F 140 -19.41 -20.03 -6.01
N ILE F 141 -20.33 -19.52 -5.19
CA ILE F 141 -20.00 -18.62 -4.12
C ILE F 141 -19.57 -19.51 -2.97
N THR F 142 -18.48 -19.19 -2.31
CA THR F 142 -18.04 -20.10 -1.28
C THR F 142 -17.58 -19.51 0.04
N LEU F 143 -17.74 -20.36 1.05
CA LEU F 143 -17.36 -20.09 2.42
C LEU F 143 -15.98 -20.67 2.71
N ASP F 144 -15.69 -21.86 2.15
CA ASP F 144 -14.42 -22.56 2.33
C ASP F 144 -13.24 -21.63 2.12
N ASN F 145 -12.49 -21.43 3.19
CA ASN F 145 -11.35 -20.53 3.14
C ASN F 145 -10.21 -20.97 2.26
N ALA F 146 -10.27 -22.22 1.83
CA ALA F 146 -9.23 -22.76 0.99
C ALA F 146 -9.05 -21.89 -0.24
N TYR F 147 -10.16 -21.19 -0.59
CA TYR F 147 -10.28 -20.34 -1.77
C TYR F 147 -10.30 -18.82 -1.52
N MET F 148 -10.01 -18.44 -0.30
CA MET F 148 -10.00 -17.06 0.15
C MET F 148 -9.18 -16.11 -0.68
N GLU F 149 -8.09 -16.63 -1.22
CA GLU F 149 -7.21 -15.83 -2.03
C GLU F 149 -7.19 -16.36 -3.44
N LYS F 150 -7.96 -17.44 -3.63
CA LYS F 150 -8.10 -18.20 -4.87
C LYS F 150 -9.37 -17.87 -5.70
N CYS F 151 -9.96 -16.69 -5.47
CA CYS F 151 -11.18 -16.26 -6.18
C CYS F 151 -10.97 -16.22 -7.68
N ASP F 152 -11.91 -16.78 -8.44
CA ASP F 152 -11.82 -16.83 -9.90
C ASP F 152 -13.17 -16.72 -10.58
N GLU F 153 -13.15 -16.90 -11.88
CA GLU F 153 -14.36 -16.80 -12.66
C GLU F 153 -15.27 -17.95 -12.33
N ASN F 154 -14.74 -18.84 -11.52
CA ASN F 154 -15.52 -20.02 -11.21
C ASN F 154 -16.05 -20.19 -9.80
N ILE F 155 -15.30 -19.63 -8.84
CA ILE F 155 -15.58 -19.67 -7.42
C ILE F 155 -15.40 -18.31 -6.79
N LEU F 156 -16.45 -17.98 -6.07
CA LEU F 156 -16.48 -16.73 -5.38
C LEU F 156 -16.50 -16.91 -3.88
N TRP F 157 -15.37 -16.55 -3.26
CA TRP F 157 -15.18 -16.60 -1.82
C TRP F 157 -15.71 -15.38 -1.05
N LEU F 158 -16.62 -15.62 -0.11
CA LEU F 158 -17.17 -14.55 0.70
C LEU F 158 -16.59 -14.54 2.10
N ASP F 159 -16.79 -13.39 2.69
CA ASP F 159 -16.40 -12.95 4.03
C ASP F 159 -17.36 -13.38 5.13
N TYR F 160 -18.64 -13.47 4.73
CA TYR F 160 -19.84 -13.64 5.54
C TYR F 160 -20.32 -15.07 5.76
N LYS F 161 -19.72 -15.65 6.77
CA LYS F 161 -19.93 -17.02 7.15
C LYS F 161 -21.36 -17.48 7.40
N ASN F 162 -22.32 -16.57 7.37
CA ASN F 162 -23.70 -16.97 7.62
C ASN F 162 -24.61 -16.67 6.47
N ILE F 163 -23.98 -16.42 5.37
CA ILE F 163 -24.70 -16.09 4.21
C ILE F 163 -25.78 -17.05 3.76
N CYS F 164 -25.46 -18.33 3.74
CA CYS F 164 -26.39 -19.34 3.26
C CYS F 164 -27.75 -19.21 3.85
N LYS F 165 -27.73 -18.79 5.10
CA LYS F 165 -28.90 -18.65 5.88
C LYS F 165 -29.63 -17.35 5.70
N VAL F 166 -28.92 -16.40 5.13
CA VAL F 166 -29.48 -15.08 4.89
C VAL F 166 -30.26 -15.03 3.57
N VAL F 167 -29.72 -15.78 2.65
CA VAL F 167 -30.20 -15.85 1.29
C VAL F 167 -31.07 -17.06 1.02
N ASP F 168 -32.02 -16.85 0.12
CA ASP F 168 -32.96 -17.87 -0.30
C ASP F 168 -32.66 -18.16 -1.74
N VAL F 169 -33.06 -19.34 -2.20
CA VAL F 169 -32.81 -19.64 -3.61
C VAL F 169 -33.65 -18.63 -4.38
N GLY F 170 -33.12 -18.05 -5.46
CA GLY F 170 -33.87 -17.05 -6.23
C GLY F 170 -33.46 -15.62 -5.87
N SER F 171 -32.84 -15.47 -4.69
CA SER F 171 -32.34 -14.18 -4.20
C SER F 171 -31.21 -13.66 -5.11
N LYS F 172 -31.01 -12.37 -5.07
CA LYS F 172 -29.94 -11.77 -5.86
C LYS F 172 -28.71 -11.48 -5.00
N VAL F 173 -27.52 -11.62 -5.59
CA VAL F 173 -26.32 -11.25 -4.90
C VAL F 173 -25.61 -10.25 -5.78
N TYR F 174 -25.18 -9.17 -5.14
CA TYR F 174 -24.49 -8.10 -5.78
C TYR F 174 -23.12 -7.95 -5.24
N VAL F 175 -22.24 -7.74 -6.18
CA VAL F 175 -20.86 -7.56 -5.91
C VAL F 175 -20.44 -6.26 -6.57
N ASP F 176 -19.44 -5.61 -6.01
CA ASP F 176 -18.93 -4.34 -6.55
C ASP F 176 -19.93 -3.18 -6.67
N ASP F 177 -20.42 -2.76 -5.53
CA ASP F 177 -21.42 -1.70 -5.45
C ASP F 177 -22.55 -1.95 -6.41
N GLY F 178 -22.90 -3.22 -6.56
CA GLY F 178 -23.96 -3.58 -7.46
C GLY F 178 -23.47 -3.70 -8.90
N LEU F 179 -22.16 -3.74 -9.10
CA LEU F 179 -21.61 -3.85 -10.42
C LEU F 179 -22.00 -5.19 -11.08
N ILE F 180 -21.80 -6.27 -10.30
CA ILE F 180 -22.11 -7.61 -10.74
C ILE F 180 -23.28 -8.18 -9.92
N SER F 181 -24.24 -8.80 -10.63
CA SER F 181 -25.41 -9.46 -10.02
C SER F 181 -25.42 -10.95 -10.31
N LEU F 182 -25.63 -11.69 -9.21
CA LEU F 182 -25.68 -13.14 -9.18
C LEU F 182 -27.01 -13.60 -8.65
N GLN F 183 -27.63 -14.58 -9.33
CA GLN F 183 -28.89 -15.13 -8.84
C GLN F 183 -28.70 -16.46 -8.14
N VAL F 184 -29.38 -16.60 -7.01
CA VAL F 184 -29.25 -17.88 -6.32
C VAL F 184 -30.04 -18.96 -6.99
N LYS F 185 -29.30 -19.94 -7.46
CA LYS F 185 -29.89 -21.06 -8.12
C LYS F 185 -29.86 -22.26 -7.20
N GLN F 186 -28.89 -22.25 -6.27
CA GLN F 186 -28.76 -23.34 -5.34
C GLN F 186 -27.82 -23.09 -4.16
N LYS F 187 -28.29 -23.32 -2.95
CA LYS F 187 -27.42 -23.17 -1.79
C LYS F 187 -26.85 -24.52 -1.42
N GLY F 188 -25.74 -24.47 -0.79
CA GLY F 188 -25.13 -25.68 -0.33
C GLY F 188 -25.26 -25.62 1.18
N PRO F 189 -24.15 -25.87 1.83
CA PRO F 189 -24.06 -25.82 3.27
C PRO F 189 -22.75 -25.11 3.60
N ASP F 190 -21.92 -25.10 2.56
CA ASP F 190 -20.61 -24.49 2.55
C ASP F 190 -20.53 -23.57 1.34
N PHE F 191 -21.66 -23.43 0.63
CA PHE F 191 -21.66 -22.59 -0.56
C PHE F 191 -23.01 -22.34 -1.19
N LEU F 192 -23.00 -21.44 -2.16
CA LEU F 192 -24.14 -21.01 -2.95
C LEU F 192 -23.84 -21.18 -4.41
N VAL F 193 -24.82 -21.67 -5.12
CA VAL F 193 -24.77 -21.88 -6.55
C VAL F 193 -25.66 -20.88 -7.25
N THR F 194 -24.99 -19.89 -7.78
CA THR F 194 -25.64 -18.81 -8.46
C THR F 194 -25.40 -18.84 -9.95
N GLU F 195 -26.08 -17.94 -10.61
CA GLU F 195 -25.95 -17.76 -12.03
C GLU F 195 -25.68 -16.30 -12.32
N VAL F 196 -24.81 -16.03 -13.26
CA VAL F 196 -24.56 -14.63 -13.55
C VAL F 196 -25.71 -13.94 -14.25
N GLU F 197 -26.02 -12.79 -13.68
CA GLU F 197 -27.07 -12.06 -14.34
C GLU F 197 -26.39 -10.95 -15.12
N ASN F 198 -25.99 -9.96 -14.38
CA ASN F 198 -25.30 -8.87 -14.97
C ASN F 198 -23.85 -9.23 -14.87
N GLY F 199 -23.23 -9.55 -16.02
CA GLY F 199 -21.83 -9.95 -16.04
C GLY F 199 -20.88 -8.76 -15.85
N GLY F 200 -19.65 -9.04 -15.47
CA GLY F 200 -18.76 -7.91 -15.31
C GLY F 200 -17.36 -8.34 -14.96
N PHE F 201 -16.50 -7.32 -14.78
CA PHE F 201 -15.12 -7.56 -14.39
C PHE F 201 -14.98 -7.66 -12.90
N LEU F 202 -14.88 -8.89 -12.48
CA LEU F 202 -14.75 -9.21 -11.10
C LEU F 202 -13.43 -8.76 -10.51
N GLY F 203 -13.51 -7.83 -9.56
CA GLY F 203 -12.33 -7.33 -8.89
C GLY F 203 -12.05 -7.97 -7.52
N SER F 204 -10.87 -7.71 -6.98
CA SER F 204 -10.43 -8.23 -5.70
C SER F 204 -10.93 -7.40 -4.50
N LYS F 205 -11.59 -8.10 -3.56
CA LYS F 205 -12.15 -7.54 -2.32
C LYS F 205 -13.34 -6.61 -2.53
N LYS F 206 -14.29 -6.96 -3.38
CA LYS F 206 -15.43 -6.09 -3.60
C LYS F 206 -16.47 -6.20 -2.51
N GLY F 207 -17.30 -5.18 -2.42
CA GLY F 207 -18.36 -5.14 -1.45
C GLY F 207 -19.46 -6.02 -1.95
N VAL F 208 -20.07 -6.78 -1.05
CA VAL F 208 -21.15 -7.64 -1.46
C VAL F 208 -22.38 -7.07 -0.85
N ASN F 209 -23.44 -7.08 -1.62
CA ASN F 209 -24.66 -6.53 -1.16
C ASN F 209 -25.80 -7.51 -1.27
N LEU F 210 -26.52 -7.59 -0.17
CA LEU F 210 -27.68 -8.45 -0.08
C LEU F 210 -28.85 -7.56 0.29
N PRO F 211 -29.27 -6.78 -0.70
CA PRO F 211 -30.36 -5.84 -0.50
C PRO F 211 -31.63 -6.58 -0.22
N GLY F 212 -32.19 -6.36 0.96
CA GLY F 212 -33.43 -7.04 1.25
C GLY F 212 -33.23 -8.31 2.04
N ALA F 213 -32.02 -8.52 2.48
CA ALA F 213 -31.71 -9.66 3.29
C ALA F 213 -31.38 -9.17 4.71
N ALA F 214 -31.54 -10.06 5.70
CA ALA F 214 -31.27 -9.77 7.11
C ALA F 214 -29.88 -10.20 7.56
N VAL F 215 -28.92 -9.30 7.32
CA VAL F 215 -27.51 -9.51 7.62
C VAL F 215 -27.16 -9.33 9.07
N ASP F 216 -27.18 -10.43 9.80
CA ASP F 216 -26.83 -10.31 11.19
C ASP F 216 -25.40 -9.87 11.39
N LEU F 217 -25.28 -8.56 11.40
CA LEU F 217 -24.01 -7.91 11.54
C LEU F 217 -24.11 -6.76 12.53
N PRO F 218 -23.06 -6.61 13.35
CA PRO F 218 -22.99 -5.57 14.36
C PRO F 218 -22.76 -4.15 13.83
N ALA F 219 -23.42 -3.19 14.47
CA ALA F 219 -23.30 -1.79 14.13
C ALA F 219 -21.85 -1.42 14.31
N VAL F 220 -21.33 -1.84 15.46
CA VAL F 220 -19.94 -1.62 15.77
C VAL F 220 -19.28 -2.96 16.04
N SER F 221 -18.30 -3.27 15.18
CA SER F 221 -17.51 -4.50 15.21
C SER F 221 -16.19 -4.34 15.95
N GLU F 222 -15.74 -5.45 16.50
CA GLU F 222 -14.50 -5.53 17.23
C GLU F 222 -13.41 -4.93 16.37
N LYS F 223 -13.48 -5.22 15.09
CA LYS F 223 -12.50 -4.68 14.17
C LYS F 223 -12.65 -3.16 14.16
N ASP F 224 -13.93 -2.74 14.03
CA ASP F 224 -14.34 -1.34 13.99
C ASP F 224 -13.71 -0.60 15.14
N ILE F 225 -13.93 -1.19 16.31
CA ILE F 225 -13.41 -0.73 17.58
C ILE F 225 -11.91 -0.53 17.52
N GLN F 226 -11.22 -1.52 16.98
CA GLN F 226 -9.78 -1.42 16.86
C GLN F 226 -9.37 -0.19 16.08
N ASP F 227 -10.00 -0.08 14.94
CA ASP F 227 -9.82 0.99 14.02
C ASP F 227 -10.20 2.32 14.62
N LEU F 228 -11.29 2.29 15.31
CA LEU F 228 -11.72 3.49 15.93
C LEU F 228 -10.69 3.92 16.98
N LYS F 229 -10.08 2.94 17.64
CA LYS F 229 -9.08 3.30 18.63
C LYS F 229 -7.82 3.81 18.00
N PHE F 230 -7.47 3.23 16.84
CA PHE F 230 -6.30 3.71 16.12
C PHE F 230 -6.52 5.17 15.71
N GLY F 231 -7.76 5.45 15.29
CA GLY F 231 -8.18 6.76 14.85
C GLY F 231 -7.80 7.79 15.90
N VAL F 232 -8.29 7.52 17.10
CA VAL F 232 -8.03 8.34 18.26
C VAL F 232 -6.54 8.55 18.45
N GLU F 233 -5.78 7.45 18.46
CA GLU F 233 -4.33 7.54 18.59
C GLU F 233 -3.73 8.26 17.43
N GLN F 234 -4.30 8.03 16.26
CA GLN F 234 -3.73 8.64 15.10
C GLN F 234 -4.15 10.10 14.96
N ASP F 235 -4.93 10.52 15.96
CA ASP F 235 -5.42 11.87 16.06
C ASP F 235 -6.12 12.33 14.80
N VAL F 236 -7.14 11.60 14.39
CA VAL F 236 -7.87 11.97 13.18
C VAL F 236 -8.78 13.17 13.45
N ASP F 237 -9.40 13.70 12.41
CA ASP F 237 -10.29 14.83 12.66
C ASP F 237 -11.71 14.42 12.61
N MET F 238 -11.99 13.35 11.91
CA MET F 238 -13.36 12.97 11.86
C MET F 238 -13.48 11.54 11.42
N VAL F 239 -14.66 10.98 11.67
CA VAL F 239 -14.96 9.62 11.31
C VAL F 239 -16.13 9.51 10.35
N PHE F 240 -15.94 8.74 9.28
CA PHE F 240 -17.02 8.48 8.32
C PHE F 240 -17.53 7.11 8.71
N ALA F 241 -18.56 7.05 9.53
CA ALA F 241 -19.10 5.80 10.01
C ALA F 241 -20.00 5.11 8.98
N SER F 242 -19.51 4.01 8.40
CA SER F 242 -20.26 3.28 7.39
C SER F 242 -21.53 2.63 7.90
N PHE F 243 -22.49 2.49 6.99
CA PHE F 243 -23.76 1.80 7.16
C PHE F 243 -24.63 2.18 8.35
N ILE F 244 -24.65 3.46 8.72
CA ILE F 244 -25.48 3.90 9.86
C ILE F 244 -26.97 3.61 9.63
N ARG F 245 -27.58 2.85 10.52
CA ARG F 245 -28.99 2.48 10.36
C ARG F 245 -29.89 3.12 11.42
N LYS F 246 -29.29 3.60 12.49
CA LYS F 246 -30.08 4.19 13.53
C LYS F 246 -29.16 4.91 14.48
N ALA F 247 -29.74 5.82 15.26
CA ALA F 247 -28.98 6.64 16.17
C ALA F 247 -28.22 5.89 17.25
N ALA F 248 -28.71 4.74 17.60
CA ALA F 248 -28.06 3.98 18.60
C ALA F 248 -26.67 3.67 18.12
N ASP F 249 -26.56 3.54 16.80
CA ASP F 249 -25.29 3.24 16.15
C ASP F 249 -24.31 4.37 16.31
N VAL F 250 -24.83 5.55 16.08
CA VAL F 250 -24.04 6.75 16.21
C VAL F 250 -23.49 6.83 17.62
N HIS F 251 -24.39 6.65 18.54
CA HIS F 251 -24.01 6.67 19.92
C HIS F 251 -22.91 5.67 20.22
N GLU F 252 -22.99 4.50 19.58
CA GLU F 252 -22.00 3.46 19.77
C GLU F 252 -20.61 3.97 19.50
N VAL F 253 -20.45 4.48 18.29
CA VAL F 253 -19.19 5.01 17.84
C VAL F 253 -18.64 6.01 18.83
N ARG F 254 -19.56 6.87 19.21
CA ARG F 254 -19.28 7.96 20.12
C ARG F 254 -18.69 7.44 21.41
N LYS F 255 -19.21 6.31 21.85
CA LYS F 255 -18.77 5.69 23.07
C LYS F 255 -17.39 5.07 22.93
N ILE F 256 -17.09 4.57 21.75
CA ILE F 256 -15.77 4.01 21.52
C ILE F 256 -14.73 5.11 21.51
N LEU F 257 -15.01 6.15 20.74
CA LEU F 257 -14.10 7.29 20.66
C LEU F 257 -13.83 7.85 22.05
N GLY F 258 -14.87 7.83 22.83
CA GLY F 258 -14.78 8.25 24.19
C GLY F 258 -14.28 9.66 24.45
N GLU F 259 -13.89 9.80 25.69
CA GLU F 259 -13.38 10.99 26.26
C GLU F 259 -12.15 11.44 25.54
N LYS F 260 -11.34 10.48 25.21
CA LYS F 260 -10.15 10.87 24.53
C LYS F 260 -10.54 11.47 23.19
N GLY F 261 -11.57 10.92 22.55
CA GLY F 261 -11.95 11.47 21.25
C GLY F 261 -13.21 12.34 21.25
N LYS F 262 -13.50 13.07 22.34
CA LYS F 262 -14.72 13.88 22.42
C LYS F 262 -14.91 14.83 21.27
N ASN F 263 -13.77 15.36 20.80
CA ASN F 263 -13.74 16.34 19.72
C ASN F 263 -13.73 15.79 18.28
N ILE F 264 -13.53 14.46 18.05
CA ILE F 264 -13.59 13.95 16.68
C ILE F 264 -15.00 14.05 16.15
N LYS F 265 -15.12 14.33 14.87
CA LYS F 265 -16.45 14.48 14.32
C LYS F 265 -16.97 13.20 13.66
N ILE F 266 -18.23 12.91 13.94
CA ILE F 266 -18.87 11.75 13.43
C ILE F 266 -19.85 12.07 12.37
N ILE F 267 -19.42 11.67 11.17
CA ILE F 267 -20.15 11.77 9.93
C ILE F 267 -20.79 10.42 9.65
N SER F 268 -22.11 10.35 9.84
CA SER F 268 -22.83 9.12 9.56
C SER F 268 -23.06 8.93 8.05
N LYS F 269 -22.63 7.78 7.51
CA LYS F 269 -22.85 7.46 6.12
C LYS F 269 -24.19 6.79 5.90
N ILE F 270 -25.03 7.43 5.09
CA ILE F 270 -26.32 6.84 4.78
C ILE F 270 -26.13 5.89 3.60
N GLU F 271 -25.94 4.59 3.88
CA GLU F 271 -25.75 3.68 2.78
C GLU F 271 -26.73 2.54 2.61
N ASN F 272 -27.86 2.54 3.31
CA ASN F 272 -28.87 1.51 3.13
C ASN F 272 -30.26 2.07 3.24
N HIS F 273 -31.21 1.22 2.89
CA HIS F 273 -32.56 1.70 3.01
C HIS F 273 -32.94 2.08 4.45
N GLU F 274 -32.34 1.45 5.46
CA GLU F 274 -32.70 1.77 6.84
C GLU F 274 -32.22 3.13 7.21
N GLY F 275 -31.05 3.48 6.69
CA GLY F 275 -30.45 4.77 6.97
C GLY F 275 -31.39 5.88 6.55
N VAL F 276 -31.94 5.72 5.34
CA VAL F 276 -32.89 6.63 4.79
C VAL F 276 -34.09 6.78 5.69
N ARG F 277 -34.79 5.68 5.91
CA ARG F 277 -35.97 5.69 6.77
C ARG F 277 -35.75 6.31 8.14
N ARG F 278 -34.62 6.04 8.75
CA ARG F 278 -34.40 6.52 10.09
C ARG F 278 -33.53 7.73 10.13
N PHE F 279 -33.51 8.39 8.98
CA PHE F 279 -32.69 9.54 8.72
C PHE F 279 -32.61 10.59 9.85
N ASP F 280 -33.73 11.20 10.14
CA ASP F 280 -33.80 12.29 11.12
C ASP F 280 -33.11 12.06 12.43
N GLU F 281 -33.36 10.89 12.93
CA GLU F 281 -32.80 10.53 14.19
C GLU F 281 -31.31 10.41 14.06
N ILE F 282 -30.86 9.82 12.95
CA ILE F 282 -29.43 9.70 12.72
C ILE F 282 -28.83 11.09 12.65
N LEU F 283 -29.51 11.94 11.86
CA LEU F 283 -29.09 13.32 11.69
C LEU F 283 -28.99 14.04 13.02
N GLU F 284 -30.00 13.92 13.83
CA GLU F 284 -29.88 14.60 15.09
C GLU F 284 -28.68 14.11 15.94
N ALA F 285 -28.37 12.82 15.81
CA ALA F 285 -27.29 12.33 16.63
C ALA F 285 -25.89 12.49 16.08
N SER F 286 -25.71 12.60 14.74
CA SER F 286 -24.37 12.72 14.12
C SER F 286 -23.85 14.15 13.99
N ASP F 287 -22.55 14.34 13.67
CA ASP F 287 -22.01 15.71 13.50
C ASP F 287 -22.24 16.23 12.09
N GLY F 288 -22.43 15.27 11.17
CA GLY F 288 -22.70 15.48 9.76
C GLY F 288 -23.01 14.13 9.08
N ILE F 289 -23.36 14.20 7.81
CA ILE F 289 -23.74 13.06 7.02
C ILE F 289 -23.00 12.93 5.75
N MET F 290 -22.97 11.72 5.28
CA MET F 290 -22.42 11.45 4.01
C MET F 290 -23.43 10.72 3.15
N VAL F 291 -23.71 11.24 1.96
CA VAL F 291 -24.59 10.57 1.03
C VAL F 291 -23.71 9.59 0.25
N ALA F 292 -23.44 8.41 0.86
CA ALA F 292 -22.62 7.36 0.28
C ALA F 292 -23.37 6.57 -0.79
N ARG F 293 -23.51 7.14 -2.00
CA ARG F 293 -24.26 6.55 -3.11
C ARG F 293 -23.76 5.23 -3.68
N GLY F 294 -22.51 4.84 -3.41
CA GLY F 294 -22.09 3.56 -3.99
C GLY F 294 -22.99 2.43 -3.46
N ASP F 295 -22.89 2.19 -2.15
CA ASP F 295 -23.68 1.17 -1.49
C ASP F 295 -25.16 1.47 -1.66
N LEU F 296 -25.46 2.72 -1.36
CA LEU F 296 -26.80 3.24 -1.46
C LEU F 296 -27.51 2.95 -2.79
N GLY F 297 -26.83 3.17 -3.92
CA GLY F 297 -27.42 2.92 -5.24
C GLY F 297 -27.63 1.42 -5.49
N ILE F 298 -27.11 0.58 -4.60
CA ILE F 298 -27.39 -0.82 -4.72
C ILE F 298 -28.39 -1.27 -3.63
N GLU F 299 -28.27 -0.71 -2.43
CA GLU F 299 -29.20 -1.04 -1.37
C GLU F 299 -30.59 -0.59 -1.74
N ILE F 300 -30.66 0.33 -2.69
CA ILE F 300 -31.91 0.85 -3.24
C ILE F 300 -31.78 0.95 -4.75
N PRO F 301 -32.91 1.01 -5.46
CA PRO F 301 -32.89 1.11 -6.89
C PRO F 301 -32.15 2.34 -7.29
N ALA F 302 -31.32 2.16 -8.26
CA ALA F 302 -30.52 3.25 -8.68
C ALA F 302 -31.35 4.42 -9.14
N GLU F 303 -32.55 4.14 -9.63
CA GLU F 303 -33.37 5.22 -10.11
C GLU F 303 -33.93 6.10 -9.02
N LYS F 304 -33.75 5.68 -7.78
CA LYS F 304 -34.22 6.43 -6.65
C LYS F 304 -33.10 7.21 -5.92
N VAL F 305 -31.84 6.94 -6.20
CA VAL F 305 -30.79 7.61 -5.47
C VAL F 305 -30.87 9.14 -5.39
N PHE F 306 -31.28 9.73 -6.47
CA PHE F 306 -31.32 11.15 -6.46
C PHE F 306 -32.37 11.66 -5.48
N LEU F 307 -33.40 10.90 -5.19
CA LEU F 307 -34.36 11.43 -4.23
C LEU F 307 -33.77 11.45 -2.86
N ALA F 308 -33.02 10.43 -2.54
CA ALA F 308 -32.45 10.44 -1.22
C ALA F 308 -31.39 11.51 -1.05
N GLN F 309 -30.58 11.64 -2.10
CA GLN F 309 -29.54 12.66 -2.11
C GLN F 309 -30.12 14.05 -1.79
N LYS F 310 -31.17 14.44 -2.52
CA LYS F 310 -31.77 15.75 -2.32
C LYS F 310 -32.45 15.89 -1.00
N MET F 311 -33.18 14.85 -0.65
CA MET F 311 -33.84 14.86 0.62
C MET F 311 -32.78 15.00 1.72
N ILE F 312 -31.76 14.15 1.68
CA ILE F 312 -30.77 14.24 2.72
C ILE F 312 -30.04 15.59 2.83
N ILE F 313 -29.68 16.11 1.66
CA ILE F 313 -28.97 17.39 1.57
C ILE F 313 -29.78 18.57 2.09
N GLY F 314 -31.01 18.68 1.56
CA GLY F 314 -31.89 19.73 2.02
C GLY F 314 -32.04 19.70 3.55
N ARG F 315 -32.25 18.52 4.12
CA ARG F 315 -32.36 18.36 5.57
C ARG F 315 -31.08 18.70 6.32
N CYS F 316 -29.91 18.46 5.74
CA CYS F 316 -28.76 18.85 6.51
C CYS F 316 -28.69 20.35 6.49
N ASN F 317 -28.91 20.91 5.30
CA ASN F 317 -28.94 22.36 5.13
C ASN F 317 -29.90 22.98 6.14
N ARG F 318 -31.08 22.45 6.13
CA ARG F 318 -32.12 22.88 7.04
C ARG F 318 -31.68 22.81 8.49
N ALA F 319 -30.80 21.89 8.81
CA ALA F 319 -30.43 21.79 10.21
C ALA F 319 -29.09 22.39 10.47
N GLY F 320 -28.39 22.77 9.44
CA GLY F 320 -27.12 23.30 9.80
C GLY F 320 -26.05 22.21 10.02
N LYS F 321 -26.19 21.03 9.41
CA LYS F 321 -25.11 20.05 9.61
C LYS F 321 -24.48 19.77 8.28
N PRO F 322 -23.17 19.57 8.29
CA PRO F 322 -22.44 19.30 7.09
C PRO F 322 -22.93 18.03 6.39
N VAL F 323 -22.89 18.06 5.09
CA VAL F 323 -23.26 16.94 4.27
C VAL F 323 -22.28 16.85 3.10
N ILE F 324 -21.89 15.61 2.81
CA ILE F 324 -20.97 15.21 1.76
C ILE F 324 -21.68 14.47 0.66
N CYS F 325 -21.39 14.77 -0.62
CA CYS F 325 -21.96 14.01 -1.74
C CYS F 325 -20.81 13.14 -2.19
N ALA F 326 -21.01 11.83 -2.17
CA ALA F 326 -19.92 10.94 -2.47
C ALA F 326 -20.19 9.90 -3.52
N THR F 327 -19.09 9.27 -3.96
CA THR F 327 -19.06 8.13 -4.87
C THR F 327 -19.49 8.27 -6.33
N GLN F 328 -18.57 7.95 -7.25
CA GLN F 328 -18.91 7.99 -8.68
C GLN F 328 -19.14 9.36 -9.33
N MET F 329 -18.68 10.46 -8.71
CA MET F 329 -18.88 11.77 -9.33
C MET F 329 -18.11 12.02 -10.62
N LEU F 330 -16.89 11.45 -10.72
CA LEU F 330 -16.03 11.59 -11.89
C LEU F 330 -15.44 10.24 -12.23
N GLU F 331 -16.28 9.24 -12.04
CA GLU F 331 -15.95 7.85 -12.26
C GLU F 331 -15.08 7.57 -13.50
N SER F 332 -15.47 8.16 -14.63
CA SER F 332 -14.76 7.97 -15.89
C SER F 332 -13.30 8.34 -15.82
N MET F 333 -12.97 9.26 -14.93
CA MET F 333 -11.63 9.74 -14.78
C MET F 333 -10.62 8.83 -14.10
N ILE F 334 -11.10 7.65 -13.72
CA ILE F 334 -10.20 6.67 -13.12
C ILE F 334 -9.20 6.29 -14.21
N LYS F 335 -9.77 6.21 -15.41
CA LYS F 335 -9.08 5.83 -16.62
C LYS F 335 -8.87 6.91 -17.68
N LYS F 336 -9.63 8.01 -17.55
CA LYS F 336 -9.60 9.13 -18.47
C LYS F 336 -9.28 10.46 -17.79
N PRO F 337 -8.58 11.32 -18.53
CA PRO F 337 -8.17 12.60 -18.03
C PRO F 337 -9.30 13.62 -18.06
N ARG F 338 -10.35 13.34 -18.85
CA ARG F 338 -11.50 14.23 -18.90
C ARG F 338 -12.76 13.49 -18.52
N PRO F 339 -13.64 14.17 -17.81
CA PRO F 339 -14.90 13.60 -17.36
C PRO F 339 -15.98 13.68 -18.39
N THR F 340 -17.02 12.86 -18.18
CA THR F 340 -18.20 12.85 -19.07
C THR F 340 -19.13 14.04 -18.80
N ARG F 341 -20.08 14.23 -19.71
CA ARG F 341 -21.06 15.28 -19.58
C ARG F 341 -21.92 15.07 -18.33
N ALA F 342 -22.38 13.83 -18.21
CA ALA F 342 -23.21 13.49 -17.07
C ALA F 342 -22.49 13.70 -15.74
N GLU F 343 -21.15 13.57 -15.79
CA GLU F 343 -20.30 13.76 -14.61
C GLU F 343 -20.15 15.23 -14.32
N GLY F 344 -20.05 16.02 -15.38
CA GLY F 344 -19.95 17.43 -15.13
C GLY F 344 -21.22 17.91 -14.44
N SER F 345 -22.36 17.42 -14.92
CA SER F 345 -23.67 17.72 -14.33
C SER F 345 -23.79 17.29 -12.87
N ASP F 346 -23.38 16.04 -12.62
CA ASP F 346 -23.48 15.47 -11.31
C ASP F 346 -22.83 16.32 -10.27
N VAL F 347 -21.56 16.58 -10.49
CA VAL F 347 -20.84 17.43 -9.55
C VAL F 347 -21.54 18.80 -9.38
N ALA F 348 -21.96 19.39 -10.49
CA ALA F 348 -22.61 20.67 -10.46
C ALA F 348 -23.93 20.60 -9.73
N ASN F 349 -24.77 19.62 -10.05
CA ASN F 349 -26.05 19.57 -9.37
C ASN F 349 -25.91 19.27 -7.91
N ALA F 350 -24.81 18.68 -7.53
CA ALA F 350 -24.66 18.42 -6.11
C ALA F 350 -24.29 19.70 -5.38
N VAL F 351 -23.71 20.62 -6.12
CA VAL F 351 -23.33 21.89 -5.52
C VAL F 351 -24.58 22.72 -5.36
N LEU F 352 -25.41 22.59 -6.37
CA LEU F 352 -26.63 23.31 -6.35
C LEU F 352 -27.53 22.75 -5.29
N ASP F 353 -27.52 21.41 -5.16
CA ASP F 353 -28.33 20.73 -4.14
C ASP F 353 -28.01 21.30 -2.80
N GLY F 354 -26.73 21.54 -2.51
CA GLY F 354 -26.45 22.16 -1.22
C GLY F 354 -25.36 21.50 -0.43
N ALA F 355 -24.64 20.60 -1.10
CA ALA F 355 -23.56 19.83 -0.48
C ALA F 355 -22.43 20.64 0.16
N ASP F 356 -22.09 20.33 1.37
CA ASP F 356 -21.01 21.05 1.94
C ASP F 356 -19.72 20.57 1.37
N CYS F 357 -19.71 19.27 0.96
CA CYS F 357 -18.51 18.69 0.43
C CYS F 357 -18.76 17.74 -0.70
N ILE F 358 -17.73 17.53 -1.50
CA ILE F 358 -17.76 16.59 -2.60
C ILE F 358 -16.58 15.63 -2.42
N MET F 359 -16.80 14.41 -2.90
CA MET F 359 -15.79 13.39 -2.70
C MET F 359 -15.36 12.61 -3.91
N LEU F 360 -14.10 12.18 -3.80
CA LEU F 360 -13.49 11.35 -4.82
C LEU F 360 -13.05 10.05 -4.16
N SER F 361 -13.28 8.97 -4.84
CA SER F 361 -12.93 7.68 -4.29
C SER F 361 -11.80 7.02 -5.08
N GLY F 362 -12.21 6.11 -5.96
CA GLY F 362 -11.34 5.39 -6.85
C GLY F 362 -10.60 6.36 -7.75
N GLU F 363 -11.27 7.49 -8.06
CA GLU F 363 -10.70 8.58 -8.85
C GLU F 363 -9.29 9.04 -8.35
N THR F 364 -9.10 9.14 -7.02
CA THR F 364 -7.85 9.55 -6.37
C THR F 364 -7.13 8.39 -5.61
N ALA F 365 -7.88 7.41 -5.18
CA ALA F 365 -7.29 6.32 -4.43
C ALA F 365 -6.51 5.39 -5.28
N LYS F 366 -6.86 5.28 -6.55
CA LYS F 366 -6.16 4.33 -7.36
C LYS F 366 -6.23 4.51 -8.88
N GLY F 367 -6.83 5.62 -9.35
CA GLY F 367 -6.96 5.87 -10.78
C GLY F 367 -5.68 6.43 -11.44
N ASP F 368 -5.75 6.57 -12.76
CA ASP F 368 -4.67 7.13 -13.57
C ASP F 368 -4.66 8.65 -13.57
N TYR F 369 -5.78 9.25 -13.19
CA TYR F 369 -5.87 10.67 -13.23
C TYR F 369 -6.34 11.40 -12.00
N PRO F 370 -5.75 11.12 -10.84
CA PRO F 370 -6.08 11.77 -9.57
C PRO F 370 -6.01 13.32 -9.50
N LEU F 371 -4.93 13.94 -9.98
CA LEU F 371 -4.83 15.40 -9.91
C LEU F 371 -5.87 16.02 -10.82
N GLU F 372 -5.96 15.44 -11.98
CA GLU F 372 -6.91 15.91 -12.95
C GLU F 372 -8.31 15.87 -12.42
N ALA F 373 -8.53 14.92 -11.52
CA ALA F 373 -9.86 14.75 -10.94
C ALA F 373 -10.21 15.80 -9.90
N VAL F 374 -9.26 16.09 -9.04
CA VAL F 374 -9.43 17.08 -8.03
C VAL F 374 -9.63 18.40 -8.71
N ARG F 375 -8.76 18.64 -9.67
CA ARG F 375 -8.78 19.87 -10.42
C ARG F 375 -10.13 20.11 -11.07
N MET F 376 -10.73 19.02 -11.55
CA MET F 376 -12.00 19.09 -12.22
C MET F 376 -13.12 19.46 -11.28
N GLN F 377 -13.00 18.94 -10.08
CA GLN F 377 -13.98 19.24 -9.07
C GLN F 377 -13.92 20.73 -8.71
N HIS F 378 -12.70 21.22 -8.55
CA HIS F 378 -12.48 22.62 -8.22
C HIS F 378 -13.13 23.53 -9.24
N LEU F 379 -12.89 23.23 -10.51
CA LEU F 379 -13.44 24.07 -11.55
C LEU F 379 -14.93 24.07 -11.45
N ILE F 380 -15.49 22.88 -11.48
CA ILE F 380 -16.93 22.73 -11.44
C ILE F 380 -17.61 23.36 -10.24
N ALA F 381 -17.04 23.26 -9.04
CA ALA F 381 -17.62 23.84 -7.83
C ALA F 381 -17.67 25.37 -7.89
N ARG F 382 -16.63 25.98 -8.42
CA ARG F 382 -16.66 27.43 -8.49
C ARG F 382 -17.84 27.89 -9.35
N GLU F 383 -18.04 27.27 -10.49
CA GLU F 383 -19.13 27.67 -11.34
C GLU F 383 -20.52 27.47 -10.71
N ALA F 384 -20.75 26.33 -10.09
CA ALA F 384 -22.04 26.01 -9.54
C ALA F 384 -22.40 26.83 -8.34
N GLU F 385 -21.38 27.20 -7.57
CA GLU F 385 -21.59 28.03 -6.39
C GLU F 385 -22.19 29.38 -6.82
N ALA F 386 -21.73 29.85 -7.94
CA ALA F 386 -22.24 31.13 -8.38
C ALA F 386 -23.64 30.98 -8.89
N ALA F 387 -23.94 29.79 -9.46
CA ALA F 387 -25.27 29.50 -10.01
C ALA F 387 -26.37 29.28 -8.95
N MET F 388 -25.98 29.09 -7.73
CA MET F 388 -26.98 28.93 -6.68
C MET F 388 -27.91 30.13 -6.63
N PHE F 389 -29.14 29.91 -6.18
CA PHE F 389 -30.12 30.98 -6.03
C PHE F 389 -30.09 31.55 -4.62
N HIS F 390 -28.93 32.16 -4.25
CA HIS F 390 -28.68 32.71 -2.92
C HIS F 390 -29.83 33.43 -2.21
N ARG F 391 -30.52 34.35 -2.87
CA ARG F 391 -31.61 35.09 -2.27
C ARG F 391 -32.78 34.25 -1.82
N LYS F 392 -33.28 33.44 -2.76
CA LYS F 392 -34.31 32.50 -2.47
C LYS F 392 -33.83 31.58 -1.34
N LEU F 393 -32.66 30.99 -1.54
CA LEU F 393 -32.08 30.06 -0.59
C LEU F 393 -32.08 30.57 0.82
N PHE F 394 -31.60 31.76 0.95
CA PHE F 394 -31.51 32.38 2.23
C PHE F 394 -32.90 32.56 2.82
N GLU F 395 -33.83 32.94 1.98
CA GLU F 395 -35.18 33.12 2.48
C GLU F 395 -35.80 31.84 3.01
N GLU F 396 -35.60 30.80 2.26
CA GLU F 396 -36.11 29.53 2.69
C GLU F 396 -35.39 29.03 3.96
N LEU F 397 -34.09 29.12 3.98
CA LEU F 397 -33.41 28.69 5.18
C LEU F 397 -33.84 29.54 6.37
N ALA F 398 -34.02 30.83 6.12
CA ALA F 398 -34.43 31.69 7.22
C ALA F 398 -35.76 31.22 7.74
N ARG F 399 -36.63 30.87 6.80
CA ARG F 399 -37.95 30.33 7.07
C ARG F 399 -37.81 29.09 7.94
N SER F 400 -36.88 28.24 7.58
CA SER F 400 -36.61 27.01 8.30
C SER F 400 -36.32 27.17 9.80
N SER F 401 -35.33 28.01 10.15
CA SER F 401 -34.89 28.18 11.53
C SER F 401 -35.67 29.16 12.36
N SER F 402 -36.73 29.68 11.76
CA SER F 402 -37.58 30.70 12.38
C SER F 402 -37.82 30.52 13.85
N HIS F 403 -38.03 29.27 14.25
CA HIS F 403 -38.25 28.96 15.63
C HIS F 403 -37.07 29.34 16.48
N SER F 404 -35.88 29.28 15.89
CA SER F 404 -34.75 29.68 16.69
C SER F 404 -34.66 31.22 16.83
N THR F 405 -34.02 31.66 17.90
CA THR F 405 -33.80 33.06 18.23
C THR F 405 -32.34 33.25 18.66
N ASP F 406 -31.51 32.20 18.47
CA ASP F 406 -30.09 32.20 18.84
C ASP F 406 -29.27 33.44 18.40
N LEU F 407 -28.53 33.95 19.36
CA LEU F 407 -27.75 35.16 19.22
C LEU F 407 -26.78 35.14 18.09
N MET F 408 -25.95 34.11 18.10
CA MET F 408 -24.98 33.90 17.07
C MET F 408 -25.64 33.71 15.73
N GLU F 409 -26.83 33.16 15.78
CA GLU F 409 -27.60 32.93 14.60
C GLU F 409 -28.04 34.25 14.02
N ALA F 410 -28.42 35.14 14.93
CA ALA F 410 -28.85 36.47 14.55
C ALA F 410 -27.64 37.14 13.89
N MET F 411 -26.51 37.00 14.60
CA MET F 411 -25.27 37.53 14.10
C MET F 411 -24.94 36.97 12.70
N ALA F 412 -24.99 35.63 12.52
CA ALA F 412 -24.71 34.99 11.22
C ALA F 412 -25.59 35.51 10.11
N MET F 413 -26.88 35.70 10.44
CA MET F 413 -27.87 36.16 9.45
C MET F 413 -27.60 37.55 9.02
N GLY F 414 -27.32 38.39 10.02
CA GLY F 414 -27.00 39.78 9.76
C GLY F 414 -25.83 39.92 8.79
N SER F 415 -24.72 39.30 9.16
CA SER F 415 -23.54 39.35 8.33
C SER F 415 -23.77 38.81 6.92
N VAL F 416 -24.39 37.63 6.82
CA VAL F 416 -24.65 37.04 5.53
C VAL F 416 -25.44 38.04 4.70
N GLU F 417 -26.54 38.54 5.31
CA GLU F 417 -27.39 39.54 4.67
C GLU F 417 -26.61 40.77 4.21
N ALA F 418 -25.81 41.33 5.12
CA ALA F 418 -24.98 42.49 4.85
C ALA F 418 -24.02 42.16 3.72
N SER F 419 -23.44 40.98 3.86
CA SER F 419 -22.54 40.50 2.85
C SER F 419 -23.20 40.50 1.49
N TYR F 420 -24.50 40.17 1.48
CA TYR F 420 -25.18 40.13 0.19
C TYR F 420 -25.36 41.51 -0.40
N LYS F 421 -25.82 42.41 0.43
CA LYS F 421 -26.14 43.78 0.07
C LYS F 421 -25.03 44.54 -0.62
N CYS F 422 -23.90 44.61 0.06
CA CYS F 422 -22.74 45.34 -0.43
C CYS F 422 -21.76 44.51 -1.22
N LEU F 423 -22.09 43.26 -1.52
CA LEU F 423 -21.20 42.39 -2.28
C LEU F 423 -19.83 42.26 -1.70
N ALA F 424 -19.78 42.02 -0.39
CA ALA F 424 -18.49 41.90 0.26
C ALA F 424 -17.58 40.88 -0.47
N ALA F 425 -16.28 40.99 -0.31
CA ALA F 425 -15.40 40.03 -0.98
C ALA F 425 -15.18 38.77 -0.13
N ALA F 426 -15.46 38.91 1.17
CA ALA F 426 -15.31 37.87 2.13
C ALA F 426 -15.81 38.25 3.50
N LEU F 427 -16.14 37.20 4.25
CA LEU F 427 -16.58 37.37 5.61
C LEU F 427 -15.41 36.85 6.45
N ILE F 428 -14.93 37.64 7.39
CA ILE F 428 -13.82 37.26 8.23
C ILE F 428 -14.32 36.86 9.59
N VAL F 429 -13.88 35.68 10.02
CA VAL F 429 -14.36 35.22 11.30
C VAL F 429 -13.27 34.68 12.19
N LEU F 430 -13.23 35.24 13.38
CA LEU F 430 -12.28 34.78 14.37
C LEU F 430 -12.99 33.74 15.25
N THR F 431 -12.46 32.54 15.36
CA THR F 431 -13.16 31.57 16.19
C THR F 431 -12.20 30.55 16.68
N GLU F 432 -12.45 30.07 17.90
CA GLU F 432 -11.57 29.09 18.49
C GLU F 432 -12.05 27.66 18.30
N SER F 433 -13.36 27.49 18.48
CA SER F 433 -14.06 26.21 18.34
C SER F 433 -14.63 26.02 16.92
N GLY F 434 -14.81 27.15 16.22
CA GLY F 434 -15.36 27.13 14.88
C GLY F 434 -16.87 27.40 14.79
N ARG F 435 -17.57 27.30 15.92
CA ARG F 435 -19.02 27.47 15.95
C ARG F 435 -19.55 28.68 15.17
N SER F 436 -19.06 29.85 15.59
CA SER F 436 -19.41 31.14 15.05
C SER F 436 -19.40 31.10 13.55
N ALA F 437 -18.25 30.63 13.04
CA ALA F 437 -18.03 30.45 11.62
C ALA F 437 -18.98 29.41 11.04
N HIS F 438 -19.28 28.31 11.79
CA HIS F 438 -20.19 27.29 11.25
C HIS F 438 -21.57 27.90 10.98
N GLN F 439 -21.95 28.73 11.95
CA GLN F 439 -23.19 29.51 12.01
C GLN F 439 -23.35 30.41 10.78
N VAL F 440 -22.22 30.98 10.38
CA VAL F 440 -22.20 31.82 9.20
C VAL F 440 -22.31 30.95 7.93
N ALA F 441 -21.46 29.92 7.88
CA ALA F 441 -21.43 28.95 6.78
C ALA F 441 -22.83 28.49 6.45
N ARG F 442 -23.61 28.20 7.51
CA ARG F 442 -24.98 27.72 7.33
C ARG F 442 -25.94 28.66 6.64
N TYR F 443 -25.67 29.97 6.59
CA TYR F 443 -26.65 30.80 5.93
C TYR F 443 -26.42 31.04 4.45
N ARG F 444 -25.42 30.33 3.94
CA ARG F 444 -25.07 30.31 2.53
C ARG F 444 -24.67 31.66 1.88
N PRO F 445 -23.68 32.36 2.45
CA PRO F 445 -23.25 33.58 1.80
C PRO F 445 -22.59 33.21 0.48
N ARG F 446 -22.40 34.19 -0.38
CA ARG F 446 -21.76 33.96 -1.65
C ARG F 446 -20.24 34.10 -1.52
N ALA F 447 -19.85 34.97 -0.60
CA ALA F 447 -18.46 35.35 -0.33
C ALA F 447 -17.80 34.42 0.63
N PRO F 448 -16.52 34.18 0.41
CA PRO F 448 -15.77 33.31 1.28
C PRO F 448 -15.78 33.70 2.73
N ILE F 449 -15.70 32.67 3.57
CA ILE F 449 -15.63 32.85 5.01
C ILE F 449 -14.22 32.51 5.42
N ILE F 450 -13.50 33.51 5.90
CA ILE F 450 -12.14 33.27 6.30
C ILE F 450 -12.08 33.14 7.76
N ALA F 451 -11.99 31.89 8.24
CA ALA F 451 -11.97 31.73 9.65
C ALA F 451 -10.59 31.59 10.20
N VAL F 452 -10.30 32.51 11.10
CA VAL F 452 -9.02 32.56 11.74
C VAL F 452 -9.11 31.95 13.11
N THR F 453 -8.23 30.97 13.35
CA THR F 453 -8.22 30.26 14.62
C THR F 453 -6.85 29.97 15.12
N ARG F 454 -6.80 29.77 16.42
CA ARG F 454 -5.54 29.40 17.04
C ARG F 454 -5.55 27.89 17.31
N ASN F 455 -6.72 27.29 17.12
CA ASN F 455 -6.98 25.88 17.26
C ASN F 455 -6.82 25.11 15.93
N HIS F 456 -5.70 24.37 15.76
CA HIS F 456 -5.43 23.57 14.57
C HIS F 456 -6.56 22.60 14.18
N GLN F 457 -7.03 21.85 15.15
CA GLN F 457 -8.04 20.88 14.86
C GLN F 457 -9.24 21.54 14.25
N THR F 458 -9.62 22.61 14.95
CA THR F 458 -10.71 23.49 14.56
C THR F 458 -10.52 23.91 13.11
N ALA F 459 -9.28 24.28 12.79
CA ALA F 459 -8.92 24.67 11.45
C ALA F 459 -9.14 23.50 10.47
N ARG F 460 -8.72 22.29 10.84
CA ARG F 460 -8.87 21.15 9.94
C ARG F 460 -10.35 20.77 9.72
N GLN F 461 -11.09 20.68 10.82
CA GLN F 461 -12.48 20.29 10.73
C GLN F 461 -13.41 21.28 10.02
N ALA F 462 -12.96 22.53 9.84
CA ALA F 462 -13.78 23.53 9.19
C ALA F 462 -14.08 23.21 7.76
N HIS F 463 -13.32 22.28 7.21
CA HIS F 463 -13.48 21.90 5.84
C HIS F 463 -14.83 21.29 5.53
N LEU F 464 -15.51 20.86 6.61
CA LEU F 464 -16.84 20.24 6.47
C LEU F 464 -17.96 21.18 6.17
N TYR F 465 -17.71 22.43 6.49
CA TYR F 465 -18.69 23.49 6.28
C TYR F 465 -18.42 24.24 5.01
N ARG F 466 -19.46 24.35 4.21
CA ARG F 466 -19.30 25.06 2.96
C ARG F 466 -18.75 26.46 3.18
N GLY F 467 -17.90 26.84 2.25
CA GLY F 467 -17.31 28.17 2.20
C GLY F 467 -16.43 28.67 3.36
N ILE F 468 -15.87 27.76 4.15
CA ILE F 468 -14.98 28.15 5.22
C ILE F 468 -13.52 27.94 4.87
N PHE F 469 -12.75 29.03 4.93
CA PHE F 469 -11.32 29.00 4.66
C PHE F 469 -10.61 29.19 5.97
N PRO F 470 -10.12 28.08 6.51
CA PRO F 470 -9.46 28.03 7.80
C PRO F 470 -8.09 28.67 7.77
N VAL F 471 -7.83 29.45 8.78
CA VAL F 471 -6.56 30.13 8.85
C VAL F 471 -6.02 30.03 10.22
N VAL F 472 -4.83 29.43 10.28
CA VAL F 472 -4.11 29.20 11.53
C VAL F 472 -3.23 30.35 11.93
N CYS F 473 -3.47 30.80 13.15
CA CYS F 473 -2.71 31.88 13.73
C CYS F 473 -1.70 31.24 14.59
N LYS F 474 -0.44 31.38 14.21
CA LYS F 474 0.58 30.75 15.00
C LYS F 474 1.18 31.71 16.00
N ASP F 475 0.65 32.95 15.99
CA ASP F 475 1.07 34.06 16.83
C ASP F 475 0.71 33.94 18.29
N PRO F 476 1.63 34.38 19.08
CA PRO F 476 1.45 34.36 20.49
C PRO F 476 0.28 35.28 20.83
N VAL F 477 -0.30 35.09 22.00
CA VAL F 477 -1.43 35.91 22.40
C VAL F 477 -1.02 37.27 22.95
N GLN F 478 -1.43 38.36 22.29
CA GLN F 478 -1.10 39.73 22.72
C GLN F 478 -1.84 40.14 24.00
N GLU F 479 -1.11 40.76 24.94
CA GLU F 479 -1.67 41.19 26.22
C GLU F 479 -2.99 41.97 26.08
N ALA F 480 -3.14 42.69 24.95
CA ALA F 480 -4.32 43.53 24.66
C ALA F 480 -5.24 43.00 23.55
N TRP F 481 -6.38 42.46 23.99
CA TRP F 481 -7.48 41.90 23.20
C TRP F 481 -7.57 42.50 21.79
N ALA F 482 -7.73 43.81 21.77
CA ALA F 482 -7.84 44.60 20.57
C ALA F 482 -6.73 44.25 19.62
N GLU F 483 -5.52 44.46 20.13
CA GLU F 483 -4.32 44.14 19.40
C GLU F 483 -4.41 42.67 19.00
N ASP F 484 -4.94 41.86 19.91
CA ASP F 484 -5.07 40.45 19.63
C ASP F 484 -6.01 40.25 18.48
N VAL F 485 -7.17 40.85 18.59
CA VAL F 485 -8.15 40.75 17.53
C VAL F 485 -7.61 41.33 16.22
N ASP F 486 -6.91 42.42 16.33
CA ASP F 486 -6.36 43.03 15.14
C ASP F 486 -5.25 42.26 14.49
N LEU F 487 -4.51 41.52 15.32
CA LEU F 487 -3.44 40.67 14.82
C LEU F 487 -4.10 39.60 13.96
N ARG F 488 -5.22 39.08 14.48
CA ARG F 488 -5.98 38.05 13.78
C ARG F 488 -6.64 38.59 12.50
N VAL F 489 -7.35 39.71 12.59
CA VAL F 489 -7.98 40.28 11.39
C VAL F 489 -6.95 40.50 10.32
N ASN F 490 -5.79 41.02 10.74
CA ASN F 490 -4.73 41.21 9.78
C ASN F 490 -4.24 40.03 8.99
N LEU F 491 -4.14 38.91 9.65
CA LEU F 491 -3.71 37.72 9.00
C LEU F 491 -4.69 37.37 7.87
N ALA F 492 -6.00 37.50 8.21
CA ALA F 492 -7.09 37.24 7.28
C ALA F 492 -6.90 38.07 6.04
N MET F 493 -6.62 39.33 6.32
CA MET F 493 -6.37 40.32 5.31
C MET F 493 -5.27 39.88 4.34
N ASN F 494 -4.15 39.48 4.95
CA ASN F 494 -3.01 39.10 4.17
C ASN F 494 -3.25 37.91 3.37
N VAL F 495 -3.84 36.97 4.05
CA VAL F 495 -4.16 35.75 3.40
C VAL F 495 -5.03 36.01 2.19
N GLY F 496 -6.11 36.74 2.45
CA GLY F 496 -7.12 37.10 1.48
C GLY F 496 -6.51 37.75 0.28
N LYS F 497 -5.56 38.62 0.54
CA LYS F 497 -4.93 39.21 -0.62
C LYS F 497 -4.01 38.21 -1.29
N ALA F 498 -3.24 37.49 -0.48
CA ALA F 498 -2.29 36.51 -0.99
C ALA F 498 -2.95 35.53 -1.92
N ARG F 499 -4.09 35.02 -1.42
CA ARG F 499 -4.94 34.04 -2.10
C ARG F 499 -5.73 34.59 -3.30
N GLY F 500 -5.78 35.93 -3.38
CA GLY F 500 -6.44 36.60 -4.48
C GLY F 500 -7.94 36.67 -4.31
N PHE F 501 -8.37 36.67 -3.07
CA PHE F 501 -9.78 36.75 -2.78
C PHE F 501 -10.28 38.17 -2.83
N PHE F 502 -9.36 39.09 -2.51
CA PHE F 502 -9.67 40.49 -2.50
C PHE F 502 -8.42 41.38 -2.58
N LYS F 503 -8.64 42.66 -2.89
CA LYS F 503 -7.59 43.68 -3.02
C LYS F 503 -7.75 44.77 -1.99
N LYS F 504 -6.74 45.63 -1.96
CA LYS F 504 -6.84 46.74 -1.08
C LYS F 504 -8.00 47.53 -1.63
N GLY F 505 -8.84 48.04 -0.76
CA GLY F 505 -9.97 48.76 -1.27
C GLY F 505 -11.24 47.91 -1.28
N ASP F 506 -11.12 46.61 -1.32
CA ASP F 506 -12.35 45.82 -1.32
C ASP F 506 -13.07 45.98 0.03
N VAL F 507 -14.27 45.43 0.19
CA VAL F 507 -14.97 45.48 1.48
C VAL F 507 -15.25 44.05 1.92
N VAL F 508 -15.02 43.82 3.20
CA VAL F 508 -15.26 42.55 3.83
C VAL F 508 -15.99 42.74 5.11
N ILE F 509 -16.61 41.66 5.54
CA ILE F 509 -17.32 41.66 6.78
C ILE F 509 -16.41 41.00 7.75
N VAL F 510 -16.27 41.59 8.89
CA VAL F 510 -15.43 41.07 9.95
C VAL F 510 -16.22 40.74 11.19
N LEU F 511 -16.25 39.45 11.55
CA LEU F 511 -16.99 39.06 12.74
C LEU F 511 -16.08 38.77 13.92
N THR F 512 -16.34 39.47 15.00
CA THR F 512 -15.54 39.26 16.16
C THR F 512 -16.38 39.25 17.44
N GLY F 513 -15.65 39.09 18.54
CA GLY F 513 -16.19 39.08 19.88
C GLY F 513 -15.73 40.36 20.57
N TRP F 514 -16.65 41.02 21.25
CA TRP F 514 -16.41 42.30 21.93
C TRP F 514 -15.28 42.27 22.94
N ARG F 515 -15.39 41.34 23.87
CA ARG F 515 -14.36 41.14 24.84
C ARG F 515 -13.95 39.68 24.77
N PRO F 516 -12.85 39.33 25.46
CA PRO F 516 -12.39 37.97 25.46
C PRO F 516 -13.42 37.11 26.17
N GLY F 517 -13.54 35.90 25.67
CA GLY F 517 -14.51 34.99 26.22
C GLY F 517 -15.88 35.66 26.15
N SER F 518 -16.15 36.24 24.97
CA SER F 518 -17.40 36.91 24.73
C SER F 518 -18.48 35.86 24.51
N GLY F 519 -18.03 34.66 24.10
CA GLY F 519 -18.94 33.52 23.89
C GLY F 519 -19.25 33.22 22.43
N PHE F 520 -19.15 34.22 21.59
CA PHE F 520 -19.43 34.10 20.19
C PHE F 520 -19.06 35.43 19.58
N THR F 521 -19.03 35.52 18.24
CA THR F 521 -18.66 36.76 17.57
C THR F 521 -19.86 37.68 17.60
N ASN F 522 -19.91 38.52 18.61
CA ASN F 522 -21.05 39.39 18.79
C ASN F 522 -20.89 40.70 18.08
N THR F 523 -19.71 40.88 17.53
CA THR F 523 -19.35 42.09 16.86
C THR F 523 -19.13 41.86 15.38
N MET F 524 -19.97 42.57 14.58
CA MET F 524 -19.97 42.56 13.11
C MET F 524 -19.60 43.93 12.51
N ARG F 525 -18.62 43.99 11.61
CA ARG F 525 -18.23 45.25 10.99
C ARG F 525 -17.95 45.16 9.51
N VAL F 526 -18.35 46.20 8.78
CA VAL F 526 -18.05 46.36 7.36
C VAL F 526 -16.71 47.07 7.31
N VAL F 527 -15.75 46.49 6.59
CA VAL F 527 -14.43 47.08 6.52
C VAL F 527 -13.77 46.95 5.17
N PRO F 528 -12.91 47.88 4.95
CA PRO F 528 -12.17 47.92 3.74
C PRO F 528 -10.84 47.22 3.93
N VAL F 529 -10.43 46.56 2.86
CA VAL F 529 -9.19 45.86 2.78
C VAL F 529 -8.08 46.83 2.50
N PRO F 530 -7.21 46.98 3.49
CA PRO F 530 -6.03 47.84 3.44
C PRO F 530 -5.27 47.78 2.12
N ILE G 12 -52.52 54.38 -21.08
CA ILE G 12 -52.68 53.68 -19.82
C ILE G 12 -53.61 52.52 -19.92
N GLN G 13 -53.07 51.37 -19.54
CA GLN G 13 -53.84 50.16 -19.50
C GLN G 13 -55.01 50.43 -18.56
N THR G 14 -56.09 49.71 -18.75
CA THR G 14 -57.21 49.89 -17.89
C THR G 14 -57.21 48.89 -16.76
N GLN G 15 -58.16 49.10 -15.86
CA GLN G 15 -58.33 48.18 -14.74
C GLN G 15 -57.08 47.80 -13.93
N GLN G 16 -56.16 48.74 -13.65
CA GLN G 16 -54.96 48.41 -12.88
C GLN G 16 -54.23 47.15 -13.33
N LEU G 17 -54.29 46.98 -14.66
CA LEU G 17 -53.72 45.85 -15.34
C LEU G 17 -52.22 45.80 -15.30
N HIS G 18 -51.62 46.98 -15.08
CA HIS G 18 -50.17 47.12 -15.01
C HIS G 18 -49.72 46.58 -13.67
N ALA G 19 -50.48 47.01 -12.66
CA ALA G 19 -50.24 46.65 -11.29
C ALA G 19 -50.48 45.16 -11.07
N ALA G 20 -51.44 44.66 -11.81
CA ALA G 20 -51.80 43.27 -11.73
C ALA G 20 -50.59 42.39 -11.99
N MET G 21 -49.65 42.95 -12.75
CA MET G 21 -48.41 42.32 -13.20
C MET G 21 -47.22 42.40 -12.24
N ALA G 22 -47.38 43.13 -11.13
CA ALA G 22 -46.27 43.26 -10.24
C ALA G 22 -45.87 41.93 -9.66
N ASP G 23 -44.61 41.85 -9.25
CA ASP G 23 -44.05 40.64 -8.65
C ASP G 23 -44.23 40.65 -7.13
N THR G 24 -44.13 41.81 -6.56
CA THR G 24 -44.31 41.91 -5.13
C THR G 24 -45.57 42.69 -4.74
N PHE G 25 -45.90 42.67 -3.48
CA PHE G 25 -47.03 43.44 -3.05
C PHE G 25 -46.69 44.93 -3.06
N LEU G 26 -45.48 45.23 -2.57
CA LEU G 26 -44.97 46.59 -2.60
C LEU G 26 -45.03 47.10 -4.05
N GLU G 27 -44.44 46.37 -5.00
CA GLU G 27 -44.49 46.80 -6.41
C GLU G 27 -45.89 46.98 -6.92
N HIS G 28 -46.80 46.18 -6.40
CA HIS G 28 -48.18 46.25 -6.81
C HIS G 28 -48.74 47.61 -6.48
N MET G 29 -48.60 48.02 -5.23
CA MET G 29 -49.10 49.33 -4.80
C MET G 29 -48.51 50.48 -5.61
N CYS G 30 -47.18 50.47 -5.74
CA CYS G 30 -46.44 51.49 -6.44
C CYS G 30 -46.99 51.64 -7.81
N ARG G 31 -47.67 50.60 -8.27
CA ARG G 31 -48.21 50.64 -9.63
C ARG G 31 -49.61 51.19 -9.78
N LEU G 32 -50.27 51.39 -8.66
CA LEU G 32 -51.62 51.86 -8.76
C LEU G 32 -51.61 53.23 -9.44
N ASP G 33 -52.50 53.34 -10.43
CA ASP G 33 -52.66 54.48 -11.29
C ASP G 33 -54.09 55.06 -11.33
N ILE G 34 -54.26 56.30 -10.83
CA ILE G 34 -55.54 56.98 -10.86
C ILE G 34 -56.03 57.16 -12.28
N ASP G 35 -55.15 56.94 -13.25
CA ASP G 35 -55.58 57.09 -14.61
C ASP G 35 -56.02 55.78 -15.24
N SER G 36 -55.83 54.70 -14.49
CA SER G 36 -56.25 53.43 -15.01
C SER G 36 -57.71 53.17 -14.70
N ALA G 37 -58.52 53.35 -15.71
CA ALA G 37 -59.96 53.21 -15.62
C ALA G 37 -60.53 51.86 -15.25
N PRO G 38 -61.47 51.88 -14.28
CA PRO G 38 -62.12 50.69 -13.82
C PRO G 38 -63.10 50.22 -14.88
N ILE G 39 -63.63 49.02 -14.70
CA ILE G 39 -64.59 48.50 -15.67
C ILE G 39 -65.98 48.94 -15.27
N THR G 40 -66.98 48.72 -16.15
CA THR G 40 -68.37 49.10 -15.87
C THR G 40 -68.98 48.32 -14.71
N ALA G 41 -68.79 46.99 -14.72
CA ALA G 41 -69.30 46.07 -13.70
C ALA G 41 -68.67 46.19 -12.31
N ARG G 42 -69.54 46.18 -11.30
CA ARG G 42 -69.10 46.28 -9.93
C ARG G 42 -69.51 45.03 -9.21
N ASN G 43 -68.52 44.28 -8.75
CA ASN G 43 -68.69 43.00 -8.10
C ASN G 43 -69.19 43.05 -6.67
N THR G 44 -68.72 44.04 -5.93
CA THR G 44 -69.05 44.21 -4.52
C THR G 44 -70.48 44.61 -4.26
N GLY G 45 -71.17 43.73 -3.52
CA GLY G 45 -72.58 43.90 -3.19
C GLY G 45 -72.83 45.03 -2.23
N ILE G 46 -73.91 45.79 -2.51
CA ILE G 46 -74.26 46.91 -1.64
C ILE G 46 -75.58 46.71 -0.94
N ILE G 47 -75.49 46.67 0.39
CA ILE G 47 -76.61 46.45 1.31
C ILE G 47 -77.04 47.73 1.95
N CYS G 48 -78.29 48.07 1.71
CA CYS G 48 -78.90 49.28 2.21
C CYS G 48 -80.01 49.08 3.16
N THR G 49 -79.81 49.57 4.37
CA THR G 49 -80.82 49.52 5.40
C THR G 49 -81.96 50.41 4.97
N ILE G 50 -83.16 49.84 4.78
CA ILE G 50 -84.35 50.62 4.37
C ILE G 50 -85.13 51.17 5.57
N GLY G 51 -85.45 52.47 5.51
CA GLY G 51 -86.17 53.14 6.57
C GLY G 51 -86.88 54.39 6.07
N PRO G 52 -87.14 55.31 6.99
CA PRO G 52 -87.86 56.52 6.69
C PRO G 52 -87.36 57.27 5.53
N ALA G 53 -86.04 57.26 5.43
CA ALA G 53 -85.35 57.96 4.38
C ALA G 53 -85.42 57.27 3.06
N SER G 54 -85.55 55.94 3.08
CA SER G 54 -85.49 55.19 1.84
C SER G 54 -86.66 54.30 1.54
N ARG G 55 -87.66 54.35 2.41
CA ARG G 55 -88.86 53.52 2.34
C ARG G 55 -89.76 53.64 1.11
N SER G 56 -89.87 54.80 0.49
CA SER G 56 -90.81 54.93 -0.61
C SER G 56 -90.50 54.13 -1.86
N VAL G 57 -91.58 53.74 -2.53
CA VAL G 57 -91.44 53.02 -3.76
C VAL G 57 -90.68 53.84 -4.79
N GLU G 58 -90.88 55.16 -4.76
CA GLU G 58 -90.23 56.11 -5.66
C GLU G 58 -88.71 56.25 -5.42
N THR G 59 -88.37 56.39 -4.15
CA THR G 59 -86.99 56.47 -3.69
C THR G 59 -86.27 55.16 -3.93
N LEU G 60 -86.98 54.06 -3.63
CA LEU G 60 -86.46 52.71 -3.80
C LEU G 60 -85.99 52.41 -5.21
N LYS G 61 -86.79 52.76 -6.20
CA LYS G 61 -86.40 52.55 -7.57
C LYS G 61 -85.07 53.24 -7.84
N GLU G 62 -84.91 54.37 -7.20
CA GLU G 62 -83.73 55.15 -7.36
C GLU G 62 -82.54 54.52 -6.70
N MET G 63 -82.83 53.75 -5.65
CA MET G 63 -81.81 53.01 -4.92
C MET G 63 -81.31 51.86 -5.78
N ILE G 64 -82.27 51.21 -6.42
CA ILE G 64 -81.94 50.08 -7.27
C ILE G 64 -81.04 50.55 -8.40
N LYS G 65 -81.59 51.51 -9.12
CA LYS G 65 -80.87 52.18 -10.21
C LYS G 65 -79.48 52.56 -9.75
N SER G 66 -79.41 53.16 -8.57
CA SER G 66 -78.17 53.57 -7.93
C SER G 66 -77.18 52.44 -7.62
N GLY G 67 -77.69 51.24 -7.34
CA GLY G 67 -76.79 50.13 -7.08
C GLY G 67 -77.21 49.19 -5.99
N MET G 68 -78.26 49.54 -5.22
CA MET G 68 -78.66 48.63 -4.16
C MET G 68 -78.98 47.25 -4.69
N ASN G 69 -78.60 46.23 -3.92
CA ASN G 69 -78.75 44.82 -4.28
C ASN G 69 -79.48 44.09 -3.22
N VAL G 70 -79.31 44.62 -2.00
CA VAL G 70 -79.90 44.15 -0.76
C VAL G 70 -80.44 45.28 0.10
N ALA G 71 -81.60 45.00 0.63
CA ALA G 71 -82.39 45.88 1.48
C ALA G 71 -82.48 45.31 2.86
N ARG G 72 -81.92 46.03 3.80
CA ARG G 72 -81.95 45.52 5.13
C ARG G 72 -83.04 46.13 5.99
N MET G 73 -83.85 45.28 6.66
CA MET G 73 -84.87 45.76 7.60
C MET G 73 -84.46 45.38 8.99
N ASN G 74 -84.11 46.43 9.78
CA ASN G 74 -83.61 46.32 11.16
C ASN G 74 -84.76 46.20 12.13
N PHE G 75 -84.89 44.99 12.64
CA PHE G 75 -85.94 44.74 13.55
C PHE G 75 -85.64 45.35 14.87
N SER G 76 -84.53 46.04 14.94
CA SER G 76 -84.25 46.72 16.19
C SER G 76 -85.05 48.02 16.22
N HIS G 77 -85.74 48.36 15.08
CA HIS G 77 -86.59 49.56 14.91
C HIS G 77 -87.91 49.16 14.25
N GLY G 78 -88.84 50.08 14.23
CA GLY G 78 -90.11 49.79 13.58
C GLY G 78 -90.93 48.67 14.20
N THR G 79 -91.95 48.30 13.45
CA THR G 79 -92.90 47.28 13.80
C THR G 79 -93.07 46.37 12.62
N HIS G 80 -93.54 45.14 12.89
CA HIS G 80 -93.79 44.18 11.82
C HIS G 80 -94.60 44.84 10.74
N GLU G 81 -95.52 45.68 11.19
CA GLU G 81 -96.37 46.38 10.30
C GLU G 81 -95.58 47.36 9.40
N TYR G 82 -94.54 47.97 9.99
CA TYR G 82 -93.68 48.93 9.32
C TYR G 82 -92.86 48.20 8.29
N HIS G 83 -92.19 47.19 8.80
CA HIS G 83 -91.31 46.37 8.01
C HIS G 83 -91.93 45.76 6.76
N ALA G 84 -93.08 45.15 7.00
CA ALA G 84 -93.90 44.53 5.98
C ALA G 84 -94.16 45.45 4.83
N GLU G 85 -94.46 46.69 5.19
CA GLU G 85 -94.74 47.67 4.20
C GLU G 85 -93.50 48.11 3.44
N THR G 86 -92.38 48.27 4.15
CA THR G 86 -91.15 48.64 3.50
C THR G 86 -90.91 47.58 2.50
N ILE G 87 -90.95 46.38 3.03
CA ILE G 87 -90.77 45.22 2.20
C ILE G 87 -91.68 45.21 0.98
N LYS G 88 -92.94 45.48 1.22
CA LYS G 88 -93.88 45.52 0.14
C LYS G 88 -93.43 46.49 -0.94
N ASN G 89 -92.87 47.62 -0.53
CA ASN G 89 -92.45 48.65 -1.46
C ASN G 89 -91.25 48.29 -2.27
N VAL G 90 -90.36 47.66 -1.55
CA VAL G 90 -89.17 47.19 -2.18
C VAL G 90 -89.55 46.28 -3.34
N ARG G 91 -90.47 45.36 -3.07
CA ARG G 91 -90.91 44.42 -4.09
C ARG G 91 -91.54 45.14 -5.27
N THR G 92 -92.31 46.12 -4.90
CA THR G 92 -93.00 46.92 -5.87
C THR G 92 -92.00 47.50 -6.83
N ALA G 93 -91.06 48.20 -6.20
CA ALA G 93 -89.93 48.87 -6.80
C ALA G 93 -89.13 47.96 -7.69
N THR G 94 -88.75 46.82 -7.13
CA THR G 94 -87.96 45.84 -7.84
C THR G 94 -88.71 45.35 -9.06
N GLU G 95 -89.90 44.83 -8.81
CA GLU G 95 -90.70 44.34 -9.92
C GLU G 95 -91.00 45.41 -10.94
N SER G 96 -90.80 46.65 -10.54
CA SER G 96 -91.06 47.75 -11.43
C SER G 96 -90.32 47.57 -12.75
N PHE G 97 -89.15 46.93 -12.68
CA PHE G 97 -88.28 46.70 -13.84
C PHE G 97 -88.36 45.38 -14.54
N ALA G 98 -89.05 44.40 -13.94
CA ALA G 98 -89.20 43.06 -14.49
C ALA G 98 -89.86 43.06 -15.84
N SER G 99 -90.46 44.21 -16.16
CA SER G 99 -91.10 44.42 -17.44
C SER G 99 -90.14 43.98 -18.55
N ASP G 100 -88.83 44.14 -18.27
CA ASP G 100 -87.70 43.82 -19.17
C ASP G 100 -86.60 42.94 -18.52
N PRO G 101 -86.56 41.69 -18.99
CA PRO G 101 -85.67 40.61 -18.56
C PRO G 101 -84.17 40.87 -18.71
N ILE G 102 -83.79 41.71 -19.66
CA ILE G 102 -82.40 42.02 -19.91
C ILE G 102 -81.93 43.20 -19.04
N LEU G 103 -82.91 44.04 -18.62
CA LEU G 103 -82.74 45.24 -17.79
C LEU G 103 -83.14 45.07 -16.31
N TYR G 104 -83.66 43.89 -16.02
CA TYR G 104 -84.13 43.52 -14.70
C TYR G 104 -83.05 43.11 -13.68
N ARG G 105 -83.14 43.72 -12.50
CA ARG G 105 -82.16 43.42 -11.44
C ARG G 105 -82.75 42.87 -10.15
N PRO G 106 -82.32 41.65 -9.76
CA PRO G 106 -82.79 41.03 -8.56
C PRO G 106 -82.33 41.70 -7.28
N VAL G 107 -83.26 41.77 -6.34
CA VAL G 107 -83.02 42.38 -5.05
C VAL G 107 -83.44 41.48 -3.88
N ALA G 108 -82.49 41.26 -3.01
CA ALA G 108 -82.64 40.43 -1.86
C ALA G 108 -83.26 41.20 -0.67
N VAL G 109 -83.85 40.46 0.29
CA VAL G 109 -84.50 40.99 1.50
C VAL G 109 -83.93 40.32 2.75
N ALA G 110 -83.28 41.12 3.57
CA ALA G 110 -82.64 40.60 4.74
C ALA G 110 -83.35 41.12 5.95
N LEU G 111 -83.37 40.30 7.00
CA LEU G 111 -84.01 40.65 8.23
C LEU G 111 -82.96 40.77 9.28
N ASP G 112 -82.92 41.94 9.92
CA ASP G 112 -81.94 42.15 10.94
C ASP G 112 -82.60 42.00 12.25
N THR G 113 -82.01 41.10 12.97
CA THR G 113 -82.47 40.68 14.26
C THR G 113 -82.14 41.59 15.42
N LYS G 114 -83.01 41.55 16.42
CA LYS G 114 -82.75 42.32 17.62
C LYS G 114 -81.66 41.63 18.41
N GLY G 115 -81.91 40.38 18.76
CA GLY G 115 -80.93 39.63 19.50
C GLY G 115 -80.91 40.10 20.94
N PRO G 116 -79.93 39.60 21.66
CA PRO G 116 -79.72 39.89 23.06
C PRO G 116 -79.26 41.32 23.26
N GLU G 117 -80.06 42.28 22.83
CA GLU G 117 -79.65 43.66 22.99
C GLU G 117 -80.40 44.43 24.07
N ILE G 118 -79.84 45.59 24.40
CA ILE G 118 -80.45 46.51 25.32
C ILE G 118 -80.86 47.71 24.51
N ARG G 119 -82.14 47.92 24.35
CA ARG G 119 -82.54 49.05 23.57
C ARG G 119 -83.17 50.18 24.40
N THR G 120 -83.20 51.35 23.83
CA THR G 120 -83.75 52.52 24.47
C THR G 120 -85.15 52.72 23.94
N GLY G 121 -85.92 53.63 24.57
CA GLY G 121 -87.28 53.91 24.16
C GLY G 121 -87.39 55.05 23.15
N LEU G 122 -88.65 55.38 22.78
CA LEU G 122 -89.02 56.43 21.83
C LEU G 122 -88.89 57.85 22.36
N ILE G 123 -88.15 58.68 21.64
CA ILE G 123 -87.98 60.06 22.02
C ILE G 123 -89.25 60.80 21.66
N LYS G 124 -89.94 61.38 22.67
CA LYS G 124 -91.19 62.12 22.46
C LYS G 124 -92.22 61.41 21.53
N GLY G 125 -92.27 60.07 21.58
CA GLY G 125 -93.21 59.27 20.80
C GLY G 125 -93.02 59.11 19.28
N SER G 126 -91.87 59.50 18.70
CA SER G 126 -91.68 59.28 17.26
C SER G 126 -90.44 58.45 17.10
N GLY G 127 -90.45 57.49 16.20
CA GLY G 127 -89.25 56.68 16.07
C GLY G 127 -88.21 57.39 15.21
N THR G 128 -88.54 58.65 14.90
CA THR G 128 -87.75 59.50 14.04
C THR G 128 -87.25 60.76 14.73
N ALA G 129 -87.75 60.93 15.92
CA ALA G 129 -87.44 62.06 16.74
C ALA G 129 -86.08 61.98 17.41
N GLU G 130 -85.59 63.17 17.74
CA GLU G 130 -84.32 63.33 18.43
C GLU G 130 -84.31 64.56 19.35
N VAL G 131 -83.45 64.46 20.35
CA VAL G 131 -83.19 65.50 21.32
C VAL G 131 -81.68 65.57 21.66
N GLU G 132 -81.12 66.76 21.64
CA GLU G 132 -79.71 66.89 21.86
C GLU G 132 -79.27 66.93 23.31
N LEU G 133 -78.46 65.95 23.70
CA LEU G 133 -77.89 65.93 25.05
C LEU G 133 -76.77 66.95 25.14
N LYS G 134 -76.39 67.32 26.35
CA LYS G 134 -75.36 68.32 26.55
C LYS G 134 -74.40 67.93 27.65
N LYS G 135 -73.10 68.05 27.36
CA LYS G 135 -72.08 67.66 28.33
C LYS G 135 -72.28 68.24 29.73
N GLY G 136 -71.97 67.40 30.73
CA GLY G 136 -72.06 67.77 32.14
C GLY G 136 -73.49 67.74 32.66
N ALA G 137 -74.42 67.69 31.71
CA ALA G 137 -75.84 67.64 32.00
C ALA G 137 -76.28 66.32 32.66
N THR G 138 -77.51 66.28 33.14
CA THR G 138 -77.98 65.10 33.83
C THR G 138 -79.03 64.33 33.07
N LEU G 139 -78.95 63.02 33.26
CA LEU G 139 -79.92 62.12 32.71
C LEU G 139 -80.39 61.06 33.66
N LYS G 140 -81.69 60.82 33.59
CA LYS G 140 -82.27 59.78 34.38
C LYS G 140 -82.69 58.63 33.51
N ILE G 141 -82.16 57.47 33.87
CA ILE G 141 -82.49 56.21 33.24
C ILE G 141 -83.67 55.65 34.02
N THR G 142 -84.85 55.58 33.40
CA THR G 142 -86.05 55.04 34.05
C THR G 142 -86.50 53.76 33.41
N LEU G 143 -86.86 52.81 34.27
CA LEU G 143 -87.33 51.51 33.86
C LEU G 143 -88.84 51.47 33.87
N ASP G 144 -89.43 52.63 34.14
CA ASP G 144 -90.86 52.66 34.18
C ASP G 144 -91.53 52.71 32.82
N ASN G 145 -92.11 51.58 32.48
CA ASN G 145 -92.82 51.35 31.23
C ASN G 145 -93.75 52.49 30.83
N ALA G 146 -94.04 53.41 31.75
CA ALA G 146 -94.92 54.50 31.36
C ALA G 146 -94.12 55.52 30.55
N TYR G 147 -92.81 55.39 30.67
CA TYR G 147 -91.91 56.29 29.99
C TYR G 147 -91.41 55.83 28.64
N MET G 148 -91.86 54.66 28.21
CA MET G 148 -91.48 54.04 26.95
C MET G 148 -91.34 55.02 25.80
N GLU G 149 -92.48 55.63 25.41
CA GLU G 149 -92.58 56.56 24.28
C GLU G 149 -92.50 58.03 24.57
N LYS G 150 -92.03 58.31 25.78
CA LYS G 150 -91.88 59.65 26.30
C LYS G 150 -90.42 59.89 26.65
N CYS G 151 -89.54 59.53 25.71
CA CYS G 151 -88.11 59.68 25.90
C CYS G 151 -87.65 61.11 25.67
N ASP G 152 -86.59 61.48 26.40
CA ASP G 152 -86.07 62.82 26.25
C ASP G 152 -84.76 63.19 26.93
N GLU G 153 -84.46 64.44 26.68
CA GLU G 153 -83.29 65.11 27.19
C GLU G 153 -83.16 65.01 28.69
N ASN G 154 -84.25 64.56 29.35
CA ASN G 154 -84.34 64.44 30.81
C ASN G 154 -84.55 63.02 31.28
N ILE G 155 -85.41 62.34 30.53
CA ILE G 155 -85.77 60.97 30.80
C ILE G 155 -85.37 59.99 29.71
N LEU G 156 -84.71 58.98 30.18
CA LEU G 156 -84.31 57.92 29.32
C LEU G 156 -84.87 56.58 29.70
N TRP G 157 -85.89 56.18 28.93
CA TRP G 157 -86.54 54.89 29.07
C TRP G 157 -85.80 53.78 28.28
N LEU G 158 -85.28 52.83 29.07
CA LEU G 158 -84.52 51.65 28.65
C LEU G 158 -85.36 50.41 28.28
N ASP G 159 -84.67 49.27 28.04
CA ASP G 159 -85.22 47.94 27.67
C ASP G 159 -84.97 46.92 28.73
N TYR G 160 -83.78 47.04 29.29
CA TYR G 160 -83.21 46.14 30.24
C TYR G 160 -83.53 46.35 31.70
N LYS G 161 -84.38 45.47 32.24
CA LYS G 161 -84.85 45.50 33.64
C LYS G 161 -83.88 45.21 34.79
N ASN G 162 -82.84 44.44 34.57
CA ASN G 162 -81.96 44.18 35.69
C ASN G 162 -80.71 45.01 35.69
N ILE G 163 -80.74 46.07 34.90
CA ILE G 163 -79.62 46.95 34.81
C ILE G 163 -79.03 47.37 36.14
N CYS G 164 -79.90 47.73 37.06
CA CYS G 164 -79.49 48.19 38.36
C CYS G 164 -78.47 47.32 39.06
N LYS G 165 -78.33 46.09 38.65
CA LYS G 165 -77.34 45.25 39.30
C LYS G 165 -76.13 45.06 38.41
N VAL G 166 -76.38 45.36 37.14
CA VAL G 166 -75.41 45.28 36.08
C VAL G 166 -74.39 46.38 36.14
N VAL G 167 -74.86 47.53 36.62
CA VAL G 167 -74.05 48.70 36.72
C VAL G 167 -73.93 49.25 38.15
N ASP G 168 -72.74 49.79 38.45
CA ASP G 168 -72.38 50.40 39.73
C ASP G 168 -72.39 51.96 39.63
N VAL G 169 -72.15 52.59 40.77
CA VAL G 169 -72.10 54.03 40.78
C VAL G 169 -70.89 54.43 40.01
N GLY G 170 -70.98 55.51 39.26
CA GLY G 170 -69.85 55.89 38.46
C GLY G 170 -69.58 54.84 37.40
N SER G 171 -70.64 54.18 36.96
CA SER G 171 -70.48 53.19 35.94
C SER G 171 -70.74 53.87 34.62
N LYS G 172 -70.29 53.23 33.53
CA LYS G 172 -70.42 53.75 32.18
C LYS G 172 -71.54 53.11 31.36
N VAL G 173 -72.33 53.97 30.72
CA VAL G 173 -73.44 53.55 29.93
C VAL G 173 -73.41 54.20 28.56
N TYR G 174 -73.25 53.42 27.52
CA TYR G 174 -73.23 54.05 26.22
C TYR G 174 -74.51 54.00 25.46
N VAL G 175 -74.82 55.10 24.79
CA VAL G 175 -76.01 55.16 24.00
C VAL G 175 -75.76 55.44 22.55
N ASP G 176 -76.17 54.45 21.80
CA ASP G 176 -76.07 54.50 20.40
C ASP G 176 -74.63 54.24 19.93
N ASP G 177 -74.18 53.02 20.10
CA ASP G 177 -72.87 52.67 19.61
C ASP G 177 -71.74 53.51 20.21
N GLY G 178 -71.96 53.94 21.45
CA GLY G 178 -70.94 54.67 22.20
C GLY G 178 -70.93 56.16 21.98
N LEU G 179 -71.90 56.62 21.18
CA LEU G 179 -72.05 58.02 20.87
C LEU G 179 -72.10 58.82 22.14
N ILE G 180 -73.02 58.40 22.97
CA ILE G 180 -73.19 59.04 24.24
C ILE G 180 -72.60 58.18 25.33
N SER G 181 -71.89 58.82 26.23
CA SER G 181 -71.29 58.16 27.36
C SER G 181 -72.04 58.74 28.54
N LEU G 182 -72.50 57.86 29.43
CA LEU G 182 -73.26 58.22 30.61
C LEU G 182 -72.52 57.76 31.82
N GLN G 183 -72.57 58.55 32.84
CA GLN G 183 -71.88 58.15 34.01
C GLN G 183 -72.89 57.97 35.15
N VAL G 184 -72.85 56.79 35.74
CA VAL G 184 -73.76 56.44 36.80
C VAL G 184 -73.55 57.28 38.04
N LYS G 185 -74.39 58.30 38.18
CA LYS G 185 -74.28 59.20 39.31
C LYS G 185 -75.06 58.68 40.51
N GLN G 186 -76.34 58.47 40.29
CA GLN G 186 -77.17 57.96 41.34
C GLN G 186 -77.89 56.73 40.88
N LYS G 187 -77.82 55.75 41.76
CA LYS G 187 -78.41 54.45 41.57
C LYS G 187 -79.66 54.31 42.40
N GLY G 188 -80.82 54.46 41.77
CA GLY G 188 -82.06 54.37 42.49
C GLY G 188 -82.52 52.95 42.72
N PRO G 189 -83.83 52.79 42.62
CA PRO G 189 -84.47 51.50 42.77
C PRO G 189 -84.95 51.00 41.42
N ASP G 190 -85.70 51.86 40.71
CA ASP G 190 -86.24 51.63 39.38
C ASP G 190 -85.60 52.61 38.41
N PHE G 191 -84.37 52.99 38.73
CA PHE G 191 -83.71 53.96 37.88
C PHE G 191 -82.24 54.22 38.19
N LEU G 192 -81.70 55.05 37.27
CA LEU G 192 -80.33 55.57 37.20
C LEU G 192 -80.26 57.07 36.86
N VAL G 193 -79.62 57.84 37.75
CA VAL G 193 -79.39 59.29 37.58
C VAL G 193 -77.96 59.48 37.11
N THR G 194 -77.78 60.00 35.90
CA THR G 194 -76.44 60.14 35.35
C THR G 194 -76.05 61.54 34.89
N GLU G 195 -74.76 61.68 34.58
CA GLU G 195 -74.20 62.91 34.05
C GLU G 195 -73.85 62.70 32.61
N VAL G 196 -74.34 63.60 31.77
CA VAL G 196 -74.06 63.56 30.38
C VAL G 196 -72.62 63.97 30.16
N GLU G 197 -71.81 62.96 30.08
CA GLU G 197 -70.39 63.05 29.89
C GLU G 197 -70.03 63.58 28.51
N ASN G 198 -70.81 63.15 27.50
CA ASN G 198 -70.57 63.46 26.11
C ASN G 198 -71.71 64.27 25.58
N GLY G 199 -71.41 65.25 24.74
CA GLY G 199 -72.48 66.01 24.13
C GLY G 199 -72.91 65.24 22.89
N GLY G 200 -74.20 65.34 22.57
CA GLY G 200 -74.73 64.65 21.42
C GLY G 200 -76.22 64.37 21.56
N PHE G 201 -76.86 64.30 20.39
CA PHE G 201 -78.28 64.06 20.18
C PHE G 201 -78.72 62.64 20.49
N LEU G 202 -79.93 62.56 21.02
CA LEU G 202 -80.57 61.30 21.34
C LEU G 202 -81.64 61.05 20.32
N GLY G 203 -81.75 59.79 19.91
CA GLY G 203 -82.77 59.34 18.95
C GLY G 203 -83.65 58.21 19.57
N SER G 204 -84.59 57.71 18.80
CA SER G 204 -85.44 56.65 19.29
C SER G 204 -84.92 55.22 19.06
N LYS G 205 -85.17 54.37 20.05
CA LYS G 205 -84.77 52.98 20.01
C LYS G 205 -83.26 52.89 19.82
N LYS G 206 -82.49 53.36 20.79
CA LYS G 206 -81.04 53.37 20.71
C LYS G 206 -80.35 52.27 21.51
N GLY G 207 -79.31 51.72 20.91
CA GLY G 207 -78.56 50.65 21.54
C GLY G 207 -77.88 51.07 22.83
N VAL G 208 -77.71 50.10 23.74
CA VAL G 208 -77.06 50.28 25.03
C VAL G 208 -76.00 49.16 25.21
N ASN G 209 -74.78 49.60 25.53
CA ASN G 209 -73.63 48.77 25.73
C ASN G 209 -73.00 49.18 27.00
N LEU G 210 -72.94 48.21 27.87
CA LEU G 210 -72.40 48.36 29.18
C LEU G 210 -71.21 47.46 29.27
N PRO G 211 -70.21 47.77 28.47
CA PRO G 211 -68.99 47.01 28.41
C PRO G 211 -68.41 46.83 29.80
N GLY G 212 -67.87 45.63 30.03
CA GLY G 212 -67.32 45.26 31.33
C GLY G 212 -68.47 45.26 32.34
N ALA G 213 -69.49 44.45 32.01
CA ALA G 213 -70.72 44.30 32.76
C ALA G 213 -71.47 43.02 32.36
N ALA G 214 -72.00 42.36 33.39
CA ALA G 214 -72.74 41.10 33.29
C ALA G 214 -74.10 41.17 32.60
N VAL G 215 -74.22 40.67 31.38
CA VAL G 215 -75.53 40.73 30.75
C VAL G 215 -76.11 39.39 30.34
N ASP G 216 -76.96 38.90 31.24
CA ASP G 216 -77.60 37.64 31.02
C ASP G 216 -78.75 37.80 30.09
N LEU G 217 -78.51 37.66 28.79
CA LEU G 217 -79.56 37.77 27.80
C LEU G 217 -79.46 36.53 26.95
N PRO G 218 -80.60 35.99 26.61
CA PRO G 218 -80.68 34.77 25.86
C PRO G 218 -80.33 35.06 24.43
N ALA G 219 -79.72 34.07 23.79
CA ALA G 219 -79.35 34.18 22.40
C ALA G 219 -80.56 34.53 21.51
N VAL G 220 -81.67 33.85 21.82
CA VAL G 220 -82.93 34.00 21.14
C VAL G 220 -84.03 34.25 22.17
N SER G 221 -84.74 35.33 21.92
CA SER G 221 -85.80 35.78 22.79
C SER G 221 -87.15 35.51 22.14
N GLU G 222 -88.18 35.89 22.89
CA GLU G 222 -89.54 35.76 22.45
C GLU G 222 -89.76 36.61 21.21
N LYS G 223 -89.30 37.86 21.31
CA LYS G 223 -89.45 38.83 20.23
C LYS G 223 -88.75 38.33 19.01
N ASP G 224 -87.53 37.80 19.26
CA ASP G 224 -86.72 37.24 18.19
C ASP G 224 -87.55 36.25 17.40
N ILE G 225 -88.00 35.20 18.14
CA ILE G 225 -88.85 34.14 17.59
C ILE G 225 -89.99 34.78 16.83
N GLN G 226 -90.58 35.78 17.45
CA GLN G 226 -91.65 36.47 16.75
C GLN G 226 -91.18 37.05 15.42
N ASP G 227 -89.99 37.67 15.42
CA ASP G 227 -89.51 38.26 14.19
C ASP G 227 -89.02 37.27 13.20
N LEU G 228 -88.30 36.25 13.70
CA LEU G 228 -87.81 35.19 12.81
C LEU G 228 -88.98 34.63 12.03
N LYS G 229 -89.95 34.15 12.79
CA LYS G 229 -91.14 33.60 12.19
C LYS G 229 -91.80 34.57 11.18
N PHE G 230 -91.81 35.87 11.51
CA PHE G 230 -92.36 36.88 10.63
C PHE G 230 -91.56 36.94 9.30
N GLY G 231 -90.25 36.72 9.41
CA GLY G 231 -89.40 36.71 8.24
C GLY G 231 -89.80 35.57 7.30
N VAL G 232 -90.00 34.37 7.85
CA VAL G 232 -90.41 33.19 7.05
C VAL G 232 -91.66 33.57 6.26
N GLU G 233 -92.59 34.20 6.97
CA GLU G 233 -93.83 34.65 6.37
C GLU G 233 -93.62 35.73 5.34
N GLN G 234 -92.65 36.60 5.62
CA GLN G 234 -92.41 37.64 4.67
C GLN G 234 -91.50 37.12 3.58
N ASP G 235 -91.18 35.83 3.69
CA ASP G 235 -90.35 35.16 2.71
C ASP G 235 -89.03 35.91 2.47
N VAL G 236 -88.33 36.15 3.52
CA VAL G 236 -87.08 36.84 3.33
C VAL G 236 -86.02 35.92 2.76
N ASP G 237 -85.01 36.53 2.16
CA ASP G 237 -83.93 35.79 1.56
C ASP G 237 -82.89 35.34 2.58
N MET G 238 -82.72 36.09 3.64
CA MET G 238 -81.69 35.69 4.58
C MET G 238 -81.85 36.42 5.90
N VAL G 239 -81.08 35.99 6.90
CA VAL G 239 -81.15 36.63 8.17
C VAL G 239 -79.85 37.06 8.77
N PHE G 240 -79.79 38.36 9.17
CA PHE G 240 -78.61 38.92 9.85
C PHE G 240 -78.88 38.80 11.34
N ALA G 241 -78.20 37.84 11.93
CA ALA G 241 -78.41 37.51 13.29
C ALA G 241 -77.57 38.29 14.21
N SER G 242 -78.20 39.16 15.00
CA SER G 242 -77.47 39.98 15.97
C SER G 242 -76.90 39.27 17.19
N PHE G 243 -75.79 39.78 17.60
CA PHE G 243 -75.05 39.27 18.75
C PHE G 243 -74.70 37.82 18.82
N ILE G 244 -74.42 37.16 17.70
CA ILE G 244 -74.04 35.78 17.84
C ILE G 244 -72.79 35.61 18.69
N ARG G 245 -72.89 34.74 19.69
CA ARG G 245 -71.74 34.59 20.52
C ARG G 245 -71.14 33.20 20.44
N LYS G 246 -71.91 32.28 19.87
CA LYS G 246 -71.44 30.93 19.77
C LYS G 246 -72.23 30.15 18.75
N ALA G 247 -71.65 28.99 18.41
CA ALA G 247 -72.23 28.08 17.43
C ALA G 247 -73.68 27.80 17.74
N ALA G 248 -73.92 27.51 19.03
CA ALA G 248 -75.25 27.25 19.59
C ALA G 248 -76.28 28.31 19.19
N ASP G 249 -75.92 29.62 19.34
CA ASP G 249 -76.86 30.66 18.95
C ASP G 249 -77.36 30.43 17.52
N VAL G 250 -76.40 30.09 16.64
CA VAL G 250 -76.68 29.85 15.23
C VAL G 250 -77.67 28.70 15.05
N HIS G 251 -77.40 27.66 15.82
CA HIS G 251 -78.18 26.46 15.82
C HIS G 251 -79.59 26.77 16.19
N GLU G 252 -79.72 27.51 17.28
CA GLU G 252 -81.05 27.90 17.77
C GLU G 252 -81.87 28.65 16.76
N VAL G 253 -81.15 29.48 15.99
CA VAL G 253 -81.78 30.29 14.96
C VAL G 253 -82.11 29.40 13.78
N ARG G 254 -81.32 28.34 13.62
CA ARG G 254 -81.57 27.42 12.56
C ARG G 254 -82.89 26.76 12.86
N LYS G 255 -82.99 26.35 14.14
CA LYS G 255 -84.15 25.69 14.72
C LYS G 255 -85.42 26.46 14.42
N ILE G 256 -85.48 27.69 14.93
CA ILE G 256 -86.62 28.61 14.74
C ILE G 256 -87.08 28.80 13.29
N LEU G 257 -86.16 29.00 12.34
CA LEU G 257 -86.60 29.17 10.97
C LEU G 257 -87.20 27.87 10.55
N GLY G 258 -86.65 26.83 11.16
CA GLY G 258 -87.07 25.48 10.94
C GLY G 258 -87.30 25.14 9.48
N GLU G 259 -87.99 24.04 9.30
CA GLU G 259 -88.22 23.49 8.01
C GLU G 259 -88.74 24.45 6.97
N LYS G 260 -89.64 25.32 7.41
CA LYS G 260 -90.25 26.26 6.50
C LYS G 260 -89.25 27.28 5.98
N GLY G 261 -88.25 27.61 6.80
CA GLY G 261 -87.26 28.56 6.37
C GLY G 261 -85.87 27.97 6.31
N LYS G 262 -85.80 26.73 5.79
CA LYS G 262 -84.55 26.01 5.69
C LYS G 262 -83.60 26.60 4.65
N ASN G 263 -84.21 27.28 3.68
CA ASN G 263 -83.49 27.90 2.59
C ASN G 263 -83.07 29.34 2.84
N ILE G 264 -83.37 29.83 4.02
CA ILE G 264 -82.95 31.17 4.30
C ILE G 264 -81.57 31.16 4.87
N LYS G 265 -80.74 32.03 4.32
CA LYS G 265 -79.38 32.12 4.78
C LYS G 265 -79.25 32.78 6.15
N ILE G 266 -78.41 32.19 6.95
CA ILE G 266 -78.19 32.74 8.24
C ILE G 266 -76.82 33.38 8.32
N ILE G 267 -76.83 34.72 8.23
CA ILE G 267 -75.62 35.51 8.29
C ILE G 267 -75.41 36.00 9.70
N SER G 268 -74.40 35.43 10.40
CA SER G 268 -74.06 35.75 11.79
C SER G 268 -73.33 37.10 11.98
N LYS G 269 -73.79 37.90 12.96
CA LYS G 269 -73.21 39.20 13.26
C LYS G 269 -72.17 39.20 14.37
N ILE G 270 -70.93 39.57 14.06
CA ILE G 270 -69.94 39.65 15.15
C ILE G 270 -69.89 41.09 15.68
N GLU G 271 -70.42 41.27 16.91
CA GLU G 271 -70.45 42.56 17.54
C GLU G 271 -70.03 42.58 18.99
N ASN G 272 -69.22 41.63 19.36
CA ASN G 272 -68.72 41.62 20.72
C ASN G 272 -67.60 40.62 20.88
N HIS G 273 -66.90 40.70 22.05
CA HIS G 273 -65.73 39.86 22.36
C HIS G 273 -65.92 38.37 22.10
N GLU G 274 -66.98 37.83 22.64
CA GLU G 274 -67.26 36.42 22.53
C GLU G 274 -67.45 36.01 21.10
N GLY G 275 -68.20 36.82 20.37
CA GLY G 275 -68.40 36.55 18.98
C GLY G 275 -67.05 36.45 18.27
N VAL G 276 -66.16 37.32 18.64
CA VAL G 276 -64.88 37.28 17.98
C VAL G 276 -64.13 36.06 18.43
N ARG G 277 -64.10 35.95 19.75
CA ARG G 277 -63.44 34.89 20.47
C ARG G 277 -63.77 33.48 19.95
N ARG G 278 -65.02 33.25 19.54
CA ARG G 278 -65.49 31.96 19.07
C ARG G 278 -65.86 31.98 17.62
N PHE G 279 -65.23 32.85 16.90
CA PHE G 279 -65.58 33.06 15.52
C PHE G 279 -65.68 31.79 14.66
N ASP G 280 -64.66 31.01 14.74
CA ASP G 280 -64.56 29.81 13.95
C ASP G 280 -65.78 28.92 14.00
N GLU G 281 -66.16 28.52 15.20
CA GLU G 281 -67.33 27.69 15.35
C GLU G 281 -68.54 28.42 14.85
N ILE G 282 -68.47 29.74 14.99
CA ILE G 282 -69.58 30.54 14.53
C ILE G 282 -69.66 30.43 13.03
N LEU G 283 -68.50 30.59 12.43
CA LEU G 283 -68.37 30.52 10.99
C LEU G 283 -68.79 29.17 10.42
N GLU G 284 -68.38 28.14 11.10
CA GLU G 284 -68.66 26.82 10.60
C GLU G 284 -70.14 26.64 10.58
N ALA G 285 -70.72 27.11 11.66
CA ALA G 285 -72.14 26.99 11.75
C ALA G 285 -72.89 27.86 10.81
N SER G 286 -72.30 28.96 10.35
CA SER G 286 -73.11 29.84 9.52
C SER G 286 -72.95 29.78 8.05
N ASP G 287 -73.93 30.42 7.44
CA ASP G 287 -74.05 30.59 6.02
C ASP G 287 -73.21 31.80 5.60
N GLY G 288 -73.01 32.70 6.57
CA GLY G 288 -72.26 33.90 6.28
C GLY G 288 -72.03 34.76 7.49
N ILE G 289 -71.19 35.75 7.31
CA ILE G 289 -70.83 36.64 8.40
C ILE G 289 -70.93 38.14 8.10
N MET G 290 -71.18 38.87 9.16
CA MET G 290 -71.23 40.31 9.07
C MET G 290 -70.30 40.90 10.09
N VAL G 291 -69.38 41.78 9.68
CA VAL G 291 -68.52 42.38 10.70
C VAL G 291 -69.30 43.58 11.17
N ALA G 292 -69.92 43.47 12.37
CA ALA G 292 -70.78 44.58 12.83
C ALA G 292 -70.02 45.60 13.61
N ARG G 293 -69.36 46.50 12.86
CA ARG G 293 -68.51 47.49 13.47
C ARG G 293 -69.19 48.41 14.44
N GLY G 294 -70.47 48.77 14.19
CA GLY G 294 -71.16 49.67 15.13
C GLY G 294 -71.02 49.18 16.58
N ASP G 295 -71.69 48.10 16.88
CA ASP G 295 -71.63 47.56 18.21
C ASP G 295 -70.29 47.03 18.59
N LEU G 296 -69.60 46.46 17.59
CA LEU G 296 -68.33 45.87 17.87
C LEU G 296 -67.35 46.88 18.41
N GLY G 297 -67.45 48.09 17.83
CA GLY G 297 -66.62 49.23 18.17
C GLY G 297 -66.72 49.64 19.62
N ILE G 298 -67.91 49.40 20.28
CA ILE G 298 -68.08 49.73 21.71
C ILE G 298 -67.80 48.56 22.61
N GLU G 299 -68.19 47.37 22.15
CA GLU G 299 -67.95 46.14 22.88
C GLU G 299 -66.45 45.87 23.13
N ILE G 300 -65.62 46.18 22.12
CA ILE G 300 -64.17 46.04 22.22
C ILE G 300 -63.51 47.37 21.87
N PRO G 301 -62.20 47.55 22.19
CA PRO G 301 -61.51 48.82 21.90
C PRO G 301 -61.55 49.23 20.45
N ALA G 302 -61.94 50.52 20.25
CA ALA G 302 -62.03 51.09 18.93
C ALA G 302 -60.75 50.77 18.17
N GLU G 303 -59.58 50.85 18.84
CA GLU G 303 -58.32 50.53 18.21
C GLU G 303 -58.10 49.08 17.80
N LYS G 304 -58.93 48.16 18.28
CA LYS G 304 -58.77 46.73 18.02
C LYS G 304 -59.58 46.18 16.85
N VAL G 305 -60.63 46.91 16.53
CA VAL G 305 -61.58 46.57 15.50
C VAL G 305 -61.11 46.17 14.12
N PHE G 306 -60.01 46.77 13.61
CA PHE G 306 -59.54 46.46 12.26
C PHE G 306 -58.84 45.13 12.23
N LEU G 307 -58.28 44.78 13.37
CA LEU G 307 -57.67 43.50 13.55
C LEU G 307 -58.77 42.43 13.39
N ALA G 308 -59.86 42.68 14.07
CA ALA G 308 -60.97 41.77 14.04
C ALA G 308 -61.58 41.70 12.67
N GLN G 309 -61.66 42.86 12.03
CA GLN G 309 -62.27 42.95 10.72
C GLN G 309 -61.50 42.16 9.66
N LYS G 310 -60.20 42.29 9.75
CA LYS G 310 -59.33 41.66 8.81
C LYS G 310 -59.28 40.16 9.01
N MET G 311 -59.19 39.79 10.29
CA MET G 311 -59.11 38.39 10.65
C MET G 311 -60.36 37.65 10.15
N ILE G 312 -61.46 38.28 10.45
CA ILE G 312 -62.72 37.74 10.07
C ILE G 312 -62.87 37.59 8.58
N ILE G 313 -62.69 38.71 7.91
CA ILE G 313 -62.78 38.71 6.48
C ILE G 313 -61.81 37.67 5.91
N GLY G 314 -60.59 37.66 6.43
CA GLY G 314 -59.61 36.71 5.97
C GLY G 314 -60.12 35.30 6.13
N ARG G 315 -60.69 35.02 7.29
CA ARG G 315 -61.21 33.67 7.45
C ARG G 315 -62.43 33.35 6.57
N CYS G 316 -63.24 34.31 6.15
CA CYS G 316 -64.38 33.99 5.34
C CYS G 316 -63.95 33.65 3.94
N ASN G 317 -62.96 34.38 3.52
CA ASN G 317 -62.42 34.25 2.22
C ASN G 317 -61.88 32.86 2.05
N ARG G 318 -61.15 32.46 3.10
CA ARG G 318 -60.47 31.17 3.25
C ARG G 318 -61.41 30.00 3.28
N ALA G 319 -62.55 30.23 3.86
CA ALA G 319 -63.53 29.19 3.97
C ALA G 319 -64.48 29.20 2.80
N GLY G 320 -64.73 30.34 2.25
CA GLY G 320 -65.65 30.28 1.13
C GLY G 320 -67.04 30.76 1.45
N LYS G 321 -67.18 31.39 2.61
CA LYS G 321 -68.46 31.93 3.02
C LYS G 321 -68.53 33.44 2.89
N PRO G 322 -69.69 33.89 2.41
CA PRO G 322 -69.92 35.31 2.23
C PRO G 322 -69.64 36.09 3.50
N VAL G 323 -68.98 37.23 3.36
CA VAL G 323 -68.69 38.12 4.49
C VAL G 323 -69.15 39.51 4.14
N ILE G 324 -69.63 40.23 5.16
CA ILE G 324 -70.11 41.60 4.99
C ILE G 324 -69.41 42.53 5.92
N CYS G 325 -68.98 43.64 5.38
CA CYS G 325 -68.36 44.67 6.22
C CYS G 325 -69.45 45.76 6.40
N ALA G 326 -69.66 46.16 7.65
CA ALA G 326 -70.74 47.08 7.88
C ALA G 326 -70.46 48.18 8.85
N THR G 327 -71.34 49.19 8.76
CA THR G 327 -71.44 50.26 9.72
C THR G 327 -70.44 51.39 9.65
N GLN G 328 -70.99 52.60 9.42
CA GLN G 328 -70.23 53.85 9.44
C GLN G 328 -69.21 53.97 8.33
N MET G 329 -69.49 53.30 7.25
CA MET G 329 -68.59 53.32 6.17
C MET G 329 -68.60 54.68 5.50
N LEU G 330 -69.76 55.20 5.26
CA LEU G 330 -69.86 56.52 4.67
C LEU G 330 -70.61 57.44 5.63
N GLU G 331 -70.29 57.33 6.90
CA GLU G 331 -70.99 58.02 7.96
C GLU G 331 -71.39 59.46 7.70
N SER G 332 -70.41 60.29 7.45
CA SER G 332 -70.62 61.70 7.19
C SER G 332 -71.75 61.99 6.19
N MET G 333 -72.02 61.05 5.28
CA MET G 333 -73.05 61.20 4.25
C MET G 333 -74.52 61.21 4.74
N ILE G 334 -74.71 61.17 6.00
CA ILE G 334 -76.04 61.25 6.54
C ILE G 334 -76.51 62.70 6.43
N LYS G 335 -75.48 63.57 6.53
CA LYS G 335 -75.57 65.04 6.49
C LYS G 335 -74.90 65.75 5.28
N LYS G 336 -73.80 65.23 4.75
CA LYS G 336 -73.14 65.90 3.64
C LYS G 336 -73.26 65.13 2.33
N PRO G 337 -72.97 65.78 1.19
CA PRO G 337 -73.09 65.16 -0.14
C PRO G 337 -71.80 64.45 -0.55
N ARG G 338 -70.73 64.72 0.19
CA ARG G 338 -69.45 64.09 -0.08
C ARG G 338 -68.87 63.48 1.21
N PRO G 339 -68.27 62.28 1.12
CA PRO G 339 -67.72 61.59 2.30
C PRO G 339 -66.37 62.17 2.63
N THR G 340 -65.86 61.83 3.82
CA THR G 340 -64.57 62.26 4.29
C THR G 340 -63.51 61.41 3.63
N ARG G 341 -62.24 61.62 3.91
CA ARG G 341 -61.21 60.88 3.25
C ARG G 341 -61.06 59.50 3.86
N ALA G 342 -61.18 59.50 5.19
CA ALA G 342 -61.11 58.30 6.00
C ALA G 342 -62.20 57.34 5.53
N GLU G 343 -63.34 57.92 5.25
CA GLU G 343 -64.44 57.14 4.78
C GLU G 343 -64.09 56.49 3.45
N GLY G 344 -63.60 57.28 2.51
CA GLY G 344 -63.27 56.74 1.20
C GLY G 344 -62.28 55.60 1.33
N SER G 345 -61.39 55.75 2.29
CA SER G 345 -60.36 54.78 2.54
C SER G 345 -60.96 53.48 3.07
N ASP G 346 -61.89 53.63 3.98
CA ASP G 346 -62.61 52.54 4.62
C ASP G 346 -63.25 51.58 3.64
N VAL G 347 -64.13 52.14 2.83
CA VAL G 347 -64.81 51.36 1.84
C VAL G 347 -63.78 50.64 0.99
N ALA G 348 -62.83 51.39 0.37
CA ALA G 348 -61.79 50.82 -0.49
C ALA G 348 -61.09 49.63 0.16
N ASN G 349 -60.53 49.89 1.32
CA ASN G 349 -59.84 48.92 2.10
C ASN G 349 -60.70 47.73 2.43
N ALA G 350 -62.00 47.96 2.63
CA ALA G 350 -62.83 46.82 2.95
C ALA G 350 -62.90 45.86 1.78
N VAL G 351 -62.95 46.44 0.59
CA VAL G 351 -62.99 45.70 -0.69
C VAL G 351 -61.71 44.96 -0.89
N LEU G 352 -60.61 45.68 -0.65
CA LEU G 352 -59.25 45.16 -0.75
C LEU G 352 -59.05 44.03 0.22
N ASP G 353 -59.68 44.20 1.41
CA ASP G 353 -59.61 43.21 2.49
C ASP G 353 -60.25 41.89 2.02
N GLY G 354 -61.23 41.98 1.13
CA GLY G 354 -61.87 40.79 0.61
C GLY G 354 -63.37 40.67 0.88
N ALA G 355 -64.02 41.70 1.49
CA ALA G 355 -65.46 41.64 1.83
C ALA G 355 -66.37 41.37 0.63
N ASP G 356 -67.31 40.43 0.73
CA ASP G 356 -68.19 40.22 -0.40
C ASP G 356 -69.14 41.33 -0.60
N CYS G 357 -69.53 41.89 0.53
CA CYS G 357 -70.49 42.95 0.54
C CYS G 357 -70.08 44.01 1.49
N ILE G 358 -70.67 45.19 1.21
CA ILE G 358 -70.52 46.41 1.98
C ILE G 358 -71.90 46.93 2.29
N MET G 359 -72.03 47.58 3.45
CA MET G 359 -73.30 48.06 3.90
C MET G 359 -73.35 49.53 4.20
N LEU G 360 -74.60 50.03 4.12
CA LEU G 360 -74.99 51.40 4.46
C LEU G 360 -76.11 51.36 5.47
N SER G 361 -75.87 51.92 6.66
CA SER G 361 -76.91 51.90 7.70
C SER G 361 -77.71 53.18 7.68
N GLY G 362 -77.45 54.01 8.68
CA GLY G 362 -78.13 55.30 8.74
C GLY G 362 -78.00 56.12 7.45
N GLU G 363 -76.94 55.87 6.62
CA GLU G 363 -76.71 56.60 5.37
C GLU G 363 -77.92 56.53 4.46
N THR G 364 -78.65 55.39 4.57
CA THR G 364 -79.84 55.16 3.76
C THR G 364 -81.11 55.12 4.59
N ALA G 365 -80.97 54.66 5.83
CA ALA G 365 -82.13 54.56 6.68
C ALA G 365 -82.77 55.92 6.95
N LYS G 366 -81.93 56.90 7.31
CA LYS G 366 -82.45 58.23 7.63
C LYS G 366 -81.70 59.43 7.07
N GLY G 367 -80.45 59.26 6.66
CA GLY G 367 -79.64 60.36 6.20
C GLY G 367 -80.25 61.20 5.10
N ASP G 368 -79.57 62.32 4.83
CA ASP G 368 -80.00 63.26 3.81
C ASP G 368 -79.52 62.93 2.40
N TYR G 369 -78.51 62.09 2.30
CA TYR G 369 -77.97 61.76 0.99
C TYR G 369 -77.80 60.26 0.82
N PRO G 370 -78.92 59.54 0.84
CA PRO G 370 -78.92 58.10 0.71
C PRO G 370 -78.48 57.62 -0.68
N LEU G 371 -79.05 58.20 -1.72
CA LEU G 371 -78.66 57.80 -3.08
C LEU G 371 -77.22 58.07 -3.35
N GLU G 372 -76.77 59.24 -2.89
CA GLU G 372 -75.40 59.66 -3.07
C GLU G 372 -74.50 58.65 -2.45
N ALA G 373 -74.95 58.29 -1.26
CA ALA G 373 -74.24 57.36 -0.49
C ALA G 373 -74.11 56.01 -1.20
N VAL G 374 -75.21 55.60 -1.81
CA VAL G 374 -75.26 54.37 -2.56
C VAL G 374 -74.33 54.49 -3.75
N ARG G 375 -74.41 55.61 -4.43
CA ARG G 375 -73.56 55.79 -5.56
C ARG G 375 -72.08 55.81 -5.21
N MET G 376 -71.75 56.42 -4.08
CA MET G 376 -70.38 56.53 -3.64
C MET G 376 -69.80 55.15 -3.47
N GLN G 377 -70.61 54.33 -2.84
CA GLN G 377 -70.18 52.98 -2.55
C GLN G 377 -69.86 52.22 -3.82
N HIS G 378 -70.71 52.37 -4.80
CA HIS G 378 -70.57 51.78 -6.12
C HIS G 378 -69.31 52.21 -6.84
N LEU G 379 -69.00 53.49 -6.69
CA LEU G 379 -67.86 54.12 -7.32
C LEU G 379 -66.59 53.63 -6.73
N ILE G 380 -66.56 53.59 -5.42
CA ILE G 380 -65.36 53.18 -4.77
C ILE G 380 -65.06 51.71 -4.93
N ALA G 381 -66.11 50.92 -4.89
CA ALA G 381 -65.98 49.49 -5.03
C ALA G 381 -65.28 49.12 -6.33
N ARG G 382 -65.76 49.70 -7.41
CA ARG G 382 -65.20 49.46 -8.69
C ARG G 382 -63.68 49.71 -8.73
N GLU G 383 -63.23 50.81 -8.12
CA GLU G 383 -61.83 51.16 -8.13
C GLU G 383 -60.98 50.14 -7.40
N ALA G 384 -61.49 49.77 -6.23
CA ALA G 384 -60.86 48.83 -5.34
C ALA G 384 -60.85 47.43 -5.91
N GLU G 385 -61.91 47.10 -6.61
CA GLU G 385 -61.97 45.84 -7.27
C GLU G 385 -60.81 45.74 -8.24
N ALA G 386 -60.73 46.74 -9.11
CA ALA G 386 -59.65 46.77 -10.07
C ALA G 386 -58.30 46.73 -9.35
N ALA G 387 -58.27 47.32 -8.17
CA ALA G 387 -57.05 47.41 -7.38
C ALA G 387 -56.62 46.18 -6.65
N MET G 388 -57.27 45.08 -6.88
CA MET G 388 -56.75 43.99 -6.11
C MET G 388 -55.60 43.27 -6.77
N PHE G 389 -54.88 42.51 -5.93
CA PHE G 389 -53.76 41.73 -6.38
C PHE G 389 -54.22 40.30 -6.70
N HIS G 390 -55.15 40.17 -7.66
CA HIS G 390 -55.72 38.91 -8.09
C HIS G 390 -54.72 37.78 -8.19
N ARG G 391 -53.60 38.04 -8.83
CA ARG G 391 -52.63 37.00 -9.02
C ARG G 391 -52.20 36.40 -7.74
N LYS G 392 -51.82 37.24 -6.82
CA LYS G 392 -51.38 36.72 -5.55
C LYS G 392 -52.53 36.05 -4.78
N LEU G 393 -53.63 36.74 -4.73
CA LEU G 393 -54.85 36.28 -4.11
C LEU G 393 -55.17 34.85 -4.54
N PHE G 394 -55.38 34.67 -5.86
CA PHE G 394 -55.67 33.37 -6.42
C PHE G 394 -54.71 32.32 -5.91
N GLU G 395 -53.43 32.54 -6.13
CA GLU G 395 -52.44 31.63 -5.61
C GLU G 395 -52.56 31.33 -4.09
N GLU G 396 -52.82 32.34 -3.28
CA GLU G 396 -52.94 32.13 -1.83
C GLU G 396 -54.23 31.40 -1.44
N LEU G 397 -55.26 31.56 -2.26
CA LEU G 397 -56.58 30.93 -2.07
C LEU G 397 -56.48 29.43 -2.43
N ALA G 398 -55.72 29.10 -3.48
CA ALA G 398 -55.58 27.72 -3.89
C ALA G 398 -54.76 26.94 -2.90
N ARG G 399 -53.84 27.66 -2.24
CA ARG G 399 -52.99 27.09 -1.22
C ARG G 399 -53.84 26.74 0.00
N SER G 400 -54.77 27.62 0.32
CA SER G 400 -55.59 27.40 1.46
C SER G 400 -56.68 26.37 1.24
N SER G 401 -57.06 26.22 -0.04
CA SER G 401 -58.07 25.29 -0.51
C SER G 401 -57.48 23.90 -0.85
N SER G 402 -56.15 23.88 -0.85
CA SER G 402 -55.23 22.81 -1.14
C SER G 402 -55.68 21.44 -0.72
N HIS G 403 -56.21 21.37 0.50
CA HIS G 403 -56.66 20.11 1.03
C HIS G 403 -57.77 19.43 0.23
N SER G 404 -58.59 20.26 -0.43
CA SER G 404 -59.70 19.81 -1.26
C SER G 404 -59.35 19.52 -2.73
N THR G 405 -60.02 18.50 -3.24
CA THR G 405 -59.89 17.96 -4.57
C THR G 405 -61.25 18.03 -5.23
N ASP G 406 -62.20 18.66 -4.53
CA ASP G 406 -63.56 18.83 -5.04
C ASP G 406 -63.59 19.23 -6.51
N LEU G 407 -64.50 18.61 -7.26
CA LEU G 407 -64.56 18.78 -8.70
C LEU G 407 -65.07 20.08 -9.24
N MET G 408 -65.96 20.72 -8.52
CA MET G 408 -66.50 22.00 -8.97
C MET G 408 -65.48 23.08 -8.55
N GLU G 409 -64.67 22.71 -7.57
CA GLU G 409 -63.62 23.57 -7.10
C GLU G 409 -62.66 23.62 -8.27
N ALA G 410 -62.25 22.41 -8.72
CA ALA G 410 -61.37 22.21 -9.86
C ALA G 410 -61.86 22.93 -11.12
N MET G 411 -63.17 22.87 -11.42
CA MET G 411 -63.71 23.56 -12.59
C MET G 411 -63.67 25.09 -12.38
N ALA G 412 -63.93 25.57 -11.16
CA ALA G 412 -63.93 27.00 -10.83
C ALA G 412 -62.55 27.65 -11.04
N MET G 413 -61.57 27.12 -10.30
CA MET G 413 -60.14 27.50 -10.36
C MET G 413 -59.66 27.49 -11.81
N GLY G 414 -59.99 26.44 -12.54
CA GLY G 414 -59.61 26.40 -13.93
C GLY G 414 -60.25 27.52 -14.73
N SER G 415 -61.50 27.88 -14.36
CA SER G 415 -62.26 28.91 -15.07
C SER G 415 -61.79 30.33 -14.80
N VAL G 416 -61.52 30.56 -13.54
CA VAL G 416 -61.00 31.81 -13.07
C VAL G 416 -59.69 32.03 -13.80
N GLU G 417 -58.76 31.09 -13.58
CA GLU G 417 -57.46 31.04 -14.24
C GLU G 417 -57.58 31.33 -15.74
N ALA G 418 -58.45 30.62 -16.45
CA ALA G 418 -58.60 30.90 -17.86
C ALA G 418 -59.10 32.32 -18.10
N SER G 419 -59.95 32.82 -17.18
CA SER G 419 -60.44 34.20 -17.37
C SER G 419 -59.32 35.24 -17.34
N TYR G 420 -58.44 35.07 -16.36
CA TYR G 420 -57.32 35.92 -16.17
C TYR G 420 -56.46 35.83 -17.37
N LYS G 421 -56.17 34.59 -17.76
CA LYS G 421 -55.29 34.33 -18.88
C LYS G 421 -55.64 35.09 -20.13
N CYS G 422 -56.90 35.04 -20.52
CA CYS G 422 -57.29 35.71 -21.77
C CYS G 422 -58.17 36.96 -21.55
N LEU G 423 -58.13 37.48 -20.32
CA LEU G 423 -58.89 38.66 -19.91
C LEU G 423 -60.30 38.64 -20.44
N ALA G 424 -60.98 37.55 -20.09
CA ALA G 424 -62.35 37.31 -20.48
C ALA G 424 -63.26 38.41 -19.89
N ALA G 425 -64.26 38.82 -20.65
CA ALA G 425 -65.20 39.86 -20.25
C ALA G 425 -66.12 39.44 -19.08
N ALA G 426 -66.35 38.14 -19.01
CA ALA G 426 -67.17 37.57 -17.98
C ALA G 426 -67.11 36.11 -18.03
N LEU G 427 -67.58 35.61 -16.94
CA LEU G 427 -67.77 34.23 -16.71
C LEU G 427 -69.28 34.06 -16.65
N ILE G 428 -69.79 33.22 -17.49
CA ILE G 428 -71.21 32.96 -17.50
C ILE G 428 -71.47 31.60 -16.85
N VAL G 429 -72.27 31.58 -15.80
CA VAL G 429 -72.54 30.30 -15.13
C VAL G 429 -74.01 29.93 -15.04
N LEU G 430 -74.35 28.69 -15.44
CA LEU G 430 -75.73 28.18 -15.37
C LEU G 430 -75.92 27.46 -14.07
N THR G 431 -76.83 27.97 -13.24
CA THR G 431 -77.00 27.37 -11.93
C THR G 431 -78.43 27.40 -11.39
N GLU G 432 -78.73 26.50 -10.46
CA GLU G 432 -80.06 26.51 -9.89
C GLU G 432 -80.08 26.70 -8.39
N SER G 433 -79.09 26.12 -7.72
CA SER G 433 -78.89 26.26 -6.29
C SER G 433 -77.90 27.39 -6.11
N GLY G 434 -77.29 27.75 -7.22
CA GLY G 434 -76.30 28.79 -7.21
C GLY G 434 -74.92 28.30 -6.76
N ARG G 435 -74.82 27.04 -6.38
CA ARG G 435 -73.57 26.47 -5.90
C ARG G 435 -72.39 26.66 -6.87
N SER G 436 -72.60 26.25 -8.12
CA SER G 436 -71.59 26.33 -9.16
C SER G 436 -70.93 27.72 -9.16
N ALA G 437 -71.79 28.75 -9.13
CA ALA G 437 -71.45 30.16 -9.10
C ALA G 437 -70.67 30.57 -7.85
N HIS G 438 -71.19 30.21 -6.68
CA HIS G 438 -70.48 30.52 -5.45
C HIS G 438 -69.04 29.99 -5.45
N GLN G 439 -68.83 28.94 -6.24
CA GLN G 439 -67.56 28.23 -6.35
C GLN G 439 -66.62 29.07 -7.12
N VAL G 440 -67.17 29.57 -8.21
CA VAL G 440 -66.41 30.45 -9.07
C VAL G 440 -66.00 31.68 -8.28
N ALA G 441 -67.01 32.29 -7.64
CA ALA G 441 -66.83 33.51 -6.86
C ALA G 441 -65.77 33.42 -5.80
N ARG G 442 -65.66 32.25 -5.18
CA ARG G 442 -64.68 32.16 -4.12
C ARG G 442 -63.25 32.28 -4.58
N TYR G 443 -63.07 32.02 -5.87
CA TYR G 443 -61.74 32.04 -6.47
C TYR G 443 -61.32 33.38 -6.98
N ARG G 444 -62.20 34.36 -6.77
CA ARG G 444 -61.99 35.77 -7.11
C ARG G 444 -61.61 36.12 -8.52
N PRO G 445 -62.43 35.80 -9.51
CA PRO G 445 -62.06 36.23 -10.83
C PRO G 445 -62.13 37.71 -10.80
N ARG G 446 -61.58 38.29 -11.83
CA ARG G 446 -61.58 39.70 -11.97
C ARG G 446 -62.86 40.12 -12.68
N ALA G 447 -63.20 39.29 -13.64
CA ALA G 447 -64.38 39.49 -14.45
C ALA G 447 -65.66 39.16 -13.72
N PRO G 448 -66.74 39.78 -14.19
CA PRO G 448 -68.08 39.63 -13.64
C PRO G 448 -68.64 38.23 -13.91
N ILE G 449 -69.28 37.64 -12.90
CA ILE G 449 -69.94 36.32 -13.01
C ILE G 449 -71.44 36.48 -13.27
N ILE G 450 -71.88 36.20 -14.49
CA ILE G 450 -73.29 36.32 -14.82
C ILE G 450 -74.00 35.03 -14.56
N ALA G 451 -74.70 34.99 -13.49
CA ALA G 451 -75.35 33.78 -13.17
C ALA G 451 -76.80 33.75 -13.59
N VAL G 452 -77.04 32.99 -14.63
CA VAL G 452 -78.37 32.75 -15.15
C VAL G 452 -79.07 31.57 -14.41
N THR G 453 -80.23 31.83 -13.80
CA THR G 453 -80.95 30.80 -13.05
C THR G 453 -82.46 30.90 -13.20
N ARG G 454 -83.14 29.80 -12.87
CA ARG G 454 -84.61 29.75 -12.92
C ARG G 454 -85.23 29.79 -11.51
N ASN G 455 -84.36 29.73 -10.48
CA ASN G 455 -84.75 29.80 -9.09
C ASN G 455 -84.54 31.25 -8.63
N HIS G 456 -85.63 32.00 -8.38
CA HIS G 456 -85.55 33.41 -7.98
C HIS G 456 -84.77 33.68 -6.68
N GLN G 457 -85.08 32.92 -5.66
CA GLN G 457 -84.41 33.02 -4.40
C GLN G 457 -82.88 32.89 -4.57
N THR G 458 -82.42 31.96 -5.43
CA THR G 458 -81.00 31.78 -5.72
C THR G 458 -80.44 33.11 -6.20
N ALA G 459 -81.14 33.68 -7.20
CA ALA G 459 -80.84 34.96 -7.78
C ALA G 459 -80.66 36.06 -6.72
N ARG G 460 -81.64 36.22 -5.87
CA ARG G 460 -81.49 37.22 -4.84
C ARG G 460 -80.34 36.90 -3.90
N GLN G 461 -80.33 35.67 -3.45
CA GLN G 461 -79.31 35.21 -2.51
C GLN G 461 -77.88 35.30 -3.00
N ALA G 462 -77.69 35.33 -4.34
CA ALA G 462 -76.39 35.38 -5.01
C ALA G 462 -75.58 36.62 -4.74
N HIS G 463 -76.30 37.72 -4.50
CA HIS G 463 -75.74 39.03 -4.22
C HIS G 463 -74.81 39.00 -3.05
N LEU G 464 -74.90 37.91 -2.31
CA LEU G 464 -74.10 37.69 -1.14
C LEU G 464 -72.64 37.36 -1.48
N TYR G 465 -72.45 36.83 -2.68
CA TYR G 465 -71.15 36.36 -3.15
C TYR G 465 -70.49 37.32 -4.10
N ARG G 466 -69.24 37.63 -3.78
CA ARG G 466 -68.52 38.58 -4.56
C ARG G 466 -68.56 38.40 -6.07
N GLY G 467 -68.85 39.49 -6.75
CA GLY G 467 -68.88 39.55 -8.19
C GLY G 467 -69.89 38.64 -8.91
N ILE G 468 -70.92 38.14 -8.22
CA ILE G 468 -71.93 37.33 -8.89
C ILE G 468 -73.15 38.21 -9.24
N PHE G 469 -73.37 38.37 -10.55
CA PHE G 469 -74.47 39.16 -11.08
C PHE G 469 -75.57 38.22 -11.56
N PRO G 470 -76.59 38.05 -10.76
CA PRO G 470 -77.71 37.18 -11.04
C PRO G 470 -78.67 37.55 -12.15
N VAL G 471 -78.96 36.55 -12.99
CA VAL G 471 -79.90 36.73 -14.08
C VAL G 471 -80.99 35.70 -14.13
N VAL G 472 -82.20 36.17 -13.96
CA VAL G 472 -83.37 35.32 -13.89
C VAL G 472 -83.97 34.85 -15.21
N CYS G 473 -84.09 33.54 -15.40
CA CYS G 473 -84.66 33.06 -16.64
C CYS G 473 -86.12 32.66 -16.45
N LYS G 474 -86.99 33.44 -17.12
CA LYS G 474 -88.44 33.30 -17.08
C LYS G 474 -88.97 32.39 -18.19
N ASP G 475 -88.12 32.10 -19.16
CA ASP G 475 -88.53 31.20 -20.21
C ASP G 475 -88.72 29.84 -19.56
N PRO G 476 -89.38 28.92 -20.28
CA PRO G 476 -89.61 27.58 -19.75
C PRO G 476 -88.58 26.61 -20.30
N VAL G 477 -88.44 25.46 -19.66
CA VAL G 477 -87.46 24.49 -20.09
C VAL G 477 -87.65 23.85 -21.47
N GLN G 478 -86.64 24.06 -22.34
CA GLN G 478 -86.63 23.52 -23.71
C GLN G 478 -86.54 22.02 -23.69
N GLU G 479 -87.19 21.40 -24.68
CA GLU G 479 -87.16 19.95 -24.72
C GLU G 479 -85.79 19.44 -25.06
N ALA G 480 -85.00 20.32 -25.63
CA ALA G 480 -83.66 19.97 -25.97
C ALA G 480 -82.69 20.69 -25.06
N TRP G 481 -82.01 19.89 -24.24
CA TRP G 481 -81.04 20.32 -23.26
C TRP G 481 -80.16 21.41 -23.82
N ALA G 482 -79.63 21.11 -25.01
CA ALA G 482 -78.76 22.01 -25.74
C ALA G 482 -79.47 23.34 -25.89
N GLU G 483 -80.69 23.25 -26.40
CA GLU G 483 -81.56 24.39 -26.61
C GLU G 483 -81.76 25.19 -25.32
N ASP G 484 -82.06 24.44 -24.28
CA ASP G 484 -82.29 25.01 -22.98
C ASP G 484 -81.09 25.81 -22.53
N VAL G 485 -79.93 25.20 -22.72
CA VAL G 485 -78.65 25.79 -22.36
C VAL G 485 -78.30 26.98 -23.21
N ASP G 486 -78.33 26.75 -24.50
CA ASP G 486 -77.96 27.84 -25.38
C ASP G 486 -78.86 29.05 -25.26
N LEU G 487 -80.04 28.78 -24.73
CA LEU G 487 -81.00 29.83 -24.56
C LEU G 487 -80.69 30.58 -23.33
N ARG G 488 -80.39 29.82 -22.32
CA ARG G 488 -80.00 30.45 -21.11
C ARG G 488 -78.72 31.22 -21.36
N VAL G 489 -77.73 30.59 -21.99
CA VAL G 489 -76.48 31.27 -22.28
C VAL G 489 -76.74 32.57 -23.03
N ASN G 490 -77.60 32.46 -24.01
CA ASN G 490 -77.92 33.58 -24.79
C ASN G 490 -78.55 34.73 -24.01
N LEU G 491 -79.20 34.37 -22.94
CA LEU G 491 -79.80 35.39 -22.11
C LEU G 491 -78.68 36.26 -21.55
N ALA G 492 -77.75 35.58 -20.88
CA ALA G 492 -76.57 36.15 -20.29
C ALA G 492 -75.88 37.03 -21.30
N MET G 493 -75.88 36.59 -22.54
CA MET G 493 -75.23 37.37 -23.55
C MET G 493 -75.85 38.76 -23.69
N ASN G 494 -77.17 38.77 -23.83
CA ASN G 494 -77.92 40.00 -23.98
C ASN G 494 -77.83 40.90 -22.77
N VAL G 495 -77.73 40.26 -21.66
CA VAL G 495 -77.63 40.97 -20.42
C VAL G 495 -76.33 41.74 -20.29
N GLY G 496 -75.22 41.07 -20.52
CA GLY G 496 -73.93 41.73 -20.38
C GLY G 496 -73.68 42.79 -21.42
N LYS G 497 -74.25 42.56 -22.60
CA LYS G 497 -74.17 43.46 -23.70
C LYS G 497 -74.89 44.71 -23.32
N ALA G 498 -76.13 44.48 -22.85
CA ALA G 498 -77.03 45.53 -22.41
C ALA G 498 -76.48 46.41 -21.30
N ARG G 499 -75.76 45.80 -20.35
CA ARG G 499 -75.18 46.50 -19.22
C ARG G 499 -73.77 47.03 -19.50
N GLY G 500 -73.40 46.91 -20.74
CA GLY G 500 -72.12 47.38 -21.15
C GLY G 500 -70.98 46.56 -20.58
N PHE G 501 -71.25 45.29 -20.26
CA PHE G 501 -70.26 44.39 -19.76
C PHE G 501 -69.31 43.88 -20.81
N PHE G 502 -69.77 43.88 -22.05
CA PHE G 502 -68.99 43.42 -23.18
C PHE G 502 -69.78 43.69 -24.45
N LYS G 503 -69.11 43.47 -25.58
CA LYS G 503 -69.68 43.61 -26.90
C LYS G 503 -69.34 42.39 -27.74
N LYS G 504 -69.68 42.49 -29.02
CA LYS G 504 -69.40 41.44 -29.97
C LYS G 504 -67.91 41.26 -30.09
N GLY G 505 -67.49 40.00 -30.19
CA GLY G 505 -66.09 39.69 -30.35
C GLY G 505 -65.44 39.35 -29.03
N ASP G 506 -65.85 40.10 -28.01
CA ASP G 506 -65.34 39.91 -26.66
C ASP G 506 -65.37 38.43 -26.30
N VAL G 507 -64.57 38.04 -25.33
CA VAL G 507 -64.57 36.65 -25.02
C VAL G 507 -65.04 36.48 -23.64
N VAL G 508 -65.86 35.44 -23.48
CA VAL G 508 -66.38 35.09 -22.16
C VAL G 508 -66.07 33.63 -21.87
N ILE G 509 -66.03 33.29 -20.58
CA ILE G 509 -65.81 31.90 -20.21
C ILE G 509 -67.18 31.33 -19.93
N VAL G 510 -67.52 30.23 -20.60
CA VAL G 510 -68.85 29.67 -20.38
C VAL G 510 -68.89 28.39 -19.54
N LEU G 511 -69.74 28.42 -18.52
CA LEU G 511 -69.88 27.30 -17.59
C LEU G 511 -71.26 26.67 -17.60
N THR G 512 -71.27 25.40 -18.00
CA THR G 512 -72.48 24.64 -18.06
C THR G 512 -72.34 23.21 -17.58
N GLY G 513 -73.49 22.50 -17.57
CA GLY G 513 -73.55 21.10 -17.20
C GLY G 513 -73.73 20.28 -18.52
N TRP G 514 -72.88 19.26 -18.74
CA TRP G 514 -72.90 18.43 -19.94
C TRP G 514 -74.29 17.93 -20.36
N ARG G 515 -75.03 17.53 -19.36
CA ARG G 515 -76.37 17.09 -19.55
C ARG G 515 -77.12 17.48 -18.31
N PRO G 516 -78.40 17.28 -18.39
CA PRO G 516 -79.25 17.55 -17.27
C PRO G 516 -78.75 16.77 -16.08
N GLY G 517 -79.00 17.28 -14.88
CA GLY G 517 -78.60 16.63 -13.65
C GLY G 517 -77.16 16.16 -13.69
N SER G 518 -76.30 17.07 -14.18
CA SER G 518 -74.89 16.83 -14.29
C SER G 518 -74.29 16.93 -12.88
N GLY G 519 -75.00 17.70 -12.03
CA GLY G 519 -74.63 17.87 -10.64
C GLY G 519 -73.92 19.18 -10.40
N PHE G 520 -73.21 19.60 -11.44
CA PHE G 520 -72.47 20.82 -11.44
C PHE G 520 -72.18 21.26 -12.87
N THR G 521 -71.49 22.36 -12.95
CA THR G 521 -71.13 22.89 -14.24
C THR G 521 -69.79 22.24 -14.59
N ASN G 522 -69.88 21.16 -15.38
CA ASN G 522 -68.72 20.33 -15.69
C ASN G 522 -68.16 20.55 -17.06
N THR G 523 -68.79 21.50 -17.72
CA THR G 523 -68.39 21.91 -19.04
C THR G 523 -67.97 23.36 -19.09
N MET G 524 -66.71 23.59 -19.46
CA MET G 524 -66.20 24.95 -19.54
C MET G 524 -65.79 25.33 -20.96
N ARG G 525 -66.25 26.49 -21.39
CA ARG G 525 -65.88 26.89 -22.74
C ARG G 525 -65.41 28.31 -22.81
N VAL G 526 -64.54 28.49 -23.76
CA VAL G 526 -64.05 29.78 -24.07
C VAL G 526 -64.76 30.18 -25.32
N VAL G 527 -65.58 31.23 -25.13
CA VAL G 527 -66.50 31.73 -26.13
C VAL G 527 -66.42 33.25 -26.40
N PRO G 528 -66.72 33.61 -27.66
CA PRO G 528 -66.74 34.98 -28.16
C PRO G 528 -68.13 35.58 -28.17
N VAL G 529 -68.19 36.87 -27.81
CA VAL G 529 -69.48 37.54 -27.81
C VAL G 529 -69.99 37.82 -29.21
N PRO G 530 -71.16 37.28 -29.45
CA PRO G 530 -71.82 37.35 -30.71
C PRO G 530 -72.55 38.67 -30.81
N ILE H 12 -50.24 6.08 2.58
CA ILE H 12 -49.77 5.58 1.26
C ILE H 12 -49.17 6.69 0.40
N GLN H 13 -47.86 6.65 0.20
CA GLN H 13 -47.18 7.63 -0.62
C GLN H 13 -47.20 7.38 -2.12
N THR H 14 -47.41 8.45 -2.83
CA THR H 14 -47.43 8.27 -4.24
C THR H 14 -47.13 9.51 -5.04
N GLN H 15 -46.32 9.30 -6.08
CA GLN H 15 -45.96 10.36 -6.99
C GLN H 15 -45.44 11.60 -6.29
N GLN H 16 -44.75 11.43 -5.17
CA GLN H 16 -44.21 12.55 -4.43
C GLN H 16 -45.24 13.63 -4.14
N LEU H 17 -46.49 13.20 -3.99
CA LEU H 17 -47.63 14.09 -3.70
C LEU H 17 -47.51 14.90 -2.39
N HIS H 18 -46.68 14.45 -1.47
CA HIS H 18 -46.50 15.16 -0.23
C HIS H 18 -45.47 16.25 -0.41
N ALA H 19 -44.47 15.94 -1.21
CA ALA H 19 -43.45 16.92 -1.47
C ALA H 19 -44.10 18.03 -2.25
N ALA H 20 -45.06 17.59 -3.08
CA ALA H 20 -45.83 18.47 -3.94
C ALA H 20 -46.56 19.59 -3.19
N MET H 21 -46.89 19.31 -1.93
CA MET H 21 -47.63 20.24 -1.10
C MET H 21 -46.75 21.24 -0.38
N ALA H 22 -45.43 21.12 -0.56
CA ALA H 22 -44.50 22.01 0.11
C ALA H 22 -44.68 23.50 -0.18
N ASP H 23 -44.20 24.30 0.75
CA ASP H 23 -44.25 25.74 0.64
C ASP H 23 -43.02 26.24 -0.11
N THR H 24 -41.84 25.86 0.37
CA THR H 24 -40.57 26.22 -0.19
C THR H 24 -39.95 25.15 -1.07
N PHE H 25 -38.95 25.54 -1.89
CA PHE H 25 -38.25 24.56 -2.72
C PHE H 25 -37.44 23.61 -1.80
N LEU H 26 -36.86 24.21 -0.76
CA LEU H 26 -36.08 23.49 0.22
C LEU H 26 -36.92 22.42 0.83
N GLU H 27 -38.15 22.84 1.21
CA GLU H 27 -39.11 21.94 1.84
C GLU H 27 -39.49 20.83 0.90
N HIS H 28 -39.76 21.19 -0.37
CA HIS H 28 -40.05 20.20 -1.39
C HIS H 28 -38.93 19.18 -1.40
N MET H 29 -37.72 19.69 -1.50
CA MET H 29 -36.52 18.87 -1.52
C MET H 29 -36.51 17.93 -0.33
N CYS H 30 -36.75 18.53 0.81
CA CYS H 30 -36.78 17.88 2.10
C CYS H 30 -37.86 16.80 2.20
N ARG H 31 -38.80 16.82 1.26
CA ARG H 31 -39.93 15.90 1.23
C ARG H 31 -39.82 14.74 0.22
N LEU H 32 -38.78 14.71 -0.59
CA LEU H 32 -38.61 13.65 -1.58
C LEU H 32 -38.49 12.29 -0.88
N ASP H 33 -39.29 11.34 -1.36
CA ASP H 33 -39.43 10.01 -0.78
C ASP H 33 -39.17 8.85 -1.71
N ILE H 34 -38.15 8.09 -1.36
CA ILE H 34 -37.79 6.92 -2.12
C ILE H 34 -38.93 5.89 -2.03
N ASP H 35 -39.76 6.07 -1.03
CA ASP H 35 -40.85 5.14 -0.88
C ASP H 35 -42.13 5.72 -1.46
N SER H 36 -42.05 6.84 -2.11
CA SER H 36 -43.28 7.32 -2.68
C SER H 36 -43.39 6.80 -4.11
N ALA H 37 -44.47 6.09 -4.34
CA ALA H 37 -44.60 5.47 -5.62
C ALA H 37 -45.09 6.29 -6.78
N PRO H 38 -44.33 6.20 -7.89
CA PRO H 38 -44.71 6.89 -9.08
C PRO H 38 -45.73 6.10 -9.84
N ILE H 39 -46.35 6.82 -10.76
CA ILE H 39 -47.32 6.29 -11.69
C ILE H 39 -46.65 5.57 -12.88
N THR H 40 -47.47 5.01 -13.75
CA THR H 40 -47.04 4.26 -14.90
C THR H 40 -46.62 5.08 -16.10
N ALA H 41 -47.34 6.19 -16.30
CA ALA H 41 -47.06 7.03 -17.45
C ALA H 41 -45.73 7.78 -17.34
N ARG H 42 -44.89 7.68 -18.38
CA ARG H 42 -43.55 8.30 -18.38
C ARG H 42 -43.67 9.46 -19.37
N ASN H 43 -43.45 10.70 -18.89
CA ASN H 43 -43.68 11.84 -19.77
C ASN H 43 -42.53 12.28 -20.68
N THR H 44 -41.30 12.02 -20.28
CA THR H 44 -40.18 12.44 -21.10
C THR H 44 -39.97 11.49 -22.28
N GLY H 45 -39.96 11.98 -23.50
CA GLY H 45 -39.75 11.09 -24.63
C GLY H 45 -38.31 10.61 -24.64
N ILE H 46 -38.11 9.45 -25.20
CA ILE H 46 -36.78 8.88 -25.22
C ILE H 46 -36.30 8.76 -26.63
N ILE H 47 -35.16 9.41 -26.90
CA ILE H 47 -34.60 9.38 -28.23
C ILE H 47 -33.42 8.44 -28.31
N CYS H 48 -33.54 7.46 -29.22
CA CYS H 48 -32.49 6.50 -29.42
C CYS H 48 -31.85 6.58 -30.78
N THR H 49 -30.53 6.51 -30.74
CA THR H 49 -29.75 6.56 -31.94
C THR H 49 -29.56 5.14 -32.37
N ILE H 50 -30.10 4.78 -33.53
CA ILE H 50 -29.99 3.42 -34.00
C ILE H 50 -28.62 3.13 -34.59
N GLY H 51 -28.06 1.99 -34.25
CA GLY H 51 -26.78 1.64 -34.78
C GLY H 51 -26.69 0.15 -35.07
N PRO H 52 -25.44 -0.31 -35.23
CA PRO H 52 -25.18 -1.72 -35.47
C PRO H 52 -25.80 -2.47 -34.34
N ALA H 53 -25.67 -1.84 -33.19
CA ALA H 53 -26.21 -2.39 -32.00
C ALA H 53 -27.72 -2.39 -31.96
N SER H 54 -28.40 -1.70 -32.88
CA SER H 54 -29.83 -1.73 -32.70
C SER H 54 -30.70 -1.70 -33.94
N ARG H 55 -30.09 -1.79 -35.13
CA ARG H 55 -30.85 -1.72 -36.38
C ARG H 55 -31.66 -2.94 -36.76
N SER H 56 -31.49 -4.05 -36.02
CA SER H 56 -32.24 -5.26 -36.35
C SER H 56 -33.71 -5.05 -36.06
N VAL H 57 -34.55 -5.53 -36.96
CA VAL H 57 -35.97 -5.40 -36.77
C VAL H 57 -36.37 -5.95 -35.42
N GLU H 58 -35.66 -6.99 -35.01
CA GLU H 58 -35.87 -7.65 -33.74
C GLU H 58 -35.42 -6.85 -32.52
N THR H 59 -34.29 -6.21 -32.62
CA THR H 59 -33.84 -5.43 -31.51
C THR H 59 -34.81 -4.29 -31.36
N LEU H 60 -35.18 -3.76 -32.50
CA LEU H 60 -36.06 -2.62 -32.58
C LEU H 60 -37.36 -2.85 -31.86
N LYS H 61 -37.95 -4.00 -32.05
CA LYS H 61 -39.22 -4.20 -31.40
C LYS H 61 -38.99 -4.23 -29.92
N GLU H 62 -37.82 -4.69 -29.58
CA GLU H 62 -37.55 -4.73 -28.17
C GLU H 62 -37.35 -3.32 -27.66
N MET H 63 -36.69 -2.51 -28.48
CA MET H 63 -36.43 -1.12 -28.20
C MET H 63 -37.75 -0.41 -27.92
N ILE H 64 -38.62 -0.57 -28.85
CA ILE H 64 -39.92 0.00 -28.74
C ILE H 64 -40.61 -0.44 -27.45
N LYS H 65 -40.67 -1.73 -27.23
CA LYS H 65 -41.27 -2.25 -26.01
C LYS H 65 -40.58 -1.66 -24.79
N SER H 66 -39.28 -1.45 -24.89
CA SER H 66 -38.54 -0.92 -23.76
C SER H 66 -38.76 0.55 -23.50
N GLY H 67 -39.40 1.25 -24.42
CA GLY H 67 -39.61 2.67 -24.12
C GLY H 67 -39.11 3.67 -25.16
N MET H 68 -38.55 3.23 -26.30
CA MET H 68 -38.07 4.15 -27.33
C MET H 68 -39.17 4.85 -28.01
N ASN H 69 -39.06 6.18 -28.07
CA ASN H 69 -40.08 7.01 -28.68
C ASN H 69 -39.68 7.58 -30.05
N VAL H 70 -38.36 7.76 -30.20
CA VAL H 70 -37.83 8.31 -31.45
C VAL H 70 -36.60 7.60 -31.85
N ALA H 71 -36.58 7.34 -33.15
CA ALA H 71 -35.45 6.71 -33.78
C ALA H 71 -34.63 7.82 -34.41
N ARG H 72 -33.41 7.97 -33.92
CA ARG H 72 -32.51 9.00 -34.38
C ARG H 72 -31.43 8.47 -35.35
N MET H 73 -31.47 8.93 -36.60
CA MET H 73 -30.48 8.58 -37.64
C MET H 73 -29.39 9.63 -37.74
N ASN H 74 -28.23 9.28 -37.23
CA ASN H 74 -27.06 10.14 -37.24
C ASN H 74 -26.35 10.07 -38.60
N PHE H 75 -26.53 11.12 -39.36
CA PHE H 75 -25.94 11.20 -40.69
C PHE H 75 -24.45 11.42 -40.75
N SER H 76 -23.80 11.58 -39.59
CA SER H 76 -22.35 11.77 -39.57
C SER H 76 -21.65 10.64 -40.34
N HIS H 77 -22.25 9.46 -40.24
CA HIS H 77 -21.75 8.26 -40.86
C HIS H 77 -22.82 7.44 -41.59
N GLY H 78 -22.37 6.48 -42.35
CA GLY H 78 -23.30 5.63 -43.05
C GLY H 78 -23.82 6.33 -44.24
N THR H 79 -24.06 5.44 -45.19
CA THR H 79 -24.52 5.83 -46.49
C THR H 79 -26.01 5.95 -46.60
N HIS H 80 -26.39 6.44 -47.75
CA HIS H 80 -27.77 6.58 -47.98
C HIS H 80 -28.44 5.25 -47.93
N GLU H 81 -27.78 4.26 -48.47
CA GLU H 81 -28.37 2.95 -48.51
C GLU H 81 -28.52 2.39 -47.12
N TYR H 82 -27.49 2.64 -46.34
CA TYR H 82 -27.45 2.17 -44.99
C TYR H 82 -28.62 2.70 -44.22
N HIS H 83 -28.74 4.02 -44.21
CA HIS H 83 -29.80 4.69 -43.46
C HIS H 83 -31.15 4.37 -44.00
N ALA H 84 -31.22 4.11 -45.29
CA ALA H 84 -32.54 3.82 -45.81
C ALA H 84 -32.96 2.49 -45.21
N GLU H 85 -31.98 1.61 -45.02
CA GLU H 85 -32.30 0.33 -44.41
C GLU H 85 -32.77 0.50 -42.98
N THR H 86 -31.99 1.24 -42.20
CA THR H 86 -32.32 1.50 -40.82
C THR H 86 -33.77 1.98 -40.66
N ILE H 87 -34.16 2.98 -41.47
CA ILE H 87 -35.52 3.53 -41.45
C ILE H 87 -36.58 2.46 -41.72
N LYS H 88 -36.26 1.61 -42.68
CA LYS H 88 -37.14 0.51 -43.05
C LYS H 88 -37.34 -0.40 -41.87
N ASN H 89 -36.21 -0.85 -41.31
CA ASN H 89 -36.29 -1.71 -40.12
C ASN H 89 -37.11 -1.07 -39.02
N VAL H 90 -36.83 0.22 -38.75
CA VAL H 90 -37.54 1.02 -37.76
C VAL H 90 -39.04 1.04 -37.99
N ARG H 91 -39.42 1.13 -39.24
CA ARG H 91 -40.82 1.14 -39.58
C ARG H 91 -41.50 -0.22 -39.45
N THR H 92 -40.78 -1.25 -39.87
CA THR H 92 -41.26 -2.61 -39.80
C THR H 92 -41.57 -2.99 -38.35
N ALA H 93 -40.60 -2.74 -37.50
CA ALA H 93 -40.74 -3.02 -36.09
C ALA H 93 -41.96 -2.29 -35.56
N THR H 94 -42.06 -1.03 -35.92
CA THR H 94 -43.18 -0.22 -35.50
C THR H 94 -44.53 -0.80 -35.85
N GLU H 95 -44.74 -1.07 -37.14
CA GLU H 95 -46.00 -1.59 -37.62
C GLU H 95 -46.29 -2.96 -37.13
N SER H 96 -45.26 -3.60 -36.62
CA SER H 96 -45.44 -4.93 -36.13
C SER H 96 -46.41 -4.94 -34.93
N PHE H 97 -46.49 -3.80 -34.29
CA PHE H 97 -47.36 -3.69 -33.15
C PHE H 97 -48.75 -3.17 -33.50
N ALA H 98 -48.91 -2.89 -34.77
CA ALA H 98 -50.12 -2.33 -35.31
C ALA H 98 -51.31 -3.27 -35.32
N SER H 99 -51.08 -4.55 -35.06
CA SER H 99 -52.20 -5.48 -35.05
C SER H 99 -53.25 -5.07 -34.05
N ASP H 100 -52.77 -4.54 -32.89
CA ASP H 100 -53.62 -4.06 -31.79
C ASP H 100 -53.65 -2.54 -31.62
N PRO H 101 -54.53 -1.90 -32.39
CA PRO H 101 -54.76 -0.45 -32.43
C PRO H 101 -54.64 0.30 -31.10
N ILE H 102 -54.85 -0.42 -29.99
CA ILE H 102 -54.75 0.20 -28.68
C ILE H 102 -53.27 0.38 -28.29
N LEU H 103 -52.61 -0.77 -28.14
CA LEU H 103 -51.20 -0.89 -27.77
C LEU H 103 -50.17 -0.60 -28.88
N TYR H 104 -50.59 0.13 -29.89
CA TYR H 104 -49.70 0.52 -30.96
C TYR H 104 -49.01 1.79 -30.47
N ARG H 105 -47.77 1.98 -30.77
CA ARG H 105 -47.14 3.19 -30.30
C ARG H 105 -46.53 3.90 -31.46
N PRO H 106 -47.03 5.07 -31.79
CA PRO H 106 -46.37 5.76 -32.89
C PRO H 106 -44.88 6.02 -32.52
N VAL H 107 -44.02 5.85 -33.52
CA VAL H 107 -42.58 6.04 -33.37
C VAL H 107 -42.16 6.93 -34.48
N ALA H 108 -41.45 8.00 -34.10
CA ALA H 108 -40.93 9.01 -34.99
C ALA H 108 -39.51 8.71 -35.51
N VAL H 109 -39.27 9.21 -36.73
CA VAL H 109 -37.99 9.08 -37.41
C VAL H 109 -37.30 10.45 -37.46
N ALA H 110 -36.15 10.58 -36.79
CA ALA H 110 -35.41 11.84 -36.80
C ALA H 110 -34.11 11.73 -37.59
N LEU H 111 -33.74 12.83 -38.21
CA LEU H 111 -32.52 12.83 -38.99
C LEU H 111 -31.55 13.85 -38.40
N ASP H 112 -30.44 13.35 -37.94
CA ASP H 112 -29.47 14.22 -37.36
C ASP H 112 -28.36 14.50 -38.36
N THR H 113 -28.26 15.76 -38.78
CA THR H 113 -27.28 16.13 -39.78
C THR H 113 -25.85 16.12 -39.30
N LYS H 114 -24.94 15.83 -40.26
CA LYS H 114 -23.49 15.79 -40.06
C LYS H 114 -22.97 17.16 -39.66
N GLY H 115 -23.47 18.18 -40.42
CA GLY H 115 -23.13 19.59 -40.26
C GLY H 115 -21.76 19.96 -40.83
N PRO H 116 -21.48 21.25 -40.77
CA PRO H 116 -20.23 21.81 -41.23
C PRO H 116 -19.08 21.33 -40.38
N GLU H 117 -17.91 21.12 -41.01
CA GLU H 117 -16.73 20.64 -40.29
C GLU H 117 -15.40 21.22 -40.76
N ILE H 118 -14.50 21.37 -39.78
CA ILE H 118 -13.14 21.80 -40.03
C ILE H 118 -12.27 20.62 -39.68
N ARG H 119 -11.48 20.18 -40.65
CA ARG H 119 -10.57 19.08 -40.45
C ARG H 119 -9.16 19.37 -40.92
N THR H 120 -8.28 18.56 -40.35
CA THR H 120 -6.90 18.57 -40.72
C THR H 120 -6.64 17.66 -41.93
N GLY H 121 -5.40 17.65 -42.48
CA GLY H 121 -5.05 16.78 -43.59
C GLY H 121 -4.37 15.51 -43.06
N LEU H 122 -3.53 14.90 -43.88
CA LEU H 122 -2.85 13.72 -43.40
C LEU H 122 -1.46 13.99 -42.95
N ILE H 123 -1.16 13.33 -41.87
CA ILE H 123 0.14 13.35 -41.27
C ILE H 123 1.05 12.55 -42.17
N LYS H 124 2.17 13.12 -42.58
CA LYS H 124 3.11 12.38 -43.41
C LYS H 124 2.54 11.64 -44.64
N GLY H 125 1.22 11.63 -44.83
CA GLY H 125 0.61 10.95 -46.00
C GLY H 125 -0.25 9.71 -45.68
N SER H 126 -0.22 9.29 -44.43
CA SER H 126 -0.97 8.14 -43.99
C SER H 126 -2.31 8.62 -43.52
N GLY H 127 -3.26 7.73 -43.57
CA GLY H 127 -4.53 8.06 -42.99
C GLY H 127 -4.44 7.50 -41.57
N THR H 128 -3.35 6.74 -41.36
CA THR H 128 -3.07 6.02 -40.13
C THR H 128 -1.92 6.57 -39.28
N ALA H 129 -1.05 7.42 -39.84
CA ALA H 129 0.07 7.95 -39.06
C ALA H 129 -0.31 9.01 -38.02
N GLU H 130 0.45 9.04 -36.93
CA GLU H 130 0.28 9.93 -35.80
C GLU H 130 1.60 10.46 -35.29
N VAL H 131 1.60 11.73 -34.92
CA VAL H 131 2.77 12.38 -34.40
C VAL H 131 2.54 12.89 -33.00
N GLU H 132 3.65 13.09 -32.29
CA GLU H 132 3.53 13.57 -30.93
C GLU H 132 3.67 15.07 -30.73
N LEU H 133 2.54 15.67 -30.31
CA LEU H 133 2.50 17.09 -30.02
C LEU H 133 2.77 17.34 -28.57
N LYS H 134 3.92 17.92 -28.33
CA LYS H 134 4.32 18.17 -26.98
C LYS H 134 3.98 19.58 -26.47
N LYS H 135 3.67 19.63 -25.20
CA LYS H 135 3.31 20.87 -24.60
C LYS H 135 4.43 21.92 -24.64
N GLY H 136 4.02 23.18 -24.84
CA GLY H 136 4.94 24.30 -24.95
C GLY H 136 5.61 24.37 -26.35
N ALA H 137 5.56 23.26 -27.09
CA ALA H 137 6.15 23.22 -28.40
C ALA H 137 5.47 24.22 -29.30
N THR H 138 5.96 24.37 -30.50
CA THR H 138 5.36 25.30 -31.43
C THR H 138 4.88 24.52 -32.65
N LEU H 139 3.73 24.96 -33.16
CA LEU H 139 3.11 24.33 -34.32
C LEU H 139 2.44 25.38 -35.16
N LYS H 140 2.64 25.26 -36.45
CA LYS H 140 2.08 26.23 -37.35
C LYS H 140 0.98 25.66 -38.18
N ILE H 141 -0.13 26.38 -38.15
CA ILE H 141 -1.30 26.05 -38.91
C ILE H 141 -1.15 26.80 -40.20
N THR H 142 -1.28 26.06 -41.29
CA THR H 142 -1.11 26.52 -42.64
C THR H 142 -2.38 26.31 -43.42
N LEU H 143 -2.54 27.13 -44.43
CA LEU H 143 -3.68 27.01 -45.30
C LEU H 143 -3.23 26.48 -46.68
N ASP H 144 -1.91 26.29 -46.81
CA ASP H 144 -1.20 25.85 -48.02
C ASP H 144 -1.46 24.40 -48.43
N ASN H 145 -2.35 24.19 -49.42
CA ASN H 145 -2.67 22.85 -49.85
C ASN H 145 -1.46 21.97 -50.18
N ALA H 146 -0.34 22.59 -50.51
CA ALA H 146 0.83 21.78 -50.83
C ALA H 146 1.18 20.89 -49.65
N TYR H 147 0.69 21.33 -48.50
CA TYR H 147 0.95 20.67 -47.24
C TYR H 147 -0.17 19.77 -46.79
N MET H 148 -1.25 19.84 -47.56
CA MET H 148 -2.46 19.09 -47.34
C MET H 148 -2.21 17.64 -46.89
N GLU H 149 -1.25 16.95 -47.51
CA GLU H 149 -0.99 15.57 -47.10
C GLU H 149 0.35 15.38 -46.40
N LYS H 150 0.88 16.45 -45.82
CA LYS H 150 2.18 16.37 -45.18
C LYS H 150 2.18 17.08 -43.85
N CYS H 151 1.25 16.65 -43.02
CA CYS H 151 1.14 17.21 -41.69
C CYS H 151 2.12 16.52 -40.79
N ASP H 152 2.66 17.28 -39.86
CA ASP H 152 3.62 16.74 -38.92
C ASP H 152 3.59 17.55 -37.66
N GLU H 153 4.52 17.28 -36.76
CA GLU H 153 4.57 18.00 -35.50
C GLU H 153 5.00 19.47 -35.65
N ASN H 154 5.31 19.82 -36.88
CA ASN H 154 5.77 21.16 -37.11
C ASN H 154 4.77 21.93 -37.87
N ILE H 155 4.14 21.21 -38.79
CA ILE H 155 3.19 21.81 -39.67
C ILE H 155 1.89 21.07 -39.71
N LEU H 156 0.84 21.87 -39.68
CA LEU H 156 -0.51 21.39 -39.70
C LEU H 156 -1.39 22.22 -40.62
N TRP H 157 -1.99 21.49 -41.56
CA TRP H 157 -2.91 21.95 -42.56
C TRP H 157 -4.31 21.61 -42.18
N LEU H 158 -5.16 22.55 -42.47
CA LEU H 158 -6.57 22.38 -42.31
C LEU H 158 -7.31 23.00 -43.46
N ASP H 159 -8.59 22.73 -43.49
CA ASP H 159 -9.40 23.13 -44.61
C ASP H 159 -10.25 24.36 -44.47
N TYR H 160 -10.10 25.08 -43.37
CA TYR H 160 -10.89 26.26 -43.12
C TYR H 160 -10.25 27.54 -43.59
N LYS H 161 -10.47 27.74 -44.86
CA LYS H 161 -9.86 28.86 -45.59
C LYS H 161 -9.95 30.18 -44.85
N ASN H 162 -11.02 30.32 -44.13
CA ASN H 162 -11.24 31.53 -43.41
C ASN H 162 -10.79 31.60 -42.01
N ILE H 163 -10.17 30.53 -41.55
CA ILE H 163 -9.73 30.48 -40.18
C ILE H 163 -8.94 31.71 -39.75
N CYS H 164 -8.26 32.34 -40.72
CA CYS H 164 -7.44 33.47 -40.40
C CYS H 164 -8.20 34.70 -40.03
N LYS H 165 -9.35 34.83 -40.68
CA LYS H 165 -10.25 35.93 -40.44
C LYS H 165 -11.08 35.75 -39.18
N VAL H 166 -11.23 34.52 -38.70
CA VAL H 166 -12.00 34.32 -37.56
C VAL H 166 -11.29 34.18 -36.25
N VAL H 167 -10.04 33.73 -36.28
CA VAL H 167 -9.31 33.59 -35.01
C VAL H 167 -8.43 34.75 -34.78
N ASP H 168 -8.22 35.07 -33.49
CA ASP H 168 -7.40 36.19 -33.00
C ASP H 168 -6.21 35.66 -32.21
N VAL H 169 -5.16 36.44 -32.14
CA VAL H 169 -4.03 36.05 -31.34
C VAL H 169 -4.54 35.89 -29.91
N GLY H 170 -4.06 34.87 -29.19
CA GLY H 170 -4.54 34.67 -27.84
C GLY H 170 -5.69 33.70 -27.79
N SER H 171 -6.31 33.53 -28.94
CA SER H 171 -7.38 32.58 -29.08
C SER H 171 -6.83 31.15 -29.14
N LYS H 172 -7.72 30.17 -28.94
CA LYS H 172 -7.35 28.77 -28.96
C LYS H 172 -7.97 28.03 -30.13
N VAL H 173 -7.22 27.00 -30.55
CA VAL H 173 -7.60 26.08 -31.61
C VAL H 173 -7.64 24.71 -30.98
N TYR H 174 -8.78 24.04 -31.11
CA TYR H 174 -8.88 22.74 -30.51
C TYR H 174 -8.87 21.69 -31.55
N VAL H 175 -8.09 20.65 -31.33
CA VAL H 175 -8.00 19.60 -32.30
C VAL H 175 -8.34 18.24 -31.70
N ASP H 176 -9.07 17.43 -32.48
CA ASP H 176 -9.43 16.03 -32.11
C ASP H 176 -10.22 15.96 -30.83
N ASP H 177 -11.52 16.25 -31.02
CA ASP H 177 -12.49 16.34 -29.97
C ASP H 177 -11.92 16.99 -28.70
N GLY H 178 -11.16 18.09 -28.93
CA GLY H 178 -10.55 18.86 -27.85
C GLY H 178 -9.35 18.15 -27.25
N LEU H 179 -8.90 17.06 -27.89
CA LEU H 179 -7.77 16.34 -27.32
C LEU H 179 -6.59 17.26 -27.15
N ILE H 180 -6.27 17.95 -28.25
CA ILE H 180 -5.19 18.89 -28.30
C ILE H 180 -5.73 20.30 -28.31
N SER H 181 -5.07 21.11 -27.51
CA SER H 181 -5.33 22.52 -27.34
C SER H 181 -4.13 23.36 -27.86
N LEU H 182 -4.39 24.26 -28.81
CA LEU H 182 -3.35 25.11 -29.36
C LEU H 182 -3.59 26.57 -28.98
N GLN H 183 -2.53 27.37 -28.90
CA GLN H 183 -2.72 28.77 -28.59
C GLN H 183 -2.06 29.72 -29.61
N VAL H 184 -2.88 30.50 -30.35
CA VAL H 184 -2.40 31.42 -31.38
C VAL H 184 -1.52 32.52 -30.89
N LYS H 185 -0.21 32.37 -31.12
CA LYS H 185 0.81 33.32 -30.72
C LYS H 185 1.03 34.38 -31.76
N GLN H 186 0.92 33.95 -32.99
CA GLN H 186 1.14 34.86 -34.02
C GLN H 186 0.33 34.57 -35.28
N LYS H 187 -0.02 35.65 -36.00
CA LYS H 187 -0.81 35.52 -37.22
C LYS H 187 -0.04 35.74 -38.51
N GLY H 188 -0.76 35.47 -39.58
CA GLY H 188 -0.27 35.59 -40.89
C GLY H 188 -1.44 35.63 -41.82
N PRO H 189 -1.10 35.77 -43.06
CA PRO H 189 -2.10 35.86 -44.07
C PRO H 189 -2.81 34.54 -44.28
N ASP H 190 -2.04 33.46 -44.41
CA ASP H 190 -2.55 32.13 -44.69
C ASP H 190 -2.13 31.18 -43.62
N PHE H 191 -1.62 31.73 -42.52
CA PHE H 191 -1.14 30.86 -41.49
C PHE H 191 -1.30 31.43 -40.07
N LEU H 192 -0.88 30.63 -39.09
CA LEU H 192 -0.93 31.00 -37.69
C LEU H 192 0.08 30.19 -36.93
N VAL H 193 0.66 30.86 -35.98
CA VAL H 193 1.65 30.30 -35.18
C VAL H 193 1.06 30.02 -33.87
N THR H 194 1.20 28.78 -33.50
CA THR H 194 0.67 28.41 -32.23
C THR H 194 1.73 27.82 -31.32
N GLU H 195 1.32 27.64 -30.10
CA GLU H 195 2.09 27.01 -29.07
C GLU H 195 1.20 25.91 -28.49
N VAL H 196 1.71 24.68 -28.43
CA VAL H 196 0.92 23.60 -27.87
C VAL H 196 0.64 23.85 -26.38
N GLU H 197 -0.64 23.94 -26.08
CA GLU H 197 -1.06 24.16 -24.72
C GLU H 197 -1.21 22.83 -23.99
N ASN H 198 -2.01 21.95 -24.61
CA ASN H 198 -2.25 20.58 -24.20
C ASN H 198 -1.98 19.65 -25.35
N GLY H 199 -0.92 18.85 -25.17
CA GLY H 199 -0.45 17.91 -26.17
C GLY H 199 -1.16 16.57 -26.22
N GLY H 200 -0.61 15.76 -27.10
CA GLY H 200 -1.09 14.43 -27.35
C GLY H 200 -0.67 13.99 -28.74
N PHE H 201 -1.20 12.85 -29.11
CA PHE H 201 -0.93 12.25 -30.37
C PHE H 201 -1.92 12.69 -31.39
N LEU H 202 -1.43 13.33 -32.43
CA LEU H 202 -2.35 13.77 -33.44
C LEU H 202 -2.39 12.88 -34.69
N GLY H 203 -3.59 12.74 -35.23
CA GLY H 203 -3.77 11.92 -36.39
C GLY H 203 -4.19 12.75 -37.57
N SER H 204 -4.66 12.04 -38.54
CA SER H 204 -5.05 12.60 -39.78
C SER H 204 -6.48 12.98 -39.80
N LYS H 205 -6.73 14.07 -40.51
CA LYS H 205 -8.06 14.55 -40.70
C LYS H 205 -8.84 14.59 -39.42
N LYS H 206 -8.29 15.24 -38.44
CA LYS H 206 -8.99 15.32 -37.21
C LYS H 206 -9.82 16.55 -37.23
N GLY H 207 -10.76 16.52 -36.29
CA GLY H 207 -11.71 17.59 -36.09
C GLY H 207 -11.14 18.80 -35.37
N VAL H 208 -11.59 19.96 -35.85
CA VAL H 208 -11.14 21.20 -35.31
C VAL H 208 -12.27 22.04 -34.74
N ASN H 209 -11.97 22.71 -33.62
CA ASN H 209 -12.89 23.53 -32.88
C ASN H 209 -12.28 24.87 -32.53
N LEU H 210 -13.02 25.92 -32.84
CA LEU H 210 -12.62 27.32 -32.63
C LEU H 210 -13.41 27.95 -31.51
N PRO H 211 -12.96 27.70 -30.32
CA PRO H 211 -13.64 28.23 -29.18
C PRO H 211 -13.79 29.72 -29.17
N GLY H 212 -15.04 30.15 -29.20
CA GLY H 212 -15.37 31.56 -29.13
C GLY H 212 -15.47 32.29 -30.46
N ALA H 213 -15.14 31.58 -31.52
CA ALA H 213 -15.15 32.07 -32.90
C ALA H 213 -16.53 32.12 -33.55
N ALA H 214 -16.68 33.10 -34.42
CA ALA H 214 -17.88 33.25 -35.19
C ALA H 214 -17.61 32.72 -36.59
N VAL H 215 -17.69 31.43 -36.68
CA VAL H 215 -17.39 30.73 -37.89
C VAL H 215 -18.27 31.13 -39.08
N ASP H 216 -17.55 31.29 -40.18
CA ASP H 216 -17.95 31.69 -41.52
C ASP H 216 -18.72 30.62 -42.24
N LEU H 217 -18.55 29.38 -41.75
CA LEU H 217 -19.13 28.17 -42.34
C LEU H 217 -20.55 28.30 -42.74
N PRO H 218 -20.92 27.52 -43.72
CA PRO H 218 -22.27 27.59 -44.17
C PRO H 218 -23.22 27.01 -43.15
N ALA H 219 -24.52 27.16 -43.41
CA ALA H 219 -25.52 26.62 -42.52
C ALA H 219 -25.60 25.13 -42.69
N VAL H 220 -25.41 24.77 -43.95
CA VAL H 220 -25.46 23.41 -44.41
C VAL H 220 -24.26 23.05 -45.28
N SER H 221 -23.66 21.88 -45.04
CA SER H 221 -22.56 21.41 -45.84
C SER H 221 -23.15 20.95 -47.17
N GLU H 222 -22.36 20.45 -48.12
CA GLU H 222 -23.02 20.00 -49.34
C GLU H 222 -23.72 18.68 -49.08
N LYS H 223 -23.07 17.82 -48.28
CA LYS H 223 -23.62 16.52 -47.93
C LYS H 223 -24.96 16.70 -47.28
N ASP H 224 -25.01 17.62 -46.28
CA ASP H 224 -26.24 17.96 -45.54
C ASP H 224 -27.33 18.34 -46.50
N ILE H 225 -26.96 18.82 -47.67
CA ILE H 225 -28.02 19.15 -48.61
C ILE H 225 -28.63 17.88 -49.23
N GLN H 226 -27.78 16.94 -49.58
CA GLN H 226 -28.31 15.74 -50.16
C GLN H 226 -29.08 14.97 -49.09
N ASP H 227 -28.50 14.98 -47.91
CA ASP H 227 -29.08 14.30 -46.76
C ASP H 227 -30.49 14.79 -46.55
N LEU H 228 -30.68 16.12 -46.42
CA LEU H 228 -32.02 16.70 -46.22
C LEU H 228 -32.93 16.32 -47.37
N LYS H 229 -32.39 16.41 -48.57
CA LYS H 229 -33.18 16.06 -49.72
C LYS H 229 -33.68 14.62 -49.64
N PHE H 230 -32.81 13.75 -49.17
CA PHE H 230 -33.12 12.35 -48.95
C PHE H 230 -34.11 12.15 -47.77
N GLY H 231 -33.89 12.88 -46.68
CA GLY H 231 -34.77 12.81 -45.52
C GLY H 231 -36.23 13.06 -45.89
N VAL H 232 -36.46 14.02 -46.78
CA VAL H 232 -37.79 14.36 -47.25
C VAL H 232 -38.37 13.23 -48.05
N GLU H 233 -37.48 12.58 -48.79
CA GLU H 233 -37.84 11.46 -49.60
C GLU H 233 -38.23 10.35 -48.68
N GLN H 234 -37.48 10.27 -47.58
CA GLN H 234 -37.71 9.26 -46.56
C GLN H 234 -38.86 9.60 -45.62
N ASP H 235 -39.39 10.79 -45.79
CA ASP H 235 -40.50 11.18 -44.98
C ASP H 235 -40.21 11.18 -43.48
N VAL H 236 -39.04 11.72 -43.12
CA VAL H 236 -38.61 11.82 -41.73
C VAL H 236 -39.60 12.76 -41.02
N ASP H 237 -39.60 12.75 -39.70
CA ASP H 237 -40.54 13.55 -38.93
C ASP H 237 -39.98 14.87 -38.47
N MET H 238 -38.70 14.88 -38.31
CA MET H 238 -38.01 16.03 -37.81
C MET H 238 -36.58 15.93 -38.19
N VAL H 239 -35.94 17.08 -38.06
CA VAL H 239 -34.57 17.19 -38.38
C VAL H 239 -33.84 17.78 -37.22
N PHE H 240 -32.71 17.17 -36.87
CA PHE H 240 -31.85 17.73 -35.86
C PHE H 240 -30.70 18.31 -36.66
N ALA H 241 -30.70 19.67 -36.77
CA ALA H 241 -29.71 20.45 -37.53
C ALA H 241 -28.43 20.72 -36.75
N SER H 242 -27.27 20.20 -37.22
CA SER H 242 -26.04 20.42 -36.44
C SER H 242 -25.43 21.82 -36.56
N PHE H 243 -24.69 22.22 -35.51
CA PHE H 243 -23.96 23.46 -35.46
C PHE H 243 -24.76 24.74 -35.80
N ILE H 244 -25.96 24.92 -35.24
CA ILE H 244 -26.73 26.12 -35.55
C ILE H 244 -26.18 27.30 -34.77
N ARG H 245 -25.85 28.39 -35.48
CA ARG H 245 -25.21 29.51 -34.83
C ARG H 245 -26.04 30.77 -34.79
N LYS H 246 -27.01 30.77 -35.64
CA LYS H 246 -27.81 31.94 -35.76
C LYS H 246 -29.06 31.62 -36.55
N ALA H 247 -30.02 32.54 -36.46
CA ALA H 247 -31.34 32.38 -37.10
C ALA H 247 -31.31 32.08 -38.56
N ALA H 248 -30.42 32.75 -39.27
CA ALA H 248 -30.30 32.51 -40.71
C ALA H 248 -29.94 31.06 -41.08
N ASP H 249 -29.21 30.42 -40.16
CA ASP H 249 -28.81 29.05 -40.32
C ASP H 249 -30.07 28.22 -40.37
N VAL H 250 -30.99 28.59 -39.47
CA VAL H 250 -32.29 27.91 -39.37
C VAL H 250 -33.14 28.08 -40.62
N HIS H 251 -33.18 29.34 -41.04
CA HIS H 251 -33.92 29.71 -42.22
C HIS H 251 -33.30 28.98 -43.40
N GLU H 252 -31.99 28.82 -43.32
CA GLU H 252 -31.35 28.12 -44.40
C GLU H 252 -31.90 26.73 -44.47
N VAL H 253 -31.76 26.02 -43.35
CA VAL H 253 -32.23 24.66 -43.23
C VAL H 253 -33.64 24.50 -43.72
N ARG H 254 -34.44 25.38 -43.17
CA ARG H 254 -35.83 25.46 -43.45
C ARG H 254 -36.08 25.63 -44.94
N LYS H 255 -35.15 26.33 -45.63
CA LYS H 255 -35.23 26.59 -47.07
C LYS H 255 -34.96 25.36 -47.90
N ILE H 256 -34.00 24.54 -47.45
CA ILE H 256 -33.68 23.31 -48.13
C ILE H 256 -34.85 22.33 -48.14
N LEU H 257 -35.51 22.17 -46.98
CA LEU H 257 -36.66 21.27 -46.83
C LEU H 257 -37.86 21.70 -47.69
N GLY H 258 -37.91 22.99 -47.98
CA GLY H 258 -38.94 23.54 -48.82
C GLY H 258 -40.37 23.15 -48.46
N GLU H 259 -41.23 23.43 -49.43
CA GLU H 259 -42.64 23.15 -49.38
C GLU H 259 -42.85 21.71 -49.10
N LYS H 260 -42.01 20.92 -49.76
CA LYS H 260 -42.05 19.50 -49.63
C LYS H 260 -41.97 19.07 -48.15
N GLY H 261 -40.98 19.58 -47.43
CA GLY H 261 -40.82 19.22 -46.03
C GLY H 261 -41.23 20.32 -45.08
N LYS H 262 -42.26 21.05 -45.43
CA LYS H 262 -42.70 22.15 -44.58
C LYS H 262 -43.33 21.72 -43.24
N ASN H 263 -43.61 20.44 -43.11
CA ASN H 263 -44.18 19.91 -41.88
C ASN H 263 -43.15 19.23 -41.02
N ILE H 264 -41.99 19.05 -41.60
CA ILE H 264 -40.91 18.44 -40.92
C ILE H 264 -40.48 19.42 -39.84
N LYS H 265 -40.31 18.95 -38.64
CA LYS H 265 -39.89 19.84 -37.60
C LYS H 265 -38.38 20.01 -37.49
N ILE H 266 -38.01 21.25 -37.28
CA ILE H 266 -36.65 21.59 -37.17
C ILE H 266 -36.17 21.84 -35.77
N ILE H 267 -35.32 20.91 -35.32
CA ILE H 267 -34.68 21.02 -34.01
C ILE H 267 -33.24 21.54 -34.21
N SER H 268 -32.92 22.68 -33.63
CA SER H 268 -31.58 23.22 -33.82
C SER H 268 -30.65 22.75 -32.74
N LYS H 269 -29.49 22.26 -33.16
CA LYS H 269 -28.55 21.83 -32.19
C LYS H 269 -27.63 22.96 -31.79
N ILE H 270 -27.56 23.21 -30.51
CA ILE H 270 -26.70 24.24 -29.96
C ILE H 270 -25.36 23.63 -29.56
N GLU H 271 -24.31 23.89 -30.34
CA GLU H 271 -23.05 23.26 -29.98
C GLU H 271 -21.86 24.12 -29.78
N ASN H 272 -22.01 25.45 -29.68
CA ASN H 272 -20.85 26.34 -29.45
C ASN H 272 -21.22 27.63 -28.77
N HIS H 273 -20.17 28.40 -28.45
CA HIS H 273 -20.43 29.69 -27.82
C HIS H 273 -21.44 30.53 -28.63
N GLU H 274 -21.21 30.69 -29.91
CA GLU H 274 -22.11 31.49 -30.70
C GLU H 274 -23.57 31.04 -30.64
N GLY H 275 -23.80 29.75 -30.71
CA GLY H 275 -25.18 29.26 -30.65
C GLY H 275 -25.81 29.63 -29.30
N VAL H 276 -25.07 29.44 -28.21
CA VAL H 276 -25.56 29.82 -26.87
C VAL H 276 -25.81 31.35 -26.85
N ARG H 277 -24.76 32.12 -27.08
CA ARG H 277 -24.87 33.57 -27.13
C ARG H 277 -25.98 34.05 -28.09
N ARG H 278 -26.23 33.39 -29.22
CA ARG H 278 -27.33 33.89 -30.07
C ARG H 278 -28.63 33.10 -29.94
N PHE H 279 -28.72 32.48 -28.79
CA PHE H 279 -29.79 31.60 -28.43
C PHE H 279 -31.21 32.00 -28.68
N ASP H 280 -31.56 33.18 -28.23
CA ASP H 280 -32.93 33.67 -28.39
C ASP H 280 -33.47 33.70 -29.82
N GLU H 281 -32.68 34.18 -30.76
CA GLU H 281 -33.13 34.27 -32.15
C GLU H 281 -33.19 32.90 -32.82
N ILE H 282 -32.36 32.01 -32.30
CA ILE H 282 -32.32 30.68 -32.80
C ILE H 282 -33.56 29.99 -32.29
N LEU H 283 -33.85 30.21 -31.00
CA LEU H 283 -35.03 29.58 -30.41
C LEU H 283 -36.25 29.92 -31.26
N GLU H 284 -36.49 31.20 -31.37
CA GLU H 284 -37.59 31.75 -32.12
C GLU H 284 -37.81 31.16 -33.48
N ALA H 285 -36.75 30.99 -34.21
CA ALA H 285 -36.92 30.50 -35.55
C ALA H 285 -37.12 29.00 -35.62
N SER H 286 -36.66 28.31 -34.59
CA SER H 286 -36.69 26.88 -34.59
C SER H 286 -37.98 26.34 -34.12
N ASP H 287 -38.13 25.06 -34.40
CA ASP H 287 -39.28 24.36 -33.91
C ASP H 287 -38.93 23.74 -32.55
N GLY H 288 -37.63 23.54 -32.30
CA GLY H 288 -37.20 22.97 -31.06
C GLY H 288 -35.73 23.10 -31.00
N ILE H 289 -35.18 22.66 -29.88
CA ILE H 289 -33.77 22.78 -29.68
C ILE H 289 -33.19 21.52 -29.15
N MET H 290 -31.93 21.35 -29.43
CA MET H 290 -31.24 20.25 -28.89
C MET H 290 -29.97 20.72 -28.19
N VAL H 291 -29.85 20.46 -26.87
CA VAL H 291 -28.65 20.81 -26.09
C VAL H 291 -27.54 19.79 -26.42
N ALA H 292 -26.88 19.89 -27.60
CA ALA H 292 -25.84 18.95 -28.05
C ALA H 292 -24.63 18.98 -27.14
N ARG H 293 -24.73 18.32 -26.00
CA ARG H 293 -23.65 18.42 -25.03
C ARG H 293 -22.27 17.90 -25.36
N GLY H 294 -22.15 17.06 -26.35
CA GLY H 294 -20.79 16.52 -26.62
C GLY H 294 -19.98 17.65 -27.17
N ASP H 295 -20.41 18.10 -28.34
CA ASP H 295 -19.72 19.19 -28.98
C ASP H 295 -19.65 20.43 -28.12
N LEU H 296 -20.76 20.79 -27.50
CA LEU H 296 -20.75 21.97 -26.68
C LEU H 296 -19.70 21.91 -25.59
N GLY H 297 -19.40 20.71 -25.12
CA GLY H 297 -18.44 20.62 -24.01
C GLY H 297 -16.98 20.60 -24.44
N ILE H 298 -16.77 20.64 -25.77
CA ILE H 298 -15.45 20.72 -26.39
C ILE H 298 -15.17 22.23 -26.67
N GLU H 299 -16.21 22.86 -27.23
CA GLU H 299 -16.24 24.27 -27.59
C GLU H 299 -16.03 25.11 -26.34
N ILE H 300 -16.85 24.87 -25.31
CA ILE H 300 -16.76 25.60 -24.09
C ILE H 300 -16.20 24.73 -22.98
N PRO H 301 -15.70 25.37 -21.89
CA PRO H 301 -15.18 24.66 -20.77
C PRO H 301 -16.23 23.68 -20.30
N ALA H 302 -15.79 22.50 -20.01
CA ALA H 302 -16.71 21.49 -19.64
C ALA H 302 -17.46 21.81 -18.38
N GLU H 303 -16.78 22.48 -17.47
CA GLU H 303 -17.40 22.84 -16.21
C GLU H 303 -18.55 23.80 -16.37
N LYS H 304 -18.78 24.29 -17.59
CA LYS H 304 -19.81 25.29 -17.80
C LYS H 304 -21.01 24.77 -18.53
N VAL H 305 -20.91 23.57 -18.99
CA VAL H 305 -22.00 22.98 -19.74
C VAL H 305 -23.39 23.00 -19.03
N PHE H 306 -23.41 22.76 -17.71
CA PHE H 306 -24.65 22.79 -16.94
C PHE H 306 -25.33 24.16 -16.97
N LEU H 307 -24.56 25.24 -17.00
CA LEU H 307 -25.17 26.58 -17.08
C LEU H 307 -25.90 26.67 -18.40
N ALA H 308 -25.22 26.25 -19.43
CA ALA H 308 -25.84 26.32 -20.72
C ALA H 308 -27.03 25.47 -20.84
N GLN H 309 -26.94 24.28 -20.29
CA GLN H 309 -28.04 23.39 -20.41
C GLN H 309 -29.31 23.92 -19.69
N LYS H 310 -29.11 24.42 -18.46
CA LYS H 310 -30.21 24.98 -17.66
C LYS H 310 -30.77 26.26 -18.25
N MET H 311 -29.87 27.10 -18.73
CA MET H 311 -30.35 28.34 -19.32
C MET H 311 -31.24 28.03 -20.51
N ILE H 312 -30.82 27.01 -21.29
CA ILE H 312 -31.51 26.60 -22.52
C ILE H 312 -32.84 25.95 -22.24
N ILE H 313 -32.82 25.07 -21.27
CA ILE H 313 -34.03 24.38 -20.87
C ILE H 313 -35.04 25.37 -20.30
N GLY H 314 -34.54 26.34 -19.51
CA GLY H 314 -35.42 27.39 -18.98
C GLY H 314 -36.19 28.06 -20.14
N ARG H 315 -35.41 28.74 -20.94
CA ARG H 315 -35.91 29.42 -22.11
C ARG H 315 -36.86 28.62 -23.01
N CYS H 316 -36.63 27.31 -23.18
CA CYS H 316 -37.53 26.53 -24.05
C CYS H 316 -38.83 26.28 -23.37
N ASN H 317 -38.69 26.00 -22.10
CA ASN H 317 -39.86 25.79 -21.29
C ASN H 317 -40.66 27.07 -21.31
N ARG H 318 -39.95 28.15 -21.05
CA ARG H 318 -40.52 29.49 -21.09
C ARG H 318 -41.26 29.73 -22.40
N ALA H 319 -40.66 29.37 -23.52
CA ALA H 319 -41.34 29.60 -24.79
C ALA H 319 -42.29 28.53 -25.18
N GLY H 320 -42.20 27.40 -24.54
CA GLY H 320 -43.10 26.36 -24.96
C GLY H 320 -42.65 25.63 -26.22
N LYS H 321 -41.33 25.51 -26.37
CA LYS H 321 -40.76 24.79 -27.50
C LYS H 321 -40.04 23.53 -27.00
N PRO H 322 -40.19 22.42 -27.70
CA PRO H 322 -39.54 21.20 -27.27
C PRO H 322 -38.02 21.33 -27.14
N VAL H 323 -37.46 20.83 -26.06
CA VAL H 323 -36.02 20.86 -25.86
C VAL H 323 -35.55 19.49 -25.48
N ILE H 324 -34.44 19.06 -26.12
CA ILE H 324 -33.80 17.77 -25.91
C ILE H 324 -32.48 17.86 -25.18
N CYS H 325 -32.31 17.05 -24.15
CA CYS H 325 -31.03 16.99 -23.48
C CYS H 325 -30.27 15.85 -24.14
N ALA H 326 -29.00 16.05 -24.51
CA ALA H 326 -28.32 14.98 -25.19
C ALA H 326 -26.91 14.76 -24.78
N THR H 327 -26.41 13.58 -25.15
CA THR H 327 -25.01 13.20 -24.97
C THR H 327 -24.43 12.83 -23.62
N GLN H 328 -23.94 11.57 -23.57
CA GLN H 328 -23.26 11.02 -22.42
C GLN H 328 -24.09 10.80 -21.19
N MET H 329 -25.42 10.78 -21.36
CA MET H 329 -26.34 10.59 -20.26
C MET H 329 -26.11 9.29 -19.48
N LEU H 330 -25.84 8.23 -20.19
CA LEU H 330 -25.54 6.97 -19.53
C LEU H 330 -24.35 6.35 -20.20
N GLU H 331 -23.35 7.16 -20.48
CA GLU H 331 -22.17 6.77 -21.19
C GLU H 331 -21.62 5.40 -20.82
N SER H 332 -21.42 5.16 -19.51
CA SER H 332 -20.86 3.89 -18.99
C SER H 332 -21.57 2.64 -19.47
N MET H 333 -22.85 2.84 -19.81
CA MET H 333 -23.72 1.80 -20.29
C MET H 333 -23.43 1.26 -21.67
N ILE H 334 -22.38 1.76 -22.26
CA ILE H 334 -21.99 1.22 -23.53
C ILE H 334 -21.27 -0.12 -23.31
N LYS H 335 -20.67 -0.24 -22.13
CA LYS H 335 -19.93 -1.42 -21.76
C LYS H 335 -20.46 -2.09 -20.51
N LYS H 336 -21.40 -1.41 -19.85
CA LYS H 336 -21.91 -1.94 -18.61
C LYS H 336 -23.43 -2.02 -18.51
N PRO H 337 -23.90 -3.04 -17.81
CA PRO H 337 -25.32 -3.21 -17.68
C PRO H 337 -26.01 -2.26 -16.68
N ARG H 338 -25.23 -1.60 -15.85
CA ARG H 338 -25.77 -0.66 -14.87
C ARG H 338 -25.03 0.69 -15.02
N PRO H 339 -25.70 1.83 -14.73
CA PRO H 339 -25.07 3.13 -14.87
C PRO H 339 -24.39 3.59 -13.61
N THR H 340 -23.63 4.68 -13.70
CA THR H 340 -23.00 5.17 -12.50
C THR H 340 -23.95 6.09 -11.78
N ARG H 341 -23.56 6.46 -10.59
CA ARG H 341 -24.41 7.38 -9.86
C ARG H 341 -24.60 8.71 -10.60
N ALA H 342 -23.50 9.29 -11.12
CA ALA H 342 -23.49 10.52 -11.91
C ALA H 342 -24.46 10.44 -13.09
N GLU H 343 -24.48 9.29 -13.76
CA GLU H 343 -25.40 9.13 -14.85
C GLU H 343 -26.82 9.07 -14.31
N GLY H 344 -26.98 8.51 -13.12
CA GLY H 344 -28.32 8.46 -12.58
C GLY H 344 -28.83 9.88 -12.26
N SER H 345 -27.98 10.72 -11.63
CA SER H 345 -28.34 12.10 -11.26
C SER H 345 -28.56 12.90 -12.50
N ASP H 346 -27.63 12.72 -13.44
CA ASP H 346 -27.67 13.36 -14.74
C ASP H 346 -29.04 13.23 -15.35
N VAL H 347 -29.46 11.98 -15.52
CA VAL H 347 -30.77 11.81 -16.13
C VAL H 347 -31.87 12.44 -15.28
N ALA H 348 -31.73 12.32 -13.97
CA ALA H 348 -32.79 12.85 -13.18
C ALA H 348 -32.88 14.34 -13.29
N ASN H 349 -31.75 15.00 -13.01
CA ASN H 349 -31.60 16.47 -13.03
C ASN H 349 -32.03 17.16 -14.31
N ALA H 350 -31.98 16.43 -15.39
CA ALA H 350 -32.38 16.88 -16.70
C ALA H 350 -33.89 16.91 -16.85
N VAL H 351 -34.52 15.92 -16.22
CA VAL H 351 -35.97 15.82 -16.25
C VAL H 351 -36.55 16.90 -15.35
N LEU H 352 -35.88 17.09 -14.24
CA LEU H 352 -36.17 18.12 -13.29
C LEU H 352 -35.80 19.48 -13.86
N ASP H 353 -34.80 19.58 -14.77
CA ASP H 353 -34.48 20.88 -15.37
C ASP H 353 -35.68 21.29 -16.25
N GLY H 354 -36.39 20.30 -16.83
CA GLY H 354 -37.59 20.56 -17.64
C GLY H 354 -37.49 20.00 -19.07
N ALA H 355 -36.48 19.20 -19.32
CA ALA H 355 -36.33 18.64 -20.65
C ALA H 355 -37.51 17.87 -21.13
N ASP H 356 -37.89 18.12 -22.36
CA ASP H 356 -38.99 17.44 -22.93
C ASP H 356 -38.65 16.00 -23.34
N CYS H 357 -37.41 15.84 -23.82
CA CYS H 357 -36.85 14.57 -24.25
C CYS H 357 -35.43 14.42 -23.76
N ILE H 358 -35.06 13.15 -23.62
CA ILE H 358 -33.71 12.77 -23.26
C ILE H 358 -33.18 11.95 -24.41
N MET H 359 -31.87 11.75 -24.47
CA MET H 359 -31.39 11.00 -25.62
C MET H 359 -30.31 10.05 -25.28
N LEU H 360 -30.17 9.06 -26.17
CA LEU H 360 -29.13 8.04 -26.09
C LEU H 360 -28.40 7.96 -27.40
N SER H 361 -27.07 8.01 -27.30
CA SER H 361 -26.14 7.94 -28.42
C SER H 361 -25.38 6.59 -28.58
N GLY H 362 -24.14 6.52 -28.11
CA GLY H 362 -23.39 5.32 -28.19
C GLY H 362 -24.13 4.22 -27.45
N GLU H 363 -24.86 4.64 -26.42
CA GLU H 363 -25.63 3.76 -25.54
C GLU H 363 -26.51 2.78 -26.30
N THR H 364 -27.19 3.29 -27.32
CA THR H 364 -28.05 2.45 -28.13
C THR H 364 -27.55 2.18 -29.55
N ALA H 365 -26.62 2.98 -30.06
CA ALA H 365 -26.25 2.69 -31.44
C ALA H 365 -25.14 1.68 -31.59
N LYS H 366 -24.28 1.64 -30.57
CA LYS H 366 -23.18 0.75 -30.61
C LYS H 366 -22.91 0.00 -29.31
N GLY H 367 -23.48 0.47 -28.22
CA GLY H 367 -23.21 -0.16 -26.93
C GLY H 367 -23.62 -1.62 -26.85
N ASP H 368 -23.09 -2.28 -25.83
CA ASP H 368 -23.32 -3.68 -25.53
C ASP H 368 -24.68 -3.97 -24.86
N TYR H 369 -25.23 -2.95 -24.20
CA TYR H 369 -26.48 -3.00 -23.45
C TYR H 369 -27.49 -1.94 -23.89
N PRO H 370 -27.92 -2.03 -25.12
CA PRO H 370 -28.84 -1.08 -25.67
C PRO H 370 -30.15 -0.99 -24.94
N LEU H 371 -30.73 -2.13 -24.65
CA LEU H 371 -32.02 -2.24 -23.99
C LEU H 371 -32.02 -1.77 -22.55
N GLU H 372 -31.01 -2.20 -21.83
CA GLU H 372 -30.90 -1.81 -20.45
C GLU H 372 -30.89 -0.27 -20.35
N ALA H 373 -30.21 0.35 -21.31
CA ALA H 373 -30.07 1.80 -21.42
C ALA H 373 -31.41 2.53 -21.49
N VAL H 374 -32.16 2.16 -22.51
CA VAL H 374 -33.49 2.64 -22.70
C VAL H 374 -34.32 2.37 -21.45
N ARG H 375 -34.22 1.16 -20.92
CA ARG H 375 -35.01 0.80 -19.76
C ARG H 375 -34.67 1.67 -18.60
N MET H 376 -33.39 1.90 -18.50
CA MET H 376 -32.89 2.71 -17.45
C MET H 376 -33.38 4.15 -17.49
N GLN H 377 -33.30 4.74 -18.67
CA GLN H 377 -33.80 6.10 -18.82
C GLN H 377 -35.30 6.25 -18.43
N HIS H 378 -36.08 5.22 -18.77
CA HIS H 378 -37.51 5.20 -18.45
C HIS H 378 -37.79 5.15 -16.94
N LEU H 379 -37.04 4.33 -16.25
CA LEU H 379 -37.18 4.21 -14.82
C LEU H 379 -36.84 5.53 -14.13
N ILE H 380 -35.70 6.14 -14.51
CA ILE H 380 -35.28 7.40 -13.90
C ILE H 380 -36.27 8.52 -14.18
N ALA H 381 -36.69 8.63 -15.42
CA ALA H 381 -37.62 9.61 -15.85
C ALA H 381 -38.86 9.64 -14.98
N ARG H 382 -39.45 8.49 -14.77
CA ARG H 382 -40.67 8.38 -13.99
C ARG H 382 -40.48 8.96 -12.58
N GLU H 383 -39.40 8.60 -11.99
CA GLU H 383 -39.12 9.06 -10.66
C GLU H 383 -38.93 10.58 -10.60
N ALA H 384 -38.33 11.09 -11.62
CA ALA H 384 -38.06 12.47 -11.60
C ALA H 384 -39.28 13.28 -11.99
N GLU H 385 -40.06 12.76 -12.92
CA GLU H 385 -41.21 13.53 -13.33
C GLU H 385 -42.10 13.76 -12.12
N ALA H 386 -42.10 12.79 -11.22
CA ALA H 386 -42.94 12.97 -10.03
C ALA H 386 -42.35 13.98 -9.06
N ALA H 387 -41.02 14.04 -9.04
CA ALA H 387 -40.26 14.90 -8.15
C ALA H 387 -40.25 16.36 -8.50
N MET H 388 -40.88 16.66 -9.63
CA MET H 388 -40.98 18.02 -10.06
C MET H 388 -41.76 18.82 -9.05
N PHE H 389 -41.64 20.13 -9.13
CA PHE H 389 -42.35 20.97 -8.19
C PHE H 389 -43.37 21.76 -8.96
N HIS H 390 -44.33 21.00 -9.45
CA HIS H 390 -45.41 21.42 -10.29
C HIS H 390 -46.09 22.72 -9.93
N ARG H 391 -46.48 22.83 -8.68
CA ARG H 391 -47.16 24.02 -8.21
C ARG H 391 -46.43 25.28 -8.57
N LYS H 392 -45.19 25.31 -8.12
CA LYS H 392 -44.28 26.38 -8.37
C LYS H 392 -44.07 26.60 -9.84
N LEU H 393 -43.72 25.49 -10.49
CA LEU H 393 -43.41 25.48 -11.88
C LEU H 393 -44.45 26.21 -12.68
N PHE H 394 -45.66 25.82 -12.40
CA PHE H 394 -46.81 26.34 -13.08
C PHE H 394 -46.97 27.85 -12.94
N GLU H 395 -46.89 28.30 -11.71
CA GLU H 395 -46.96 29.68 -11.44
C GLU H 395 -45.89 30.46 -12.20
N GLU H 396 -44.67 29.99 -12.12
CA GLU H 396 -43.60 30.68 -12.80
C GLU H 396 -43.81 30.66 -14.31
N LEU H 397 -44.42 29.59 -14.84
CA LEU H 397 -44.64 29.56 -16.28
C LEU H 397 -45.70 30.58 -16.65
N ALA H 398 -46.69 30.67 -15.78
CA ALA H 398 -47.79 31.60 -15.97
C ALA H 398 -47.30 33.00 -15.90
N ARG H 399 -46.35 33.25 -14.98
CA ARG H 399 -45.81 34.58 -14.91
C ARG H 399 -45.15 34.91 -16.23
N SER H 400 -44.21 34.07 -16.56
CA SER H 400 -43.41 34.24 -17.77
C SER H 400 -44.17 34.49 -19.06
N SER H 401 -45.43 34.13 -19.09
CA SER H 401 -46.12 34.27 -20.37
C SER H 401 -47.31 35.16 -20.21
N SER H 402 -47.38 35.81 -19.05
CA SER H 402 -48.48 36.66 -18.73
C SER H 402 -48.77 37.66 -19.81
N HIS H 403 -47.74 37.97 -20.56
CA HIS H 403 -47.87 38.89 -21.67
C HIS H 403 -48.90 38.34 -22.70
N SER H 404 -48.91 37.02 -22.92
CA SER H 404 -49.83 36.42 -23.87
C SER H 404 -51.24 36.21 -23.33
N THR H 405 -52.17 36.33 -24.23
CA THR H 405 -53.58 36.19 -23.88
C THR H 405 -54.26 35.19 -24.81
N ASP H 406 -53.47 34.32 -25.39
CA ASP H 406 -54.04 33.38 -26.32
C ASP H 406 -55.17 32.53 -25.71
N LEU H 407 -56.18 32.23 -26.54
CA LEU H 407 -57.34 31.45 -26.18
C LEU H 407 -57.00 30.02 -25.76
N MET H 408 -56.18 29.38 -26.56
CA MET H 408 -55.78 28.05 -26.27
C MET H 408 -54.91 28.01 -25.03
N GLU H 409 -54.01 28.99 -24.91
CA GLU H 409 -53.13 29.07 -23.77
C GLU H 409 -53.93 29.09 -22.46
N ALA H 410 -55.00 29.87 -22.51
CA ALA H 410 -55.94 30.03 -21.42
C ALA H 410 -56.62 28.71 -21.04
N MET H 411 -57.13 28.04 -22.09
CA MET H 411 -57.78 26.74 -21.97
C MET H 411 -56.82 25.73 -21.45
N ALA H 412 -55.56 25.91 -21.83
CA ALA H 412 -54.52 25.01 -21.46
C ALA H 412 -54.18 25.16 -20.00
N MET H 413 -54.09 26.41 -19.57
CA MET H 413 -53.79 26.71 -18.17
C MET H 413 -54.96 26.32 -17.28
N GLY H 414 -56.17 26.60 -17.81
CA GLY H 414 -57.44 26.26 -17.14
C GLY H 414 -57.49 24.76 -16.88
N SER H 415 -57.29 24.01 -17.99
CA SER H 415 -57.23 22.56 -18.00
C SER H 415 -56.19 21.98 -17.02
N VAL H 416 -54.96 22.43 -17.13
CA VAL H 416 -53.90 21.94 -16.25
C VAL H 416 -54.16 22.25 -14.78
N GLU H 417 -54.76 23.43 -14.53
CA GLU H 417 -55.07 23.84 -13.17
C GLU H 417 -56.12 22.90 -12.61
N ALA H 418 -57.09 22.65 -13.46
CA ALA H 418 -58.13 21.76 -13.06
C ALA H 418 -57.52 20.40 -12.79
N SER H 419 -56.65 19.92 -13.70
CA SER H 419 -56.01 18.62 -13.53
C SER H 419 -55.35 18.48 -12.17
N TYR H 420 -54.69 19.55 -11.71
CA TYR H 420 -54.04 19.56 -10.41
C TYR H 420 -55.05 19.59 -9.27
N LYS H 421 -56.08 20.45 -9.40
CA LYS H 421 -57.06 20.61 -8.34
C LYS H 421 -57.69 19.30 -7.92
N CYS H 422 -58.21 18.59 -8.87
CA CYS H 422 -58.82 17.33 -8.63
C CYS H 422 -57.91 16.11 -8.87
N LEU H 423 -56.61 16.34 -9.11
CA LEU H 423 -55.72 15.23 -9.33
C LEU H 423 -56.20 14.25 -10.44
N ALA H 424 -56.71 14.78 -11.57
CA ALA H 424 -57.20 13.92 -12.64
C ALA H 424 -56.11 12.92 -13.07
N ALA H 425 -56.55 11.76 -13.56
CA ALA H 425 -55.63 10.72 -13.99
C ALA H 425 -54.99 11.04 -15.33
N ALA H 426 -55.63 11.94 -16.09
CA ALA H 426 -55.15 12.27 -17.41
C ALA H 426 -55.86 13.45 -18.00
N LEU H 427 -55.29 13.94 -19.09
CA LEU H 427 -55.90 14.97 -19.86
C LEU H 427 -56.09 14.36 -21.26
N ILE H 428 -57.30 14.45 -21.79
CA ILE H 428 -57.59 13.93 -23.10
C ILE H 428 -57.75 15.04 -24.12
N VAL H 429 -56.90 15.02 -25.13
CA VAL H 429 -56.96 16.06 -26.10
C VAL H 429 -57.14 15.55 -27.48
N LEU H 430 -58.12 16.12 -28.16
CA LEU H 430 -58.43 15.82 -29.52
C LEU H 430 -57.71 16.88 -30.32
N THR H 431 -56.82 16.45 -31.21
CA THR H 431 -56.06 17.40 -31.98
C THR H 431 -55.69 16.84 -33.31
N GLU H 432 -55.63 17.70 -34.27
CA GLU H 432 -55.24 17.23 -35.57
C GLU H 432 -53.80 17.64 -35.91
N SER H 433 -53.50 18.90 -35.60
CA SER H 433 -52.21 19.55 -35.79
C SER H 433 -51.31 19.34 -34.59
N GLY H 434 -51.92 19.01 -33.45
CA GLY H 434 -51.23 18.74 -32.22
C GLY H 434 -51.20 19.93 -31.32
N ARG H 435 -51.39 21.07 -31.98
CA ARG H 435 -51.35 22.38 -31.34
C ARG H 435 -52.00 22.43 -29.98
N SER H 436 -53.25 21.98 -29.88
CA SER H 436 -53.92 22.01 -28.60
C SER H 436 -53.20 21.19 -27.60
N ALA H 437 -52.73 20.04 -28.04
CA ALA H 437 -51.96 19.24 -27.13
C ALA H 437 -50.67 19.94 -26.68
N HIS H 438 -49.84 20.44 -27.64
CA HIS H 438 -48.56 21.13 -27.37
C HIS H 438 -48.74 22.19 -26.30
N GLN H 439 -49.79 22.97 -26.49
CA GLN H 439 -50.13 23.99 -25.51
C GLN H 439 -50.45 23.43 -24.11
N VAL H 440 -50.96 22.23 -24.05
CA VAL H 440 -51.21 21.69 -22.74
C VAL H 440 -49.91 21.23 -22.09
N ALA H 441 -49.09 20.56 -22.92
CA ALA H 441 -47.84 20.06 -22.43
C ALA H 441 -47.03 21.18 -21.79
N ARG H 442 -46.93 22.33 -22.47
CA ARG H 442 -46.16 23.48 -21.93
C ARG H 442 -46.38 23.85 -20.51
N TYR H 443 -47.62 23.69 -20.14
CA TYR H 443 -48.02 24.05 -18.84
C TYR H 443 -47.64 23.00 -17.84
N ARG H 444 -47.03 21.94 -18.35
CA ARG H 444 -46.57 20.83 -17.51
C ARG H 444 -47.58 20.15 -16.55
N PRO H 445 -48.61 19.49 -17.03
CA PRO H 445 -49.46 18.79 -16.07
C PRO H 445 -48.61 17.66 -15.44
N ARG H 446 -49.10 17.04 -14.38
CA ARG H 446 -48.44 15.87 -13.76
C ARG H 446 -48.97 14.63 -14.50
N ALA H 447 -50.26 14.73 -14.90
CA ALA H 447 -51.01 13.67 -15.59
C ALA H 447 -50.68 13.57 -17.01
N PRO H 448 -50.61 12.33 -17.48
CA PRO H 448 -50.31 12.09 -18.87
C PRO H 448 -51.30 12.86 -19.70
N ILE H 449 -50.95 13.10 -20.96
CA ILE H 449 -51.84 13.76 -21.91
C ILE H 449 -52.06 12.80 -23.06
N ILE H 450 -53.28 12.32 -23.14
CA ILE H 450 -53.57 11.35 -24.19
C ILE H 450 -54.13 12.09 -25.34
N ALA H 451 -53.33 12.21 -26.38
CA ALA H 451 -53.73 12.95 -27.55
C ALA H 451 -54.18 12.05 -28.69
N VAL H 452 -55.44 12.26 -29.07
CA VAL H 452 -56.10 11.53 -30.13
C VAL H 452 -56.10 12.36 -31.42
N THR H 453 -55.64 11.75 -32.48
CA THR H 453 -55.58 12.38 -33.77
C THR H 453 -55.70 11.35 -34.83
N ARG H 454 -56.09 11.82 -36.01
CA ARG H 454 -56.20 11.01 -37.20
C ARG H 454 -54.99 11.27 -38.11
N ASN H 455 -54.16 12.19 -37.65
CA ASN H 455 -52.95 12.55 -38.34
C ASN H 455 -51.76 11.78 -37.77
N HIS H 456 -51.28 10.83 -38.56
CA HIS H 456 -50.16 10.00 -38.17
C HIS H 456 -48.86 10.75 -37.94
N GLN H 457 -48.63 11.81 -38.74
CA GLN H 457 -47.41 12.59 -38.58
C GLN H 457 -47.37 13.33 -37.25
N THR H 458 -48.56 13.89 -36.90
CA THR H 458 -48.85 14.63 -35.66
C THR H 458 -48.60 13.73 -34.46
N ALA H 459 -48.97 12.43 -34.61
CA ALA H 459 -48.77 11.43 -33.56
C ALA H 459 -47.28 11.12 -33.32
N ARG H 460 -46.50 10.97 -34.40
CA ARG H 460 -45.10 10.72 -34.22
C ARG H 460 -44.41 11.98 -33.72
N GLN H 461 -44.89 13.14 -34.18
CA GLN H 461 -44.28 14.39 -33.74
C GLN H 461 -44.57 14.76 -32.28
N ALA H 462 -45.66 14.20 -31.75
CA ALA H 462 -46.04 14.48 -30.36
C ALA H 462 -44.95 14.14 -29.36
N HIS H 463 -44.18 13.11 -29.67
CA HIS H 463 -43.12 12.71 -28.74
C HIS H 463 -42.12 13.81 -28.46
N LEU H 464 -42.11 14.83 -29.31
CA LEU H 464 -41.21 15.97 -29.12
C LEU H 464 -41.55 16.72 -27.84
N TYR H 465 -42.84 16.64 -27.46
CA TYR H 465 -43.34 17.32 -26.29
C TYR H 465 -43.61 16.43 -25.11
N ARG H 466 -43.18 16.94 -23.94
CA ARG H 466 -43.30 16.30 -22.63
C ARG H 466 -44.71 15.78 -22.28
N GLY H 467 -44.80 14.50 -21.87
CA GLY H 467 -46.04 13.85 -21.42
C GLY H 467 -47.23 13.83 -22.40
N ILE H 468 -46.97 13.79 -23.70
CA ILE H 468 -48.02 13.65 -24.71
C ILE H 468 -48.01 12.21 -25.27
N PHE H 469 -49.12 11.48 -25.10
CA PHE H 469 -49.25 10.08 -25.55
C PHE H 469 -50.19 10.05 -26.72
N PRO H 470 -49.60 10.02 -27.89
CA PRO H 470 -50.30 10.04 -29.14
C PRO H 470 -51.05 8.73 -29.41
N VAL H 471 -52.31 8.91 -29.86
CA VAL H 471 -53.22 7.83 -30.20
C VAL H 471 -53.80 8.04 -31.58
N VAL H 472 -53.47 7.15 -32.50
CA VAL H 472 -54.02 7.31 -33.83
C VAL H 472 -55.45 6.82 -33.99
N CYS H 473 -56.35 7.73 -34.34
CA CYS H 473 -57.70 7.30 -34.58
C CYS H 473 -57.82 6.85 -36.01
N LYS H 474 -57.98 5.54 -36.18
CA LYS H 474 -58.06 4.96 -37.50
C LYS H 474 -59.45 5.00 -38.08
N ASP H 475 -60.41 5.27 -37.21
CA ASP H 475 -61.77 5.35 -37.70
C ASP H 475 -61.97 6.43 -38.73
N PRO H 476 -63.08 6.32 -39.39
CA PRO H 476 -63.47 7.24 -40.40
C PRO H 476 -64.41 8.25 -39.80
N VAL H 477 -64.27 9.45 -40.27
CA VAL H 477 -65.07 10.53 -39.80
C VAL H 477 -66.58 10.28 -39.76
N GLN H 478 -67.13 10.42 -38.55
CA GLN H 478 -68.55 10.25 -38.30
C GLN H 478 -69.33 11.48 -38.76
N GLU H 479 -70.44 11.23 -39.44
CA GLU H 479 -71.33 12.27 -39.92
C GLU H 479 -71.70 13.25 -38.83
N ALA H 480 -71.89 12.70 -37.64
CA ALA H 480 -72.23 13.52 -36.50
C ALA H 480 -71.01 13.91 -35.67
N TRP H 481 -70.75 15.21 -35.65
CA TRP H 481 -69.65 15.79 -34.91
C TRP H 481 -69.58 15.23 -33.51
N ALA H 482 -70.73 15.23 -32.88
CA ALA H 482 -70.88 14.70 -31.54
C ALA H 482 -70.31 13.30 -31.40
N GLU H 483 -70.68 12.45 -32.35
CA GLU H 483 -70.24 11.09 -32.29
C GLU H 483 -68.80 10.95 -32.68
N ASP H 484 -68.37 11.84 -33.54
CA ASP H 484 -66.99 11.80 -33.93
C ASP H 484 -66.13 12.00 -32.72
N VAL H 485 -66.41 13.11 -32.09
CA VAL H 485 -65.77 13.53 -30.89
C VAL H 485 -65.86 12.42 -29.87
N ASP H 486 -67.10 11.97 -29.70
CA ASP H 486 -67.43 10.89 -28.75
C ASP H 486 -66.55 9.68 -28.99
N LEU H 487 -66.45 9.36 -30.29
CA LEU H 487 -65.64 8.25 -30.76
C LEU H 487 -64.23 8.34 -30.25
N ARG H 488 -63.66 9.53 -30.48
CA ARG H 488 -62.28 9.81 -30.14
C ARG H 488 -62.03 9.80 -28.67
N VAL H 489 -62.98 10.40 -27.98
CA VAL H 489 -62.82 10.42 -26.57
C VAL H 489 -62.79 9.02 -26.01
N ASN H 490 -63.57 8.14 -26.62
CA ASN H 490 -63.59 6.77 -26.13
C ASN H 490 -62.37 5.97 -26.39
N LEU H 491 -61.81 6.25 -27.55
CA LEU H 491 -60.60 5.64 -28.03
C LEU H 491 -59.57 5.88 -26.95
N ALA H 492 -59.60 7.11 -26.43
CA ALA H 492 -58.66 7.48 -25.40
C ALA H 492 -58.98 6.84 -24.06
N MET H 493 -60.23 6.45 -23.85
CA MET H 493 -60.56 5.84 -22.58
C MET H 493 -60.07 4.43 -22.50
N ASN H 494 -60.16 3.80 -23.66
CA ASN H 494 -59.74 2.43 -23.80
C ASN H 494 -58.25 2.27 -23.65
N VAL H 495 -57.56 3.15 -24.35
CA VAL H 495 -56.12 3.21 -24.31
C VAL H 495 -55.61 3.40 -22.89
N GLY H 496 -56.02 4.51 -22.24
CA GLY H 496 -55.61 4.82 -20.88
C GLY H 496 -55.89 3.63 -20.01
N LYS H 497 -57.04 3.06 -20.25
CA LYS H 497 -57.40 1.93 -19.47
C LYS H 497 -56.45 0.79 -19.72
N ALA H 498 -56.31 0.45 -20.99
CA ALA H 498 -55.43 -0.61 -21.45
C ALA H 498 -54.00 -0.34 -21.01
N ARG H 499 -53.56 0.91 -21.29
CA ARG H 499 -52.21 1.35 -20.95
C ARG H 499 -51.94 1.31 -19.45
N GLY H 500 -53.02 1.31 -18.67
CA GLY H 500 -52.87 1.25 -17.24
C GLY H 500 -52.85 2.62 -16.58
N PHE H 501 -53.23 3.69 -17.31
CA PHE H 501 -53.27 5.08 -16.79
C PHE H 501 -54.43 5.35 -15.83
N PHE H 502 -55.53 4.65 -16.06
CA PHE H 502 -56.66 4.85 -15.25
C PHE H 502 -57.71 3.76 -15.40
N LYS H 503 -58.57 3.71 -14.41
CA LYS H 503 -59.65 2.77 -14.35
C LYS H 503 -60.96 3.52 -14.28
N LYS H 504 -62.02 2.82 -14.65
CA LYS H 504 -63.36 3.36 -14.60
C LYS H 504 -63.54 3.89 -13.19
N GLY H 505 -64.04 5.11 -13.09
CA GLY H 505 -64.19 5.68 -11.77
C GLY H 505 -63.19 6.80 -11.51
N ASP H 506 -62.07 6.76 -12.20
CA ASP H 506 -61.08 7.80 -12.07
C ASP H 506 -61.60 9.09 -12.73
N VAL H 507 -60.89 10.20 -12.51
CA VAL H 507 -61.31 11.45 -13.12
C VAL H 507 -60.38 11.92 -14.24
N VAL H 508 -60.98 12.38 -15.29
CA VAL H 508 -60.23 12.79 -16.42
C VAL H 508 -60.64 14.14 -17.00
N ILE H 509 -59.68 14.94 -17.48
CA ILE H 509 -59.97 16.23 -18.09
C ILE H 509 -60.06 16.04 -19.58
N VAL H 510 -61.04 16.63 -20.19
CA VAL H 510 -61.23 16.43 -21.60
C VAL H 510 -61.40 17.70 -22.39
N LEU H 511 -60.43 17.88 -23.32
CA LEU H 511 -60.30 19.01 -24.22
C LEU H 511 -60.68 18.66 -25.63
N THR H 512 -61.68 19.36 -26.09
CA THR H 512 -62.20 19.16 -27.42
C THR H 512 -62.68 20.46 -28.04
N GLY H 513 -63.06 20.35 -29.30
CA GLY H 513 -63.58 21.47 -30.05
C GLY H 513 -65.08 21.51 -29.95
N TRP H 514 -65.60 22.68 -29.78
CA TRP H 514 -67.00 22.76 -29.64
C TRP H 514 -67.66 22.42 -30.99
N ARG H 515 -66.95 22.75 -32.03
CA ARG H 515 -67.52 22.45 -33.33
C ARG H 515 -66.45 22.02 -34.30
N PRO H 516 -66.89 21.46 -35.44
CA PRO H 516 -65.97 21.02 -36.45
C PRO H 516 -65.17 22.22 -36.84
N GLY H 517 -63.84 22.11 -36.67
CA GLY H 517 -63.02 23.26 -36.94
C GLY H 517 -63.46 24.40 -36.00
N SER H 518 -62.96 24.37 -34.79
CA SER H 518 -63.28 25.44 -33.87
C SER H 518 -62.00 26.26 -33.80
N GLY H 519 -60.96 25.65 -34.41
CA GLY H 519 -59.63 26.21 -34.50
C GLY H 519 -58.72 25.72 -33.36
N PHE H 520 -59.39 25.35 -32.28
CA PHE H 520 -58.73 24.88 -31.11
C PHE H 520 -59.71 24.20 -30.16
N THR H 521 -59.13 23.44 -29.28
CA THR H 521 -59.83 22.73 -28.26
C THR H 521 -60.37 23.75 -27.22
N ASN H 522 -61.52 24.39 -27.56
CA ASN H 522 -62.18 25.42 -26.72
C ASN H 522 -63.22 24.88 -25.76
N THR H 523 -63.23 23.57 -25.59
CA THR H 523 -64.17 22.92 -24.72
C THR H 523 -63.54 21.93 -23.76
N MET H 524 -63.73 22.23 -22.48
CA MET H 524 -63.16 21.48 -21.39
C MET H 524 -64.21 20.84 -20.53
N ARG H 525 -63.92 19.64 -20.02
CA ARG H 525 -64.85 18.92 -19.15
C ARG H 525 -64.16 17.97 -18.26
N VAL H 526 -64.70 17.85 -17.07
CA VAL H 526 -64.16 16.91 -16.13
C VAL H 526 -65.03 15.67 -16.26
N VAL H 527 -64.39 14.56 -16.52
CA VAL H 527 -65.14 13.38 -16.81
C VAL H 527 -64.64 12.13 -16.14
N PRO H 528 -65.62 11.32 -15.76
CA PRO H 528 -65.43 10.05 -15.10
C PRO H 528 -65.17 8.97 -16.12
N VAL H 529 -64.16 8.15 -15.80
CA VAL H 529 -63.82 7.05 -16.68
C VAL H 529 -64.96 6.07 -16.65
N PRO H 530 -65.42 5.73 -17.86
CA PRO H 530 -66.49 4.76 -18.03
C PRO H 530 -65.93 3.35 -17.89
NA NA I . 63.88 -71.46 -3.16
C1 OXL J . 60.00 -66.97 -5.33
C2 OXL J . 58.74 -67.01 -6.23
O1 OXL J . 60.72 -65.94 -5.36
O2 OXL J . 58.45 -66.04 -6.92
O3 OXL J . 60.18 -67.98 -4.67
O4 OXL J . 58.11 -68.07 -6.13
MG MG K . 59.01 -69.61 -5.05
MG MG L . 61.81 -67.80 -8.58
PG ATP M . 62.16 -69.68 -6.64
O1G ATP M . 62.62 -68.37 -6.98
O2G ATP M . 60.80 -70.13 -6.73
O3G ATP M . 62.70 -70.23 -5.48
PB ATP M . 63.05 -70.83 -9.25
O1B ATP M . 63.08 -72.22 -9.69
O2B ATP M . 62.23 -70.04 -10.18
O3B ATP M . 62.98 -70.81 -7.71
PA ATP M . 65.04 -68.70 -9.33
O1A ATP M . 63.92 -67.76 -9.51
O2A ATP M . 65.90 -68.36 -8.19
O3A ATP M . 64.57 -70.18 -9.18
O5' ATP M . 65.87 -68.68 -10.79
C5' ATP M . 65.10 -69.02 -11.97
C4' ATP M . 65.78 -70.15 -12.71
O4' ATP M . 67.18 -69.82 -12.84
C3' ATP M . 65.76 -71.51 -12.03
O3' ATP M . 64.51 -72.18 -12.23
C2' ATP M . 66.97 -72.13 -12.72
O2' ATP M . 66.64 -72.50 -14.09
C1' ATP M . 67.94 -70.96 -12.75
N9 ATP M . 68.87 -70.85 -11.62
C8 ATP M . 68.84 -70.02 -10.52
N7 ATP M . 69.89 -70.23 -9.65
C5 ATP M . 70.62 -71.25 -10.27
C6 ATP M . 71.78 -71.95 -9.86
N6 ATP M . 72.43 -71.72 -8.70
N1 ATP M . 72.18 -72.97 -10.68
C2 ATP M . 71.49 -73.21 -11.86
N3 ATP M . 70.43 -72.62 -12.32
C4 ATP M . 70.03 -71.61 -11.48
NA NA N . 45.43 4.02 22.35
C1 OXL O . 41.85 -0.50 20.49
C2 OXL O . 40.42 -0.86 19.98
O1 OXL O . 42.38 -1.36 21.21
O2 OXL O . 39.96 -1.98 20.30
O3 OXL O . 42.34 0.58 20.17
O4 OXL O . 39.84 -0.03 19.29
MG MG P . 41.19 2.33 19.10
NA NA Q . 49.03 -47.57 -36.75
C1 OXL R . 50.56 -48.12 -30.56
C2 OXL R . 52.02 -47.99 -30.15
O1 OXL R . 49.81 -48.65 -29.72
O2 OXL R . 52.29 -48.37 -28.98
O3 OXL R . 50.27 -47.71 -31.70
O4 OXL R . 52.76 -47.50 -31.01
MG MG S . 51.86 -46.97 -32.66
MG MG T . 51.51 -52.45 -31.64
PG ATP U . 51.31 -50.00 -33.67
O1G ATP U . 50.60 -50.78 -32.73
O2G ATP U . 52.43 -49.17 -33.36
O3G ATP U . 50.53 -49.28 -34.56
PB ATP U . 52.46 -52.51 -34.65
O1B ATP U . 53.43 -52.80 -35.71
O2B ATP U . 53.03 -52.65 -33.28
O3B ATP U . 51.91 -51.13 -34.85
PA ATP U . 49.94 -53.85 -33.91
O1A ATP U . 50.13 -53.44 -32.50
O2A ATP U . 48.61 -53.47 -34.37
O3A ATP U . 51.03 -53.30 -34.87
O5' ATP U . 50.05 -55.54 -33.96
C5' ATP U . 51.25 -56.19 -33.47
C4' ATP U . 51.72 -56.99 -34.64
O4' ATP U . 50.53 -57.69 -35.06
C3' ATP U . 52.00 -56.14 -35.86
O3' ATP U . 53.27 -55.46 -35.76
C2' ATP U . 51.81 -57.19 -36.94
O2' ATP U . 52.94 -58.06 -37.14
C1' ATP U . 50.59 -57.93 -36.40
N9 ATP U . 49.39 -57.39 -36.99
C8 ATP U . 48.64 -56.34 -36.60
N7 ATP U . 47.69 -56.01 -37.51
C5 ATP U . 47.84 -56.98 -38.51
C6 ATP U . 47.18 -57.20 -39.74
N6 ATP U . 46.16 -56.55 -40.28
N1 ATP U . 47.62 -58.21 -40.51
C2 ATP U . 48.65 -58.98 -40.04
N3 ATP U . 49.31 -58.87 -38.92
C4 ATP U . 48.85 -57.84 -38.18
NA NA V . 13.93 -23.56 33.68
C1 OXL W . 19.10 -22.56 30.52
C2 OXL W . 20.53 -22.17 30.97
O1 OXL W . 18.81 -22.27 29.31
O2 OXL W . 21.24 -21.70 30.08
O3 OXL W . 18.41 -23.12 31.38
O4 OXL W . 20.87 -22.40 32.15
MG MG X . 19.32 -23.41 33.12
MG MG Y . 18.35 -18.79 31.81
PG ATP Z . 17.03 -20.98 33.10
O1G ATP Z . 16.97 -20.41 31.80
O2G ATP Z . 18.17 -21.57 33.76
O3G ATP Z . 15.94 -21.71 33.44
PB ATP Z . 16.61 -18.26 34.20
O1B ATP Z . 16.46 -17.77 35.58
O2B ATP Z . 17.98 -18.00 33.70
O3B ATP Z . 16.70 -19.76 34.28
PA ATP Z . 15.54 -17.26 31.70
O1A ATP Z . 16.84 -17.62 31.03
O2A ATP Z . 14.37 -17.76 30.94
O3A ATP Z . 15.53 -17.53 33.23
O5' ATP Z . 15.33 -15.58 31.86
C5' ATP Z . 16.32 -14.80 32.53
C4' ATP Z . 15.63 -13.97 33.56
O4' ATP Z . 14.54 -13.29 32.91
C3' ATP Z . 14.99 -14.78 34.66
O3' ATP Z . 15.92 -15.01 35.76
C2' ATP Z . 13.92 -13.79 35.07
O2' ATP Z . 14.54 -12.78 35.88
C1' ATP Z . 13.44 -13.22 33.75
N9 ATP Z . 12.25 -13.91 33.17
C8 ATP Z . 12.18 -14.85 32.18
N7 ATP Z . 10.92 -15.27 31.93
C5 ATP Z . 10.13 -14.55 32.80
C6 ATP Z . 8.73 -14.54 33.02
N6 ATP Z . 7.89 -15.30 32.33
N1 ATP Z . 8.26 -13.69 33.97
C2 ATP Z . 9.16 -12.91 34.69
N3 ATP Z . 10.48 -12.86 34.57
C4 ATP Z . 10.92 -13.71 33.58
NA NA AA . -51.40 75.43 3.68
C1 OXL BA . -53.44 69.58 3.52
C2 OXL BA . -54.45 68.81 2.64
O1 OXL BA . -52.99 69.00 4.54
O2 OXL BA . -54.78 67.68 3.03
O3 OXL BA . -53.11 70.73 3.13
O4 OXL BA . -54.90 69.39 1.62
MG MG CA . -54.14 71.31 1.44
MG MG DA . -56.38 70.90 5.96
PG ATP EA . -54.78 72.90 4.25
O1G ATP EA . -54.58 71.74 5.18
O2G ATP EA . -55.33 72.43 3.01
O3G ATP EA . -53.59 73.49 4.05
PB ATP EA . -56.97 73.95 5.93
O1B ATP EA . -57.91 75.07 5.70
O2B ATP EA . -57.69 72.67 5.81
O3B ATP EA . -55.91 73.99 4.88
PA ATP EA . -55.76 72.89 8.31
O1A ATP EA . -56.03 71.49 7.80
O2A ATP EA . -54.39 73.10 8.79
O3A ATP EA . -56.25 74.03 7.36
O5' ATP EA . -56.78 73.20 9.61
C5' ATP EA . -58.13 72.92 9.46
C4' ATP EA . -58.85 74.11 9.94
O4' ATP EA . -58.39 74.41 11.29
C3' ATP EA . -58.53 75.37 9.14
O3' ATP EA . -59.22 75.40 7.86
C2' ATP EA . -58.89 76.43 10.16
O2' ATP EA . -60.31 76.64 10.26
C1' ATP EA . -58.33 75.84 11.44
N9 ATP EA . -56.94 76.31 11.64
C8 ATP EA . -55.76 75.68 11.45
N7 ATP EA . -54.70 76.43 11.77
C5 ATP EA . -55.25 77.61 12.16
C6 ATP EA . -54.66 78.76 12.66
N6 ATP EA . -53.35 78.95 12.80
N1 ATP EA . -55.51 79.76 13.02
C2 ATP EA . -56.87 79.59 12.85
N3 ATP EA . -57.49 78.56 12.39
C4 ATP EA . -56.63 77.57 12.08
NA NA FA . -15.48 1.81 3.97
C1 OXL GA . -19.11 4.99 0.30
C2 OXL GA . -20.34 4.62 -0.54
O1 OXL GA . -18.48 6.02 -0.02
O2 OXL GA . -20.60 5.37 -1.52
O3 OXL GA . -18.86 4.24 1.27
O4 OXL GA . -20.98 3.58 -0.23
MG MG HA . -19.88 2.36 1.16
MG MG IA . -16.36 3.32 -2.31
PG ATP JA . -16.60 2.41 0.52
O1G ATP JA . -16.61 3.73 -0.17
O2G ATP JA . -18.00 1.89 0.34
O3G ATP JA . -16.34 2.61 1.90
PB ATP JA . -14.99 0.98 -1.51
O1B ATP JA . -14.64 -0.45 -1.38
O2B ATP JA . -16.00 1.13 -2.59
O3B ATP JA . -15.49 1.31 -0.17
PA ATP JA . -13.33 3.28 -2.02
O1A ATP JA . -14.51 4.16 -2.41
O2A ATP JA . -12.72 3.83 -0.81
O3A ATP JA . -13.65 1.79 -1.91
O5' ATP JA . -12.17 3.19 -3.32
C5' ATP JA . -12.56 2.58 -4.57
C4' ATP JA . -11.58 1.48 -4.94
O4' ATP JA . -10.22 2.00 -4.74
C3' ATP JA . -11.67 0.20 -4.10
O3' ATP JA . -12.70 -0.72 -4.57
C2' ATP JA . -10.24 -0.31 -4.22
O2' ATP JA . -10.08 -1.08 -5.46
C1' ATP JA . -9.39 0.99 -4.23
N9 ATP JA . -8.81 1.41 -2.88
C8 ATP JA . -9.37 2.27 -1.92
N7 ATP JA . -8.61 2.48 -0.86
C5 ATP JA . -7.43 1.79 -1.13
C6 ATP JA . -6.31 1.58 -0.34
N6 ATP JA . -6.16 2.25 0.89
N1 ATP JA . -5.36 0.74 -0.86
C2 ATP JA . -5.63 0.07 -2.07
N3 ATP JA . -6.66 0.15 -2.85
C4 ATP JA . -7.59 1.01 -2.32
NA NA KA . -80.45 45.02 15.07
C1 OXL LA . -75.00 46.43 13.16
C2 OXL LA . -73.68 46.89 13.81
O1 OXL LA . -75.09 46.46 11.91
O2 OXL LA . -72.79 47.30 13.02
O3 OXL LA . -75.90 46.02 13.94
O4 OXL LA . -73.59 46.86 15.06
MG MG MA . -75.42 46.33 15.98
MG MG NA . -76.33 50.22 13.06
PG ATP OA . -77.93 48.17 14.56
O1G ATP OA . -77.29 48.45 13.31
O2G ATP OA . -76.90 47.71 15.54
O3G ATP OA . -78.87 47.18 14.31
PB ATP OA . -78.80 50.83 14.63
O1B ATP OA . -79.56 51.55 15.67
O2B ATP OA . -77.49 51.47 14.36
O3B ATP OA . -78.60 49.50 15.18
PA ATP OA . -79.20 50.94 11.86
O1A ATP OA . -77.67 50.87 11.72
O2A ATP OA . -79.88 49.98 11.02
O3A ATP OA . -79.61 50.73 13.30
O5' ATP OA . -79.68 52.39 11.23
C5' ATP OA . -79.15 53.55 11.79
C4' ATP OA . -80.31 54.41 12.32
O4' ATP OA . -81.28 54.53 11.26
C3' ATP OA . -81.09 53.79 13.44
O3' ATP OA . -80.42 53.96 14.69
C2' ATP OA . -82.37 54.52 13.30
O2' ATP OA . -82.27 55.80 13.95
C1' ATP OA . -82.52 54.66 11.81
N9 ATP OA . -83.31 53.63 11.31
C8 ATP OA . -82.95 52.44 10.78
N7 ATP OA . -84.02 51.67 10.50
C5 ATP OA . -85.08 52.43 10.88
C6 ATP OA . -86.49 52.20 10.89
N6 ATP OA . -87.16 51.11 10.48
N1 ATP OA . -87.25 53.24 11.30
C2 ATP OA . -86.65 54.38 11.75
N3 ATP OA . -85.38 54.67 11.82
C4 ATP OA . -84.65 53.66 11.36
NA NA PA . -24.68 14.07 -36.14
C1 OXL QA . -24.50 15.94 -30.68
C2 OXL QA . -23.53 16.57 -29.65
O1 OXL QA . -25.37 15.15 -30.21
O2 OXL QA . -23.71 16.25 -28.48
O3 OXL QA . -24.37 16.26 -31.86
O4 OXL QA . -22.65 17.33 -30.07
MG MG RA . -22.61 17.51 -32.24
#